data_2LW7
#
_entry.id   2LW7
#
_entity_poly.entity_id   1
_entity_poly.type   'polypeptide(L)'
_entity_poly.pdbx_seq_one_letter_code
;AERAALEELVKLQGERVRGLKQQKASAELIEEEVAKLLKLKAQLGPDESKQKFVLKTPKALEEKIRTTETQVLVASAQKK
LLEERLKLVSELQDAGIKAELLYKKNPKLLNQLQYCEEAGIPLVAIIGEQELKDGVIKLRSVTSREEVDVRREDLVEEIK
RRTGQPLSIS
;
_entity_poly.pdbx_strand_id   A
#
# COMPACT_ATOMS: atom_id res chain seq x y z
N ALA A 1 -6.86 3.22 28.64
CA ALA A 1 -7.36 4.59 28.35
C ALA A 1 -6.47 5.65 28.99
N GLU A 2 -6.06 6.63 28.19
CA GLU A 2 -5.21 7.71 28.68
C GLU A 2 -6.04 8.84 29.26
N ARG A 3 -6.97 9.35 28.47
CA ARG A 3 -7.83 10.44 28.91
C ARG A 3 -8.75 9.99 30.05
N ALA A 4 -9.28 8.77 29.93
CA ALA A 4 -10.16 8.21 30.94
C ALA A 4 -9.46 8.17 32.30
N ALA A 5 -8.22 7.72 32.32
CA ALA A 5 -7.44 7.63 33.55
C ALA A 5 -7.26 9.01 34.17
N LEU A 6 -6.79 9.96 33.36
CA LEU A 6 -6.56 11.32 33.83
C LEU A 6 -7.88 11.95 34.28
N GLU A 7 -8.96 11.66 33.55
CA GLU A 7 -10.27 12.20 33.89
C GLU A 7 -10.64 11.78 35.30
N GLU A 8 -10.28 10.54 35.64
CA GLU A 8 -10.54 10.01 36.96
C GLU A 8 -9.59 10.66 37.96
N LEU A 9 -8.41 11.05 37.48
CA LEU A 9 -7.42 11.70 38.33
C LEU A 9 -7.89 13.10 38.71
N VAL A 10 -8.61 13.73 37.80
CA VAL A 10 -9.13 15.07 38.05
C VAL A 10 -10.26 15.03 39.07
N LYS A 11 -11.23 14.15 38.83
CA LYS A 11 -12.37 14.00 39.74
C LYS A 11 -11.90 13.80 41.17
N LEU A 12 -10.99 12.84 41.36
CA LEU A 12 -10.46 12.56 42.69
C LEU A 12 -9.55 13.69 43.15
N GLN A 13 -8.96 14.41 42.19
CA GLN A 13 -8.08 15.52 42.51
C GLN A 13 -8.86 16.70 43.07
N GLY A 14 -10.03 16.97 42.48
CA GLY A 14 -10.85 18.07 42.93
C GLY A 14 -11.52 17.80 44.26
N GLU A 15 -11.95 16.54 44.44
CA GLU A 15 -12.61 16.14 45.68
C GLU A 15 -11.64 16.15 46.85
N ARG A 16 -10.38 15.77 46.58
CA ARG A 16 -9.37 15.72 47.62
C ARG A 16 -8.90 17.12 47.99
N VAL A 17 -8.46 17.88 47.00
CA VAL A 17 -7.99 19.24 47.21
C VAL A 17 -9.02 20.09 47.94
N ARG A 18 -10.27 20.04 47.49
CA ARG A 18 -11.33 20.81 48.11
C ARG A 18 -11.68 20.27 49.49
N GLY A 19 -11.87 18.95 49.57
CA GLY A 19 -12.22 18.33 50.83
C GLY A 19 -11.17 18.55 51.90
N LEU A 20 -9.90 18.51 51.50
CA LEU A 20 -8.80 18.71 52.44
C LEU A 20 -8.58 20.19 52.69
N LYS A 21 -8.75 21.00 51.66
CA LYS A 21 -8.57 22.44 51.80
C LYS A 21 -9.40 22.96 52.95
N GLN A 22 -10.63 22.48 53.03
CA GLN A 22 -11.54 22.90 54.07
C GLN A 22 -11.30 22.19 55.41
N GLN A 23 -11.26 20.85 55.40
CA GLN A 23 -11.11 20.13 56.66
C GLN A 23 -9.67 19.90 57.14
N LYS A 24 -8.67 19.95 56.25
CA LYS A 24 -7.30 19.79 56.73
C LYS A 24 -6.39 20.91 56.24
N ALA A 25 -6.99 21.97 55.71
CA ALA A 25 -6.20 23.10 55.25
C ALA A 25 -4.98 22.64 54.44
N SER A 26 -3.88 23.40 54.58
CA SER A 26 -2.61 23.07 53.91
C SER A 26 -2.53 23.70 52.51
N ALA A 27 -2.45 25.02 52.48
CA ALA A 27 -2.35 25.76 51.21
C ALA A 27 -1.30 25.13 50.29
N GLU A 28 -0.32 24.48 50.89
CA GLU A 28 0.74 23.83 50.12
C GLU A 28 0.18 22.63 49.36
N LEU A 29 -0.60 21.82 50.06
CA LEU A 29 -1.22 20.64 49.44
C LEU A 29 -2.39 21.08 48.58
N ILE A 30 -3.12 22.08 49.08
CA ILE A 30 -4.26 22.62 48.38
C ILE A 30 -3.84 23.26 47.06
N GLU A 31 -2.78 24.07 47.12
CA GLU A 31 -2.27 24.75 45.95
C GLU A 31 -1.66 23.74 44.96
N GLU A 32 -1.02 22.71 45.48
CA GLU A 32 -0.40 21.70 44.64
C GLU A 32 -1.44 20.88 43.88
N GLU A 33 -2.54 20.54 44.56
CA GLU A 33 -3.60 19.76 43.94
C GLU A 33 -4.41 20.60 42.95
N VAL A 34 -4.76 21.82 43.34
CA VAL A 34 -5.53 22.69 42.47
C VAL A 34 -4.81 22.89 41.14
N ALA A 35 -3.52 23.19 41.22
CA ALA A 35 -2.71 23.39 40.02
C ALA A 35 -2.69 22.11 39.18
N LYS A 36 -2.43 20.99 39.83
CA LYS A 36 -2.39 19.70 39.16
C LYS A 36 -3.76 19.37 38.57
N LEU A 37 -4.81 19.84 39.24
CA LEU A 37 -6.17 19.61 38.79
C LEU A 37 -6.50 20.48 37.58
N LEU A 38 -6.03 21.72 37.61
CA LEU A 38 -6.26 22.66 36.52
C LEU A 38 -5.73 22.10 35.22
N LYS A 39 -4.46 21.67 35.23
CA LYS A 39 -3.84 21.11 34.03
C LYS A 39 -4.52 19.78 33.66
N LEU A 40 -4.90 19.02 34.68
CA LEU A 40 -5.56 17.74 34.47
C LEU A 40 -6.84 17.92 33.66
N LYS A 41 -7.71 18.82 34.12
CA LYS A 41 -8.97 19.09 33.43
C LYS A 41 -8.72 19.60 32.02
N ALA A 42 -7.67 20.39 31.87
CA ALA A 42 -7.32 20.95 30.56
C ALA A 42 -6.68 19.88 29.67
N GLN A 43 -6.13 18.83 30.29
CA GLN A 43 -5.49 17.75 29.56
C GLN A 43 -6.52 16.89 28.85
N LEU A 44 -7.46 16.33 29.62
CA LEU A 44 -8.49 15.48 29.06
C LEU A 44 -9.37 16.24 28.07
N GLY A 45 -9.61 17.52 28.35
CA GLY A 45 -10.43 18.33 27.47
C GLY A 45 -10.90 19.61 28.14
N PRO A 46 -10.25 20.76 27.84
CA PRO A 46 -10.64 22.04 28.43
C PRO A 46 -12.06 22.45 28.07
N ASP A 47 -12.42 22.26 26.80
CA ASP A 47 -13.75 22.60 26.33
C ASP A 47 -14.13 21.75 25.11
N GLU A 48 -15.40 21.38 25.04
CA GLU A 48 -15.89 20.56 23.93
C GLU A 48 -16.13 21.43 22.69
N SER A 49 -16.46 22.70 22.91
CA SER A 49 -16.72 23.62 21.81
C SER A 49 -15.49 23.75 20.91
N LYS A 50 -14.32 23.40 21.44
CA LYS A 50 -13.08 23.48 20.68
C LYS A 50 -13.21 22.79 19.33
N GLN A 51 -13.71 21.56 19.35
CA GLN A 51 -13.88 20.79 18.13
C GLN A 51 -14.83 21.50 17.17
N LYS A 52 -14.64 21.27 15.87
CA LYS A 52 -15.46 21.90 14.85
C LYS A 52 -15.82 20.91 13.75
N PHE A 53 -16.96 21.13 13.10
CA PHE A 53 -17.41 20.26 12.02
C PHE A 53 -17.66 18.84 12.52
N VAL A 54 -17.79 18.68 13.84
CA VAL A 54 -18.04 17.38 14.43
C VAL A 54 -16.91 16.39 14.09
N LEU A 55 -16.80 15.33 14.88
CA LEU A 55 -15.77 14.33 14.67
C LEU A 55 -16.25 13.27 13.67
N LYS A 56 -15.39 12.29 13.40
CA LYS A 56 -15.73 11.22 12.47
C LYS A 56 -16.95 10.45 12.95
N THR A 57 -17.66 9.82 12.00
CA THR A 57 -18.85 9.04 12.31
C THR A 57 -19.11 7.99 11.25
N PRO A 58 -19.52 6.77 11.65
CA PRO A 58 -19.81 5.68 10.72
C PRO A 58 -21.08 5.93 9.91
N LYS A 59 -21.18 5.26 8.77
CA LYS A 59 -22.34 5.41 7.90
C LYS A 59 -23.04 4.07 7.70
N ALA A 60 -22.45 3.22 6.86
CA ALA A 60 -23.02 1.91 6.58
C ALA A 60 -21.95 0.93 6.11
N LEU A 61 -21.53 1.08 4.86
CA LEU A 61 -20.50 0.22 4.29
C LEU A 61 -19.12 0.66 4.71
N GLU A 62 -18.38 -0.24 5.35
CA GLU A 62 -17.03 0.06 5.82
C GLU A 62 -17.04 1.20 6.83
N GLU A 63 -16.02 1.26 7.67
CA GLU A 63 -15.92 2.30 8.68
C GLU A 63 -14.54 2.95 8.68
N LYS A 64 -13.82 2.79 7.56
CA LYS A 64 -12.48 3.37 7.43
C LYS A 64 -12.02 3.35 5.97
N ILE A 65 -10.91 4.02 5.71
CA ILE A 65 -10.35 4.08 4.36
C ILE A 65 -9.64 2.79 4.00
N ARG A 66 -9.10 2.74 2.78
CA ARG A 66 -8.38 1.55 2.32
C ARG A 66 -7.14 1.94 1.52
N THR A 67 -6.10 1.12 1.61
CA THR A 67 -4.86 1.36 0.90
C THR A 67 -4.02 0.09 0.82
N THR A 68 -3.76 -0.37 -0.40
CA THR A 68 -2.98 -1.58 -0.61
C THR A 68 -2.48 -1.68 -2.04
N GLU A 69 -3.40 -1.61 -2.99
CA GLU A 69 -3.06 -1.68 -4.41
C GLU A 69 -2.89 -0.29 -5.01
N THR A 70 -2.47 0.65 -4.16
CA THR A 70 -2.27 2.04 -4.59
C THR A 70 -1.34 2.12 -5.78
N GLN A 71 -1.82 2.72 -6.86
CA GLN A 71 -1.03 2.88 -8.07
C GLN A 71 -0.33 4.24 -8.10
N VAL A 72 -0.79 5.16 -7.26
CA VAL A 72 -0.21 6.49 -7.21
C VAL A 72 0.05 6.94 -5.77
N LEU A 73 0.77 8.05 -5.62
CA LEU A 73 1.08 8.59 -4.31
C LEU A 73 1.28 10.11 -4.39
N VAL A 74 0.42 10.85 -3.68
CA VAL A 74 0.51 12.31 -3.69
C VAL A 74 0.92 12.85 -2.32
N ALA A 75 2.13 13.43 -2.27
CA ALA A 75 2.64 14.00 -1.03
C ALA A 75 3.12 15.44 -1.25
N SER A 76 3.61 16.06 -0.19
CA SER A 76 4.09 17.43 -0.26
C SER A 76 5.43 17.58 0.47
N ALA A 77 6.10 18.70 0.22
CA ALA A 77 7.39 18.97 0.85
C ALA A 77 7.24 19.98 1.99
N GLN A 78 8.37 20.48 2.48
CA GLN A 78 8.37 21.45 3.57
C GLN A 78 7.78 20.84 4.84
N LYS A 79 8.52 20.97 5.93
CA LYS A 79 8.08 20.43 7.21
C LYS A 79 6.76 21.06 7.64
N LYS A 80 5.90 20.27 8.27
CA LYS A 80 4.60 20.75 8.74
C LYS A 80 3.89 19.69 9.56
N LEU A 81 2.59 19.89 9.78
CA LEU A 81 1.80 18.95 10.56
C LEU A 81 1.07 17.97 9.66
N LEU A 82 1.59 17.76 8.45
CA LEU A 82 0.98 16.85 7.49
C LEU A 82 -0.45 17.25 7.18
N GLU A 83 -0.80 18.51 7.43
CA GLU A 83 -2.14 19.01 7.18
C GLU A 83 -2.41 19.13 5.68
N GLU A 84 -1.44 19.68 4.96
CA GLU A 84 -1.56 19.85 3.52
C GLU A 84 -1.49 18.50 2.81
N ARG A 85 -0.61 17.64 3.28
CA ARG A 85 -0.45 16.31 2.70
C ARG A 85 -1.70 15.47 2.92
N LEU A 86 -2.37 15.69 4.04
CA LEU A 86 -3.59 14.94 4.36
C LEU A 86 -4.78 15.47 3.56
N LYS A 87 -4.77 16.76 3.28
CA LYS A 87 -5.86 17.38 2.52
C LYS A 87 -5.86 16.91 1.08
N LEU A 88 -4.72 17.06 0.40
CA LEU A 88 -4.62 16.64 -1.00
C LEU A 88 -4.74 15.14 -1.12
N VAL A 89 -3.99 14.40 -0.29
CA VAL A 89 -4.03 12.95 -0.32
C VAL A 89 -5.46 12.46 -0.12
N SER A 90 -6.21 13.17 0.72
CA SER A 90 -7.60 12.81 0.99
C SER A 90 -8.43 12.89 -0.29
N GLU A 91 -8.38 14.04 -0.95
CA GLU A 91 -9.13 14.24 -2.18
C GLU A 91 -8.71 13.21 -3.24
N LEU A 92 -7.41 13.12 -3.46
CA LEU A 92 -6.85 12.18 -4.43
C LEU A 92 -7.18 10.75 -4.05
N GLN A 93 -6.65 10.32 -2.91
CA GLN A 93 -6.86 8.96 -2.44
C GLN A 93 -8.34 8.60 -2.33
N ASP A 94 -9.12 9.49 -1.72
CA ASP A 94 -10.54 9.24 -1.52
C ASP A 94 -11.42 9.42 -2.76
N ALA A 95 -11.28 10.54 -3.49
CA ALA A 95 -12.16 10.78 -4.63
C ALA A 95 -11.71 10.13 -5.93
N GLY A 96 -10.42 10.03 -6.13
CA GLY A 96 -9.91 9.43 -7.35
C GLY A 96 -9.28 8.08 -7.13
N ILE A 97 -7.96 8.12 -7.19
CA ILE A 97 -7.11 6.96 -7.01
C ILE A 97 -6.81 6.74 -5.54
N LYS A 98 -6.46 5.51 -5.18
CA LYS A 98 -6.13 5.20 -3.81
C LYS A 98 -4.61 5.25 -3.63
N ALA A 99 -4.14 6.26 -2.92
CA ALA A 99 -2.70 6.45 -2.71
C ALA A 99 -2.28 6.11 -1.28
N GLU A 100 -0.98 5.88 -1.12
CA GLU A 100 -0.38 5.55 0.17
C GLU A 100 0.59 6.65 0.60
N LEU A 101 1.17 6.52 1.79
CA LEU A 101 2.11 7.51 2.28
C LEU A 101 3.32 6.84 2.94
N LEU A 102 4.51 7.32 2.59
CA LEU A 102 5.75 6.78 3.14
C LEU A 102 6.73 7.91 3.47
N TYR A 103 7.67 7.65 4.37
CA TYR A 103 8.65 8.66 4.76
C TYR A 103 9.66 8.12 5.77
N LYS A 104 9.86 6.80 5.79
CA LYS A 104 10.79 6.19 6.74
C LYS A 104 11.95 5.51 6.02
N LYS A 105 13.13 5.56 6.63
CA LYS A 105 14.34 4.94 6.07
C LYS A 105 14.81 5.67 4.81
N ASN A 106 15.47 6.82 5.01
CA ASN A 106 16.00 7.60 3.90
C ASN A 106 16.71 8.86 4.42
N PRO A 107 17.87 9.21 3.83
CA PRO A 107 18.64 10.39 4.24
C PRO A 107 18.00 11.71 3.79
N LYS A 108 18.39 12.21 2.61
CA LYS A 108 17.84 13.46 2.09
C LYS A 108 16.52 13.22 1.38
N LEU A 109 15.64 14.23 1.39
CA LEU A 109 14.34 14.11 0.75
C LEU A 109 13.67 12.80 1.13
N LEU A 110 13.92 12.35 2.35
CA LEU A 110 13.38 11.11 2.86
C LEU A 110 11.87 11.00 2.63
N ASN A 111 11.16 12.09 2.87
CA ASN A 111 9.71 12.10 2.70
C ASN A 111 9.32 11.94 1.24
N GLN A 112 9.60 12.97 0.45
CA GLN A 112 9.26 12.98 -0.98
C GLN A 112 9.87 11.81 -1.74
N LEU A 113 11.15 11.54 -1.51
CA LEU A 113 11.84 10.46 -2.22
C LEU A 113 11.40 9.07 -1.77
N GLN A 114 11.51 8.79 -0.48
CA GLN A 114 11.14 7.46 0.04
C GLN A 114 9.73 7.06 -0.37
N TYR A 115 8.79 7.99 -0.31
CA TYR A 115 7.40 7.72 -0.66
C TYR A 115 7.24 7.52 -2.16
N CYS A 116 7.74 8.46 -2.95
CA CYS A 116 7.62 8.40 -4.40
C CYS A 116 8.34 7.18 -4.98
N GLU A 117 9.55 6.92 -4.53
CA GLU A 117 10.33 5.80 -5.03
C GLU A 117 9.78 4.46 -4.58
N GLU A 118 9.70 4.27 -3.26
CA GLU A 118 9.21 3.01 -2.69
C GLU A 118 7.69 2.83 -2.77
N ALA A 119 6.95 3.80 -2.24
CA ALA A 119 5.49 3.70 -2.22
C ALA A 119 4.82 4.08 -3.54
N GLY A 120 5.35 5.11 -4.20
CA GLY A 120 4.75 5.54 -5.46
C GLY A 120 5.63 5.25 -6.66
N ILE A 121 6.02 4.00 -6.83
CA ILE A 121 6.86 3.62 -7.94
C ILE A 121 6.17 3.85 -9.29
N PRO A 122 4.82 3.72 -9.36
CA PRO A 122 4.08 3.93 -10.60
C PRO A 122 3.83 5.42 -10.86
N LEU A 123 2.95 6.02 -10.06
CA LEU A 123 2.63 7.44 -10.21
C LEU A 123 2.83 8.18 -8.89
N VAL A 124 3.30 9.42 -8.98
CA VAL A 124 3.55 10.23 -7.80
C VAL A 124 3.07 11.67 -8.01
N ALA A 125 2.84 12.39 -6.91
CA ALA A 125 2.38 13.76 -7.00
C ALA A 125 2.92 14.62 -5.85
N ILE A 126 3.68 15.65 -6.21
CA ILE A 126 4.24 16.57 -5.23
C ILE A 126 3.49 17.89 -5.22
N ILE A 127 2.37 17.91 -4.50
CA ILE A 127 1.53 19.11 -4.41
C ILE A 127 2.09 20.08 -3.36
N GLY A 128 1.23 20.91 -2.79
CA GLY A 128 1.66 21.85 -1.78
C GLY A 128 0.94 23.19 -1.89
N GLU A 129 0.07 23.47 -0.92
CA GLU A 129 -0.68 24.72 -0.92
C GLU A 129 0.22 25.90 -1.24
N GLN A 130 1.43 25.88 -0.68
CA GLN A 130 2.39 26.94 -0.90
C GLN A 130 2.85 26.95 -2.36
N GLU A 131 2.99 25.76 -2.94
CA GLU A 131 3.39 25.63 -4.32
C GLU A 131 2.23 25.97 -5.22
N LEU A 132 1.06 25.41 -4.91
CA LEU A 132 -0.12 25.65 -5.72
C LEU A 132 -0.36 27.14 -5.92
N LYS A 133 -0.11 27.94 -4.88
CA LYS A 133 -0.33 29.37 -4.99
C LYS A 133 0.83 30.09 -5.71
N ASP A 134 2.04 30.02 -5.16
CA ASP A 134 3.19 30.70 -5.78
C ASP A 134 3.77 29.93 -6.96
N GLY A 135 3.60 28.62 -6.93
CA GLY A 135 4.11 27.78 -8.01
C GLY A 135 3.03 26.96 -8.67
N VAL A 136 2.81 25.77 -8.11
CA VAL A 136 1.80 24.83 -8.59
C VAL A 136 2.07 23.42 -8.07
N ILE A 137 1.19 22.48 -8.42
CA ILE A 137 1.32 21.09 -8.00
C ILE A 137 2.12 20.30 -9.04
N LYS A 138 2.72 19.20 -8.61
CA LYS A 138 3.53 18.38 -9.52
C LYS A 138 3.11 16.91 -9.49
N LEU A 139 3.14 16.29 -10.65
CA LEU A 139 2.79 14.88 -10.78
C LEU A 139 4.03 14.08 -11.20
N ARG A 140 4.74 13.54 -10.24
CA ARG A 140 5.95 12.77 -10.51
C ARG A 140 5.62 11.45 -11.21
N SER A 141 6.06 11.32 -12.45
CA SER A 141 5.82 10.11 -13.22
C SER A 141 7.11 9.29 -13.35
N VAL A 142 7.67 8.94 -12.19
CA VAL A 142 8.91 8.16 -12.14
C VAL A 142 8.92 7.02 -13.15
N THR A 143 7.74 6.47 -13.43
CA THR A 143 7.61 5.36 -14.36
C THR A 143 7.68 5.82 -15.82
N SER A 144 6.76 6.70 -16.21
CA SER A 144 6.71 7.19 -17.58
C SER A 144 7.75 8.28 -17.85
N ARG A 145 7.62 9.40 -17.14
CA ARG A 145 8.55 10.51 -17.33
C ARG A 145 9.39 10.75 -16.08
N GLU A 146 8.89 11.61 -15.18
CA GLU A 146 9.61 11.93 -13.95
C GLU A 146 8.84 12.96 -13.13
N GLU A 147 8.58 14.12 -13.73
CA GLU A 147 7.86 15.19 -13.05
C GLU A 147 6.96 15.96 -14.01
N VAL A 148 5.71 16.18 -13.59
CA VAL A 148 4.74 16.91 -14.41
C VAL A 148 4.22 18.15 -13.67
N ASP A 149 3.68 19.09 -14.43
CA ASP A 149 3.15 20.32 -13.85
C ASP A 149 1.62 20.32 -13.91
N VAL A 150 0.98 20.23 -12.75
CA VAL A 150 -0.48 20.22 -12.67
C VAL A 150 -0.98 21.10 -11.54
N ARG A 151 -2.23 21.55 -11.66
CA ARG A 151 -2.83 22.40 -10.63
C ARG A 151 -3.90 21.65 -9.85
N ARG A 152 -3.51 20.54 -9.23
CA ARG A 152 -4.42 19.71 -8.43
C ARG A 152 -5.47 19.02 -9.30
N GLU A 153 -6.20 19.80 -10.11
CA GLU A 153 -7.24 19.24 -10.97
C GLU A 153 -6.63 18.28 -11.98
N ASP A 154 -5.51 18.68 -12.57
CA ASP A 154 -4.84 17.84 -13.54
C ASP A 154 -4.18 16.64 -12.86
N LEU A 155 -3.88 16.79 -11.57
CA LEU A 155 -3.26 15.71 -10.80
C LEU A 155 -4.19 14.51 -10.70
N VAL A 156 -5.42 14.77 -10.26
CA VAL A 156 -6.41 13.71 -10.12
C VAL A 156 -6.86 13.20 -11.48
N GLU A 157 -6.93 14.10 -12.45
CA GLU A 157 -7.36 13.74 -13.80
C GLU A 157 -6.31 12.87 -14.50
N GLU A 158 -5.09 13.36 -14.56
CA GLU A 158 -3.99 12.63 -15.21
C GLU A 158 -3.81 11.24 -14.62
N ILE A 159 -3.63 11.16 -13.30
CA ILE A 159 -3.43 9.89 -12.62
C ILE A 159 -4.59 8.93 -12.88
N LYS A 160 -5.81 9.44 -12.76
CA LYS A 160 -7.00 8.62 -12.98
C LYS A 160 -7.12 8.19 -14.44
N ARG A 161 -6.82 9.10 -15.35
CA ARG A 161 -6.89 8.82 -16.78
C ARG A 161 -5.88 7.75 -17.17
N ARG A 162 -4.67 7.88 -16.67
CA ARG A 162 -3.60 6.92 -16.97
C ARG A 162 -3.95 5.54 -16.41
N THR A 163 -4.61 5.53 -15.25
CA THR A 163 -4.99 4.28 -14.61
C THR A 163 -6.30 3.74 -15.19
N GLY A 164 -7.16 4.64 -15.64
CA GLY A 164 -8.43 4.24 -16.22
C GLY A 164 -8.46 4.40 -17.72
N GLN A 165 -9.66 4.47 -18.29
CA GLN A 165 -9.82 4.62 -19.73
C GLN A 165 -11.01 5.52 -20.06
N PRO A 166 -10.92 6.28 -21.16
CA PRO A 166 -12.00 7.18 -21.59
C PRO A 166 -13.20 6.44 -22.16
N LEU A 167 -14.34 7.13 -22.23
CA LEU A 167 -15.56 6.53 -22.76
C LEU A 167 -16.03 5.38 -21.88
N SER A 168 -17.27 5.46 -21.42
CA SER A 168 -17.84 4.42 -20.57
C SER A 168 -18.97 3.68 -21.27
N ILE A 169 -19.62 4.34 -22.22
CA ILE A 169 -20.72 3.73 -22.96
C ILE A 169 -20.22 3.08 -24.24
N SER A 170 -20.78 1.91 -24.56
CA SER A 170 -20.39 1.18 -25.76
C SER A 170 -21.62 0.76 -26.55
N ALA A 1 -62.08 -18.04 -3.71
CA ALA A 1 -60.84 -17.69 -2.96
C ALA A 1 -60.61 -18.66 -1.81
N GLU A 2 -59.34 -18.88 -1.48
CA GLU A 2 -58.98 -19.78 -0.40
C GLU A 2 -59.10 -19.09 0.95
N ARG A 3 -58.79 -17.80 0.99
CA ARG A 3 -58.87 -17.02 2.23
C ARG A 3 -60.31 -16.93 2.70
N ALA A 4 -61.21 -16.54 1.81
CA ALA A 4 -62.62 -16.41 2.13
C ALA A 4 -63.20 -17.74 2.62
N ALA A 5 -62.81 -18.82 1.95
CA ALA A 5 -63.29 -20.15 2.31
C ALA A 5 -62.84 -20.53 3.72
N LEU A 6 -61.55 -20.39 3.99
CA LEU A 6 -61.00 -20.72 5.29
C LEU A 6 -61.67 -19.88 6.39
N GLU A 7 -61.99 -18.63 6.05
CA GLU A 7 -62.64 -17.74 7.00
C GLU A 7 -63.98 -18.34 7.41
N GLU A 8 -64.72 -18.82 6.41
CA GLU A 8 -66.00 -19.46 6.65
C GLU A 8 -65.79 -20.76 7.43
N LEU A 9 -64.62 -21.36 7.25
CA LEU A 9 -64.28 -22.60 7.94
C LEU A 9 -64.11 -22.33 9.43
N VAL A 10 -63.53 -21.18 9.74
CA VAL A 10 -63.32 -20.79 11.13
C VAL A 10 -64.64 -20.60 11.84
N LYS A 11 -65.52 -19.79 11.25
CA LYS A 11 -66.82 -19.52 11.83
C LYS A 11 -67.54 -20.83 12.15
N LEU A 12 -67.64 -21.72 11.17
CA LEU A 12 -68.28 -23.00 11.37
C LEU A 12 -67.51 -23.87 12.35
N GLN A 13 -66.22 -23.58 12.51
CA GLN A 13 -65.38 -24.34 13.42
C GLN A 13 -65.76 -24.08 14.87
N GLY A 14 -65.89 -22.81 15.22
CA GLY A 14 -66.25 -22.45 16.59
C GLY A 14 -67.68 -22.80 16.93
N GLU A 15 -68.60 -22.61 15.99
CA GLU A 15 -70.01 -22.90 16.22
C GLU A 15 -70.23 -24.39 16.49
N ARG A 16 -69.68 -25.23 15.62
CA ARG A 16 -69.83 -26.67 15.75
C ARG A 16 -69.14 -27.18 17.00
N VAL A 17 -67.85 -26.88 17.13
CA VAL A 17 -67.08 -27.32 18.27
C VAL A 17 -67.71 -26.88 19.59
N ARG A 18 -68.23 -25.66 19.63
CA ARG A 18 -68.86 -25.15 20.84
C ARG A 18 -70.04 -26.04 21.23
N GLY A 19 -70.97 -26.20 20.29
CA GLY A 19 -72.12 -27.05 20.53
C GLY A 19 -71.72 -28.51 20.64
N LEU A 20 -70.54 -28.83 20.08
CA LEU A 20 -70.02 -30.18 20.10
C LEU A 20 -69.56 -30.56 21.49
N LYS A 21 -68.72 -29.71 22.08
CA LYS A 21 -68.21 -29.95 23.40
C LYS A 21 -69.32 -29.99 24.42
N GLN A 22 -70.30 -29.10 24.24
CA GLN A 22 -71.42 -29.02 25.17
C GLN A 22 -72.50 -30.06 24.90
N GLN A 23 -73.02 -30.14 23.67
CA GLN A 23 -74.11 -31.10 23.42
C GLN A 23 -73.66 -32.50 23.02
N LYS A 24 -72.43 -32.68 22.49
CA LYS A 24 -72.00 -34.05 22.17
C LYS A 24 -70.63 -34.39 22.73
N ALA A 25 -70.12 -33.56 23.65
CA ALA A 25 -68.82 -33.83 24.25
C ALA A 25 -67.80 -34.30 23.21
N SER A 26 -66.83 -35.11 23.67
CA SER A 26 -65.79 -35.69 22.80
C SER A 26 -64.59 -34.76 22.68
N ALA A 27 -63.80 -34.68 23.74
CA ALA A 27 -62.60 -33.86 23.77
C ALA A 27 -61.76 -34.07 22.52
N GLU A 28 -61.86 -35.27 21.94
CA GLU A 28 -61.12 -35.61 20.74
C GLU A 28 -61.58 -34.75 19.58
N LEU A 29 -62.89 -34.73 19.34
CA LEU A 29 -63.47 -33.93 18.27
C LEU A 29 -63.45 -32.46 18.65
N ILE A 30 -63.65 -32.21 19.94
CA ILE A 30 -63.66 -30.86 20.45
C ILE A 30 -62.31 -30.18 20.22
N GLU A 31 -61.24 -30.85 20.66
CA GLU A 31 -59.90 -30.33 20.49
C GLU A 31 -59.53 -30.24 19.02
N GLU A 32 -60.01 -31.21 18.23
CA GLU A 32 -59.73 -31.23 16.81
C GLU A 32 -60.28 -29.98 16.13
N GLU A 33 -61.55 -29.67 16.39
CA GLU A 33 -62.19 -28.50 15.81
C GLU A 33 -61.60 -27.22 16.40
N VAL A 34 -61.15 -27.30 17.65
CA VAL A 34 -60.57 -26.14 18.31
C VAL A 34 -59.23 -25.78 17.67
N ALA A 35 -58.34 -26.77 17.60
CA ALA A 35 -57.02 -26.56 17.00
C ALA A 35 -57.15 -26.11 15.55
N LYS A 36 -58.17 -26.62 14.86
CA LYS A 36 -58.40 -26.25 13.47
C LYS A 36 -58.83 -24.80 13.36
N LEU A 37 -59.68 -24.35 14.29
CA LEU A 37 -60.16 -22.98 14.29
C LEU A 37 -59.07 -22.02 14.76
N LEU A 38 -58.23 -22.47 15.68
CA LEU A 38 -57.15 -21.64 16.21
C LEU A 38 -56.19 -21.26 15.09
N LYS A 39 -55.71 -22.26 14.35
CA LYS A 39 -54.79 -22.04 13.25
C LYS A 39 -55.49 -21.27 12.14
N LEU A 40 -56.77 -21.57 11.94
CA LEU A 40 -57.57 -20.91 10.92
C LEU A 40 -57.58 -19.40 11.16
N LYS A 41 -57.80 -19.01 12.41
CA LYS A 41 -57.82 -17.60 12.79
C LYS A 41 -56.49 -16.95 12.49
N ALA A 42 -55.40 -17.59 12.95
CA ALA A 42 -54.06 -17.07 12.73
C ALA A 42 -53.83 -16.78 11.25
N GLN A 43 -54.46 -17.59 10.39
CA GLN A 43 -54.33 -17.41 8.95
C GLN A 43 -55.00 -16.11 8.51
N LEU A 44 -56.28 -15.96 8.86
CA LEU A 44 -57.04 -14.77 8.50
C LEU A 44 -56.62 -13.57 9.35
N GLY A 45 -55.36 -13.17 9.22
CA GLY A 45 -54.86 -12.04 9.98
C GLY A 45 -53.43 -11.68 9.61
N PRO A 46 -52.45 -12.10 10.40
CA PRO A 46 -51.03 -11.80 10.14
C PRO A 46 -50.55 -12.41 8.82
N ASP A 47 -49.51 -11.82 8.26
CA ASP A 47 -48.95 -12.29 7.00
C ASP A 47 -47.45 -12.52 7.12
N GLU A 48 -46.96 -13.56 6.43
CA GLU A 48 -45.53 -13.88 6.46
C GLU A 48 -44.97 -13.96 5.05
N SER A 49 -45.71 -14.60 4.16
CA SER A 49 -45.28 -14.75 2.77
C SER A 49 -45.30 -13.41 2.05
N LYS A 50 -46.12 -12.48 2.54
CA LYS A 50 -46.23 -11.16 1.94
C LYS A 50 -44.87 -10.48 1.86
N GLN A 51 -44.77 -9.46 1.01
CA GLN A 51 -43.52 -8.73 0.84
C GLN A 51 -43.40 -7.60 1.87
N LYS A 52 -42.57 -7.82 2.89
CA LYS A 52 -42.37 -6.83 3.93
C LYS A 52 -40.97 -6.95 4.53
N PHE A 53 -40.57 -8.18 4.85
CA PHE A 53 -39.25 -8.43 5.43
C PHE A 53 -38.30 -9.00 4.38
N VAL A 54 -38.51 -8.60 3.13
CA VAL A 54 -37.67 -9.07 2.02
C VAL A 54 -37.35 -7.94 1.05
N LEU A 55 -36.07 -7.63 0.92
CA LEU A 55 -35.64 -6.56 0.03
C LEU A 55 -34.15 -6.70 -0.30
N LYS A 56 -33.35 -6.96 0.73
CA LYS A 56 -31.91 -7.12 0.56
C LYS A 56 -31.28 -5.83 0.04
N THR A 57 -30.39 -5.25 0.83
CA THR A 57 -29.72 -4.01 0.45
C THR A 57 -28.22 -4.23 0.28
N PRO A 58 -27.58 -3.48 -0.63
CA PRO A 58 -26.15 -3.60 -0.90
C PRO A 58 -25.32 -3.50 0.38
N LYS A 59 -24.10 -4.03 0.33
CA LYS A 59 -23.21 -3.99 1.49
C LYS A 59 -22.79 -2.55 1.80
N ALA A 60 -22.50 -2.30 3.08
CA ALA A 60 -22.09 -0.97 3.51
C ALA A 60 -20.62 -0.95 3.93
N LEU A 61 -20.15 -2.07 4.46
CA LEU A 61 -18.77 -2.19 4.90
C LEU A 61 -17.88 -2.66 3.76
N GLU A 62 -17.22 -1.71 3.09
CA GLU A 62 -16.33 -2.02 1.99
C GLU A 62 -15.36 -0.87 1.72
N GLU A 63 -15.89 0.34 1.67
CA GLU A 63 -15.07 1.52 1.43
C GLU A 63 -14.47 2.05 2.73
N LYS A 64 -13.27 1.58 3.05
CA LYS A 64 -12.59 2.01 4.27
C LYS A 64 -11.12 2.32 3.99
N ILE A 65 -10.33 1.26 3.75
CA ILE A 65 -8.92 1.42 3.48
C ILE A 65 -8.29 0.10 3.06
N ARG A 66 -7.88 0.02 1.79
CA ARG A 66 -7.26 -1.20 1.26
C ARG A 66 -5.75 -1.14 1.40
N THR A 67 -5.14 -0.07 0.89
CA THR A 67 -3.70 0.09 0.96
C THR A 67 -2.99 -1.00 0.17
N THR A 68 -2.97 -0.86 -1.15
CA THR A 68 -2.32 -1.84 -2.02
C THR A 68 -2.52 -1.48 -3.48
N GLU A 69 -3.70 -0.93 -3.78
CA GLU A 69 -4.03 -0.53 -5.15
C GLU A 69 -3.65 0.93 -5.40
N THR A 70 -2.69 1.43 -4.61
CA THR A 70 -2.27 2.82 -4.75
C THR A 70 -1.60 3.06 -6.10
N GLN A 71 -2.17 3.96 -6.88
CA GLN A 71 -1.65 4.28 -8.20
C GLN A 71 -0.72 5.50 -8.15
N VAL A 72 -0.81 6.28 -7.08
CA VAL A 72 0.02 7.48 -6.97
C VAL A 72 0.61 7.65 -5.57
N LEU A 73 1.48 8.64 -5.45
CA LEU A 73 2.13 8.96 -4.18
C LEU A 73 2.20 10.48 -3.98
N VAL A 74 1.97 10.94 -2.76
CA VAL A 74 2.00 12.36 -2.47
C VAL A 74 3.33 12.79 -1.83
N ALA A 75 3.86 13.92 -2.30
CA ALA A 75 5.13 14.44 -1.78
C ALA A 75 5.00 15.89 -1.37
N SER A 76 5.35 16.20 -0.12
CA SER A 76 5.28 17.56 0.39
C SER A 76 6.67 18.15 0.60
N ALA A 77 6.90 19.33 0.03
CA ALA A 77 8.18 20.00 0.16
C ALA A 77 8.02 21.41 0.70
N GLN A 78 9.11 22.16 0.75
CA GLN A 78 9.10 23.53 1.25
C GLN A 78 8.81 23.56 2.75
N LYS A 79 7.57 23.26 3.11
CA LYS A 79 7.16 23.27 4.51
C LYS A 79 6.31 22.04 4.83
N LYS A 80 6.54 21.46 6.01
CA LYS A 80 5.79 20.29 6.44
C LYS A 80 4.49 20.69 7.13
N LEU A 81 3.39 20.67 6.37
CA LEU A 81 2.09 21.03 6.91
C LEU A 81 1.16 19.82 6.93
N LEU A 82 0.62 19.51 8.11
CA LEU A 82 -0.29 18.38 8.27
C LEU A 82 -1.51 18.54 7.38
N GLU A 83 -2.17 19.70 7.48
CA GLU A 83 -3.36 19.97 6.69
C GLU A 83 -3.05 19.91 5.19
N GLU A 84 -1.84 20.31 4.84
CA GLU A 84 -1.41 20.30 3.43
C GLU A 84 -1.41 18.87 2.88
N ARG A 85 -0.83 17.96 3.64
CA ARG A 85 -0.76 16.56 3.23
C ARG A 85 -2.15 15.96 3.06
N LEU A 86 -2.95 16.02 4.12
CA LEU A 86 -4.30 15.48 4.09
C LEU A 86 -5.12 16.08 2.95
N LYS A 87 -4.90 17.36 2.67
CA LYS A 87 -5.63 18.05 1.60
C LYS A 87 -5.33 17.43 0.24
N LEU A 88 -4.05 17.33 -0.10
CA LEU A 88 -3.64 16.76 -1.38
C LEU A 88 -3.96 15.28 -1.43
N VAL A 89 -3.67 14.57 -0.35
CA VAL A 89 -3.92 13.13 -0.27
C VAL A 89 -5.41 12.84 -0.32
N SER A 90 -6.20 13.64 0.37
CA SER A 90 -7.65 13.46 0.41
C SER A 90 -8.27 13.54 -0.99
N GLU A 91 -8.04 14.66 -1.67
CA GLU A 91 -8.60 14.87 -3.00
C GLU A 91 -8.18 13.76 -3.97
N LEU A 92 -6.88 13.48 -4.02
CA LEU A 92 -6.36 12.44 -4.92
C LEU A 92 -6.78 11.04 -4.48
N GLN A 93 -6.47 10.71 -3.23
CA GLN A 93 -6.78 9.39 -2.69
C GLN A 93 -8.27 9.11 -2.65
N ASP A 94 -9.05 10.05 -2.15
CA ASP A 94 -10.49 9.85 -1.99
C ASP A 94 -11.30 9.91 -3.30
N ALA A 95 -11.09 10.93 -4.14
CA ALA A 95 -11.91 11.03 -5.35
C ALA A 95 -11.39 10.22 -6.53
N GLY A 96 -10.08 10.10 -6.63
CA GLY A 96 -9.52 9.37 -7.74
C GLY A 96 -8.88 8.06 -7.37
N ILE A 97 -7.57 8.10 -7.41
CA ILE A 97 -6.68 6.98 -7.13
C ILE A 97 -6.35 6.88 -5.65
N LYS A 98 -5.97 5.68 -5.23
CA LYS A 98 -5.61 5.44 -3.84
C LYS A 98 -4.19 5.94 -3.57
N ALA A 99 -4.08 7.09 -2.91
CA ALA A 99 -2.77 7.68 -2.62
C ALA A 99 -2.10 7.04 -1.41
N GLU A 100 -0.83 6.69 -1.58
CA GLU A 100 -0.05 6.08 -0.50
C GLU A 100 1.04 7.05 -0.06
N LEU A 101 1.28 7.15 1.25
CA LEU A 101 2.29 8.08 1.75
C LEU A 101 2.82 7.67 3.12
N LEU A 102 4.14 7.71 3.26
CA LEU A 102 4.79 7.38 4.53
C LEU A 102 5.91 8.39 4.80
N TYR A 103 7.10 8.13 4.25
CA TYR A 103 8.25 9.04 4.41
C TYR A 103 8.37 9.57 5.85
N LYS A 104 7.84 8.82 6.81
CA LYS A 104 7.87 9.24 8.21
C LYS A 104 9.29 9.18 8.77
N LYS A 105 9.86 10.37 9.01
CA LYS A 105 11.20 10.48 9.56
C LYS A 105 11.64 11.94 9.59
N ASN A 106 11.20 12.70 8.58
CA ASN A 106 11.51 14.12 8.48
C ASN A 106 13.00 14.37 8.24
N PRO A 107 13.63 13.63 7.30
CA PRO A 107 15.04 13.79 6.98
C PRO A 107 15.28 14.82 5.88
N LYS A 108 14.20 15.22 5.19
CA LYS A 108 14.26 16.20 4.11
C LYS A 108 14.55 15.54 2.76
N LEU A 109 13.50 15.05 2.11
CA LEU A 109 13.61 14.41 0.79
C LEU A 109 14.20 12.99 0.87
N LEU A 110 14.78 12.63 2.01
CA LEU A 110 15.36 11.30 2.17
C LEU A 110 14.28 10.24 2.29
N ASN A 111 13.27 10.50 3.12
CA ASN A 111 12.18 9.57 3.32
C ASN A 111 11.18 9.63 2.17
N GLN A 112 11.00 10.82 1.61
CA GLN A 112 10.09 11.01 0.49
C GLN A 112 10.57 10.19 -0.70
N LEU A 113 11.87 10.25 -0.96
CA LEU A 113 12.47 9.51 -2.05
C LEU A 113 12.63 8.03 -1.66
N GLN A 114 12.78 7.78 -0.36
CA GLN A 114 12.94 6.42 0.15
C GLN A 114 11.62 5.65 0.02
N TYR A 115 10.52 6.31 0.34
CA TYR A 115 9.21 5.69 0.26
C TYR A 115 8.79 5.50 -1.19
N CYS A 116 9.04 6.53 -2.01
CA CYS A 116 8.70 6.50 -3.42
C CYS A 116 9.51 5.45 -4.16
N GLU A 117 10.75 5.23 -3.73
CA GLU A 117 11.59 4.24 -4.37
C GLU A 117 11.12 2.82 -4.06
N GLU A 118 11.07 2.48 -2.77
CA GLU A 118 10.63 1.16 -2.36
C GLU A 118 9.11 0.99 -2.42
N ALA A 119 8.38 1.88 -1.75
CA ALA A 119 6.93 1.83 -1.71
C ALA A 119 6.28 2.45 -2.94
N GLY A 120 6.85 3.54 -3.42
CA GLY A 120 6.30 4.21 -4.58
C GLY A 120 6.81 3.61 -5.86
N ILE A 121 6.19 3.95 -6.98
CA ILE A 121 6.61 3.41 -8.27
C ILE A 121 5.74 3.90 -9.43
N PRO A 122 4.41 3.71 -9.36
CA PRO A 122 3.51 4.14 -10.45
C PRO A 122 3.56 5.65 -10.70
N LEU A 123 2.81 6.41 -9.89
CA LEU A 123 2.78 7.86 -10.05
C LEU A 123 3.03 8.58 -8.73
N VAL A 124 3.39 9.85 -8.82
CA VAL A 124 3.66 10.66 -7.64
C VAL A 124 3.26 12.12 -7.90
N ALA A 125 3.13 12.90 -6.83
CA ALA A 125 2.75 14.30 -6.97
C ALA A 125 3.32 15.15 -5.84
N ILE A 126 4.15 16.12 -6.20
CA ILE A 126 4.75 17.02 -5.23
C ILE A 126 3.93 18.31 -5.12
N ILE A 127 4.05 19.01 -3.99
CA ILE A 127 3.30 20.25 -3.80
C ILE A 127 3.82 21.06 -2.62
N GLY A 128 4.44 22.20 -2.90
CA GLY A 128 4.94 23.06 -1.84
C GLY A 128 3.90 23.28 -0.77
N GLU A 129 3.06 24.29 -0.92
CA GLU A 129 2.00 24.54 0.04
C GLU A 129 1.07 25.68 -0.35
N GLN A 130 1.58 26.91 -0.43
CA GLN A 130 0.71 28.03 -0.78
C GLN A 130 0.30 28.01 -2.25
N GLU A 131 1.29 27.93 -3.13
CA GLU A 131 1.05 27.90 -4.56
C GLU A 131 0.56 26.53 -5.02
N LEU A 132 1.34 25.51 -4.68
CA LEU A 132 1.02 24.16 -5.08
C LEU A 132 -0.30 23.66 -4.47
N LYS A 133 -0.64 24.11 -3.26
CA LYS A 133 -1.90 23.66 -2.68
C LYS A 133 -3.09 24.43 -3.25
N ASP A 134 -3.07 25.75 -3.13
CA ASP A 134 -4.19 26.57 -3.63
C ASP A 134 -4.16 26.75 -5.14
N GLY A 135 -2.99 26.63 -5.76
CA GLY A 135 -2.89 26.84 -7.19
C GLY A 135 -2.37 25.66 -7.99
N VAL A 136 -1.05 25.50 -7.96
CA VAL A 136 -0.35 24.46 -8.73
C VAL A 136 -0.54 23.06 -8.16
N ILE A 137 0.04 22.08 -8.86
CA ILE A 137 0.01 20.68 -8.47
C ILE A 137 1.09 19.93 -9.24
N LYS A 138 2.13 19.46 -8.54
CA LYS A 138 3.22 18.76 -9.20
C LYS A 138 2.96 17.28 -9.29
N LEU A 139 3.23 16.71 -10.46
CA LEU A 139 3.03 15.30 -10.71
C LEU A 139 4.36 14.63 -11.09
N ARG A 140 4.91 13.87 -10.16
CA ARG A 140 6.17 13.19 -10.41
C ARG A 140 5.95 11.85 -11.10
N SER A 141 6.51 11.70 -12.29
CA SER A 141 6.36 10.47 -13.06
C SER A 141 7.60 9.60 -12.89
N VAL A 142 7.77 9.09 -11.67
CA VAL A 142 8.92 8.24 -11.32
C VAL A 142 9.22 7.21 -12.40
N THR A 143 8.17 6.64 -12.98
CA THR A 143 8.34 5.62 -14.00
C THR A 143 8.71 6.20 -15.36
N SER A 144 7.86 7.07 -15.90
CA SER A 144 8.10 7.67 -17.21
C SER A 144 9.10 8.83 -17.15
N ARG A 145 8.74 9.88 -16.43
CA ARG A 145 9.60 11.06 -16.32
C ARG A 145 10.11 11.26 -14.89
N GLU A 146 10.03 12.50 -14.40
CA GLU A 146 10.49 12.82 -13.05
C GLU A 146 9.46 13.71 -12.34
N GLU A 147 9.43 14.99 -12.71
CA GLU A 147 8.49 15.93 -12.09
C GLU A 147 7.89 16.87 -13.13
N VAL A 148 6.59 17.11 -13.03
CA VAL A 148 5.88 17.99 -13.96
C VAL A 148 4.91 18.92 -13.23
N ASP A 149 4.50 19.98 -13.91
CA ASP A 149 3.58 20.95 -13.31
C ASP A 149 2.17 20.76 -13.86
N VAL A 150 1.25 20.38 -12.98
CA VAL A 150 -0.14 20.15 -13.34
C VAL A 150 -1.10 20.73 -12.28
N ARG A 151 -2.39 20.60 -12.52
CA ARG A 151 -3.40 21.10 -11.58
C ARG A 151 -4.10 19.95 -10.86
N ARG A 152 -4.55 20.21 -9.64
CA ARG A 152 -5.23 19.18 -8.84
C ARG A 152 -6.35 18.49 -9.60
N GLU A 153 -7.13 19.26 -10.36
CA GLU A 153 -8.24 18.70 -11.11
C GLU A 153 -7.75 17.83 -12.26
N ASP A 154 -6.86 18.39 -13.08
CA ASP A 154 -6.31 17.66 -14.21
C ASP A 154 -5.36 16.56 -13.75
N LEU A 155 -4.91 16.65 -12.50
CA LEU A 155 -4.00 15.67 -11.94
C LEU A 155 -4.72 14.37 -11.60
N VAL A 156 -5.81 14.48 -10.85
CA VAL A 156 -6.59 13.31 -10.46
C VAL A 156 -7.44 12.79 -11.62
N GLU A 157 -7.83 13.69 -12.51
CA GLU A 157 -8.64 13.31 -13.66
C GLU A 157 -7.80 12.55 -14.69
N GLU A 158 -6.59 13.04 -14.93
CA GLU A 158 -5.68 12.40 -15.88
C GLU A 158 -5.23 11.03 -15.39
N ILE A 159 -4.68 11.00 -14.18
CA ILE A 159 -4.20 9.75 -13.58
C ILE A 159 -5.33 8.73 -13.48
N LYS A 160 -6.51 9.21 -13.11
CA LYS A 160 -7.68 8.35 -12.97
C LYS A 160 -8.21 7.90 -14.33
N ARG A 161 -8.37 8.86 -15.24
CA ARG A 161 -8.87 8.56 -16.58
C ARG A 161 -7.92 7.63 -17.32
N ARG A 162 -6.64 7.70 -16.97
CA ARG A 162 -5.61 6.87 -17.61
C ARG A 162 -5.72 5.42 -17.15
N THR A 163 -5.53 5.20 -15.85
CA THR A 163 -5.60 3.86 -15.29
C THR A 163 -7.04 3.34 -15.26
N GLY A 164 -7.98 4.28 -15.11
CA GLY A 164 -9.39 3.90 -15.08
C GLY A 164 -9.97 3.64 -16.45
N GLN A 165 -11.29 3.63 -16.53
CA GLN A 165 -11.98 3.39 -17.81
C GLN A 165 -12.99 4.50 -18.09
N PRO A 166 -12.66 5.43 -19.01
CA PRO A 166 -13.57 6.53 -19.36
C PRO A 166 -14.81 6.05 -20.11
N LEU A 167 -15.92 6.72 -19.89
CA LEU A 167 -17.18 6.37 -20.54
C LEU A 167 -18.01 7.61 -20.85
N SER A 168 -19.19 7.40 -21.43
CA SER A 168 -20.08 8.51 -21.77
C SER A 168 -21.52 8.20 -21.35
N ILE A 169 -21.66 7.48 -20.24
CA ILE A 169 -22.98 7.12 -19.73
C ILE A 169 -22.89 6.58 -18.31
N SER A 170 -23.77 7.06 -17.45
CA SER A 170 -23.80 6.63 -16.06
C SER A 170 -25.20 6.20 -15.64
N ALA A 1 -30.69 -11.36 -7.86
CA ALA A 1 -30.13 -12.39 -6.95
C ALA A 1 -30.04 -13.74 -7.64
N GLU A 2 -28.83 -14.24 -7.79
CA GLU A 2 -28.60 -15.53 -8.43
C GLU A 2 -27.73 -16.44 -7.57
N ARG A 3 -26.67 -15.87 -7.01
CA ARG A 3 -25.75 -16.62 -6.16
C ARG A 3 -26.39 -16.92 -4.82
N ALA A 4 -26.93 -15.89 -4.18
CA ALA A 4 -27.57 -16.04 -2.88
C ALA A 4 -28.74 -17.01 -2.97
N ALA A 5 -29.42 -17.01 -4.11
CA ALA A 5 -30.56 -17.89 -4.32
C ALA A 5 -30.11 -19.35 -4.42
N LEU A 6 -29.08 -19.60 -5.22
CA LEU A 6 -28.55 -20.94 -5.38
C LEU A 6 -27.87 -21.42 -4.10
N GLU A 7 -27.20 -20.51 -3.41
CA GLU A 7 -26.52 -20.85 -2.17
C GLU A 7 -27.52 -21.43 -1.18
N GLU A 8 -28.62 -20.72 -1.00
CA GLU A 8 -29.68 -21.18 -0.11
C GLU A 8 -30.30 -22.44 -0.69
N LEU A 9 -30.27 -22.56 -2.01
CA LEU A 9 -30.83 -23.73 -2.69
C LEU A 9 -30.00 -24.97 -2.36
N VAL A 10 -28.69 -24.78 -2.21
CA VAL A 10 -27.79 -25.87 -1.88
C VAL A 10 -28.04 -26.37 -0.47
N LYS A 11 -27.99 -25.44 0.49
CA LYS A 11 -28.22 -25.78 1.89
C LYS A 11 -29.53 -26.53 2.05
N LEU A 12 -30.57 -26.02 1.39
CA LEU A 12 -31.88 -26.64 1.44
C LEU A 12 -31.86 -28.00 0.76
N GLN A 13 -30.99 -28.14 -0.24
CA GLN A 13 -30.87 -29.40 -0.97
C GLN A 13 -30.18 -30.46 -0.12
N GLY A 14 -29.09 -30.06 0.53
CA GLY A 14 -28.36 -31.00 1.38
C GLY A 14 -29.19 -31.54 2.52
N GLU A 15 -29.98 -30.67 3.15
CA GLU A 15 -30.81 -31.07 4.28
C GLU A 15 -31.98 -31.94 3.81
N ARG A 16 -32.56 -31.59 2.67
CA ARG A 16 -33.68 -32.35 2.12
C ARG A 16 -33.24 -33.72 1.67
N VAL A 17 -32.23 -33.76 0.81
CA VAL A 17 -31.71 -35.01 0.28
C VAL A 17 -31.32 -35.98 1.39
N ARG A 18 -30.49 -35.50 2.31
CA ARG A 18 -30.05 -36.35 3.42
C ARG A 18 -31.24 -36.77 4.28
N GLY A 19 -32.11 -35.81 4.58
CA GLY A 19 -33.27 -36.08 5.41
C GLY A 19 -34.21 -37.11 4.81
N LEU A 20 -34.52 -36.97 3.52
CA LEU A 20 -35.42 -37.90 2.86
C LEU A 20 -34.71 -39.18 2.45
N LYS A 21 -33.47 -39.04 2.00
CA LYS A 21 -32.68 -40.18 1.58
C LYS A 21 -32.66 -41.24 2.65
N GLN A 22 -32.43 -40.80 3.87
CA GLN A 22 -32.38 -41.72 5.00
C GLN A 22 -33.75 -42.10 5.54
N GLN A 23 -34.60 -41.11 5.84
CA GLN A 23 -35.89 -41.43 6.45
C GLN A 23 -37.06 -41.74 5.49
N LYS A 24 -37.04 -41.31 4.22
CA LYS A 24 -38.17 -41.69 3.35
C LYS A 24 -37.74 -42.28 2.01
N ALA A 25 -36.47 -42.62 1.84
CA ALA A 25 -36.00 -43.22 0.59
C ALA A 25 -36.57 -42.48 -0.62
N SER A 26 -36.13 -42.86 -1.82
CA SER A 26 -36.63 -42.25 -3.05
C SER A 26 -35.86 -42.72 -4.28
N ALA A 27 -34.54 -42.55 -4.27
CA ALA A 27 -33.69 -42.93 -5.39
C ALA A 27 -33.82 -41.91 -6.52
N GLU A 28 -35.03 -41.70 -6.97
CA GLU A 28 -35.31 -40.73 -8.03
C GLU A 28 -35.16 -39.31 -7.53
N LEU A 29 -35.79 -39.03 -6.38
CA LEU A 29 -35.74 -37.70 -5.77
C LEU A 29 -34.41 -37.48 -5.08
N ILE A 30 -33.87 -38.56 -4.54
CA ILE A 30 -32.62 -38.52 -3.81
C ILE A 30 -31.45 -38.31 -4.79
N GLU A 31 -31.38 -39.15 -5.80
CA GLU A 31 -30.32 -39.05 -6.81
C GLU A 31 -30.42 -37.73 -7.56
N GLU A 32 -31.64 -37.36 -7.96
CA GLU A 32 -31.85 -36.12 -8.70
C GLU A 32 -31.40 -34.91 -7.89
N GLU A 33 -31.93 -34.79 -6.68
CA GLU A 33 -31.58 -33.68 -5.80
C GLU A 33 -30.08 -33.69 -5.50
N VAL A 34 -29.48 -34.88 -5.52
CA VAL A 34 -28.06 -35.02 -5.26
C VAL A 34 -27.25 -34.38 -6.39
N ALA A 35 -27.53 -34.78 -7.63
CA ALA A 35 -26.84 -34.23 -8.80
C ALA A 35 -26.89 -32.71 -8.79
N LYS A 36 -28.08 -32.16 -8.55
CA LYS A 36 -28.25 -30.71 -8.51
C LYS A 36 -27.37 -30.11 -7.41
N LEU A 37 -27.27 -30.82 -6.30
CA LEU A 37 -26.46 -30.36 -5.18
C LEU A 37 -25.00 -30.22 -5.59
N LEU A 38 -24.55 -31.13 -6.45
CA LEU A 38 -23.17 -31.10 -6.93
C LEU A 38 -22.93 -29.87 -7.80
N LYS A 39 -23.87 -29.62 -8.72
CA LYS A 39 -23.76 -28.48 -9.61
C LYS A 39 -23.95 -27.17 -8.85
N LEU A 40 -24.84 -27.19 -7.85
CA LEU A 40 -25.10 -26.03 -7.03
C LEU A 40 -23.84 -25.58 -6.30
N LYS A 41 -23.23 -26.53 -5.59
CA LYS A 41 -22.00 -26.25 -4.84
C LYS A 41 -20.93 -25.70 -5.76
N ALA A 42 -20.74 -26.36 -6.91
CA ALA A 42 -19.75 -25.93 -7.88
C ALA A 42 -20.05 -24.51 -8.39
N GLN A 43 -21.33 -24.18 -8.42
CA GLN A 43 -21.76 -22.86 -8.88
C GLN A 43 -21.27 -21.78 -7.93
N LEU A 44 -21.45 -22.01 -6.63
CA LEU A 44 -21.03 -21.05 -5.62
C LEU A 44 -19.54 -20.73 -5.74
N GLY A 45 -18.70 -21.73 -5.44
CA GLY A 45 -17.26 -21.53 -5.54
C GLY A 45 -16.64 -22.31 -6.68
N PRO A 46 -16.77 -21.81 -7.92
CA PRO A 46 -16.23 -22.47 -9.10
C PRO A 46 -14.72 -22.25 -9.24
N ASP A 47 -14.28 -21.01 -9.00
CA ASP A 47 -12.87 -20.67 -9.11
C ASP A 47 -12.15 -20.96 -7.80
N GLU A 48 -11.16 -21.85 -7.86
CA GLU A 48 -10.38 -22.22 -6.67
C GLU A 48 -9.29 -21.20 -6.41
N SER A 49 -8.78 -20.59 -7.48
CA SER A 49 -7.72 -19.59 -7.36
C SER A 49 -8.22 -18.36 -6.61
N LYS A 50 -9.54 -18.17 -6.58
CA LYS A 50 -10.15 -17.03 -5.90
C LYS A 50 -9.65 -16.92 -4.46
N GLN A 51 -8.70 -16.01 -4.23
CA GLN A 51 -8.14 -15.81 -2.91
C GLN A 51 -9.23 -15.47 -1.90
N LYS A 52 -8.98 -15.81 -0.63
CA LYS A 52 -9.93 -15.55 0.44
C LYS A 52 -9.48 -14.37 1.29
N PHE A 53 -8.81 -13.41 0.66
CA PHE A 53 -8.32 -12.23 1.37
C PHE A 53 -8.30 -11.01 0.45
N VAL A 54 -7.81 -11.21 -0.77
CA VAL A 54 -7.74 -10.13 -1.76
C VAL A 54 -6.63 -9.13 -1.40
N LEU A 55 -6.18 -8.40 -2.40
CA LEU A 55 -5.12 -7.40 -2.19
C LEU A 55 -3.82 -8.07 -1.74
N LYS A 56 -2.78 -7.95 -2.55
CA LYS A 56 -1.49 -8.54 -2.23
C LYS A 56 -0.38 -7.49 -2.31
N THR A 57 0.82 -7.89 -1.91
CA THR A 57 1.97 -6.99 -1.93
C THR A 57 3.26 -7.74 -2.25
N PRO A 58 3.63 -7.82 -3.54
CA PRO A 58 4.84 -8.52 -3.97
C PRO A 58 6.11 -7.82 -3.50
N LYS A 59 7.04 -8.60 -2.95
CA LYS A 59 8.30 -8.05 -2.46
C LYS A 59 9.33 -7.96 -3.59
N ALA A 60 9.24 -8.88 -4.53
CA ALA A 60 10.17 -8.91 -5.66
C ALA A 60 9.76 -9.96 -6.69
N LEU A 61 9.33 -11.11 -6.20
CA LEU A 61 8.90 -12.20 -7.07
C LEU A 61 7.73 -11.78 -7.94
N GLU A 62 7.82 -12.07 -9.24
CA GLU A 62 6.77 -11.72 -10.18
C GLU A 62 6.61 -10.22 -10.28
N GLU A 63 6.58 -9.70 -11.51
CA GLU A 63 6.43 -8.27 -11.75
C GLU A 63 5.08 -7.95 -12.37
N LYS A 64 4.43 -8.95 -12.96
CA LYS A 64 3.13 -8.78 -13.59
C LYS A 64 2.13 -8.16 -12.60
N ILE A 65 0.92 -7.90 -13.09
CA ILE A 65 -0.14 -7.31 -12.27
C ILE A 65 0.39 -6.18 -11.39
N ARG A 66 0.43 -4.98 -11.95
CA ARG A 66 0.91 -3.81 -11.22
C ARG A 66 -0.17 -3.26 -10.30
N THR A 67 0.17 -2.24 -9.52
CA THR A 67 -0.77 -1.64 -8.59
C THR A 67 -1.27 -2.66 -7.58
N THR A 68 -2.20 -2.23 -6.72
CA THR A 68 -2.76 -3.12 -5.69
C THR A 68 -3.73 -2.33 -4.81
N GLU A 69 -3.18 -1.56 -3.89
CA GLU A 69 -3.98 -0.74 -2.99
C GLU A 69 -3.58 0.73 -3.11
N THR A 70 -2.69 1.01 -4.06
CA THR A 70 -2.22 2.37 -4.28
C THR A 70 -1.65 2.52 -5.69
N GLN A 71 -2.24 3.42 -6.47
CA GLN A 71 -1.81 3.66 -7.84
C GLN A 71 -0.84 4.84 -7.92
N VAL A 72 -1.05 5.83 -7.05
CA VAL A 72 -0.19 7.01 -7.05
C VAL A 72 0.26 7.36 -5.62
N LEU A 73 1.15 8.34 -5.52
CA LEU A 73 1.66 8.78 -4.24
C LEU A 73 1.49 10.29 -4.07
N VAL A 74 0.77 10.69 -3.02
CA VAL A 74 0.54 12.10 -2.75
C VAL A 74 1.55 12.65 -1.75
N ALA A 75 2.50 13.45 -2.25
CA ALA A 75 3.53 14.02 -1.40
C ALA A 75 3.56 15.55 -1.53
N SER A 76 4.26 16.20 -0.60
CA SER A 76 4.37 17.65 -0.60
C SER A 76 5.77 18.09 -0.18
N ALA A 77 6.25 19.16 -0.78
CA ALA A 77 7.58 19.69 -0.46
C ALA A 77 7.48 21.03 0.24
N GLN A 78 8.63 21.71 0.36
CA GLN A 78 8.68 23.02 1.01
C GLN A 78 8.30 22.92 2.48
N LYS A 79 6.99 22.86 2.75
CA LYS A 79 6.50 22.76 4.12
C LYS A 79 5.96 21.35 4.40
N LYS A 80 5.93 20.99 5.69
CA LYS A 80 5.44 19.68 6.09
C LYS A 80 3.92 19.66 6.12
N LEU A 81 3.33 20.30 7.13
CA LEU A 81 1.89 20.36 7.28
C LEU A 81 1.29 18.97 7.46
N LEU A 82 0.52 18.80 8.53
CA LEU A 82 -0.11 17.52 8.82
C LEU A 82 -1.53 17.46 8.25
N GLU A 83 -2.34 18.46 8.59
CA GLU A 83 -3.71 18.53 8.11
C GLU A 83 -3.75 18.76 6.61
N GLU A 84 -2.86 19.62 6.12
CA GLU A 84 -2.79 19.91 4.69
C GLU A 84 -2.50 18.65 3.89
N ARG A 85 -1.53 17.88 4.35
CA ARG A 85 -1.15 16.64 3.67
C ARG A 85 -2.33 15.66 3.63
N LEU A 86 -3.02 15.54 4.76
CA LEU A 86 -4.16 14.63 4.86
C LEU A 86 -5.30 15.10 3.94
N LYS A 87 -5.42 16.41 3.79
CA LYS A 87 -6.46 16.98 2.94
C LYS A 87 -6.18 16.71 1.47
N LEU A 88 -4.95 16.98 1.06
CA LEU A 88 -4.54 16.76 -0.33
C LEU A 88 -4.57 15.27 -0.68
N VAL A 89 -3.92 14.46 0.16
CA VAL A 89 -3.89 13.02 -0.06
C VAL A 89 -5.30 12.45 -0.18
N SER A 90 -6.21 12.96 0.64
CA SER A 90 -7.60 12.52 0.63
C SER A 90 -8.24 12.79 -0.72
N GLU A 91 -8.09 14.01 -1.22
CA GLU A 91 -8.66 14.39 -2.50
C GLU A 91 -8.26 13.39 -3.59
N LEU A 92 -6.97 13.13 -3.68
CA LEU A 92 -6.44 12.19 -4.68
C LEU A 92 -6.78 10.75 -4.32
N GLN A 93 -6.26 10.28 -3.19
CA GLN A 93 -6.49 8.92 -2.75
C GLN A 93 -7.97 8.57 -2.63
N ASP A 94 -8.73 9.43 -1.97
CA ASP A 94 -10.15 9.19 -1.75
C ASP A 94 -11.04 9.42 -2.97
N ALA A 95 -10.90 10.55 -3.66
CA ALA A 95 -11.78 10.83 -4.79
C ALA A 95 -11.35 10.22 -6.11
N GLY A 96 -10.05 10.11 -6.32
CA GLY A 96 -9.57 9.55 -7.55
C GLY A 96 -8.95 8.18 -7.43
N ILE A 97 -7.64 8.20 -7.53
CA ILE A 97 -6.78 7.03 -7.47
C ILE A 97 -6.44 6.64 -6.04
N LYS A 98 -6.10 5.37 -5.85
CA LYS A 98 -5.70 4.90 -4.54
C LYS A 98 -4.30 5.41 -4.22
N ALA A 99 -4.23 6.41 -3.34
CA ALA A 99 -2.96 7.01 -2.98
C ALA A 99 -2.50 6.55 -1.59
N GLU A 100 -1.23 6.17 -1.49
CA GLU A 100 -0.66 5.73 -0.22
C GLU A 100 0.65 6.45 0.05
N LEU A 101 0.85 6.89 1.29
CA LEU A 101 2.07 7.61 1.65
C LEU A 101 2.74 6.99 2.87
N LEU A 102 4.05 6.79 2.78
CA LEU A 102 4.82 6.23 3.87
C LEU A 102 6.15 6.97 4.03
N TYR A 103 6.13 8.27 3.70
CA TYR A 103 7.33 9.10 3.79
C TYR A 103 7.47 9.72 5.17
N LYS A 104 6.70 9.24 6.14
CA LYS A 104 6.76 9.76 7.50
C LYS A 104 8.06 9.35 8.19
N LYS A 105 9.15 10.00 7.81
CA LYS A 105 10.46 9.70 8.38
C LYS A 105 11.29 10.97 8.55
N ASN A 106 11.86 11.46 7.44
CA ASN A 106 12.68 12.66 7.47
C ASN A 106 12.25 13.64 6.38
N PRO A 107 11.87 14.88 6.76
CA PRO A 107 11.45 15.89 5.80
C PRO A 107 12.62 16.49 5.02
N LYS A 108 12.39 17.63 4.38
CA LYS A 108 13.42 18.30 3.59
C LYS A 108 13.64 17.60 2.25
N LEU A 109 12.57 17.01 1.72
CA LEU A 109 12.62 16.30 0.44
C LEU A 109 12.98 14.83 0.64
N LEU A 110 13.77 14.55 1.67
CA LEU A 110 14.18 13.19 1.97
C LEU A 110 12.98 12.31 2.25
N ASN A 111 11.86 12.92 2.65
CA ASN A 111 10.65 12.17 2.95
C ASN A 111 9.98 11.65 1.68
N GLN A 112 9.69 12.55 0.75
CA GLN A 112 9.04 12.18 -0.50
C GLN A 112 10.00 11.42 -1.42
N LEU A 113 11.26 11.84 -1.45
CA LEU A 113 12.26 11.20 -2.28
C LEU A 113 12.55 9.78 -1.81
N GLN A 114 12.64 9.60 -0.49
CA GLN A 114 12.92 8.27 0.07
C GLN A 114 11.74 7.33 -0.16
N TYR A 115 10.53 7.84 0.03
CA TYR A 115 9.33 7.04 -0.15
C TYR A 115 9.12 6.72 -1.63
N CYS A 116 9.45 7.66 -2.49
CA CYS A 116 9.29 7.46 -3.93
C CYS A 116 10.33 6.49 -4.48
N GLU A 117 11.51 6.49 -3.88
CA GLU A 117 12.57 5.60 -4.33
C GLU A 117 12.25 4.15 -3.99
N GLU A 118 12.05 3.88 -2.70
CA GLU A 118 11.72 2.53 -2.25
C GLU A 118 10.26 2.18 -2.51
N ALA A 119 9.35 3.03 -2.02
CA ALA A 119 7.92 2.79 -2.19
C ALA A 119 7.41 3.25 -3.56
N GLY A 120 7.94 4.36 -4.05
CA GLY A 120 7.50 4.88 -5.33
C GLY A 120 7.69 3.88 -6.45
N ILE A 121 6.77 3.89 -7.40
CA ILE A 121 6.84 2.97 -8.54
C ILE A 121 5.87 3.38 -9.65
N PRO A 122 4.58 3.60 -9.33
CA PRO A 122 3.60 3.99 -10.33
C PRO A 122 3.56 5.50 -10.55
N LEU A 123 2.69 6.20 -9.83
CA LEU A 123 2.59 7.64 -9.98
C LEU A 123 2.86 8.36 -8.66
N VAL A 124 3.31 9.61 -8.76
CA VAL A 124 3.61 10.43 -7.59
C VAL A 124 3.19 11.88 -7.84
N ALA A 125 2.92 12.61 -6.76
CA ALA A 125 2.49 13.99 -6.88
C ALA A 125 3.21 14.89 -5.86
N ILE A 126 3.52 16.11 -6.29
CA ILE A 126 4.18 17.07 -5.42
C ILE A 126 3.31 18.30 -5.20
N ILE A 127 2.22 18.10 -4.47
CA ILE A 127 1.27 19.18 -4.17
C ILE A 127 1.76 20.00 -2.99
N GLY A 128 1.06 21.11 -2.72
CA GLY A 128 1.43 21.96 -1.61
C GLY A 128 0.87 23.36 -1.76
N GLU A 129 0.04 23.76 -0.81
CA GLU A 129 -0.59 25.09 -0.83
C GLU A 129 0.42 26.15 -1.26
N GLN A 130 1.67 26.00 -0.83
CA GLN A 130 2.72 26.94 -1.17
C GLN A 130 3.06 26.87 -2.67
N GLU A 131 3.17 25.65 -3.20
CA GLU A 131 3.47 25.46 -4.59
C GLU A 131 2.24 25.71 -5.44
N LEU A 132 1.12 25.15 -5.03
CA LEU A 132 -0.12 25.31 -5.76
C LEU A 132 -0.40 26.78 -6.04
N LYS A 133 -0.17 27.64 -5.05
CA LYS A 133 -0.44 29.06 -5.23
C LYS A 133 0.68 29.79 -5.99
N ASP A 134 1.91 29.77 -5.45
CA ASP A 134 3.02 30.47 -6.10
C ASP A 134 3.63 29.67 -7.26
N GLY A 135 3.52 28.36 -7.19
CA GLY A 135 4.07 27.51 -8.22
C GLY A 135 3.03 26.62 -8.87
N VAL A 136 2.87 25.44 -8.27
CA VAL A 136 1.91 24.43 -8.72
C VAL A 136 2.30 23.03 -8.22
N ILE A 137 1.49 22.04 -8.58
CA ILE A 137 1.74 20.66 -8.18
C ILE A 137 2.58 19.94 -9.24
N LYS A 138 3.46 19.06 -8.80
CA LYS A 138 4.32 18.32 -9.72
C LYS A 138 4.01 16.82 -9.68
N LEU A 139 3.39 16.32 -10.73
CA LEU A 139 3.05 14.90 -10.81
C LEU A 139 4.26 14.09 -11.26
N ARG A 140 5.00 13.57 -10.28
CA ARG A 140 6.19 12.78 -10.56
C ARG A 140 5.83 11.45 -11.23
N SER A 141 6.33 11.25 -12.44
CA SER A 141 6.08 10.02 -13.18
C SER A 141 7.30 9.11 -13.15
N VAL A 142 7.65 8.66 -11.94
CA VAL A 142 8.81 7.79 -11.73
C VAL A 142 8.91 6.69 -12.79
N THR A 143 7.78 6.07 -13.12
CA THR A 143 7.75 4.99 -14.09
C THR A 143 7.84 5.49 -15.53
N SER A 144 6.87 6.31 -15.94
CA SER A 144 6.84 6.82 -17.31
C SER A 144 7.91 7.87 -17.56
N ARG A 145 7.82 9.00 -16.85
CA ARG A 145 8.78 10.08 -17.03
C ARG A 145 9.62 10.29 -15.76
N GLU A 146 9.22 11.27 -14.95
CA GLU A 146 9.93 11.57 -13.71
C GLU A 146 9.24 12.71 -12.97
N GLU A 147 9.15 13.87 -13.60
CA GLU A 147 8.51 15.03 -13.00
C GLU A 147 7.60 15.73 -14.00
N VAL A 148 6.32 15.84 -13.64
CA VAL A 148 5.34 16.50 -14.50
C VAL A 148 4.76 17.74 -13.82
N ASP A 149 4.21 18.64 -14.62
CA ASP A 149 3.61 19.87 -14.10
C ASP A 149 2.08 19.76 -14.12
N VAL A 150 1.48 19.70 -12.94
CA VAL A 150 0.03 19.59 -12.82
C VAL A 150 -0.50 20.58 -11.78
N ARG A 151 -1.77 20.97 -11.94
CA ARG A 151 -2.39 21.92 -11.02
C ARG A 151 -3.42 21.24 -10.13
N ARG A 152 -3.03 20.12 -9.51
CA ARG A 152 -3.91 19.37 -8.62
C ARG A 152 -5.08 18.72 -9.37
N GLU A 153 -5.83 19.53 -10.12
CA GLU A 153 -6.96 19.03 -10.89
C GLU A 153 -6.49 18.23 -12.09
N ASP A 154 -5.53 18.77 -12.82
CA ASP A 154 -4.99 18.10 -14.00
C ASP A 154 -4.34 16.78 -13.61
N LEU A 155 -3.89 16.69 -12.37
CA LEU A 155 -3.23 15.48 -11.88
C LEU A 155 -4.25 14.41 -11.53
N VAL A 156 -5.34 14.78 -10.86
CA VAL A 156 -6.37 13.83 -10.49
C VAL A 156 -7.17 13.39 -11.72
N GLU A 157 -7.41 14.32 -12.63
CA GLU A 157 -8.17 14.02 -13.85
C GLU A 157 -7.36 13.18 -14.83
N GLU A 158 -6.07 13.47 -14.93
CA GLU A 158 -5.20 12.73 -15.85
C GLU A 158 -4.97 11.31 -15.38
N ILE A 159 -4.66 11.14 -14.09
CA ILE A 159 -4.41 9.82 -13.54
C ILE A 159 -5.66 8.95 -13.58
N LYS A 160 -6.79 9.53 -13.18
CA LYS A 160 -8.06 8.81 -13.18
C LYS A 160 -8.43 8.34 -14.57
N ARG A 161 -8.37 9.24 -15.55
CA ARG A 161 -8.70 8.91 -16.93
C ARG A 161 -7.74 7.86 -17.48
N ARG A 162 -6.46 7.98 -17.11
CA ARG A 162 -5.44 7.04 -17.57
C ARG A 162 -5.71 5.64 -17.01
N THR A 163 -6.34 5.59 -15.84
CA THR A 163 -6.65 4.31 -15.20
C THR A 163 -8.02 3.79 -15.61
N GLY A 164 -8.58 4.38 -16.67
CA GLY A 164 -9.89 3.96 -17.14
C GLY A 164 -9.84 2.69 -17.96
N GLN A 165 -11.00 2.18 -18.34
CA GLN A 165 -11.08 0.96 -19.13
C GLN A 165 -11.79 1.21 -20.46
N PRO A 166 -11.05 1.66 -21.48
CA PRO A 166 -11.61 1.93 -22.80
C PRO A 166 -11.98 0.66 -23.56
N LEU A 167 -13.23 0.59 -24.00
CA LEU A 167 -13.71 -0.58 -24.73
C LEU A 167 -14.36 -0.16 -26.06
N SER A 168 -13.55 -0.11 -27.11
CA SER A 168 -14.04 0.27 -28.43
C SER A 168 -13.78 -0.84 -29.45
N ILE A 169 -14.04 -0.54 -30.72
CA ILE A 169 -13.84 -1.50 -31.79
C ILE A 169 -14.16 -0.89 -33.15
N SER A 170 -13.37 -1.26 -34.15
CA SER A 170 -13.57 -0.73 -35.50
C SER A 170 -14.69 -1.48 -36.21
N ALA A 1 38.35 -16.63 -33.70
CA ALA A 1 39.00 -16.15 -32.45
C ALA A 1 39.00 -14.63 -32.39
N GLU A 2 39.04 -14.10 -31.17
CA GLU A 2 39.04 -12.65 -30.97
C GLU A 2 40.00 -12.26 -29.85
N ARG A 3 39.88 -12.93 -28.71
CA ARG A 3 40.75 -12.66 -27.57
C ARG A 3 42.21 -12.66 -27.97
N ALA A 4 42.57 -13.57 -28.87
CA ALA A 4 43.94 -13.67 -29.36
C ALA A 4 44.43 -12.34 -29.91
N ALA A 5 43.61 -11.73 -30.77
CA ALA A 5 43.96 -10.44 -31.36
C ALA A 5 44.06 -9.37 -30.28
N LEU A 6 43.20 -9.47 -29.27
CA LEU A 6 43.20 -8.52 -28.17
C LEU A 6 44.51 -8.57 -27.41
N GLU A 7 44.93 -9.78 -27.05
CA GLU A 7 46.16 -9.98 -26.30
C GLU A 7 47.35 -9.38 -27.04
N GLU A 8 47.47 -9.69 -28.32
CA GLU A 8 48.57 -9.17 -29.13
C GLU A 8 48.43 -7.66 -29.32
N LEU A 9 47.21 -7.21 -29.52
CA LEU A 9 46.94 -5.79 -29.70
C LEU A 9 47.37 -4.99 -28.47
N VAL A 10 47.02 -5.50 -27.30
CA VAL A 10 47.38 -4.85 -26.05
C VAL A 10 48.90 -4.73 -25.90
N LYS A 11 49.60 -5.84 -26.09
CA LYS A 11 51.05 -5.84 -25.98
C LYS A 11 51.65 -4.74 -26.83
N LEU A 12 51.29 -4.72 -28.11
CA LEU A 12 51.78 -3.71 -29.02
C LEU A 12 51.25 -2.34 -28.63
N GLN A 13 50.10 -2.32 -27.96
CA GLN A 13 49.49 -1.07 -27.52
C GLN A 13 50.31 -0.43 -26.40
N GLY A 14 50.65 -1.24 -25.40
CA GLY A 14 51.43 -0.74 -24.29
C GLY A 14 52.79 -0.23 -24.72
N GLU A 15 53.42 -0.96 -25.64
CA GLU A 15 54.73 -0.57 -26.13
C GLU A 15 54.64 0.71 -26.96
N ARG A 16 53.54 0.88 -27.67
CA ARG A 16 53.32 2.06 -28.49
C ARG A 16 52.99 3.27 -27.64
N VAL A 17 51.96 3.13 -26.81
CA VAL A 17 51.53 4.21 -25.92
C VAL A 17 52.68 4.74 -25.07
N ARG A 18 53.40 3.83 -24.43
CA ARG A 18 54.52 4.21 -23.58
C ARG A 18 55.68 4.74 -24.42
N GLY A 19 55.99 4.05 -25.51
CA GLY A 19 57.08 4.46 -26.37
C GLY A 19 56.85 5.82 -27.00
N LEU A 20 55.60 6.09 -27.39
CA LEU A 20 55.26 7.35 -28.01
C LEU A 20 55.06 8.43 -26.97
N LYS A 21 54.38 8.07 -25.88
CA LYS A 21 54.11 9.02 -24.81
C LYS A 21 55.40 9.71 -24.40
N GLN A 22 56.46 8.91 -24.29
CA GLN A 22 57.75 9.43 -23.89
C GLN A 22 58.52 10.09 -25.04
N GLN A 23 58.69 9.38 -26.17
CA GLN A 23 59.48 9.94 -27.26
C GLN A 23 58.72 10.83 -28.25
N LYS A 24 57.40 10.72 -28.35
CA LYS A 24 56.68 11.62 -29.26
C LYS A 24 55.52 12.32 -28.56
N ALA A 25 55.47 12.25 -27.24
CA ALA A 25 54.42 12.90 -26.48
C ALA A 25 53.05 12.69 -27.14
N SER A 26 52.17 13.70 -27.05
CA SER A 26 50.85 13.66 -27.66
C SER A 26 49.79 13.12 -26.70
N ALA A 27 49.57 13.86 -25.60
CA ALA A 27 48.58 13.46 -24.60
C ALA A 27 47.27 13.07 -25.28
N GLU A 28 47.00 13.68 -26.43
CA GLU A 28 45.78 13.39 -27.19
C GLU A 28 45.84 11.97 -27.74
N LEU A 29 46.98 11.61 -28.31
CA LEU A 29 47.19 10.28 -28.87
C LEU A 29 47.44 9.29 -27.75
N ILE A 30 48.23 9.74 -26.77
CA ILE A 30 48.56 8.92 -25.62
C ILE A 30 47.30 8.54 -24.86
N GLU A 31 46.50 9.55 -24.51
CA GLU A 31 45.25 9.32 -23.80
C GLU A 31 44.31 8.43 -24.60
N GLU A 32 44.16 8.76 -25.89
CA GLU A 32 43.29 8.00 -26.78
C GLU A 32 43.74 6.53 -26.81
N GLU A 33 45.03 6.32 -27.07
CA GLU A 33 45.57 4.97 -27.14
C GLU A 33 45.48 4.29 -25.77
N VAL A 34 45.60 5.08 -24.70
CA VAL A 34 45.52 4.54 -23.35
C VAL A 34 44.14 3.91 -23.12
N ALA A 35 43.09 4.69 -23.37
CA ALA A 35 41.73 4.21 -23.20
C ALA A 35 41.52 2.94 -24.02
N LYS A 36 42.00 2.97 -25.26
CA LYS A 36 41.89 1.83 -26.16
C LYS A 36 42.57 0.61 -25.54
N LEU A 37 43.60 0.86 -24.75
CA LEU A 37 44.34 -0.21 -24.09
C LEU A 37 43.51 -0.81 -22.96
N LEU A 38 42.73 0.03 -22.29
CA LEU A 38 41.89 -0.42 -21.18
C LEU A 38 40.83 -1.40 -21.68
N LYS A 39 40.10 -1.00 -22.72
CA LYS A 39 39.06 -1.85 -23.30
C LYS A 39 39.69 -3.10 -23.93
N LEU A 40 40.85 -2.93 -24.53
CA LEU A 40 41.56 -4.04 -25.17
C LEU A 40 41.83 -5.17 -24.17
N LYS A 41 42.46 -4.82 -23.06
CA LYS A 41 42.77 -5.80 -22.03
C LYS A 41 41.49 -6.41 -21.46
N ALA A 42 40.45 -5.58 -21.36
CA ALA A 42 39.17 -6.03 -20.84
C ALA A 42 38.46 -6.95 -21.83
N GLN A 43 38.77 -6.78 -23.12
CA GLN A 43 38.16 -7.59 -24.16
C GLN A 43 38.70 -9.02 -24.14
N LEU A 44 40.03 -9.15 -24.18
CA LEU A 44 40.66 -10.47 -24.17
C LEU A 44 40.20 -11.29 -22.96
N GLY A 45 39.80 -10.60 -21.89
CA GLY A 45 39.35 -11.29 -20.70
C GLY A 45 38.02 -10.77 -20.20
N PRO A 46 36.91 -11.17 -20.83
CA PRO A 46 35.57 -10.73 -20.45
C PRO A 46 34.99 -11.56 -19.31
N ASP A 47 34.17 -10.93 -18.48
CA ASP A 47 33.55 -11.62 -17.35
C ASP A 47 32.08 -11.92 -17.64
N GLU A 48 31.78 -13.17 -17.95
CA GLU A 48 30.41 -13.58 -18.24
C GLU A 48 29.78 -14.28 -17.04
N SER A 49 30.60 -14.94 -16.24
CA SER A 49 30.13 -15.66 -15.07
C SER A 49 29.40 -14.71 -14.12
N LYS A 50 29.81 -13.45 -14.11
CA LYS A 50 29.20 -12.43 -13.26
C LYS A 50 27.71 -12.29 -13.57
N GLN A 51 26.89 -12.28 -12.52
CA GLN A 51 25.45 -12.13 -12.69
C GLN A 51 24.77 -11.83 -11.35
N LYS A 52 24.62 -10.55 -11.06
CA LYS A 52 23.99 -10.12 -9.81
C LYS A 52 23.13 -8.88 -10.03
N PHE A 53 22.39 -8.87 -11.13
CA PHE A 53 21.52 -7.73 -11.46
C PHE A 53 20.08 -8.01 -11.05
N VAL A 54 19.91 -8.81 -9.99
CA VAL A 54 18.58 -9.16 -9.51
C VAL A 54 18.16 -8.23 -8.38
N LEU A 55 16.89 -7.82 -8.39
CA LEU A 55 16.36 -6.93 -7.37
C LEU A 55 16.08 -7.70 -6.08
N LYS A 56 15.86 -6.95 -4.99
CA LYS A 56 15.57 -7.56 -3.70
C LYS A 56 14.71 -6.63 -2.85
N THR A 57 13.86 -7.23 -2.01
CA THR A 57 12.98 -6.47 -1.14
C THR A 57 12.59 -7.28 0.10
N PRO A 58 13.43 -7.25 1.14
CA PRO A 58 13.17 -7.99 2.38
C PRO A 58 12.02 -7.39 3.17
N LYS A 59 10.86 -8.05 3.12
CA LYS A 59 9.68 -7.59 3.83
C LYS A 59 8.73 -8.74 4.14
N ALA A 60 8.79 -9.24 5.37
CA ALA A 60 7.93 -10.34 5.79
C ALA A 60 7.11 -9.97 7.01
N LEU A 61 7.75 -9.34 7.98
CA LEU A 61 7.08 -8.91 9.21
C LEU A 61 6.87 -7.40 9.21
N GLU A 62 5.62 -6.98 9.33
CA GLU A 62 5.28 -5.56 9.34
C GLU A 62 4.01 -5.32 10.15
N GLU A 63 3.93 -4.14 10.77
CA GLU A 63 2.76 -3.77 11.56
C GLU A 63 2.06 -2.56 10.98
N LYS A 64 0.76 -2.70 10.70
CA LYS A 64 -0.03 -1.62 10.13
C LYS A 64 0.51 -1.22 8.76
N ILE A 65 -0.27 -1.47 7.72
CA ILE A 65 0.13 -1.13 6.37
C ILE A 65 -1.04 -0.54 5.57
N ARG A 66 -0.74 0.47 4.77
CA ARG A 66 -1.75 1.13 3.95
C ARG A 66 -1.32 1.21 2.49
N THR A 67 -1.27 0.06 1.84
CA THR A 67 -0.86 -0.01 0.44
C THR A 67 -1.42 -1.26 -0.23
N THR A 68 -2.15 -1.07 -1.31
CA THR A 68 -2.74 -2.19 -2.06
C THR A 68 -2.68 -1.92 -3.56
N GLU A 69 -3.47 -0.95 -4.02
CA GLU A 69 -3.49 -0.59 -5.42
C GLU A 69 -3.22 0.90 -5.60
N THR A 70 -2.24 1.41 -4.86
CA THR A 70 -1.89 2.82 -4.93
C THR A 70 -1.32 3.18 -6.28
N GLN A 71 -1.93 4.17 -6.93
CA GLN A 71 -1.49 4.61 -8.24
C GLN A 71 -0.54 5.80 -8.13
N VAL A 72 -0.67 6.57 -7.06
CA VAL A 72 0.19 7.74 -6.86
C VAL A 72 0.51 7.95 -5.37
N LEU A 73 1.39 8.91 -5.11
CA LEU A 73 1.80 9.24 -3.74
C LEU A 73 1.81 10.75 -3.53
N VAL A 74 1.36 11.18 -2.37
CA VAL A 74 1.32 12.60 -2.04
C VAL A 74 2.60 13.04 -1.33
N ALA A 75 3.24 14.07 -1.88
CA ALA A 75 4.47 14.60 -1.30
C ALA A 75 4.38 16.10 -1.09
N SER A 76 4.96 16.59 0.00
CA SER A 76 4.95 18.01 0.32
C SER A 76 6.35 18.54 0.59
N ALA A 77 6.74 19.58 -0.13
CA ALA A 77 8.05 20.18 0.04
C ALA A 77 7.98 21.42 0.92
N GLN A 78 7.92 21.21 2.23
CA GLN A 78 7.85 22.30 3.18
C GLN A 78 7.69 21.78 4.61
N LYS A 79 7.02 20.65 4.75
CA LYS A 79 6.79 20.04 6.05
C LYS A 79 5.94 20.94 6.94
N LYS A 80 5.61 20.45 8.12
CA LYS A 80 4.80 21.22 9.06
C LYS A 80 3.38 21.41 8.52
N LEU A 81 2.92 20.43 7.74
CA LEU A 81 1.58 20.49 7.16
C LEU A 81 0.82 19.19 7.41
N LEU A 82 -0.32 19.30 8.08
CA LEU A 82 -1.15 18.14 8.39
C LEU A 82 -2.50 18.21 7.67
N GLU A 83 -3.22 19.30 7.90
CA GLU A 83 -4.53 19.49 7.27
C GLU A 83 -4.40 19.52 5.75
N GLU A 84 -3.54 20.41 5.25
CA GLU A 84 -3.34 20.54 3.82
C GLU A 84 -2.85 19.23 3.21
N ARG A 85 -1.94 18.55 3.92
CA ARG A 85 -1.40 17.29 3.44
C ARG A 85 -2.47 16.22 3.39
N LEU A 86 -3.09 15.94 4.54
CA LEU A 86 -4.14 14.93 4.62
C LEU A 86 -5.30 15.25 3.68
N LYS A 87 -5.64 16.53 3.58
CA LYS A 87 -6.73 16.96 2.71
C LYS A 87 -6.49 16.53 1.27
N LEU A 88 -5.32 16.90 0.74
CA LEU A 88 -4.97 16.54 -0.63
C LEU A 88 -4.97 15.02 -0.80
N VAL A 89 -4.48 14.32 0.21
CA VAL A 89 -4.42 12.86 0.17
C VAL A 89 -5.82 12.28 -0.01
N SER A 90 -6.79 12.92 0.63
CA SER A 90 -8.18 12.48 0.54
C SER A 90 -8.72 12.64 -0.88
N GLU A 91 -8.46 13.81 -1.47
CA GLU A 91 -8.92 14.08 -2.83
C GLU A 91 -8.46 12.99 -3.80
N LEU A 92 -7.16 12.71 -3.78
CA LEU A 92 -6.57 11.69 -4.65
C LEU A 92 -6.93 10.29 -4.18
N GLN A 93 -6.57 9.98 -2.94
CA GLN A 93 -6.82 8.67 -2.37
C GLN A 93 -8.30 8.30 -2.38
N ASP A 94 -9.13 9.22 -1.89
CA ASP A 94 -10.56 8.95 -1.81
C ASP A 94 -11.30 9.04 -3.15
N ALA A 95 -11.09 10.12 -3.93
CA ALA A 95 -11.83 10.26 -5.17
C ALA A 95 -11.21 9.56 -6.36
N GLY A 96 -9.89 9.53 -6.40
CA GLY A 96 -9.21 8.90 -7.51
C GLY A 96 -8.50 7.62 -7.18
N ILE A 97 -7.18 7.77 -7.19
CA ILE A 97 -6.22 6.72 -6.92
C ILE A 97 -5.97 6.54 -5.44
N LYS A 98 -5.53 5.35 -5.05
CA LYS A 98 -5.23 5.09 -3.65
C LYS A 98 -3.85 5.67 -3.32
N ALA A 99 -3.85 6.80 -2.63
CA ALA A 99 -2.62 7.49 -2.27
C ALA A 99 -1.82 6.72 -1.23
N GLU A 100 -0.49 6.78 -1.37
CA GLU A 100 0.41 6.11 -0.44
C GLU A 100 1.36 7.14 0.17
N LEU A 101 1.74 6.93 1.44
CA LEU A 101 2.63 7.88 2.12
C LEU A 101 3.78 7.16 2.80
N LEU A 102 4.98 7.69 2.62
CA LEU A 102 6.19 7.13 3.22
C LEU A 102 7.09 8.24 3.74
N TYR A 103 8.10 7.87 4.53
CA TYR A 103 9.02 8.86 5.10
C TYR A 103 10.07 8.23 6.01
N LYS A 104 10.36 6.95 5.79
CA LYS A 104 11.34 6.25 6.62
C LYS A 104 12.77 6.73 6.35
N LYS A 105 13.20 7.72 7.11
CA LYS A 105 14.55 8.28 6.96
C LYS A 105 14.71 9.01 5.64
N ASN A 106 15.95 9.41 5.35
CA ASN A 106 16.27 10.12 4.11
C ASN A 106 15.61 11.50 4.07
N PRO A 107 16.25 12.51 4.67
CA PRO A 107 15.73 13.87 4.69
C PRO A 107 15.55 14.45 3.29
N LYS A 108 14.83 15.56 3.19
CA LYS A 108 14.59 16.21 1.90
C LYS A 108 13.86 15.24 0.96
N LEU A 109 12.59 15.53 0.69
CA LEU A 109 11.80 14.67 -0.19
C LEU A 109 11.72 13.27 0.39
N LEU A 110 11.82 13.17 1.71
CA LEU A 110 11.78 11.89 2.41
C LEU A 110 10.63 11.02 1.91
N ASN A 111 9.47 11.63 1.71
CA ASN A 111 8.29 10.89 1.26
C ASN A 111 8.41 10.46 -0.20
N GLN A 112 8.39 11.44 -1.10
CA GLN A 112 8.47 11.16 -2.53
C GLN A 112 9.69 10.33 -2.90
N LEU A 113 10.84 10.70 -2.36
CA LEU A 113 12.09 10.00 -2.68
C LEU A 113 12.13 8.57 -2.10
N GLN A 114 11.74 8.40 -0.83
CA GLN A 114 11.77 7.08 -0.22
C GLN A 114 10.90 6.09 -0.97
N TYR A 115 9.64 6.45 -1.18
CA TYR A 115 8.71 5.58 -1.89
C TYR A 115 9.09 5.41 -3.36
N CYS A 116 9.52 6.51 -3.98
CA CYS A 116 9.91 6.46 -5.39
C CYS A 116 11.18 5.65 -5.60
N GLU A 117 12.13 5.77 -4.69
CA GLU A 117 13.39 5.04 -4.82
C GLU A 117 13.20 3.55 -4.58
N GLU A 118 12.71 3.18 -3.40
CA GLU A 118 12.48 1.78 -3.08
C GLU A 118 11.21 1.27 -3.76
N ALA A 119 10.10 1.95 -3.51
CA ALA A 119 8.82 1.60 -4.10
C ALA A 119 8.66 2.17 -5.51
N GLY A 120 9.78 2.39 -6.19
CA GLY A 120 9.73 2.96 -7.53
C GLY A 120 8.75 2.26 -8.45
N ILE A 121 7.60 2.89 -8.68
CA ILE A 121 6.59 2.31 -9.57
C ILE A 121 5.32 3.19 -9.66
N PRO A 122 4.85 3.78 -8.54
CA PRO A 122 3.66 4.62 -8.54
C PRO A 122 3.98 6.08 -8.86
N LEU A 123 2.94 6.87 -9.05
CA LEU A 123 3.11 8.29 -9.35
C LEU A 123 3.29 9.09 -8.06
N VAL A 124 3.70 10.34 -8.19
CA VAL A 124 3.89 11.20 -7.04
C VAL A 124 3.34 12.59 -7.33
N ALA A 125 3.12 13.37 -6.28
CA ALA A 125 2.59 14.72 -6.45
C ALA A 125 3.21 15.70 -5.46
N ILE A 126 3.89 16.72 -5.99
CA ILE A 126 4.51 17.74 -5.16
C ILE A 126 3.54 18.88 -4.92
N ILE A 127 2.68 18.72 -3.92
CA ILE A 127 1.68 19.73 -3.59
C ILE A 127 2.12 20.55 -2.39
N GLY A 128 1.22 21.36 -1.86
CA GLY A 128 1.54 22.19 -0.71
C GLY A 128 1.09 23.63 -0.90
N GLU A 129 0.68 24.27 0.19
CA GLU A 129 0.23 25.66 0.13
C GLU A 129 1.24 26.52 -0.64
N GLN A 130 2.52 26.24 -0.42
CA GLN A 130 3.59 26.98 -1.10
C GLN A 130 3.63 26.64 -2.58
N GLU A 131 3.36 25.38 -2.92
CA GLU A 131 3.36 24.94 -4.29
C GLU A 131 2.10 25.40 -5.00
N LEU A 132 0.96 25.00 -4.49
CA LEU A 132 -0.30 25.36 -5.11
C LEU A 132 -0.38 26.86 -5.38
N LYS A 133 -0.07 27.67 -4.37
CA LYS A 133 -0.13 29.12 -4.53
C LYS A 133 1.09 29.72 -5.25
N ASP A 134 2.28 29.55 -4.68
CA ASP A 134 3.49 30.13 -5.27
C ASP A 134 4.07 29.31 -6.43
N GLY A 135 3.82 28.01 -6.42
CA GLY A 135 4.35 27.17 -7.48
C GLY A 135 3.28 26.42 -8.23
N VAL A 136 2.95 25.24 -7.69
CA VAL A 136 1.93 24.35 -8.25
C VAL A 136 2.22 22.89 -7.87
N ILE A 137 1.36 21.98 -8.32
CA ILE A 137 1.53 20.56 -8.03
C ILE A 137 2.35 19.87 -9.11
N LYS A 138 3.55 19.45 -8.74
CA LYS A 138 4.43 18.77 -9.69
C LYS A 138 4.36 17.26 -9.51
N LEU A 139 3.73 16.58 -10.47
CA LEU A 139 3.58 15.13 -10.40
C LEU A 139 4.92 14.45 -10.67
N ARG A 140 4.93 13.12 -10.56
CA ARG A 140 6.15 12.35 -10.78
C ARG A 140 5.85 10.99 -11.40
N SER A 141 6.37 10.78 -12.61
CA SER A 141 6.17 9.51 -13.32
C SER A 141 7.48 8.73 -13.38
N VAL A 142 7.84 8.14 -12.24
CA VAL A 142 9.09 7.37 -12.12
C VAL A 142 9.33 6.45 -13.32
N THR A 143 8.37 5.57 -13.57
CA THR A 143 8.49 4.60 -14.66
C THR A 143 8.34 5.22 -16.04
N SER A 144 7.20 5.85 -16.29
CA SER A 144 6.93 6.43 -17.61
C SER A 144 7.84 7.61 -17.94
N ARG A 145 7.74 8.69 -17.17
CA ARG A 145 8.56 9.87 -17.41
C ARG A 145 9.53 10.15 -16.26
N GLU A 146 9.05 10.92 -15.28
CA GLU A 146 9.85 11.29 -14.12
C GLU A 146 9.15 12.39 -13.34
N GLU A 147 8.93 13.53 -13.99
CA GLU A 147 8.26 14.66 -13.35
C GLU A 147 7.14 15.20 -14.24
N VAL A 148 6.25 15.99 -13.65
CA VAL A 148 5.13 16.56 -14.39
C VAL A 148 4.62 17.84 -13.71
N ASP A 149 3.94 18.68 -14.49
CA ASP A 149 3.40 19.93 -13.97
C ASP A 149 1.87 19.91 -14.01
N VAL A 150 1.26 19.88 -12.83
CA VAL A 150 -0.20 19.86 -12.73
C VAL A 150 -0.70 20.80 -11.64
N ARG A 151 -1.96 21.21 -11.75
CA ARG A 151 -2.55 22.11 -10.77
C ARG A 151 -3.61 21.39 -9.93
N ARG A 152 -3.23 20.24 -9.37
CA ARG A 152 -4.12 19.45 -8.53
C ARG A 152 -5.25 18.81 -9.34
N GLU A 153 -5.97 19.62 -10.10
CA GLU A 153 -7.08 19.12 -10.92
C GLU A 153 -6.57 18.26 -12.06
N ASP A 154 -5.52 18.75 -12.73
CA ASP A 154 -4.94 18.03 -13.86
C ASP A 154 -4.25 16.75 -13.39
N LEU A 155 -3.85 16.71 -12.12
CA LEU A 155 -3.18 15.54 -11.56
C LEU A 155 -4.19 14.42 -11.28
N VAL A 156 -5.32 14.77 -10.68
CA VAL A 156 -6.35 13.77 -10.36
C VAL A 156 -7.04 13.28 -11.63
N GLU A 157 -7.31 14.21 -12.55
CA GLU A 157 -7.97 13.86 -13.80
C GLU A 157 -7.09 12.95 -14.66
N GLU A 158 -5.84 13.34 -14.82
CA GLU A 158 -4.89 12.55 -15.61
C GLU A 158 -4.76 11.13 -15.08
N ILE A 159 -4.38 11.01 -13.81
CA ILE A 159 -4.22 9.71 -13.17
C ILE A 159 -5.53 8.92 -13.18
N LYS A 160 -6.64 9.63 -13.09
CA LYS A 160 -7.95 8.98 -13.09
C LYS A 160 -8.26 8.35 -14.43
N ARG A 161 -7.98 9.09 -15.51
CA ARG A 161 -8.23 8.60 -16.86
C ARG A 161 -7.43 7.32 -17.13
N ARG A 162 -6.13 7.37 -16.87
CA ARG A 162 -5.26 6.22 -17.08
C ARG A 162 -5.69 5.04 -16.21
N THR A 163 -6.21 5.36 -15.03
CA THR A 163 -6.66 4.32 -14.09
C THR A 163 -8.16 4.07 -14.23
N GLY A 164 -8.74 4.54 -15.33
CA GLY A 164 -10.17 4.35 -15.55
C GLY A 164 -10.45 3.63 -16.86
N GLN A 165 -10.54 4.40 -17.94
CA GLN A 165 -10.81 3.83 -19.25
C GLN A 165 -9.71 4.19 -20.24
N PRO A 166 -8.55 3.52 -20.14
CA PRO A 166 -7.41 3.77 -21.04
C PRO A 166 -7.80 3.69 -22.51
N LEU A 167 -6.81 3.81 -23.38
CA LEU A 167 -7.04 3.76 -24.82
C LEU A 167 -7.46 2.36 -25.25
N SER A 168 -8.01 2.26 -26.46
CA SER A 168 -8.45 0.98 -26.99
C SER A 168 -8.93 1.12 -28.43
N ILE A 169 -8.97 0.00 -29.16
CA ILE A 169 -9.41 0.01 -30.54
C ILE A 169 -10.93 0.05 -30.63
N SER A 170 -11.45 1.04 -31.36
CA SER A 170 -12.89 1.20 -31.52
C SER A 170 -13.21 1.93 -32.81
N ALA A 1 -23.14 31.99 49.32
CA ALA A 1 -22.94 32.22 50.77
C ALA A 1 -23.82 31.31 51.61
N GLU A 2 -24.52 30.38 50.95
CA GLU A 2 -25.40 29.45 51.65
C GLU A 2 -24.83 28.03 51.62
N ARG A 3 -24.23 27.67 50.50
CA ARG A 3 -23.64 26.34 50.33
C ARG A 3 -22.45 26.16 51.27
N ALA A 4 -21.58 27.17 51.31
CA ALA A 4 -20.40 27.12 52.16
C ALA A 4 -20.79 26.94 53.63
N ALA A 5 -21.89 27.57 54.02
CA ALA A 5 -22.37 27.48 55.39
C ALA A 5 -22.82 26.06 55.71
N LEU A 6 -23.64 25.48 54.84
CA LEU A 6 -24.13 24.12 55.04
C LEU A 6 -22.98 23.11 54.93
N GLU A 7 -22.08 23.35 54.00
CA GLU A 7 -20.93 22.47 53.82
C GLU A 7 -20.13 22.39 55.11
N GLU A 8 -20.03 23.54 55.78
CA GLU A 8 -19.32 23.61 57.05
C GLU A 8 -20.18 23.00 58.16
N LEU A 9 -21.50 23.08 57.98
CA LEU A 9 -22.43 22.53 58.96
C LEU A 9 -22.39 21.01 58.94
N VAL A 10 -22.13 20.45 57.77
CA VAL A 10 -22.07 19.00 57.62
C VAL A 10 -20.72 18.48 58.11
N LYS A 11 -19.65 19.18 57.77
CA LYS A 11 -18.33 18.78 58.20
C LYS A 11 -18.33 18.63 59.72
N LEU A 12 -18.86 19.65 60.38
CA LEU A 12 -18.97 19.64 61.83
C LEU A 12 -20.02 18.63 62.28
N GLN A 13 -21.03 18.39 61.44
CA GLN A 13 -22.08 17.43 61.78
C GLN A 13 -21.53 16.01 61.73
N GLY A 14 -20.59 15.78 60.82
CA GLY A 14 -19.99 14.47 60.68
C GLY A 14 -19.09 14.13 61.85
N GLU A 15 -18.17 15.04 62.16
CA GLU A 15 -17.25 14.83 63.27
C GLU A 15 -18.01 14.74 64.59
N ARG A 16 -19.13 15.43 64.66
CA ARG A 16 -19.95 15.44 65.87
C ARG A 16 -20.64 14.09 66.08
N VAL A 17 -21.38 13.65 65.06
CA VAL A 17 -22.11 12.38 65.11
C VAL A 17 -21.19 11.23 65.46
N ARG A 18 -20.11 11.08 64.69
CA ARG A 18 -19.16 9.99 64.91
C ARG A 18 -18.46 10.14 66.25
N GLY A 19 -18.00 11.36 66.54
CA GLY A 19 -17.31 11.62 67.79
C GLY A 19 -18.17 11.38 69.01
N LEU A 20 -19.44 11.79 68.94
CA LEU A 20 -20.34 11.61 70.07
C LEU A 20 -20.92 10.20 70.08
N LYS A 21 -21.23 9.68 68.91
CA LYS A 21 -21.78 8.34 68.79
C LYS A 21 -20.91 7.34 69.52
N GLN A 22 -19.60 7.49 69.33
CA GLN A 22 -18.65 6.59 69.95
C GLN A 22 -18.34 6.96 71.40
N GLN A 23 -17.96 8.22 71.66
CA GLN A 23 -17.58 8.59 73.02
C GLN A 23 -18.72 9.03 73.95
N LYS A 24 -19.87 9.49 73.43
CA LYS A 24 -20.96 9.86 74.35
C LYS A 24 -22.30 9.22 74.01
N ALA A 25 -22.30 8.24 73.11
CA ALA A 25 -23.54 7.55 72.77
C ALA A 25 -24.69 8.54 72.58
N SER A 26 -25.93 8.03 72.59
CA SER A 26 -27.14 8.85 72.48
C SER A 26 -28.24 8.10 71.74
N ALA A 27 -27.95 7.71 70.51
CA ALA A 27 -28.91 7.00 69.66
C ALA A 27 -29.92 7.98 69.08
N GLU A 28 -30.56 8.74 69.97
CA GLU A 28 -31.53 9.73 69.55
C GLU A 28 -30.83 10.91 68.89
N LEU A 29 -29.72 11.32 69.50
CA LEU A 29 -28.93 12.44 68.97
C LEU A 29 -28.09 11.96 67.80
N ILE A 30 -27.56 10.75 67.94
CA ILE A 30 -26.73 10.15 66.90
C ILE A 30 -27.52 10.03 65.60
N GLU A 31 -28.70 9.41 65.67
CA GLU A 31 -29.55 9.24 64.50
C GLU A 31 -30.03 10.59 63.97
N GLU A 32 -30.45 11.46 64.89
CA GLU A 32 -30.93 12.78 64.51
C GLU A 32 -29.86 13.54 63.72
N GLU A 33 -28.66 13.61 64.29
CA GLU A 33 -27.56 14.30 63.63
C GLU A 33 -27.20 13.60 62.32
N VAL A 34 -27.43 12.29 62.27
CA VAL A 34 -27.13 11.52 61.07
C VAL A 34 -28.05 11.95 59.93
N ALA A 35 -29.32 12.18 60.24
CA ALA A 35 -30.30 12.60 59.25
C ALA A 35 -29.95 13.99 58.72
N LYS A 36 -29.59 14.89 59.63
CA LYS A 36 -29.25 16.26 59.25
C LYS A 36 -28.06 16.26 58.28
N LEU A 37 -27.04 15.48 58.60
CA LEU A 37 -25.86 15.39 57.76
C LEU A 37 -26.21 14.80 56.40
N LEU A 38 -27.17 13.88 56.39
CA LEU A 38 -27.60 13.24 55.16
C LEU A 38 -28.21 14.26 54.20
N LYS A 39 -29.17 15.04 54.70
CA LYS A 39 -29.83 16.06 53.89
C LYS A 39 -28.83 17.13 53.49
N LEU A 40 -27.91 17.45 54.40
CA LEU A 40 -26.90 18.47 54.13
C LEU A 40 -26.03 18.08 52.94
N LYS A 41 -25.48 16.87 52.98
CA LYS A 41 -24.64 16.38 51.90
C LYS A 41 -25.42 16.34 50.59
N ALA A 42 -26.70 16.01 50.68
CA ALA A 42 -27.56 15.95 49.51
C ALA A 42 -27.77 17.34 48.92
N GLN A 43 -27.72 18.36 49.77
CA GLN A 43 -27.91 19.73 49.34
C GLN A 43 -26.71 20.23 48.56
N LEU A 44 -25.50 19.91 49.06
CA LEU A 44 -24.27 20.32 48.41
C LEU A 44 -24.28 19.96 46.92
N GLY A 45 -24.49 18.67 46.63
CA GLY A 45 -24.52 18.22 45.26
C GLY A 45 -23.16 17.80 44.75
N PRO A 46 -22.91 16.48 44.61
CA PRO A 46 -21.61 15.98 44.13
C PRO A 46 -21.36 16.34 42.66
N ASP A 47 -20.15 16.03 42.19
CA ASP A 47 -19.78 16.33 40.81
C ASP A 47 -20.71 15.61 39.83
N GLU A 48 -21.61 16.37 39.22
CA GLU A 48 -22.56 15.82 38.27
C GLU A 48 -22.64 16.68 37.01
N SER A 49 -22.79 17.99 37.21
CA SER A 49 -22.88 18.93 36.09
C SER A 49 -21.49 19.26 35.55
N LYS A 50 -20.49 19.25 36.43
CA LYS A 50 -19.12 19.54 36.04
C LYS A 50 -18.57 18.45 35.13
N GLN A 51 -17.32 18.60 34.74
CA GLN A 51 -16.66 17.62 33.87
C GLN A 51 -15.81 16.65 34.69
N LYS A 52 -15.13 15.75 33.99
CA LYS A 52 -14.28 14.76 34.65
C LYS A 52 -12.85 14.84 34.11
N PHE A 53 -11.97 13.99 34.66
CA PHE A 53 -10.57 13.96 34.24
C PHE A 53 -10.46 13.46 32.80
N VAL A 54 -11.39 12.62 32.39
CA VAL A 54 -11.38 12.07 31.04
C VAL A 54 -11.46 13.18 29.99
N LEU A 55 -10.38 13.35 29.23
CA LEU A 55 -10.31 14.37 28.20
C LEU A 55 -10.14 13.75 26.82
N LYS A 56 -10.48 14.51 25.79
CA LYS A 56 -10.36 14.03 24.41
C LYS A 56 -11.22 12.78 24.20
N THR A 57 -12.37 12.96 23.56
CA THR A 57 -13.27 11.85 23.30
C THR A 57 -12.93 11.17 21.96
N PRO A 58 -13.48 9.97 21.72
CA PRO A 58 -13.23 9.23 20.48
C PRO A 58 -13.48 10.06 19.24
N LYS A 59 -12.40 10.49 18.59
CA LYS A 59 -12.50 11.30 17.39
C LYS A 59 -11.45 10.88 16.36
N ALA A 60 -11.46 11.55 15.21
CA ALA A 60 -10.50 11.25 14.14
C ALA A 60 -10.66 9.81 13.66
N LEU A 61 -11.85 9.24 13.87
CA LEU A 61 -12.12 7.87 13.45
C LEU A 61 -12.02 7.74 11.93
N GLU A 62 -11.86 6.50 11.45
CA GLU A 62 -11.75 6.24 10.03
C GLU A 62 -10.55 6.96 9.43
N GLU A 63 -9.38 6.35 9.57
CA GLU A 63 -8.14 6.94 9.04
C GLU A 63 -7.79 6.33 7.69
N LYS A 64 -7.83 5.00 7.62
CA LYS A 64 -7.50 4.30 6.39
C LYS A 64 -8.34 3.02 6.26
N ILE A 65 -9.07 2.91 5.16
CA ILE A 65 -9.91 1.73 4.92
C ILE A 65 -9.61 1.12 3.56
N ARG A 66 -9.61 1.95 2.53
CA ARG A 66 -9.34 1.48 1.17
C ARG A 66 -7.95 1.90 0.72
N THR A 67 -7.06 0.91 0.57
CA THR A 67 -5.69 1.18 0.15
C THR A 67 -4.89 -0.11 0.04
N THR A 68 -4.38 -0.39 -1.16
CA THR A 68 -3.61 -1.60 -1.40
C THR A 68 -2.74 -1.45 -2.64
N GLU A 69 -3.39 -1.30 -3.80
CA GLU A 69 -2.69 -1.14 -5.05
C GLU A 69 -2.61 0.34 -5.41
N THR A 70 -2.51 1.16 -4.37
CA THR A 70 -2.44 2.61 -4.52
C THR A 70 -1.46 3.03 -5.61
N GLN A 71 -2.00 3.69 -6.64
CA GLN A 71 -1.19 4.17 -7.74
C GLN A 71 -0.82 5.65 -7.55
N VAL A 72 -0.95 6.15 -6.33
CA VAL A 72 -0.65 7.54 -6.05
C VAL A 72 -0.07 7.75 -4.64
N LEU A 73 0.61 8.87 -4.46
CA LEU A 73 1.22 9.23 -3.18
C LEU A 73 1.46 10.73 -3.11
N VAL A 74 1.20 11.33 -1.95
CA VAL A 74 1.38 12.76 -1.76
C VAL A 74 2.79 13.10 -1.31
N ALA A 75 3.36 14.15 -1.91
CA ALA A 75 4.71 14.59 -1.58
C ALA A 75 4.75 16.08 -1.26
N SER A 76 5.13 16.41 -0.03
CA SER A 76 5.22 17.80 0.40
C SER A 76 6.67 18.21 0.64
N ALA A 77 7.04 19.38 0.16
CA ALA A 77 8.40 19.89 0.33
C ALA A 77 8.43 21.09 1.26
N GLN A 78 7.65 22.11 0.94
CA GLN A 78 7.60 23.32 1.75
C GLN A 78 7.22 23.00 3.19
N LYS A 79 7.17 24.03 4.04
CA LYS A 79 6.82 23.85 5.44
C LYS A 79 5.42 23.26 5.58
N LYS A 80 5.04 22.96 6.81
CA LYS A 80 3.72 22.38 7.09
C LYS A 80 3.55 21.05 6.37
N LEU A 81 4.08 19.99 6.98
CA LEU A 81 3.98 18.65 6.40
C LEU A 81 2.99 17.79 7.19
N LEU A 82 1.72 18.16 7.14
CA LEU A 82 0.68 17.42 7.84
C LEU A 82 -0.70 17.78 7.30
N GLU A 83 -1.15 18.98 7.60
CA GLU A 83 -2.46 19.45 7.15
C GLU A 83 -2.52 19.53 5.62
N GLU A 84 -1.45 20.04 5.02
CA GLU A 84 -1.39 20.17 3.57
C GLU A 84 -1.29 18.80 2.91
N ARG A 85 -0.60 17.88 3.56
CA ARG A 85 -0.43 16.53 3.04
C ARG A 85 -1.73 15.74 3.15
N LEU A 86 -2.29 15.70 4.36
CA LEU A 86 -3.52 14.97 4.61
C LEU A 86 -4.67 15.52 3.76
N LYS A 87 -4.66 16.84 3.53
CA LYS A 87 -5.70 17.48 2.75
C LYS A 87 -5.59 17.12 1.27
N LEU A 88 -4.41 17.33 0.70
CA LEU A 88 -4.17 17.02 -0.71
C LEU A 88 -4.32 15.53 -0.98
N VAL A 89 -3.69 14.71 -0.13
CA VAL A 89 -3.76 13.27 -0.29
C VAL A 89 -5.20 12.76 -0.18
N SER A 90 -5.96 13.39 0.72
CA SER A 90 -7.35 13.00 0.93
C SER A 90 -8.18 13.19 -0.35
N GLU A 91 -8.08 14.38 -0.94
CA GLU A 91 -8.82 14.68 -2.16
C GLU A 91 -8.42 13.75 -3.30
N LEU A 92 -7.11 13.65 -3.53
CA LEU A 92 -6.59 12.80 -4.60
C LEU A 92 -6.83 11.33 -4.31
N GLN A 93 -6.78 10.95 -3.04
CA GLN A 93 -6.97 9.56 -2.67
C GLN A 93 -8.40 9.10 -2.88
N ASP A 94 -9.36 9.86 -2.35
CA ASP A 94 -10.77 9.50 -2.46
C ASP A 94 -11.40 9.79 -3.82
N ALA A 95 -11.22 11.01 -4.34
CA ALA A 95 -11.85 11.41 -5.59
C ALA A 95 -11.09 11.04 -6.85
N GLY A 96 -9.77 10.97 -6.79
CA GLY A 96 -9.01 10.68 -7.99
C GLY A 96 -8.40 9.29 -8.07
N ILE A 97 -7.52 9.00 -7.15
CA ILE A 97 -6.80 7.72 -7.15
C ILE A 97 -6.43 7.29 -5.76
N LYS A 98 -6.23 5.99 -5.59
CA LYS A 98 -5.84 5.44 -4.30
C LYS A 98 -4.44 5.92 -3.90
N ALA A 99 -4.39 6.86 -2.98
CA ALA A 99 -3.12 7.40 -2.50
C ALA A 99 -2.56 6.59 -1.35
N GLU A 100 -1.31 6.84 -0.99
CA GLU A 100 -0.66 6.12 0.10
C GLU A 100 0.34 7.02 0.85
N LEU A 101 0.63 6.66 2.09
CA LEU A 101 1.56 7.45 2.90
C LEU A 101 2.45 6.52 3.75
N LEU A 102 3.75 6.79 3.74
CA LEU A 102 4.70 5.98 4.51
C LEU A 102 5.72 6.87 5.21
N TYR A 103 6.57 7.52 4.41
CA TYR A 103 7.61 8.41 4.93
C TYR A 103 8.37 7.80 6.11
N LYS A 104 8.38 6.47 6.18
CA LYS A 104 9.07 5.77 7.26
C LYS A 104 10.58 5.88 7.08
N LYS A 105 11.09 7.10 7.21
CA LYS A 105 12.52 7.34 7.08
C LYS A 105 12.88 8.78 7.46
N ASN A 106 14.09 9.20 7.10
CA ASN A 106 14.56 10.55 7.40
C ASN A 106 13.75 11.61 6.64
N PRO A 107 13.89 12.89 7.01
CA PRO A 107 13.17 13.99 6.35
C PRO A 107 13.67 14.25 4.94
N LYS A 108 13.23 15.35 4.34
CA LYS A 108 13.63 15.72 2.99
C LYS A 108 13.27 14.61 2.01
N LEU A 109 12.20 14.80 1.25
CA LEU A 109 11.75 13.79 0.29
C LEU A 109 11.58 12.45 0.98
N LEU A 110 10.95 12.48 2.13
CA LEU A 110 10.71 11.27 2.92
C LEU A 110 9.79 10.31 2.18
N ASN A 111 8.53 10.70 2.03
CA ASN A 111 7.55 9.87 1.35
C ASN A 111 7.79 9.82 -0.16
N GLN A 112 8.20 10.95 -0.72
CA GLN A 112 8.47 11.04 -2.15
C GLN A 112 9.56 10.10 -2.61
N LEU A 113 10.75 10.25 -2.05
CA LEU A 113 11.89 9.42 -2.44
C LEU A 113 11.82 8.02 -1.85
N GLN A 114 11.53 7.91 -0.56
CA GLN A 114 11.45 6.61 0.10
C GLN A 114 10.45 5.68 -0.59
N TYR A 115 9.23 6.18 -0.80
CA TYR A 115 8.19 5.39 -1.43
C TYR A 115 8.44 5.20 -2.92
N CYS A 116 8.89 6.26 -3.59
CA CYS A 116 9.16 6.18 -5.02
C CYS A 116 10.32 5.23 -5.33
N GLU A 117 11.34 5.23 -4.47
CA GLU A 117 12.49 4.36 -4.67
C GLU A 117 12.13 2.90 -4.44
N GLU A 118 11.67 2.59 -3.23
CA GLU A 118 11.29 1.21 -2.91
C GLU A 118 9.95 0.85 -3.53
N ALA A 119 8.94 1.66 -3.22
CA ALA A 119 7.59 1.47 -3.76
C ALA A 119 7.45 2.05 -5.17
N GLY A 120 8.57 2.14 -5.90
CA GLY A 120 8.53 2.71 -7.24
C GLY A 120 7.43 2.11 -8.11
N ILE A 121 6.36 2.89 -8.31
CA ILE A 121 5.25 2.46 -9.15
C ILE A 121 4.06 3.44 -9.11
N PRO A 122 3.72 4.02 -7.95
CA PRO A 122 2.59 4.95 -7.84
C PRO A 122 3.01 6.39 -8.13
N LEU A 123 2.11 7.14 -8.73
CA LEU A 123 2.38 8.53 -9.05
C LEU A 123 2.53 9.36 -7.77
N VAL A 124 3.47 10.30 -7.80
CA VAL A 124 3.72 11.15 -6.63
C VAL A 124 3.34 12.60 -6.93
N ALA A 125 2.81 13.29 -5.93
CA ALA A 125 2.40 14.68 -6.10
C ALA A 125 3.26 15.62 -5.28
N ILE A 126 3.97 16.52 -5.95
CA ILE A 126 4.81 17.49 -5.28
C ILE A 126 4.11 18.85 -5.20
N ILE A 127 3.96 19.38 -3.99
CA ILE A 127 3.28 20.65 -3.81
C ILE A 127 3.64 21.32 -2.48
N GLY A 128 4.33 22.46 -2.55
CA GLY A 128 4.67 23.19 -1.33
C GLY A 128 3.49 23.29 -0.40
N GLU A 129 2.63 24.30 -0.62
CA GLU A 129 1.43 24.43 0.19
C GLU A 129 0.55 25.61 -0.23
N GLN A 130 1.05 26.83 -0.11
CA GLN A 130 0.23 28.00 -0.47
C GLN A 130 0.01 28.17 -1.98
N GLU A 131 1.11 28.18 -2.73
CA GLU A 131 1.03 28.37 -4.18
C GLU A 131 0.57 27.11 -4.88
N LEU A 132 1.04 25.97 -4.42
CA LEU A 132 0.66 24.72 -5.03
C LEU A 132 -0.77 24.35 -4.67
N LYS A 133 -1.08 24.29 -3.38
CA LYS A 133 -2.44 23.94 -2.98
C LYS A 133 -3.46 24.83 -3.68
N ASP A 134 -3.34 26.15 -3.53
CA ASP A 134 -4.28 27.05 -4.15
C ASP A 134 -4.00 27.24 -5.64
N GLY A 135 -2.75 27.01 -6.05
CA GLY A 135 -2.39 27.20 -7.45
C GLY A 135 -1.84 26.00 -8.17
N VAL A 136 -0.54 25.76 -7.95
CA VAL A 136 0.21 24.69 -8.63
C VAL A 136 -0.02 23.29 -8.09
N ILE A 137 0.19 22.30 -8.96
CA ILE A 137 0.08 20.90 -8.59
C ILE A 137 1.04 20.08 -9.44
N LYS A 138 2.08 19.53 -8.81
CA LYS A 138 3.07 18.74 -9.55
C LYS A 138 2.90 17.24 -9.30
N LEU A 139 3.09 16.46 -10.35
CA LEU A 139 2.96 15.01 -10.26
C LEU A 139 4.31 14.33 -10.50
N ARG A 140 4.32 13.00 -10.41
CA ARG A 140 5.53 12.23 -10.61
C ARG A 140 5.23 10.88 -11.26
N SER A 141 5.76 10.68 -12.47
CA SER A 141 5.55 9.43 -13.20
C SER A 141 6.83 8.60 -13.22
N VAL A 142 7.14 8.00 -12.07
CA VAL A 142 8.33 7.17 -11.91
C VAL A 142 8.58 6.23 -13.09
N THR A 143 7.59 5.38 -13.38
CA THR A 143 7.71 4.41 -14.44
C THR A 143 7.64 5.02 -15.85
N SER A 144 6.58 5.77 -16.13
CA SER A 144 6.40 6.35 -17.45
C SER A 144 7.33 7.53 -17.73
N ARG A 145 7.19 8.61 -16.96
CA ARG A 145 8.03 9.79 -17.16
C ARG A 145 8.93 10.07 -15.96
N GLU A 146 8.51 11.02 -15.12
CA GLU A 146 9.28 11.39 -13.93
C GLU A 146 8.54 12.46 -13.14
N GLU A 147 8.33 13.62 -13.77
CA GLU A 147 7.65 14.73 -13.12
C GLU A 147 6.82 15.53 -14.13
N VAL A 148 5.61 15.92 -13.73
CA VAL A 148 4.73 16.70 -14.60
C VAL A 148 4.08 17.84 -13.84
N ASP A 149 3.59 18.84 -14.58
CA ASP A 149 2.94 20.00 -13.97
C ASP A 149 1.45 20.03 -14.29
N VAL A 150 0.64 20.17 -13.25
CA VAL A 150 -0.82 20.22 -13.39
C VAL A 150 -1.42 21.30 -12.48
N ARG A 151 -2.73 21.50 -12.60
CA ARG A 151 -3.42 22.51 -11.79
C ARG A 151 -4.57 21.89 -10.99
N ARG A 152 -4.31 20.72 -10.39
CA ARG A 152 -5.31 20.03 -9.58
C ARG A 152 -6.35 19.32 -10.43
N GLU A 153 -6.97 20.04 -11.36
CA GLU A 153 -7.98 19.45 -12.23
C GLU A 153 -7.34 18.37 -13.10
N ASP A 154 -6.26 18.75 -13.77
CA ASP A 154 -5.54 17.81 -14.62
C ASP A 154 -4.84 16.75 -13.78
N LEU A 155 -4.58 17.08 -12.50
CA LEU A 155 -3.93 16.15 -11.60
C LEU A 155 -4.77 14.90 -11.41
N VAL A 156 -6.05 15.08 -11.07
CA VAL A 156 -6.96 13.96 -10.88
C VAL A 156 -7.23 13.26 -12.20
N GLU A 157 -7.43 14.04 -13.26
CA GLU A 157 -7.70 13.50 -14.57
C GLU A 157 -6.46 12.81 -15.16
N GLU A 158 -5.28 13.28 -14.76
CA GLU A 158 -4.03 12.72 -15.24
C GLU A 158 -3.78 11.32 -14.69
N ILE A 159 -3.94 11.15 -13.38
CA ILE A 159 -3.71 9.85 -12.75
C ILE A 159 -4.79 8.86 -13.16
N LYS A 160 -6.05 9.29 -13.04
CA LYS A 160 -7.18 8.45 -13.37
C LYS A 160 -7.09 7.95 -14.80
N ARG A 161 -6.66 8.83 -15.71
CA ARG A 161 -6.52 8.47 -17.12
C ARG A 161 -5.36 7.50 -17.31
N ARG A 162 -4.23 7.81 -16.70
CA ARG A 162 -3.03 6.97 -16.82
C ARG A 162 -3.32 5.55 -16.35
N THR A 163 -4.17 5.42 -15.33
CA THR A 163 -4.52 4.12 -14.79
C THR A 163 -5.93 3.70 -15.23
N GLY A 164 -6.46 4.38 -16.24
CA GLY A 164 -7.79 4.07 -16.73
C GLY A 164 -7.77 2.95 -17.75
N GLN A 165 -6.92 3.08 -18.76
CA GLN A 165 -6.81 2.06 -19.81
C GLN A 165 -5.45 2.14 -20.50
N PRO A 166 -4.47 1.37 -20.01
CA PRO A 166 -3.11 1.36 -20.59
C PRO A 166 -3.13 1.14 -22.10
N LEU A 167 -2.62 2.12 -22.84
CA LEU A 167 -2.58 2.04 -24.29
C LEU A 167 -1.18 2.36 -24.82
N SER A 168 -0.75 1.61 -25.82
CA SER A 168 0.57 1.82 -26.41
C SER A 168 0.54 2.97 -27.41
N ILE A 169 -0.61 3.15 -28.06
CA ILE A 169 -0.77 4.21 -29.05
C ILE A 169 -2.11 4.91 -28.89
N SER A 170 -2.10 6.23 -29.00
CA SER A 170 -3.32 7.02 -28.87
C SER A 170 -3.19 8.34 -29.61
N ALA A 1 17.91 0.98 20.33
CA ALA A 1 19.21 0.45 20.79
C ALA A 1 19.65 1.09 22.10
N GLU A 2 18.67 1.47 22.92
CA GLU A 2 18.94 2.09 24.20
C GLU A 2 18.41 1.24 25.35
N ARG A 3 17.24 0.67 25.17
CA ARG A 3 16.62 -0.18 26.18
C ARG A 3 17.52 -1.35 26.53
N ALA A 4 18.04 -2.01 25.49
CA ALA A 4 18.92 -3.16 25.69
C ALA A 4 20.14 -2.78 26.52
N ALA A 5 20.65 -1.57 26.29
CA ALA A 5 21.80 -1.08 27.02
C ALA A 5 21.51 -0.96 28.51
N LEU A 6 20.35 -0.39 28.83
CA LEU A 6 19.95 -0.23 30.22
C LEU A 6 19.56 -1.56 30.84
N GLU A 7 18.96 -2.44 30.04
CA GLU A 7 18.56 -3.75 30.52
C GLU A 7 19.77 -4.49 31.07
N GLU A 8 20.87 -4.40 30.34
CA GLU A 8 22.11 -5.04 30.76
C GLU A 8 22.75 -4.22 31.88
N LEU A 9 22.47 -2.91 31.88
CA LEU A 9 23.00 -2.02 32.90
C LEU A 9 22.42 -2.36 34.26
N VAL A 10 21.14 -2.72 34.28
CA VAL A 10 20.46 -3.08 35.51
C VAL A 10 20.86 -4.47 35.97
N LYS A 11 20.97 -5.40 35.00
CA LYS A 11 21.38 -6.76 35.32
C LYS A 11 22.64 -6.71 36.17
N LEU A 12 23.63 -5.96 35.69
CA LEU A 12 24.88 -5.79 36.41
C LEU A 12 24.68 -4.93 37.64
N GLN A 13 23.68 -4.03 37.60
CA GLN A 13 23.40 -3.16 38.73
C GLN A 13 22.92 -3.95 39.94
N GLY A 14 22.01 -4.89 39.71
CA GLY A 14 21.48 -5.70 40.79
C GLY A 14 22.46 -6.71 41.30
N GLU A 15 23.20 -7.35 40.39
CA GLU A 15 24.17 -8.37 40.77
C GLU A 15 25.28 -7.78 41.65
N ARG A 16 25.71 -6.57 41.33
CA ARG A 16 26.75 -5.91 42.10
C ARG A 16 26.21 -5.35 43.41
N VAL A 17 25.13 -4.58 43.31
CA VAL A 17 24.51 -3.97 44.48
C VAL A 17 24.10 -5.03 45.50
N ARG A 18 23.52 -6.12 45.03
CA ARG A 18 23.08 -7.20 45.91
C ARG A 18 24.28 -7.95 46.48
N GLY A 19 25.19 -8.36 45.61
CA GLY A 19 26.37 -9.10 46.03
C GLY A 19 27.23 -8.32 47.01
N LEU A 20 27.33 -7.01 46.81
CA LEU A 20 28.12 -6.16 47.69
C LEU A 20 27.33 -5.84 48.94
N LYS A 21 26.03 -5.67 48.79
CA LYS A 21 25.17 -5.36 49.92
C LYS A 21 25.39 -6.37 51.03
N GLN A 22 25.46 -7.63 50.64
CA GLN A 22 25.64 -8.71 51.59
C GLN A 22 27.10 -8.90 52.00
N GLN A 23 28.02 -9.04 51.04
CA GLN A 23 29.41 -9.30 51.40
C GLN A 23 30.27 -8.06 51.68
N LYS A 24 29.91 -6.87 51.19
CA LYS A 24 30.73 -5.70 51.52
C LYS A 24 29.90 -4.53 52.07
N ALA A 25 28.66 -4.81 52.45
CA ALA A 25 27.81 -3.77 53.02
C ALA A 25 27.91 -2.46 52.21
N SER A 26 27.84 -1.32 52.91
CA SER A 26 27.96 0.00 52.30
C SER A 26 26.61 0.52 51.81
N ALA A 27 25.73 0.82 52.76
CA ALA A 27 24.40 1.34 52.43
C ALA A 27 24.48 2.46 51.39
N GLU A 28 25.61 3.14 51.34
CA GLU A 28 25.81 4.22 50.37
C GLU A 28 25.86 3.66 48.95
N LEU A 29 26.64 2.58 48.79
CA LEU A 29 26.77 1.93 47.50
C LEU A 29 25.55 1.07 47.21
N ILE A 30 25.01 0.49 48.27
CA ILE A 30 23.83 -0.36 48.16
C ILE A 30 22.60 0.46 47.77
N GLU A 31 22.35 1.52 48.52
CA GLU A 31 21.21 2.39 48.27
C GLU A 31 21.33 3.08 46.91
N GLU A 32 22.49 3.68 46.64
CA GLU A 32 22.71 4.36 45.38
C GLU A 32 22.42 3.45 44.19
N GLU A 33 22.95 2.23 44.23
CA GLU A 33 22.72 1.27 43.16
C GLU A 33 21.27 0.82 43.13
N VAL A 34 20.70 0.60 44.32
CA VAL A 34 19.32 0.18 44.43
C VAL A 34 18.39 1.21 43.79
N ALA A 35 18.74 2.49 43.96
CA ALA A 35 17.95 3.58 43.39
C ALA A 35 18.08 3.59 41.87
N LYS A 36 19.31 3.39 41.39
CA LYS A 36 19.57 3.37 39.96
C LYS A 36 18.93 2.14 39.32
N LEU A 37 18.92 1.04 40.07
CA LEU A 37 18.32 -0.20 39.58
C LEU A 37 16.82 -0.06 39.45
N LEU A 38 16.20 0.57 40.45
CA LEU A 38 14.76 0.79 40.46
C LEU A 38 14.33 1.61 39.24
N LYS A 39 15.06 2.70 39.00
CA LYS A 39 14.76 3.56 37.87
C LYS A 39 15.02 2.84 36.55
N LEU A 40 16.10 2.09 36.51
CA LEU A 40 16.48 1.33 35.31
C LEU A 40 15.36 0.36 34.92
N LYS A 41 14.94 -0.46 35.88
CA LYS A 41 13.89 -1.43 35.65
C LYS A 41 12.59 -0.74 35.26
N ALA A 42 12.38 0.46 35.80
CA ALA A 42 11.19 1.25 35.49
C ALA A 42 11.18 1.66 34.03
N GLN A 43 12.37 1.90 33.49
CA GLN A 43 12.50 2.31 32.09
C GLN A 43 12.20 1.14 31.16
N LEU A 44 12.74 -0.03 31.49
CA LEU A 44 12.53 -1.23 30.68
C LEU A 44 11.05 -1.46 30.42
N GLY A 45 10.24 -1.38 31.47
CA GLY A 45 8.81 -1.57 31.33
C GLY A 45 8.45 -3.01 31.00
N PRO A 46 7.83 -3.25 29.84
CA PRO A 46 7.43 -4.61 29.43
C PRO A 46 8.61 -5.43 28.92
N ASP A 47 8.31 -6.59 28.34
CA ASP A 47 9.35 -7.47 27.81
C ASP A 47 8.95 -8.02 26.44
N GLU A 48 9.76 -7.75 25.44
CA GLU A 48 9.49 -8.21 24.08
C GLU A 48 10.68 -8.99 23.52
N SER A 49 11.87 -8.44 23.71
CA SER A 49 13.10 -9.08 23.24
C SER A 49 13.27 -10.47 23.83
N LYS A 50 12.67 -10.69 25.00
CA LYS A 50 12.75 -11.98 25.68
C LYS A 50 12.25 -13.10 24.77
N GLN A 51 11.14 -12.86 24.09
CA GLN A 51 10.56 -13.86 23.20
C GLN A 51 11.36 -13.95 21.90
N LYS A 52 11.22 -15.06 21.19
CA LYS A 52 11.92 -15.27 19.93
C LYS A 52 10.96 -15.70 18.84
N PHE A 53 11.41 -15.62 17.59
CA PHE A 53 10.59 -16.00 16.45
C PHE A 53 9.36 -15.12 16.34
N VAL A 54 9.49 -13.87 16.78
CA VAL A 54 8.38 -12.92 16.74
C VAL A 54 8.66 -11.80 15.75
N LEU A 55 8.15 -11.95 14.53
CA LEU A 55 8.34 -10.95 13.49
C LEU A 55 7.15 -10.93 12.53
N LYS A 56 6.44 -9.80 12.50
CA LYS A 56 5.29 -9.66 11.63
C LYS A 56 4.18 -10.64 12.01
N THR A 57 2.94 -10.15 12.05
CA THR A 57 1.80 -10.98 12.41
C THR A 57 0.98 -11.33 11.16
N PRO A 58 1.32 -12.43 10.47
CA PRO A 58 0.60 -12.86 9.27
C PRO A 58 -0.81 -13.36 9.59
N LYS A 59 -1.71 -13.23 8.62
CA LYS A 59 -3.09 -13.67 8.80
C LYS A 59 -3.81 -13.72 7.46
N ALA A 60 -4.91 -14.48 7.42
CA ALA A 60 -5.70 -14.62 6.20
C ALA A 60 -6.63 -13.42 6.01
N LEU A 61 -6.97 -12.76 7.11
CA LEU A 61 -7.86 -11.61 7.07
C LEU A 61 -7.33 -10.54 6.11
N GLU A 62 -6.04 -10.25 6.23
CA GLU A 62 -5.40 -9.25 5.39
C GLU A 62 -6.01 -7.87 5.61
N GLU A 63 -5.18 -6.92 6.03
CA GLU A 63 -5.66 -5.56 6.28
C GLU A 63 -6.10 -4.90 4.99
N LYS A 64 -7.42 -4.77 4.82
CA LYS A 64 -7.98 -4.16 3.61
C LYS A 64 -9.18 -3.28 3.97
N ILE A 65 -8.90 -2.14 4.60
CA ILE A 65 -9.97 -1.22 4.99
C ILE A 65 -10.19 -0.16 3.92
N ARG A 66 -9.10 0.44 3.44
CA ARG A 66 -9.17 1.47 2.42
C ARG A 66 -8.20 1.18 1.28
N THR A 67 -6.92 1.43 1.52
CA THR A 67 -5.89 1.20 0.50
C THR A 67 -5.69 -0.30 0.29
N THR A 68 -5.49 -0.69 -0.98
CA THR A 68 -5.29 -2.09 -1.32
C THR A 68 -3.88 -2.32 -1.88
N GLU A 69 -3.17 -1.24 -2.17
CA GLU A 69 -1.81 -1.31 -2.71
C GLU A 69 -1.37 0.07 -3.18
N THR A 70 -2.33 0.83 -3.69
CA THR A 70 -2.09 2.18 -4.17
C THR A 70 -1.06 2.20 -5.30
N GLN A 71 -1.50 2.68 -6.46
CA GLN A 71 -0.63 2.80 -7.63
C GLN A 71 -0.06 4.21 -7.74
N VAL A 72 -0.74 5.16 -7.08
CA VAL A 72 -0.33 6.56 -7.10
C VAL A 72 0.31 6.98 -5.78
N LEU A 73 1.03 8.10 -5.82
CA LEU A 73 1.69 8.62 -4.62
C LEU A 73 1.37 10.10 -4.43
N VAL A 74 1.11 10.50 -3.19
CA VAL A 74 0.80 11.89 -2.88
C VAL A 74 1.81 12.45 -1.88
N ALA A 75 2.65 13.36 -2.35
CA ALA A 75 3.66 13.98 -1.50
C ALA A 75 3.50 15.50 -1.47
N SER A 76 4.26 16.15 -0.59
CA SER A 76 4.20 17.60 -0.46
C SER A 76 5.53 18.16 0.05
N ALA A 77 5.89 19.35 -0.42
CA ALA A 77 7.12 19.99 -0.01
C ALA A 77 6.87 21.08 1.02
N GLN A 78 5.98 20.80 1.97
CA GLN A 78 5.65 21.75 3.01
C GLN A 78 6.50 21.53 4.26
N LYS A 79 6.36 22.41 5.24
CA LYS A 79 7.12 22.31 6.48
C LYS A 79 6.39 21.42 7.49
N LYS A 80 5.23 21.88 7.94
CA LYS A 80 4.44 21.13 8.91
C LYS A 80 4.07 19.75 8.37
N LEU A 81 3.38 19.74 7.23
CA LEU A 81 2.97 18.48 6.60
C LEU A 81 2.10 17.67 7.54
N LEU A 82 0.81 18.03 7.62
CA LEU A 82 -0.12 17.33 8.48
C LEU A 82 -1.55 17.49 7.98
N GLU A 83 -2.09 18.70 8.14
CA GLU A 83 -3.45 18.99 7.70
C GLU A 83 -3.50 19.20 6.19
N GLU A 84 -2.45 19.81 5.64
CA GLU A 84 -2.37 20.07 4.20
C GLU A 84 -2.13 18.78 3.43
N ARG A 85 -1.29 17.91 3.99
CA ARG A 85 -0.98 16.63 3.35
C ARG A 85 -2.18 15.70 3.38
N LEU A 86 -2.80 15.58 4.56
CA LEU A 86 -3.96 14.71 4.71
C LEU A 86 -5.08 15.12 3.76
N LYS A 87 -5.38 16.42 3.72
CA LYS A 87 -6.43 16.94 2.84
C LYS A 87 -6.12 16.63 1.39
N LEU A 88 -4.89 16.91 0.97
CA LEU A 88 -4.47 16.67 -0.41
C LEU A 88 -4.54 15.19 -0.74
N VAL A 89 -3.93 14.36 0.11
CA VAL A 89 -3.92 12.93 -0.10
C VAL A 89 -5.34 12.37 -0.13
N SER A 90 -6.22 12.93 0.69
CA SER A 90 -7.60 12.49 0.74
C SER A 90 -8.30 12.65 -0.61
N GLU A 91 -8.28 13.87 -1.14
CA GLU A 91 -8.93 14.15 -2.43
C GLU A 91 -8.41 13.22 -3.53
N LEU A 92 -7.08 13.13 -3.64
CA LEU A 92 -6.46 12.30 -4.67
C LEU A 92 -6.64 10.81 -4.38
N GLN A 93 -6.21 10.38 -3.21
CA GLN A 93 -6.31 8.97 -2.83
C GLN A 93 -7.75 8.50 -2.69
N ASP A 94 -8.56 9.26 -1.97
CA ASP A 94 -9.95 8.88 -1.72
C ASP A 94 -10.88 9.09 -2.91
N ALA A 95 -10.84 10.25 -3.55
CA ALA A 95 -11.77 10.53 -4.64
C ALA A 95 -11.31 9.99 -5.99
N GLY A 96 -10.02 9.95 -6.21
CA GLY A 96 -9.51 9.48 -7.48
C GLY A 96 -8.83 8.14 -7.43
N ILE A 97 -7.51 8.24 -7.49
CA ILE A 97 -6.61 7.09 -7.49
C ILE A 97 -6.25 6.61 -6.09
N LYS A 98 -5.84 5.36 -6.01
CA LYS A 98 -5.44 4.75 -4.75
C LYS A 98 -4.02 5.17 -4.40
N ALA A 99 -3.89 6.08 -3.44
CA ALA A 99 -2.57 6.58 -3.03
C ALA A 99 -2.18 6.08 -1.65
N GLU A 100 -0.89 6.20 -1.34
CA GLU A 100 -0.35 5.78 -0.05
C GLU A 100 0.86 6.62 0.32
N LEU A 101 1.25 6.59 1.59
CA LEU A 101 2.39 7.36 2.07
C LEU A 101 3.14 6.61 3.18
N LEU A 102 4.46 6.60 3.08
CA LEU A 102 5.29 5.92 4.07
C LEU A 102 6.25 6.91 4.74
N TYR A 103 7.16 6.38 5.55
CA TYR A 103 8.12 7.23 6.26
C TYR A 103 9.38 6.44 6.64
N LYS A 104 9.65 5.37 5.92
CA LYS A 104 10.83 4.53 6.19
C LYS A 104 11.89 4.68 5.11
N LYS A 105 13.15 4.60 5.52
CA LYS A 105 14.28 4.72 4.59
C LYS A 105 14.22 6.04 3.82
N ASN A 106 15.07 6.16 2.81
CA ASN A 106 15.13 7.36 1.97
C ASN A 106 15.83 8.51 2.70
N PRO A 107 16.99 8.97 2.17
CA PRO A 107 17.75 10.05 2.77
C PRO A 107 17.35 11.44 2.24
N LYS A 108 17.72 11.73 1.00
CA LYS A 108 17.41 13.02 0.39
C LYS A 108 15.98 13.06 -0.14
N LEU A 109 15.38 14.25 -0.13
CA LEU A 109 14.01 14.42 -0.61
C LEU A 109 13.08 13.44 0.10
N LEU A 110 13.04 13.53 1.42
CA LEU A 110 12.21 12.64 2.22
C LEU A 110 10.79 12.59 1.68
N ASN A 111 10.19 13.75 1.48
CA ASN A 111 8.82 13.81 0.98
C ASN A 111 8.69 13.19 -0.40
N GLN A 112 9.31 13.83 -1.38
CA GLN A 112 9.24 13.38 -2.76
C GLN A 112 9.83 11.98 -2.97
N LEU A 113 11.07 11.78 -2.53
CA LEU A 113 11.74 10.49 -2.72
C LEU A 113 11.19 9.38 -1.81
N GLN A 114 11.11 9.62 -0.51
CA GLN A 114 10.62 8.59 0.42
C GLN A 114 9.21 8.12 0.03
N TYR A 115 8.35 9.05 -0.32
CA TYR A 115 6.98 8.71 -0.69
C TYR A 115 6.93 8.01 -2.04
N CYS A 116 7.55 8.61 -3.06
CA CYS A 116 7.57 8.05 -4.40
C CYS A 116 8.22 6.67 -4.41
N GLU A 117 9.41 6.56 -3.82
CA GLU A 117 10.13 5.30 -3.78
C GLU A 117 9.49 4.28 -2.84
N GLU A 118 9.36 4.65 -1.57
CA GLU A 118 8.82 3.76 -0.55
C GLU A 118 7.29 3.57 -0.62
N ALA A 119 6.55 4.68 -0.62
CA ALA A 119 5.09 4.60 -0.63
C ALA A 119 4.52 4.25 -2.01
N GLY A 120 5.11 4.80 -3.07
CA GLY A 120 4.61 4.53 -4.40
C GLY A 120 5.69 4.03 -5.34
N ILE A 121 5.46 4.25 -6.64
CA ILE A 121 6.41 3.86 -7.67
C ILE A 121 5.86 4.10 -9.09
N PRO A 122 4.56 3.80 -9.33
CA PRO A 122 3.95 4.01 -10.66
C PRO A 122 3.73 5.49 -10.94
N LEU A 123 2.84 6.10 -10.17
CA LEU A 123 2.53 7.52 -10.33
C LEU A 123 2.80 8.27 -9.04
N VAL A 124 3.25 9.52 -9.16
CA VAL A 124 3.56 10.32 -7.98
C VAL A 124 3.13 11.79 -8.19
N ALA A 125 2.91 12.49 -7.08
CA ALA A 125 2.50 13.89 -7.15
C ALA A 125 3.12 14.70 -6.02
N ILE A 126 3.54 15.93 -6.34
CA ILE A 126 4.14 16.82 -5.36
C ILE A 126 3.38 18.14 -5.30
N ILE A 127 2.45 18.23 -4.36
CA ILE A 127 1.65 19.44 -4.19
C ILE A 127 2.39 20.51 -3.39
N GLY A 128 2.45 20.32 -2.07
CA GLY A 128 3.11 21.29 -1.23
C GLY A 128 2.45 22.65 -1.30
N GLU A 129 1.75 23.04 -0.23
CA GLU A 129 1.06 24.32 -0.18
C GLU A 129 1.94 25.44 -0.73
N GLN A 130 3.25 25.30 -0.55
CA GLN A 130 4.20 26.30 -1.03
C GLN A 130 4.26 26.32 -2.56
N GLU A 131 4.19 25.15 -3.18
CA GLU A 131 4.24 25.04 -4.61
C GLU A 131 2.90 25.43 -5.21
N LEU A 132 1.85 24.78 -4.74
CA LEU A 132 0.50 25.05 -5.24
C LEU A 132 0.19 26.54 -5.22
N LYS A 133 0.59 27.23 -4.15
CA LYS A 133 0.31 28.65 -4.05
C LYS A 133 1.26 29.53 -4.87
N ASP A 134 2.56 29.48 -4.57
CA ASP A 134 3.53 30.30 -5.30
C ASP A 134 3.91 29.72 -6.65
N GLY A 135 3.83 28.41 -6.77
CA GLY A 135 4.16 27.74 -8.01
C GLY A 135 3.03 26.92 -8.56
N VAL A 136 3.00 25.66 -8.13
CA VAL A 136 1.98 24.69 -8.53
C VAL A 136 2.40 23.27 -8.18
N ILE A 137 1.53 22.32 -8.50
CA ILE A 137 1.79 20.91 -8.21
C ILE A 137 2.50 20.23 -9.38
N LYS A 138 3.29 19.21 -9.06
CA LYS A 138 4.03 18.48 -10.08
C LYS A 138 3.78 16.98 -9.96
N LEU A 139 3.22 16.39 -11.00
CA LEU A 139 2.94 14.96 -11.01
C LEU A 139 4.16 14.17 -11.47
N ARG A 140 4.86 13.57 -10.52
CA ARG A 140 6.05 12.78 -10.83
C ARG A 140 5.69 11.52 -11.59
N SER A 141 6.06 11.46 -12.86
CA SER A 141 5.76 10.31 -13.70
C SER A 141 6.96 9.36 -13.75
N VAL A 142 7.40 8.93 -12.56
CA VAL A 142 8.54 8.03 -12.43
C VAL A 142 8.48 6.89 -13.46
N THR A 143 7.27 6.46 -13.79
CA THR A 143 7.08 5.36 -14.74
C THR A 143 7.26 5.81 -16.19
N SER A 144 6.44 6.76 -16.62
CA SER A 144 6.49 7.24 -18.00
C SER A 144 7.64 8.23 -18.22
N ARG A 145 7.60 9.37 -17.53
CA ARG A 145 8.63 10.39 -17.68
C ARG A 145 9.42 10.57 -16.39
N GLU A 146 8.97 11.48 -15.53
CA GLU A 146 9.63 11.76 -14.27
C GLU A 146 8.89 12.85 -13.49
N GLU A 147 8.67 13.99 -14.14
CA GLU A 147 7.97 15.11 -13.50
C GLU A 147 7.00 15.78 -14.47
N VAL A 148 5.82 16.13 -13.96
CA VAL A 148 4.81 16.80 -14.77
C VAL A 148 4.31 18.06 -14.07
N ASP A 149 3.71 18.97 -14.84
CA ASP A 149 3.18 20.21 -14.29
C ASP A 149 1.66 20.16 -14.17
N VAL A 150 1.16 20.14 -12.94
CA VAL A 150 -0.28 20.07 -12.70
C VAL A 150 -0.69 21.01 -11.57
N ARG A 151 -2.00 21.24 -11.43
CA ARG A 151 -2.51 22.12 -10.39
C ARG A 151 -3.61 21.43 -9.59
N ARG A 152 -3.24 20.34 -8.93
CA ARG A 152 -4.17 19.56 -8.10
C ARG A 152 -5.29 18.90 -8.93
N GLU A 153 -6.00 19.70 -9.71
CA GLU A 153 -7.09 19.20 -10.55
C GLU A 153 -6.54 18.34 -11.68
N ASP A 154 -5.60 18.90 -12.42
CA ASP A 154 -4.99 18.19 -13.53
C ASP A 154 -4.29 16.92 -13.04
N LEU A 155 -3.95 16.89 -11.76
CA LEU A 155 -3.28 15.75 -11.17
C LEU A 155 -4.24 14.59 -10.98
N VAL A 156 -5.37 14.85 -10.33
CA VAL A 156 -6.37 13.83 -10.08
C VAL A 156 -6.89 13.25 -11.41
N GLU A 157 -6.99 14.11 -12.41
CA GLU A 157 -7.46 13.69 -13.72
C GLU A 157 -6.38 12.94 -14.49
N GLU A 158 -5.12 13.28 -14.21
CA GLU A 158 -3.99 12.65 -14.88
C GLU A 158 -3.86 11.18 -14.46
N ILE A 159 -4.03 10.92 -13.16
CA ILE A 159 -3.91 9.55 -12.66
C ILE A 159 -5.18 8.76 -12.99
N LYS A 160 -6.33 9.36 -12.72
CA LYS A 160 -7.61 8.73 -12.99
C LYS A 160 -7.72 8.33 -14.46
N ARG A 161 -7.20 9.17 -15.33
CA ARG A 161 -7.22 8.91 -16.77
C ARG A 161 -6.28 7.76 -17.12
N ARG A 162 -5.03 7.86 -16.68
CA ARG A 162 -4.04 6.83 -16.94
C ARG A 162 -4.48 5.48 -16.36
N THR A 163 -5.20 5.53 -15.25
CA THR A 163 -5.69 4.32 -14.60
C THR A 163 -7.16 4.07 -14.92
N GLY A 164 -7.67 4.75 -15.94
CA GLY A 164 -9.05 4.57 -16.32
C GLY A 164 -9.21 3.80 -17.62
N GLN A 165 -9.69 4.48 -18.66
CA GLN A 165 -9.88 3.86 -19.96
C GLN A 165 -8.72 4.18 -20.90
N PRO A 166 -7.74 3.25 -21.03
CA PRO A 166 -6.58 3.46 -21.90
C PRO A 166 -6.96 3.46 -23.37
N LEU A 167 -6.47 4.47 -24.11
CA LEU A 167 -6.76 4.59 -25.52
C LEU A 167 -5.63 4.00 -26.36
N SER A 168 -5.93 2.91 -27.08
CA SER A 168 -4.93 2.25 -27.92
C SER A 168 -5.61 1.38 -28.97
N ILE A 169 -6.52 0.52 -28.52
CA ILE A 169 -7.24 -0.37 -29.43
C ILE A 169 -8.71 -0.46 -29.05
N SER A 170 -9.58 -0.44 -30.06
CA SER A 170 -11.02 -0.53 -29.84
C SER A 170 -11.45 -1.97 -29.63
N ALA A 1 -0.19 -36.30 48.33
CA ALA A 1 0.52 -37.59 48.14
C ALA A 1 -0.25 -38.51 47.20
N GLU A 2 -0.03 -38.33 45.90
CA GLU A 2 -0.70 -39.14 44.90
C GLU A 2 0.30 -39.69 43.88
N ARG A 3 1.09 -38.80 43.29
CA ARG A 3 2.08 -39.19 42.30
C ARG A 3 3.19 -40.03 42.95
N ALA A 4 3.73 -39.54 44.05
CA ALA A 4 4.79 -40.25 44.76
C ALA A 4 4.31 -41.62 45.23
N ALA A 5 3.13 -41.65 45.84
CA ALA A 5 2.56 -42.90 46.33
C ALA A 5 2.37 -43.90 45.20
N LEU A 6 1.78 -43.45 44.11
CA LEU A 6 1.54 -44.31 42.96
C LEU A 6 2.87 -44.77 42.35
N GLU A 7 3.83 -43.85 42.27
CA GLU A 7 5.14 -44.18 41.73
C GLU A 7 5.75 -45.33 42.52
N GLU A 8 5.60 -45.24 43.83
CA GLU A 8 6.10 -46.28 44.73
C GLU A 8 5.27 -47.54 44.56
N LEU A 9 4.01 -47.37 44.17
CA LEU A 9 3.12 -48.52 43.97
C LEU A 9 3.52 -49.28 42.72
N VAL A 10 4.04 -48.55 41.73
CA VAL A 10 4.47 -49.15 40.48
C VAL A 10 5.73 -49.99 40.73
N LYS A 11 6.73 -49.38 41.34
CA LYS A 11 7.98 -50.07 41.65
C LYS A 11 7.71 -51.36 42.40
N LEU A 12 6.84 -51.27 43.41
CA LEU A 12 6.49 -52.43 44.22
C LEU A 12 5.66 -53.43 43.41
N GLN A 13 4.94 -52.93 42.40
CA GLN A 13 4.12 -53.79 41.55
C GLN A 13 4.97 -54.62 40.61
N GLY A 14 6.02 -54.00 40.06
CA GLY A 14 6.89 -54.71 39.14
C GLY A 14 7.76 -55.74 39.83
N GLU A 15 8.32 -55.37 40.98
CA GLU A 15 9.19 -56.26 41.73
C GLU A 15 8.42 -57.45 42.30
N ARG A 16 7.34 -57.16 43.00
CA ARG A 16 6.52 -58.19 43.61
C ARG A 16 5.91 -59.12 42.56
N VAL A 17 5.20 -58.53 41.61
CA VAL A 17 4.56 -59.30 40.55
C VAL A 17 5.57 -60.16 39.79
N ARG A 18 6.77 -59.64 39.59
CA ARG A 18 7.81 -60.40 38.89
C ARG A 18 8.08 -61.69 39.65
N GLY A 19 8.45 -61.54 40.91
CA GLY A 19 8.70 -62.69 41.75
C GLY A 19 7.40 -63.45 42.03
N LEU A 20 6.28 -62.78 41.78
CA LEU A 20 4.97 -63.37 42.00
C LEU A 20 4.68 -64.44 40.97
N LYS A 21 4.87 -64.10 39.70
CA LYS A 21 4.62 -65.04 38.62
C LYS A 21 5.68 -66.13 38.59
N GLN A 22 6.89 -65.78 39.00
CA GLN A 22 7.98 -66.74 38.97
C GLN A 22 7.96 -67.67 40.18
N GLN A 23 7.95 -67.13 41.40
CA GLN A 23 7.96 -68.01 42.57
C GLN A 23 6.58 -68.43 43.06
N LYS A 24 5.53 -67.68 42.76
CA LYS A 24 4.19 -68.09 43.18
C LYS A 24 3.19 -68.06 42.04
N ALA A 25 3.66 -67.98 40.80
CA ALA A 25 2.75 -67.92 39.65
C ALA A 25 1.60 -66.95 39.93
N SER A 26 0.44 -67.50 40.30
CA SER A 26 -0.73 -66.69 40.62
C SER A 26 -1.20 -65.89 39.40
N ALA A 27 -1.50 -66.60 38.31
CA ALA A 27 -1.97 -65.97 37.08
C ALA A 27 -2.95 -64.83 37.36
N GLU A 28 -3.78 -65.00 38.38
CA GLU A 28 -4.76 -64.00 38.75
C GLU A 28 -4.08 -62.79 39.39
N LEU A 29 -3.09 -63.06 40.24
CA LEU A 29 -2.36 -62.00 40.91
C LEU A 29 -1.40 -61.35 39.93
N ILE A 30 -0.83 -62.15 39.04
CA ILE A 30 0.09 -61.65 38.05
C ILE A 30 -0.63 -60.75 37.07
N GLU A 31 -1.78 -61.21 36.58
CA GLU A 31 -2.56 -60.42 35.64
C GLU A 31 -3.06 -59.15 36.31
N GLU A 32 -3.33 -59.23 37.60
CA GLU A 32 -3.81 -58.09 38.38
C GLU A 32 -2.70 -57.06 38.61
N GLU A 33 -1.57 -57.53 39.13
CA GLU A 33 -0.44 -56.64 39.39
C GLU A 33 0.21 -56.16 38.10
N VAL A 34 0.41 -57.08 37.16
CA VAL A 34 1.01 -56.75 35.89
C VAL A 34 0.21 -55.66 35.18
N ALA A 35 -1.10 -55.90 35.02
CA ALA A 35 -1.98 -54.94 34.37
C ALA A 35 -1.98 -53.62 35.15
N LYS A 36 -2.13 -53.72 36.47
CA LYS A 36 -2.13 -52.54 37.32
C LYS A 36 -0.83 -51.76 37.15
N LEU A 37 0.26 -52.50 36.95
CA LEU A 37 1.57 -51.89 36.76
C LEU A 37 1.59 -51.07 35.47
N LEU A 38 0.92 -51.58 34.44
CA LEU A 38 0.86 -50.89 33.16
C LEU A 38 0.17 -49.54 33.31
N LYS A 39 -1.01 -49.54 33.92
CA LYS A 39 -1.76 -48.32 34.14
C LYS A 39 -1.02 -47.38 35.08
N LEU A 40 -0.38 -47.95 36.10
CA LEU A 40 0.37 -47.18 37.08
C LEU A 40 1.49 -46.38 36.39
N LYS A 41 2.31 -47.08 35.62
CA LYS A 41 3.41 -46.44 34.90
C LYS A 41 2.86 -45.38 33.95
N ALA A 42 1.69 -45.64 33.40
CA ALA A 42 1.04 -44.72 32.48
C ALA A 42 0.43 -43.55 33.25
N GLN A 43 0.10 -43.79 34.52
CA GLN A 43 -0.48 -42.75 35.36
C GLN A 43 0.53 -41.64 35.64
N LEU A 44 1.74 -42.04 36.04
CA LEU A 44 2.80 -41.08 36.34
C LEU A 44 2.97 -40.08 35.21
N GLY A 45 3.39 -40.57 34.05
CA GLY A 45 3.59 -39.70 32.90
C GLY A 45 4.47 -40.34 31.84
N PRO A 46 3.92 -41.26 31.05
CA PRO A 46 4.67 -41.94 29.98
C PRO A 46 4.97 -41.02 28.81
N ASP A 47 6.11 -41.24 28.17
CA ASP A 47 6.52 -40.43 27.01
C ASP A 47 6.69 -38.97 27.40
N GLU A 48 7.90 -38.45 27.20
CA GLU A 48 8.19 -37.06 27.52
C GLU A 48 8.05 -36.16 26.30
N SER A 49 8.33 -36.73 25.13
CA SER A 49 8.24 -35.99 23.88
C SER A 49 6.80 -35.58 23.58
N LYS A 50 5.84 -36.22 24.26
CA LYS A 50 4.43 -35.91 24.07
C LYS A 50 4.15 -34.43 24.28
N GLN A 51 2.87 -34.06 24.30
CA GLN A 51 2.45 -32.67 24.50
C GLN A 51 3.29 -31.71 23.67
N LYS A 52 3.07 -31.72 22.36
CA LYS A 52 3.81 -30.85 21.45
C LYS A 52 3.08 -29.52 21.26
N PHE A 53 3.84 -28.45 21.07
CA PHE A 53 3.28 -27.12 20.86
C PHE A 53 3.28 -26.75 19.38
N VAL A 54 3.16 -27.76 18.52
CA VAL A 54 3.16 -27.54 17.08
C VAL A 54 4.46 -26.91 16.61
N LEU A 55 4.83 -27.19 15.37
CA LEU A 55 6.07 -26.67 14.79
C LEU A 55 5.78 -25.86 13.53
N LYS A 56 4.76 -25.03 13.59
CA LYS A 56 4.38 -24.19 12.45
C LYS A 56 5.34 -23.02 12.29
N THR A 57 5.73 -22.75 11.05
CA THR A 57 6.65 -21.65 10.76
C THR A 57 5.98 -20.60 9.86
N PRO A 58 6.17 -19.32 10.17
CA PRO A 58 5.58 -18.23 9.38
C PRO A 58 6.29 -18.03 8.04
N LYS A 59 5.61 -17.35 7.12
CA LYS A 59 6.17 -17.10 5.80
C LYS A 59 7.35 -16.13 5.88
N ALA A 60 8.46 -16.49 5.23
CA ALA A 60 9.65 -15.66 5.23
C ALA A 60 9.99 -15.16 3.83
N LEU A 61 8.99 -15.13 2.96
CA LEU A 61 9.18 -14.68 1.59
C LEU A 61 9.10 -13.15 1.50
N GLU A 62 9.91 -12.58 0.61
CA GLU A 62 9.93 -11.13 0.43
C GLU A 62 9.93 -10.77 -1.05
N GLU A 63 8.72 -10.72 -1.64
CA GLU A 63 8.58 -10.38 -3.05
C GLU A 63 8.11 -8.94 -3.21
N LYS A 64 8.79 -8.20 -4.08
CA LYS A 64 8.44 -6.80 -4.34
C LYS A 64 7.27 -6.71 -5.30
N ILE A 65 6.14 -6.18 -4.82
CA ILE A 65 4.95 -6.03 -5.64
C ILE A 65 4.74 -4.59 -6.05
N ARG A 66 4.25 -4.39 -7.27
CA ARG A 66 4.01 -3.04 -7.78
C ARG A 66 2.51 -2.76 -7.87
N THR A 67 2.10 -1.61 -7.33
CA THR A 67 0.69 -1.23 -7.34
C THR A 67 -0.16 -2.21 -6.55
N THR A 68 -0.88 -1.70 -5.56
CA THR A 68 -1.73 -2.53 -4.72
C THR A 68 -2.67 -1.68 -3.89
N GLU A 69 -2.14 -1.09 -2.82
CA GLU A 69 -2.94 -0.23 -1.95
C GLU A 69 -2.56 1.23 -2.15
N THR A 70 -1.63 1.48 -3.07
CA THR A 70 -1.19 2.85 -3.35
C THR A 70 -0.62 2.96 -4.77
N GLN A 71 -1.23 3.82 -5.58
CA GLN A 71 -0.78 4.02 -6.95
C GLN A 71 0.18 5.20 -7.05
N VAL A 72 -0.05 6.20 -6.21
CA VAL A 72 0.80 7.38 -6.21
C VAL A 72 0.94 7.97 -4.81
N LEU A 73 1.85 8.92 -4.67
CA LEU A 73 2.07 9.57 -3.37
C LEU A 73 2.32 11.05 -3.54
N VAL A 74 1.75 11.85 -2.64
CA VAL A 74 1.91 13.30 -2.68
C VAL A 74 2.86 13.78 -1.59
N ALA A 75 4.01 14.29 -2.00
CA ALA A 75 5.01 14.79 -1.06
C ALA A 75 5.06 16.31 -1.06
N SER A 76 5.47 16.89 0.06
CA SER A 76 5.56 18.34 0.19
C SER A 76 7.01 18.77 0.40
N ALA A 77 7.28 20.05 0.14
CA ALA A 77 8.63 20.59 0.29
C ALA A 77 8.75 21.41 1.57
N GLN A 78 7.64 22.02 1.98
CA GLN A 78 7.61 22.84 3.19
C GLN A 78 6.35 22.58 4.00
N LYS A 79 6.15 21.31 4.38
CA LYS A 79 4.97 20.93 5.16
C LYS A 79 5.05 21.51 6.57
N LYS A 80 3.90 21.90 7.11
CA LYS A 80 3.83 22.47 8.45
C LYS A 80 2.86 21.69 9.32
N LEU A 81 1.69 21.39 8.76
CA LEU A 81 0.66 20.64 9.49
C LEU A 81 0.38 19.30 8.81
N LEU A 82 -0.40 18.47 9.49
CA LEU A 82 -0.75 17.15 8.96
C LEU A 82 -2.12 17.17 8.30
N GLU A 83 -3.04 17.96 8.87
CA GLU A 83 -4.39 18.07 8.34
C GLU A 83 -4.37 18.51 6.88
N GLU A 84 -3.47 19.43 6.56
CA GLU A 84 -3.35 19.94 5.19
C GLU A 84 -3.05 18.80 4.22
N ARG A 85 -1.99 18.04 4.52
CA ARG A 85 -1.60 16.93 3.67
C ARG A 85 -2.66 15.83 3.69
N LEU A 86 -3.30 15.66 4.83
CA LEU A 86 -4.34 14.65 4.99
C LEU A 86 -5.55 14.97 4.10
N LYS A 87 -5.79 16.26 3.88
CA LYS A 87 -6.90 16.70 3.05
C LYS A 87 -6.60 16.48 1.56
N LEU A 88 -5.41 16.90 1.14
CA LEU A 88 -5.00 16.76 -0.25
C LEU A 88 -4.85 15.28 -0.61
N VAL A 89 -4.22 14.52 0.28
CA VAL A 89 -4.02 13.09 0.04
C VAL A 89 -5.35 12.35 -0.01
N SER A 90 -6.25 12.68 0.91
CA SER A 90 -7.56 12.05 0.97
C SER A 90 -8.31 12.18 -0.36
N GLU A 91 -8.44 13.41 -0.85
CA GLU A 91 -9.13 13.67 -2.10
C GLU A 91 -8.52 12.86 -3.25
N LEU A 92 -7.20 12.97 -3.39
CA LEU A 92 -6.48 12.25 -4.44
C LEU A 92 -6.43 10.76 -4.14
N GLN A 93 -6.61 10.39 -2.89
CA GLN A 93 -6.54 9.00 -2.50
C GLN A 93 -7.84 8.26 -2.84
N ASP A 94 -8.96 8.82 -2.43
CA ASP A 94 -10.26 8.19 -2.67
C ASP A 94 -10.81 8.34 -4.09
N ALA A 95 -10.82 9.55 -4.64
CA ALA A 95 -11.42 9.78 -5.97
C ALA A 95 -10.48 9.55 -7.15
N GLY A 96 -9.20 9.80 -6.97
CA GLY A 96 -8.28 9.66 -8.10
C GLY A 96 -7.36 8.47 -8.06
N ILE A 97 -6.51 8.43 -7.05
CA ILE A 97 -5.50 7.40 -6.93
C ILE A 97 -5.31 6.92 -5.50
N LYS A 98 -4.81 5.70 -5.34
CA LYS A 98 -4.57 5.17 -4.01
C LYS A 98 -3.32 5.84 -3.42
N ALA A 99 -3.53 6.79 -2.52
CA ALA A 99 -2.43 7.51 -1.91
C ALA A 99 -1.92 6.80 -0.65
N GLU A 100 -0.63 6.93 -0.38
CA GLU A 100 -0.02 6.30 0.78
C GLU A 100 0.98 7.25 1.44
N LEU A 101 1.56 6.82 2.56
CA LEU A 101 2.52 7.64 3.29
C LEU A 101 3.51 6.79 4.08
N LEU A 102 4.80 7.13 3.97
CA LEU A 102 5.84 6.39 4.68
C LEU A 102 6.83 7.36 5.32
N TYR A 103 7.98 6.84 5.74
CA TYR A 103 9.00 7.68 6.37
C TYR A 103 10.38 7.03 6.32
N LYS A 104 10.59 6.13 5.36
CA LYS A 104 11.87 5.44 5.22
C LYS A 104 12.93 6.40 4.67
N LYS A 105 13.69 7.01 5.57
CA LYS A 105 14.75 7.95 5.20
C LYS A 105 15.48 7.53 3.92
N ASN A 106 15.88 8.51 3.13
CA ASN A 106 16.59 8.25 1.88
C ASN A 106 17.21 9.54 1.33
N PRO A 107 18.53 9.53 1.06
CA PRO A 107 19.24 10.71 0.54
C PRO A 107 18.60 11.25 -0.74
N LYS A 108 18.98 12.47 -1.10
CA LYS A 108 18.46 13.11 -2.31
C LYS A 108 16.93 13.16 -2.28
N LEU A 109 16.38 14.31 -1.91
CA LEU A 109 14.93 14.48 -1.83
C LEU A 109 14.36 13.56 -0.75
N LEU A 110 14.66 13.88 0.49
CA LEU A 110 14.20 13.09 1.62
C LEU A 110 12.72 12.75 1.48
N ASN A 111 11.91 13.75 1.15
CA ASN A 111 10.47 13.55 1.00
C ASN A 111 10.12 12.92 -0.35
N GLN A 112 10.34 13.67 -1.43
CA GLN A 112 10.01 13.19 -2.78
C GLN A 112 10.57 11.80 -3.04
N LEU A 113 11.78 11.52 -2.55
CA LEU A 113 12.40 10.23 -2.78
C LEU A 113 11.91 9.18 -1.79
N GLN A 114 11.93 9.48 -0.49
CA GLN A 114 11.46 8.53 0.52
C GLN A 114 10.05 8.07 0.20
N TYR A 115 9.19 9.03 -0.12
CA TYR A 115 7.81 8.75 -0.43
C TYR A 115 7.68 8.01 -1.76
N CYS A 116 8.24 8.58 -2.83
CA CYS A 116 8.17 7.99 -4.15
C CYS A 116 8.76 6.60 -4.20
N GLU A 117 9.98 6.44 -3.71
CA GLU A 117 10.66 5.15 -3.74
C GLU A 117 10.05 4.14 -2.76
N GLU A 118 10.03 4.50 -1.48
CA GLU A 118 9.52 3.62 -0.45
C GLU A 118 8.00 3.54 -0.40
N ALA A 119 7.33 4.69 -0.32
CA ALA A 119 5.87 4.73 -0.22
C ALA A 119 5.16 4.43 -1.54
N GLY A 120 5.70 4.93 -2.65
CA GLY A 120 5.06 4.70 -3.93
C GLY A 120 5.99 4.11 -4.96
N ILE A 121 5.65 4.33 -6.23
CA ILE A 121 6.46 3.85 -7.35
C ILE A 121 5.88 4.27 -8.70
N PRO A 122 4.55 4.11 -8.91
CA PRO A 122 3.92 4.50 -10.19
C PRO A 122 3.97 6.00 -10.43
N LEU A 123 3.30 6.77 -9.58
CA LEU A 123 3.28 8.23 -9.72
C LEU A 123 3.47 8.93 -8.38
N VAL A 124 3.90 10.19 -8.43
CA VAL A 124 4.12 10.98 -7.22
C VAL A 124 4.00 12.48 -7.49
N ALA A 125 3.00 13.11 -6.87
CA ALA A 125 2.79 14.54 -7.06
C ALA A 125 3.47 15.37 -5.98
N ILE A 126 3.97 16.53 -6.37
CA ILE A 126 4.65 17.44 -5.45
C ILE A 126 3.84 18.71 -5.22
N ILE A 127 3.27 18.83 -4.03
CA ILE A 127 2.44 19.99 -3.66
C ILE A 127 2.97 20.63 -2.36
N GLY A 128 2.06 21.11 -1.51
CA GLY A 128 2.46 21.74 -0.26
C GLY A 128 1.88 23.13 -0.12
N GLU A 129 2.70 24.10 0.26
CA GLU A 129 2.23 25.48 0.39
C GLU A 129 2.85 26.31 -0.73
N GLN A 130 4.18 26.40 -0.72
CA GLN A 130 4.91 27.11 -1.75
C GLN A 130 4.84 26.33 -3.05
N GLU A 131 4.85 25.00 -2.90
CA GLU A 131 4.79 24.06 -3.99
C GLU A 131 3.39 23.98 -4.54
N LEU A 132 2.40 24.32 -3.72
CA LEU A 132 1.02 24.28 -4.18
C LEU A 132 0.75 25.47 -5.08
N LYS A 133 0.97 26.67 -4.55
CA LYS A 133 0.77 27.89 -5.34
C LYS A 133 1.96 28.21 -6.23
N ASP A 134 3.14 28.39 -5.61
CA ASP A 134 4.37 28.74 -6.33
C ASP A 134 5.02 27.56 -7.04
N GLY A 135 4.74 26.34 -6.59
CA GLY A 135 5.35 25.17 -7.20
C GLY A 135 4.34 24.22 -7.79
N VAL A 136 3.07 24.43 -7.49
CA VAL A 136 1.99 23.59 -8.01
C VAL A 136 2.29 22.11 -7.88
N ILE A 137 1.35 21.28 -8.34
CA ILE A 137 1.50 19.84 -8.22
C ILE A 137 2.21 19.25 -9.41
N LYS A 138 3.41 18.74 -9.16
CA LYS A 138 4.23 18.14 -10.21
C LYS A 138 4.12 16.62 -10.14
N LEU A 139 3.42 16.03 -11.11
CA LEU A 139 3.25 14.58 -11.15
C LEU A 139 4.52 13.89 -11.63
N ARG A 140 5.02 12.97 -10.81
CA ARG A 140 6.23 12.24 -11.14
C ARG A 140 5.87 10.86 -11.70
N SER A 141 6.02 10.71 -13.01
CA SER A 141 5.71 9.45 -13.67
C SER A 141 6.90 8.50 -13.62
N VAL A 142 7.38 8.24 -12.41
CA VAL A 142 8.54 7.37 -12.18
C VAL A 142 8.47 6.09 -13.02
N THR A 143 7.27 5.55 -13.18
CA THR A 143 7.09 4.32 -13.93
C THR A 143 7.11 4.56 -15.44
N SER A 144 6.19 5.38 -15.93
CA SER A 144 6.10 5.66 -17.36
C SER A 144 7.13 6.68 -17.82
N ARG A 145 7.03 7.90 -17.30
CA ARG A 145 7.96 8.97 -17.68
C ARG A 145 8.82 9.42 -16.50
N GLU A 146 8.88 10.72 -16.25
CA GLU A 146 9.68 11.26 -15.16
C GLU A 146 8.85 12.21 -14.30
N GLU A 147 8.54 13.39 -14.84
CA GLU A 147 7.76 14.38 -14.11
C GLU A 147 6.89 15.22 -15.05
N VAL A 148 5.86 15.84 -14.48
CA VAL A 148 4.95 16.69 -15.24
C VAL A 148 4.37 17.79 -14.35
N ASP A 149 3.84 18.84 -14.96
CA ASP A 149 3.29 19.96 -14.21
C ASP A 149 1.75 19.94 -14.21
N VAL A 150 1.17 19.81 -13.03
CA VAL A 150 -0.28 19.79 -12.87
C VAL A 150 -0.71 20.64 -11.68
N ARG A 151 -2.01 20.92 -11.59
CA ARG A 151 -2.55 21.73 -10.50
C ARG A 151 -3.71 21.03 -9.81
N ARG A 152 -3.45 19.82 -9.32
CA ARG A 152 -4.46 19.02 -8.61
C ARG A 152 -5.58 18.56 -9.55
N GLU A 153 -6.20 19.49 -10.27
CA GLU A 153 -7.28 19.15 -11.19
C GLU A 153 -6.77 18.30 -12.33
N ASP A 154 -5.61 18.67 -12.88
CA ASP A 154 -5.01 17.93 -13.98
C ASP A 154 -4.43 16.61 -13.49
N LEU A 155 -4.13 16.54 -12.21
CA LEU A 155 -3.56 15.31 -11.63
C LEU A 155 -4.61 14.21 -11.58
N VAL A 156 -5.76 14.51 -11.00
CA VAL A 156 -6.84 13.54 -10.90
C VAL A 156 -7.38 13.18 -12.28
N GLU A 157 -7.60 14.19 -13.10
CA GLU A 157 -8.11 13.98 -14.45
C GLU A 157 -7.12 13.18 -15.30
N GLU A 158 -5.84 13.32 -14.98
CA GLU A 158 -4.80 12.62 -15.73
C GLU A 158 -4.81 11.12 -15.42
N ILE A 159 -4.88 10.77 -14.14
CA ILE A 159 -4.90 9.37 -13.74
C ILE A 159 -6.26 8.74 -14.01
N LYS A 160 -7.31 9.42 -13.55
CA LYS A 160 -8.67 8.94 -13.73
C LYS A 160 -8.99 8.72 -15.21
N ARG A 161 -8.47 9.61 -16.06
CA ARG A 161 -8.69 9.50 -17.49
C ARG A 161 -7.94 8.30 -18.07
N ARG A 162 -6.66 8.18 -17.70
CA ARG A 162 -5.83 7.08 -18.17
C ARG A 162 -6.43 5.73 -17.76
N THR A 163 -6.67 5.56 -16.46
CA THR A 163 -7.23 4.33 -15.93
C THR A 163 -8.60 4.05 -16.56
N GLY A 164 -9.28 5.10 -17.02
CA GLY A 164 -10.58 4.93 -17.63
C GLY A 164 -10.49 4.32 -19.01
N GLN A 165 -11.61 3.82 -19.50
CA GLN A 165 -11.66 3.20 -20.83
C GLN A 165 -12.82 3.78 -21.66
N PRO A 166 -12.66 3.80 -22.99
CA PRO A 166 -13.70 4.33 -23.89
C PRO A 166 -15.06 3.69 -23.64
N LEU A 167 -15.94 4.42 -22.97
CA LEU A 167 -17.28 3.93 -22.67
C LEU A 167 -18.30 5.07 -22.71
N SER A 168 -18.04 6.05 -23.56
CA SER A 168 -18.94 7.19 -23.70
C SER A 168 -19.82 7.04 -24.93
N ILE A 169 -21.09 7.43 -24.80
CA ILE A 169 -22.04 7.35 -25.90
C ILE A 169 -22.67 8.70 -26.21
N SER A 170 -23.02 8.92 -27.46
CA SER A 170 -23.63 10.17 -27.88
C SER A 170 -24.67 9.94 -28.98
N ALA A 1 -29.11 -38.22 -15.75
CA ALA A 1 -27.91 -39.07 -15.60
C ALA A 1 -27.92 -39.82 -14.28
N GLU A 2 -28.62 -40.95 -14.25
CA GLU A 2 -28.72 -41.78 -13.05
C GLU A 2 -29.71 -41.17 -12.04
N ARG A 3 -29.50 -39.91 -11.70
CA ARG A 3 -30.37 -39.22 -10.74
C ARG A 3 -31.81 -39.23 -11.23
N ALA A 4 -31.99 -39.15 -12.54
CA ALA A 4 -33.34 -39.14 -13.12
C ALA A 4 -34.07 -40.44 -12.79
N ALA A 5 -33.54 -41.55 -13.32
CA ALA A 5 -34.13 -42.86 -13.07
C ALA A 5 -34.11 -43.16 -11.58
N LEU A 6 -33.08 -42.65 -10.90
CA LEU A 6 -32.91 -42.83 -9.48
C LEU A 6 -34.00 -42.08 -8.72
N GLU A 7 -34.35 -40.90 -9.21
CA GLU A 7 -35.39 -40.09 -8.59
C GLU A 7 -36.71 -40.85 -8.60
N GLU A 8 -37.10 -41.32 -9.77
CA GLU A 8 -38.32 -42.09 -9.92
C GLU A 8 -38.22 -43.38 -9.11
N LEU A 9 -37.00 -43.86 -8.91
CA LEU A 9 -36.77 -45.08 -8.14
C LEU A 9 -37.11 -44.85 -6.68
N VAL A 10 -36.78 -43.66 -6.19
CA VAL A 10 -37.05 -43.30 -4.80
C VAL A 10 -38.55 -43.20 -4.55
N LYS A 11 -39.22 -42.39 -5.36
CA LYS A 11 -40.66 -42.19 -5.22
C LYS A 11 -41.38 -43.54 -5.17
N LEU A 12 -41.11 -44.39 -6.16
CA LEU A 12 -41.72 -45.70 -6.21
C LEU A 12 -41.28 -46.56 -5.03
N GLN A 13 -40.09 -46.28 -4.50
CA GLN A 13 -39.58 -47.04 -3.37
C GLN A 13 -40.47 -46.89 -2.15
N GLY A 14 -40.74 -45.63 -1.78
CA GLY A 14 -41.56 -45.36 -0.62
C GLY A 14 -43.01 -45.80 -0.80
N GLU A 15 -43.55 -45.59 -2.00
CA GLU A 15 -44.94 -45.96 -2.28
C GLU A 15 -45.13 -47.48 -2.26
N ARG A 16 -44.18 -48.20 -2.84
CA ARG A 16 -44.27 -49.66 -2.88
C ARG A 16 -44.22 -50.26 -1.49
N VAL A 17 -43.16 -49.93 -0.75
CA VAL A 17 -42.97 -50.43 0.61
C VAL A 17 -44.20 -50.16 1.47
N ARG A 18 -44.75 -48.95 1.38
CA ARG A 18 -45.92 -48.59 2.15
C ARG A 18 -47.09 -49.51 1.80
N GLY A 19 -47.26 -49.79 0.52
CA GLY A 19 -48.34 -50.64 0.06
C GLY A 19 -48.32 -52.01 0.72
N LEU A 20 -47.20 -52.73 0.58
CA LEU A 20 -47.08 -54.06 1.17
C LEU A 20 -46.89 -53.98 2.67
N LYS A 21 -46.26 -52.90 3.12
CA LYS A 21 -46.03 -52.70 4.54
C LYS A 21 -47.31 -52.88 5.33
N GLN A 22 -48.35 -52.19 4.90
CA GLN A 22 -49.62 -52.26 5.58
C GLN A 22 -50.43 -53.49 5.19
N GLN A 23 -50.61 -53.72 3.88
CA GLN A 23 -51.43 -54.84 3.44
C GLN A 23 -50.69 -56.18 3.32
N LYS A 24 -49.37 -56.20 3.21
CA LYS A 24 -48.66 -57.47 3.13
C LYS A 24 -47.54 -57.64 4.15
N ALA A 25 -47.50 -56.79 5.17
CA ALA A 25 -46.47 -56.91 6.21
C ALA A 25 -45.09 -57.16 5.59
N SER A 26 -44.36 -58.13 6.13
CA SER A 26 -43.05 -58.49 5.62
C SER A 26 -41.99 -57.48 6.00
N ALA A 27 -41.62 -57.47 7.28
CA ALA A 27 -40.59 -56.55 7.78
C ALA A 27 -39.33 -56.62 6.91
N GLU A 28 -39.14 -57.77 6.26
CA GLU A 28 -37.97 -57.98 5.40
C GLU A 28 -38.09 -57.15 4.12
N LEU A 29 -39.28 -57.18 3.51
CA LEU A 29 -39.51 -56.43 2.28
C LEU A 29 -39.68 -54.95 2.62
N ILE A 30 -40.34 -54.71 3.73
CA ILE A 30 -40.60 -53.36 4.19
C ILE A 30 -39.30 -52.67 4.61
N GLU A 31 -38.54 -53.34 5.49
CA GLU A 31 -37.28 -52.79 5.97
C GLU A 31 -36.27 -52.63 4.83
N GLU A 32 -36.29 -53.58 3.89
CA GLU A 32 -35.38 -53.55 2.76
C GLU A 32 -35.77 -52.46 1.76
N GLU A 33 -37.06 -52.31 1.51
CA GLU A 33 -37.55 -51.31 0.59
C GLU A 33 -37.42 -49.90 1.16
N VAL A 34 -37.80 -49.74 2.43
CA VAL A 34 -37.71 -48.44 3.08
C VAL A 34 -36.27 -47.95 3.10
N ALA A 35 -35.35 -48.80 3.54
CA ALA A 35 -33.94 -48.43 3.59
C ALA A 35 -33.42 -48.06 2.21
N LYS A 36 -33.83 -48.85 1.21
CA LYS A 36 -33.41 -48.62 -0.16
C LYS A 36 -33.77 -47.20 -0.61
N LEU A 37 -34.96 -46.73 -0.19
CA LEU A 37 -35.41 -45.40 -0.56
C LEU A 37 -34.63 -44.33 0.22
N LEU A 38 -34.25 -44.65 1.45
CA LEU A 38 -33.49 -43.72 2.27
C LEU A 38 -32.21 -43.31 1.57
N LYS A 39 -31.44 -44.31 1.14
CA LYS A 39 -30.19 -44.05 0.44
C LYS A 39 -30.47 -43.43 -0.93
N LEU A 40 -31.55 -43.88 -1.56
CA LEU A 40 -31.94 -43.37 -2.87
C LEU A 40 -32.17 -41.85 -2.81
N LYS A 41 -33.00 -41.43 -1.87
CA LYS A 41 -33.28 -40.01 -1.71
C LYS A 41 -32.02 -39.23 -1.33
N ALA A 42 -31.15 -39.88 -0.57
CA ALA A 42 -29.91 -39.27 -0.15
C ALA A 42 -29.03 -38.95 -1.35
N GLN A 43 -29.13 -39.79 -2.38
CA GLN A 43 -28.34 -39.60 -3.60
C GLN A 43 -28.90 -38.43 -4.41
N LEU A 44 -30.22 -38.41 -4.59
CA LEU A 44 -30.88 -37.35 -5.35
C LEU A 44 -30.34 -35.97 -4.97
N GLY A 45 -30.10 -35.78 -3.68
CA GLY A 45 -29.60 -34.51 -3.19
C GLY A 45 -28.11 -34.53 -2.90
N PRO A 46 -27.72 -34.81 -1.64
CA PRO A 46 -26.31 -34.86 -1.25
C PRO A 46 -25.56 -36.01 -1.92
N ASP A 47 -24.29 -35.76 -2.24
CA ASP A 47 -23.46 -36.78 -2.88
C ASP A 47 -22.50 -37.41 -1.88
N GLU A 48 -22.46 -38.74 -1.85
CA GLU A 48 -21.58 -39.47 -0.94
C GLU A 48 -20.68 -40.43 -1.71
N SER A 49 -21.30 -41.40 -2.37
CA SER A 49 -20.56 -42.39 -3.14
C SER A 49 -19.83 -41.74 -4.31
N LYS A 50 -20.59 -41.31 -5.30
CA LYS A 50 -20.02 -40.67 -6.48
C LYS A 50 -19.35 -39.34 -6.11
N GLN A 51 -18.07 -39.21 -6.46
CA GLN A 51 -17.32 -37.99 -6.16
C GLN A 51 -17.28 -37.73 -4.67
N LYS A 52 -16.57 -36.68 -4.27
CA LYS A 52 -16.44 -36.31 -2.86
C LYS A 52 -16.55 -34.81 -2.68
N PHE A 53 -15.57 -34.09 -3.24
CA PHE A 53 -15.55 -32.63 -3.14
C PHE A 53 -15.02 -32.01 -4.43
N VAL A 54 -15.89 -31.29 -5.14
CA VAL A 54 -15.50 -30.64 -6.38
C VAL A 54 -14.38 -29.65 -6.16
N LEU A 55 -13.40 -29.64 -7.07
CA LEU A 55 -12.26 -28.73 -6.98
C LEU A 55 -12.44 -27.54 -7.91
N LYS A 56 -12.18 -26.35 -7.39
CA LYS A 56 -12.31 -25.13 -8.18
C LYS A 56 -10.98 -24.78 -8.86
N THR A 57 -11.03 -24.57 -10.17
CA THR A 57 -9.84 -24.23 -10.93
C THR A 57 -9.41 -22.79 -10.66
N PRO A 58 -8.14 -22.46 -10.96
CA PRO A 58 -7.61 -21.11 -10.74
C PRO A 58 -8.49 -20.02 -11.37
N LYS A 59 -8.56 -18.87 -10.72
CA LYS A 59 -9.36 -17.76 -11.20
C LYS A 59 -8.54 -16.85 -12.12
N ALA A 60 -9.16 -15.78 -12.60
CA ALA A 60 -8.49 -14.83 -13.47
C ALA A 60 -8.07 -13.57 -12.71
N LEU A 61 -7.92 -13.69 -11.40
CA LEU A 61 -7.52 -12.57 -10.57
C LEU A 61 -6.01 -12.51 -10.41
N GLU A 62 -5.36 -11.71 -11.25
CA GLU A 62 -3.91 -11.57 -11.20
C GLU A 62 -3.48 -10.79 -9.95
N GLU A 63 -2.19 -10.86 -9.64
CA GLU A 63 -1.65 -10.17 -8.48
C GLU A 63 -0.32 -9.51 -8.81
N LYS A 64 -0.37 -8.32 -9.38
CA LYS A 64 0.84 -7.59 -9.75
C LYS A 64 1.53 -7.03 -8.51
N ILE A 65 2.75 -6.54 -8.69
CA ILE A 65 3.53 -5.98 -7.60
C ILE A 65 3.63 -4.46 -7.69
N ARG A 66 4.34 -3.86 -6.75
CA ARG A 66 4.51 -2.40 -6.73
C ARG A 66 3.19 -1.70 -6.42
N THR A 67 2.26 -1.72 -7.36
CA THR A 67 0.96 -1.09 -7.18
C THR A 67 -0.04 -2.08 -6.59
N THR A 68 -0.99 -1.57 -5.80
CA THR A 68 -1.99 -2.42 -5.18
C THR A 68 -2.85 -1.63 -4.21
N GLU A 69 -2.32 -1.39 -3.01
CA GLU A 69 -3.03 -0.63 -2.00
C GLU A 69 -2.76 0.87 -2.16
N THR A 70 -2.02 1.23 -3.20
CA THR A 70 -1.69 2.63 -3.45
C THR A 70 -1.08 2.82 -4.83
N GLN A 71 -1.77 3.62 -5.65
CA GLN A 71 -1.30 3.92 -7.00
C GLN A 71 -0.54 5.24 -7.05
N VAL A 72 -0.52 5.97 -5.93
CA VAL A 72 0.15 7.26 -5.89
C VAL A 72 0.71 7.59 -4.51
N LEU A 73 1.66 8.50 -4.48
CA LEU A 73 2.29 8.95 -3.23
C LEU A 73 2.12 10.44 -3.05
N VAL A 74 1.60 10.85 -1.90
CA VAL A 74 1.37 12.27 -1.62
C VAL A 74 2.67 12.98 -1.26
N ALA A 75 2.94 14.08 -1.96
CA ALA A 75 4.16 14.85 -1.72
C ALA A 75 3.83 16.33 -1.50
N SER A 76 4.36 16.90 -0.43
CA SER A 76 4.12 18.30 -0.10
C SER A 76 5.40 18.95 0.44
N ALA A 77 5.41 20.27 0.50
CA ALA A 77 6.56 21.01 1.00
C ALA A 77 6.16 22.39 1.52
N GLN A 78 6.84 22.83 2.56
CA GLN A 78 6.57 24.15 3.16
C GLN A 78 5.15 24.20 3.72
N LYS A 79 4.99 24.94 4.81
CA LYS A 79 3.68 25.10 5.45
C LYS A 79 3.12 23.75 5.88
N LYS A 80 3.21 23.47 7.18
CA LYS A 80 2.70 22.21 7.72
C LYS A 80 3.30 21.01 7.00
N LEU A 81 2.99 19.81 7.49
CA LEU A 81 3.50 18.58 6.89
C LEU A 81 2.72 17.38 7.39
N LEU A 82 1.43 17.58 7.68
CA LEU A 82 0.56 16.52 8.15
C LEU A 82 -0.90 16.86 7.93
N GLU A 83 -1.34 17.97 8.51
CA GLU A 83 -2.72 18.41 8.37
C GLU A 83 -3.07 18.68 6.90
N GLU A 84 -2.40 19.68 6.33
CA GLU A 84 -2.63 20.04 4.92
C GLU A 84 -2.41 18.83 4.01
N ARG A 85 -1.40 18.03 4.35
CA ARG A 85 -1.07 16.85 3.56
C ARG A 85 -2.24 15.85 3.59
N LEU A 86 -2.71 15.53 4.79
CA LEU A 86 -3.82 14.59 4.95
C LEU A 86 -5.00 14.98 4.08
N LYS A 87 -5.34 16.27 4.09
CA LYS A 87 -6.45 16.76 3.28
C LYS A 87 -6.24 16.44 1.81
N LEU A 88 -5.07 16.84 1.29
CA LEU A 88 -4.73 16.59 -0.10
C LEU A 88 -4.77 15.10 -0.39
N VAL A 89 -4.24 14.31 0.54
CA VAL A 89 -4.22 12.87 0.39
C VAL A 89 -5.63 12.32 0.24
N SER A 90 -6.53 12.77 1.12
CA SER A 90 -7.91 12.32 1.10
C SER A 90 -8.54 12.51 -0.29
N GLU A 91 -8.44 13.72 -0.82
CA GLU A 91 -9.00 14.02 -2.14
C GLU A 91 -8.32 13.19 -3.22
N LEU A 92 -6.99 13.22 -3.25
CA LEU A 92 -6.22 12.48 -4.23
C LEU A 92 -6.30 10.98 -3.99
N GLN A 93 -6.81 10.59 -2.82
CA GLN A 93 -6.91 9.18 -2.51
C GLN A 93 -8.24 8.58 -2.96
N ASP A 94 -9.34 9.23 -2.61
CA ASP A 94 -10.66 8.74 -2.97
C ASP A 94 -11.06 8.99 -4.43
N ALA A 95 -10.89 10.22 -4.91
CA ALA A 95 -11.31 10.56 -6.28
C ALA A 95 -10.28 10.27 -7.35
N GLY A 96 -9.00 10.35 -7.01
CA GLY A 96 -7.98 10.16 -8.01
C GLY A 96 -7.20 8.86 -7.94
N ILE A 97 -6.48 8.67 -6.84
CA ILE A 97 -5.61 7.52 -6.70
C ILE A 97 -5.47 7.06 -5.26
N LYS A 98 -5.15 5.79 -5.05
CA LYS A 98 -4.95 5.29 -3.70
C LYS A 98 -3.65 5.84 -3.15
N ALA A 99 -3.75 6.83 -2.28
CA ALA A 99 -2.57 7.46 -1.68
C ALA A 99 -2.10 6.74 -0.42
N GLU A 100 -0.79 6.65 -0.28
CA GLU A 100 -0.18 6.00 0.88
C GLU A 100 1.22 6.55 1.14
N LEU A 101 1.50 6.93 2.37
CA LEU A 101 2.80 7.48 2.73
C LEU A 101 3.66 6.43 3.42
N LEU A 102 4.92 6.31 2.99
CA LEU A 102 5.85 5.35 3.56
C LEU A 102 7.23 5.98 3.74
N TYR A 103 8.16 5.20 4.28
CA TYR A 103 9.53 5.66 4.50
C TYR A 103 9.55 6.97 5.29
N LYS A 104 8.49 7.21 6.05
CA LYS A 104 8.39 8.43 6.85
C LYS A 104 9.10 8.25 8.20
N LYS A 105 9.67 9.33 8.72
CA LYS A 105 10.37 9.28 9.99
C LYS A 105 10.27 10.62 10.73
N ASN A 106 10.56 11.70 10.01
CA ASN A 106 10.51 13.04 10.60
C ASN A 106 10.74 14.12 9.54
N PRO A 107 11.93 14.13 8.91
CA PRO A 107 12.26 15.12 7.88
C PRO A 107 11.24 15.14 6.74
N LYS A 108 11.09 16.29 6.11
CA LYS A 108 10.15 16.44 5.00
C LYS A 108 10.85 16.23 3.66
N LEU A 109 10.11 15.68 2.70
CA LEU A 109 10.64 15.41 1.35
C LEU A 109 11.32 14.04 1.28
N LEU A 110 11.84 13.58 2.41
CA LEU A 110 12.53 12.29 2.46
C LEU A 110 11.51 11.15 2.43
N ASN A 111 10.37 11.35 3.08
CA ASN A 111 9.33 10.33 3.14
C ASN A 111 8.81 9.99 1.73
N GLN A 112 8.51 11.02 0.95
CA GLN A 112 7.99 10.82 -0.40
C GLN A 112 9.09 10.40 -1.37
N LEU A 113 10.30 10.92 -1.18
CA LEU A 113 11.41 10.59 -2.05
C LEU A 113 11.98 9.21 -1.74
N GLN A 114 11.91 8.83 -0.47
CA GLN A 114 12.41 7.52 -0.04
C GLN A 114 11.48 6.40 -0.49
N TYR A 115 10.17 6.59 -0.26
CA TYR A 115 9.18 5.61 -0.64
C TYR A 115 9.07 5.48 -2.15
N CYS A 116 9.15 6.61 -2.84
CA CYS A 116 9.05 6.61 -4.31
C CYS A 116 10.33 6.04 -4.93
N GLU A 117 11.46 6.23 -4.25
CA GLU A 117 12.74 5.74 -4.76
C GLU A 117 12.76 4.21 -4.77
N GLU A 118 12.55 3.61 -3.59
CA GLU A 118 12.55 2.16 -3.49
C GLU A 118 11.24 1.59 -4.04
N ALA A 119 10.13 2.09 -3.52
CA ALA A 119 8.80 1.66 -3.96
C ALA A 119 8.37 2.39 -5.24
N GLY A 120 9.31 2.63 -6.15
CA GLY A 120 8.99 3.31 -7.39
C GLY A 120 7.82 2.69 -8.13
N ILE A 121 6.72 3.43 -8.24
CA ILE A 121 5.53 2.94 -8.95
C ILE A 121 4.32 3.87 -8.78
N PRO A 122 4.14 4.52 -7.61
CA PRO A 122 3.01 5.40 -7.38
C PRO A 122 3.31 6.82 -7.85
N LEU A 123 2.42 7.38 -8.67
CA LEU A 123 2.61 8.73 -9.18
C LEU A 123 2.67 9.72 -8.02
N VAL A 124 3.81 10.39 -7.86
CA VAL A 124 3.98 11.35 -6.78
C VAL A 124 3.44 12.73 -7.17
N ALA A 125 2.68 13.34 -6.28
CA ALA A 125 2.11 14.66 -6.53
C ALA A 125 2.69 15.71 -5.60
N ILE A 126 3.34 16.72 -6.19
CA ILE A 126 3.95 17.79 -5.42
C ILE A 126 3.02 19.01 -5.36
N ILE A 127 2.12 19.01 -4.38
CA ILE A 127 1.17 20.10 -4.22
C ILE A 127 1.57 21.02 -3.06
N GLY A 128 1.48 20.49 -1.84
CA GLY A 128 1.83 21.27 -0.67
C GLY A 128 0.86 22.40 -0.44
N GLU A 129 1.21 23.58 -0.93
CA GLU A 129 0.36 24.76 -0.78
C GLU A 129 1.04 25.98 -1.41
N GLN A 130 2.33 26.11 -1.16
CA GLN A 130 3.11 27.22 -1.70
C GLN A 130 3.23 27.12 -3.21
N GLU A 131 3.30 25.89 -3.72
CA GLU A 131 3.42 25.67 -5.14
C GLU A 131 2.08 25.90 -5.81
N LEU A 132 1.05 25.24 -5.30
CA LEU A 132 -0.28 25.37 -5.89
C LEU A 132 -0.68 26.83 -6.04
N LYS A 133 -0.39 27.64 -5.03
CA LYS A 133 -0.75 29.05 -5.10
C LYS A 133 0.23 29.89 -5.93
N ASP A 134 1.51 29.93 -5.53
CA ASP A 134 2.50 30.73 -6.25
C ASP A 134 3.02 30.05 -7.51
N GLY A 135 3.00 28.72 -7.50
CA GLY A 135 3.48 27.97 -8.64
C GLY A 135 2.44 27.05 -9.23
N VAL A 136 2.40 25.84 -8.68
CA VAL A 136 1.46 24.80 -9.09
C VAL A 136 1.91 23.41 -8.62
N ILE A 137 1.12 22.40 -8.97
CA ILE A 137 1.43 21.03 -8.58
C ILE A 137 2.29 20.35 -9.65
N LYS A 138 3.09 19.39 -9.20
CA LYS A 138 3.97 18.66 -10.12
C LYS A 138 3.84 17.16 -9.89
N LEU A 139 3.26 16.46 -10.86
CA LEU A 139 3.09 15.02 -10.76
C LEU A 139 4.33 14.30 -11.28
N ARG A 140 4.62 13.14 -10.70
CA ARG A 140 5.77 12.36 -11.10
C ARG A 140 5.38 10.93 -11.46
N SER A 141 5.79 10.49 -12.64
CA SER A 141 5.50 9.14 -13.10
C SER A 141 6.76 8.28 -13.09
N VAL A 142 7.20 7.93 -11.88
CA VAL A 142 8.41 7.13 -11.68
C VAL A 142 8.48 5.95 -12.65
N THR A 143 7.35 5.29 -12.87
CA THR A 143 7.30 4.14 -13.74
C THR A 143 7.30 4.49 -15.23
N SER A 144 6.37 5.36 -15.64
CA SER A 144 6.26 5.73 -17.06
C SER A 144 7.30 6.76 -17.47
N ARG A 145 7.24 7.96 -16.90
CA ARG A 145 8.17 9.03 -17.23
C ARG A 145 9.05 9.41 -16.04
N GLU A 146 8.65 10.44 -15.31
CA GLU A 146 9.40 10.91 -14.16
C GLU A 146 8.69 12.07 -13.47
N GLU A 147 8.67 13.22 -14.15
CA GLU A 147 8.02 14.41 -13.59
C GLU A 147 7.14 15.12 -14.63
N VAL A 148 6.22 15.94 -14.13
CA VAL A 148 5.31 16.69 -14.99
C VAL A 148 4.61 17.79 -14.19
N ASP A 149 4.09 18.80 -14.89
CA ASP A 149 3.41 19.91 -14.23
C ASP A 149 1.88 19.81 -14.34
N VAL A 150 1.22 19.88 -13.20
CA VAL A 150 -0.23 19.80 -13.14
C VAL A 150 -0.79 20.85 -12.16
N ARG A 151 -2.10 21.11 -12.26
CA ARG A 151 -2.73 22.09 -11.37
C ARG A 151 -3.86 21.43 -10.57
N ARG A 152 -3.52 20.39 -9.82
CA ARG A 152 -4.49 19.67 -8.98
C ARG A 152 -5.53 18.93 -9.83
N GLU A 153 -6.20 19.66 -10.72
CA GLU A 153 -7.22 19.07 -11.58
C GLU A 153 -6.58 18.21 -12.66
N ASP A 154 -5.60 18.77 -13.35
CA ASP A 154 -4.90 18.06 -14.42
C ASP A 154 -4.28 16.77 -13.88
N LEU A 155 -4.05 16.73 -12.57
CA LEU A 155 -3.47 15.56 -11.93
C LEU A 155 -4.52 14.48 -11.69
N VAL A 156 -5.62 14.86 -11.06
CA VAL A 156 -6.70 13.91 -10.78
C VAL A 156 -7.28 13.34 -12.08
N GLU A 157 -7.34 14.18 -13.11
CA GLU A 157 -7.88 13.77 -14.40
C GLU A 157 -6.86 12.92 -15.16
N GLU A 158 -5.58 13.30 -15.07
CA GLU A 158 -4.52 12.59 -15.76
C GLU A 158 -4.49 11.12 -15.35
N ILE A 159 -4.61 10.86 -14.06
CA ILE A 159 -4.58 9.49 -13.55
C ILE A 159 -5.91 8.78 -13.81
N LYS A 160 -7.00 9.44 -13.45
CA LYS A 160 -8.33 8.88 -13.63
C LYS A 160 -8.59 8.52 -15.09
N ARG A 161 -8.24 9.43 -16.00
CA ARG A 161 -8.45 9.20 -17.42
C ARG A 161 -7.49 8.13 -17.95
N ARG A 162 -6.24 8.21 -17.54
CA ARG A 162 -5.23 7.25 -17.97
C ARG A 162 -5.62 5.83 -17.57
N THR A 163 -5.81 5.63 -16.27
CA THR A 163 -6.19 4.31 -15.75
C THR A 163 -7.60 3.94 -16.20
N GLY A 164 -8.43 4.95 -16.44
CA GLY A 164 -9.79 4.70 -16.88
C GLY A 164 -9.87 4.22 -18.31
N GLN A 165 -10.59 3.12 -18.53
CA GLN A 165 -10.75 2.57 -19.88
C GLN A 165 -9.40 2.14 -20.44
N PRO A 166 -9.40 1.10 -21.30
CA PRO A 166 -8.16 0.59 -21.92
C PRO A 166 -7.60 1.55 -22.95
N LEU A 167 -6.48 2.19 -22.61
CA LEU A 167 -5.84 3.14 -23.52
C LEU A 167 -4.37 3.32 -23.16
N SER A 168 -4.10 3.49 -21.87
CA SER A 168 -2.73 3.68 -21.39
C SER A 168 -1.96 2.36 -21.46
N ILE A 169 -0.71 2.44 -21.91
CA ILE A 169 0.14 1.26 -22.02
C ILE A 169 1.62 1.65 -22.07
N SER A 170 2.39 1.18 -21.10
CA SER A 170 3.81 1.47 -21.03
C SER A 170 4.56 0.39 -20.27
N ALA A 1 -4.13 -25.66 37.96
CA ALA A 1 -3.00 -25.52 37.02
C ALA A 1 -2.67 -26.86 36.36
N GLU A 2 -2.23 -26.81 35.11
CA GLU A 2 -1.89 -28.02 34.37
C GLU A 2 -0.38 -28.18 34.27
N ARG A 3 0.30 -27.16 33.78
CA ARG A 3 1.75 -27.19 33.64
C ARG A 3 2.42 -27.46 34.98
N ALA A 4 1.82 -26.98 36.06
CA ALA A 4 2.38 -27.19 37.39
C ALA A 4 2.54 -28.69 37.69
N ALA A 5 1.42 -29.40 37.76
CA ALA A 5 1.45 -30.84 38.02
C ALA A 5 2.10 -31.59 36.87
N LEU A 6 1.74 -31.19 35.64
CA LEU A 6 2.29 -31.81 34.45
C LEU A 6 3.82 -31.76 34.47
N GLU A 7 4.36 -30.58 34.73
CA GLU A 7 5.81 -30.42 34.80
C GLU A 7 6.39 -31.35 35.85
N GLU A 8 5.73 -31.40 37.01
CA GLU A 8 6.17 -32.28 38.09
C GLU A 8 6.05 -33.73 37.65
N LEU A 9 5.11 -33.99 36.74
CA LEU A 9 4.90 -35.34 36.24
C LEU A 9 6.08 -35.78 35.37
N VAL A 10 6.67 -34.82 34.67
CA VAL A 10 7.81 -35.09 33.82
C VAL A 10 9.04 -35.41 34.65
N LYS A 11 9.33 -34.54 35.62
CA LYS A 11 10.48 -34.73 36.49
C LYS A 11 10.45 -36.13 37.11
N LEU A 12 9.34 -36.45 37.75
CA LEU A 12 9.18 -37.76 38.37
C LEU A 12 9.21 -38.85 37.30
N GLN A 13 8.78 -38.50 36.09
CA GLN A 13 8.78 -39.44 34.98
C GLN A 13 10.20 -39.79 34.58
N GLY A 14 11.05 -38.77 34.51
CA GLY A 14 12.45 -38.99 34.15
C GLY A 14 13.15 -39.88 35.15
N GLU A 15 12.88 -39.66 36.43
CA GLU A 15 13.49 -40.45 37.49
C GLU A 15 13.13 -41.92 37.32
N ARG A 16 11.85 -42.18 37.05
CA ARG A 16 11.37 -43.54 36.87
C ARG A 16 12.03 -44.19 35.66
N VAL A 17 11.95 -43.51 34.51
CA VAL A 17 12.53 -44.01 33.28
C VAL A 17 14.01 -44.32 33.46
N ARG A 18 14.75 -43.38 34.02
CA ARG A 18 16.18 -43.59 34.24
C ARG A 18 16.40 -44.84 35.09
N GLY A 19 15.50 -45.06 36.04
CA GLY A 19 15.60 -46.21 36.91
C GLY A 19 15.57 -47.53 36.16
N LEU A 20 14.51 -47.75 35.38
CA LEU A 20 14.38 -49.01 34.63
C LEU A 20 15.19 -48.97 33.35
N LYS A 21 15.13 -47.85 32.64
CA LYS A 21 15.86 -47.68 31.40
C LYS A 21 17.29 -48.17 31.55
N GLN A 22 17.94 -47.67 32.58
CA GLN A 22 19.32 -48.04 32.85
C GLN A 22 19.46 -49.36 33.58
N GLN A 23 18.74 -49.53 34.71
CA GLN A 23 18.93 -50.74 35.51
C GLN A 23 18.11 -51.99 35.12
N LYS A 24 16.99 -51.92 34.41
CA LYS A 24 16.31 -53.19 34.08
C LYS A 24 15.97 -53.39 32.60
N ALA A 25 16.45 -52.53 31.72
CA ALA A 25 16.23 -52.72 30.28
C ALA A 25 14.80 -53.20 29.94
N SER A 26 13.83 -52.91 30.81
CA SER A 26 12.46 -53.38 30.60
C SER A 26 12.03 -53.27 29.14
N ALA A 27 12.27 -52.10 28.56
CA ALA A 27 11.91 -51.82 27.18
C ALA A 27 10.44 -51.46 27.06
N GLU A 28 9.58 -52.28 27.63
CA GLU A 28 8.15 -52.02 27.60
C GLU A 28 7.83 -50.72 28.31
N LEU A 29 8.30 -50.59 29.55
CA LEU A 29 8.08 -49.38 30.33
C LEU A 29 9.08 -48.30 29.92
N ILE A 30 10.26 -48.72 29.51
CA ILE A 30 11.30 -47.78 29.08
C ILE A 30 10.83 -47.02 27.85
N GLU A 31 10.28 -47.75 26.87
CA GLU A 31 9.80 -47.15 25.63
C GLU A 31 8.49 -46.39 25.87
N GLU A 32 7.59 -46.98 26.64
CA GLU A 32 6.31 -46.35 26.93
C GLU A 32 6.50 -45.10 27.78
N GLU A 33 7.45 -45.15 28.71
CA GLU A 33 7.72 -44.03 29.59
C GLU A 33 8.46 -42.92 28.86
N VAL A 34 9.47 -43.28 28.06
CA VAL A 34 10.24 -42.29 27.32
C VAL A 34 9.32 -41.48 26.41
N ALA A 35 8.38 -42.15 25.77
CA ALA A 35 7.43 -41.50 24.88
C ALA A 35 6.51 -40.57 25.67
N LYS A 36 5.96 -41.07 26.76
CA LYS A 36 5.08 -40.27 27.61
C LYS A 36 5.79 -39.03 28.10
N LEU A 37 7.10 -39.15 28.31
CA LEU A 37 7.91 -38.04 28.78
C LEU A 37 8.02 -36.96 27.69
N LEU A 38 8.25 -37.41 26.46
CA LEU A 38 8.38 -36.49 25.33
C LEU A 38 7.13 -35.63 25.20
N LYS A 39 5.97 -36.26 25.35
CA LYS A 39 4.69 -35.55 25.26
C LYS A 39 4.52 -34.63 26.47
N LEU A 40 4.97 -35.08 27.63
CA LEU A 40 4.87 -34.30 28.86
C LEU A 40 5.71 -33.03 28.77
N LYS A 41 6.99 -33.20 28.43
CA LYS A 41 7.90 -32.06 28.32
C LYS A 41 7.44 -31.10 27.24
N ALA A 42 6.85 -31.64 26.17
CA ALA A 42 6.37 -30.82 25.07
C ALA A 42 5.07 -30.10 25.44
N GLN A 43 4.33 -30.67 26.38
CA GLN A 43 3.06 -30.11 26.82
C GLN A 43 3.29 -28.84 27.66
N LEU A 44 4.12 -28.97 28.69
CA LEU A 44 4.40 -27.84 29.57
C LEU A 44 5.08 -26.70 28.80
N GLY A 45 5.64 -27.03 27.64
CA GLY A 45 6.31 -26.01 26.83
C GLY A 45 5.47 -25.58 25.65
N PRO A 46 4.61 -24.57 25.81
CA PRO A 46 3.75 -24.07 24.73
C PRO A 46 4.54 -23.38 23.63
N ASP A 47 5.81 -23.06 23.92
CA ASP A 47 6.67 -22.39 22.95
C ASP A 47 6.13 -21.00 22.62
N GLU A 48 6.99 -19.99 22.79
CA GLU A 48 6.61 -18.61 22.52
C GLU A 48 7.31 -18.09 21.27
N SER A 49 8.53 -18.56 21.04
CA SER A 49 9.31 -18.14 19.89
C SER A 49 8.70 -18.68 18.59
N LYS A 50 8.09 -19.86 18.68
CA LYS A 50 7.46 -20.48 17.53
C LYS A 50 6.29 -19.65 17.02
N GLN A 51 5.76 -20.01 15.87
CA GLN A 51 4.63 -19.29 15.27
C GLN A 51 3.34 -19.59 16.05
N LYS A 52 2.39 -18.67 15.97
CA LYS A 52 1.12 -18.82 16.65
C LYS A 52 0.06 -19.42 15.72
N PHE A 53 -1.14 -19.59 16.24
CA PHE A 53 -2.24 -20.15 15.45
C PHE A 53 -3.42 -19.18 15.41
N VAL A 54 -3.16 -17.96 14.95
CA VAL A 54 -4.21 -16.94 14.86
C VAL A 54 -4.30 -16.39 13.44
N LEU A 55 -4.76 -17.23 12.52
CA LEU A 55 -4.91 -16.82 11.12
C LEU A 55 -3.57 -16.39 10.54
N LYS A 56 -2.93 -17.28 9.77
CA LYS A 56 -1.65 -16.98 9.16
C LYS A 56 -1.83 -16.63 7.69
N THR A 57 -1.27 -15.49 7.28
CA THR A 57 -1.35 -15.05 5.89
C THR A 57 0.03 -14.78 5.32
N PRO A 58 0.39 -15.45 4.21
CA PRO A 58 1.69 -15.28 3.57
C PRO A 58 2.00 -13.82 3.25
N LYS A 59 3.15 -13.34 3.70
CA LYS A 59 3.56 -11.96 3.47
C LYS A 59 5.07 -11.87 3.29
N ALA A 60 5.56 -10.64 3.10
CA ALA A 60 6.99 -10.40 2.91
C ALA A 60 7.48 -11.02 1.62
N LEU A 61 7.64 -12.33 1.61
CA LEU A 61 8.11 -13.05 0.43
C LEU A 61 7.00 -13.21 -0.59
N GLU A 62 5.86 -13.75 -0.14
CA GLU A 62 4.72 -13.96 -1.00
C GLU A 62 3.76 -12.77 -0.93
N GLU A 63 3.78 -11.94 -1.95
CA GLU A 63 2.91 -10.76 -2.00
C GLU A 63 2.97 -10.11 -3.38
N LYS A 64 1.91 -9.35 -3.71
CA LYS A 64 1.84 -8.66 -5.00
C LYS A 64 2.68 -7.39 -4.98
N ILE A 65 2.26 -6.42 -4.16
CA ILE A 65 2.97 -5.15 -4.06
C ILE A 65 2.90 -4.37 -5.36
N ARG A 66 3.06 -3.05 -5.27
CA ARG A 66 3.01 -2.19 -6.45
C ARG A 66 1.64 -2.23 -7.10
N THR A 67 1.09 -1.05 -7.39
CA THR A 67 -0.22 -0.93 -8.02
C THR A 67 -1.24 -1.89 -7.40
N THR A 68 -2.04 -1.38 -6.47
CA THR A 68 -3.05 -2.20 -5.80
C THR A 68 -3.80 -1.38 -4.76
N GLU A 69 -3.18 -1.19 -3.61
CA GLU A 69 -3.78 -0.41 -2.53
C GLU A 69 -3.40 1.07 -2.67
N THR A 70 -2.55 1.36 -3.65
CA THR A 70 -2.12 2.73 -3.88
C THR A 70 -1.60 2.91 -5.31
N GLN A 71 -2.26 3.80 -6.05
CA GLN A 71 -1.88 4.08 -7.42
C GLN A 71 -0.96 5.30 -7.51
N VAL A 72 -1.06 6.18 -6.51
CA VAL A 72 -0.26 7.40 -6.48
C VAL A 72 0.27 7.71 -5.09
N LEU A 73 1.11 8.73 -5.01
CA LEU A 73 1.71 9.16 -3.75
C LEU A 73 1.74 10.68 -3.66
N VAL A 74 1.44 11.22 -2.48
CA VAL A 74 1.44 12.66 -2.27
C VAL A 74 2.59 13.09 -1.36
N ALA A 75 3.43 14.01 -1.85
CA ALA A 75 4.55 14.50 -1.08
C ALA A 75 4.57 16.03 -1.04
N SER A 76 4.79 16.58 0.15
CA SER A 76 4.83 18.02 0.32
C SER A 76 6.27 18.51 0.44
N ALA A 77 6.49 19.77 0.08
CA ALA A 77 7.83 20.36 0.15
C ALA A 77 8.01 21.17 1.42
N GLN A 78 7.30 20.78 2.48
CA GLN A 78 7.39 21.47 3.76
C GLN A 78 7.02 20.54 4.91
N LYS A 79 7.00 21.08 6.12
CA LYS A 79 6.67 20.28 7.30
C LYS A 79 6.16 21.18 8.43
N LYS A 80 5.35 22.16 8.07
CA LYS A 80 4.79 23.08 9.05
C LYS A 80 3.39 22.64 9.48
N LEU A 81 2.52 22.42 8.50
CA LEU A 81 1.16 22.00 8.77
C LEU A 81 0.94 20.56 8.33
N LEU A 82 0.15 19.82 9.12
CA LEU A 82 -0.14 18.42 8.82
C LEU A 82 -1.48 18.29 8.11
N GLU A 83 -2.41 19.17 8.45
CA GLU A 83 -3.75 19.15 7.85
C GLU A 83 -3.67 19.34 6.34
N GLU A 84 -2.76 20.22 5.91
CA GLU A 84 -2.59 20.49 4.48
C GLU A 84 -2.20 19.22 3.74
N ARG A 85 -1.32 18.43 4.34
CA ARG A 85 -0.86 17.19 3.74
C ARG A 85 -2.02 16.20 3.58
N LEU A 86 -2.66 15.88 4.69
CA LEU A 86 -3.78 14.94 4.68
C LEU A 86 -4.89 15.42 3.75
N LYS A 87 -5.06 16.74 3.67
CA LYS A 87 -6.08 17.32 2.80
C LYS A 87 -5.81 17.01 1.34
N LEU A 88 -4.60 17.33 0.89
CA LEU A 88 -4.21 17.07 -0.49
C LEU A 88 -4.25 15.58 -0.80
N VAL A 89 -3.74 14.78 0.12
CA VAL A 89 -3.73 13.33 -0.05
C VAL A 89 -5.14 12.76 -0.10
N SER A 90 -5.98 13.22 0.81
CA SER A 90 -7.37 12.76 0.87
C SER A 90 -8.11 13.03 -0.44
N GLU A 91 -7.96 14.25 -0.96
CA GLU A 91 -8.62 14.64 -2.19
C GLU A 91 -8.21 13.74 -3.35
N LEU A 92 -6.90 13.57 -3.53
CA LEU A 92 -6.37 12.73 -4.60
C LEU A 92 -6.48 11.25 -4.26
N GLN A 93 -6.63 10.93 -2.98
CA GLN A 93 -6.73 9.54 -2.60
C GLN A 93 -8.15 9.01 -2.79
N ASP A 94 -9.13 9.74 -2.27
CA ASP A 94 -10.53 9.35 -2.38
C ASP A 94 -11.15 9.64 -3.76
N ALA A 95 -10.97 10.87 -4.25
CA ALA A 95 -11.58 11.29 -5.51
C ALA A 95 -10.80 10.93 -6.76
N GLY A 96 -9.49 10.85 -6.66
CA GLY A 96 -8.69 10.57 -7.84
C GLY A 96 -8.11 9.17 -7.91
N ILE A 97 -7.28 8.84 -6.95
CA ILE A 97 -6.61 7.55 -6.95
C ILE A 97 -6.13 7.16 -5.57
N LYS A 98 -5.96 5.85 -5.38
CA LYS A 98 -5.48 5.33 -4.10
C LYS A 98 -4.11 5.89 -3.77
N ALA A 99 -4.07 6.85 -2.85
CA ALA A 99 -2.81 7.48 -2.46
C ALA A 99 -2.28 6.90 -1.15
N GLU A 100 -0.96 6.75 -1.05
CA GLU A 100 -0.33 6.23 0.15
C GLU A 100 0.87 7.09 0.54
N LEU A 101 1.33 6.95 1.78
CA LEU A 101 2.46 7.73 2.26
C LEU A 101 3.41 6.88 3.10
N LEU A 102 4.70 7.00 2.81
CA LEU A 102 5.74 6.27 3.54
C LEU A 102 6.93 7.17 3.82
N TYR A 103 7.06 7.65 5.06
CA TYR A 103 8.15 8.54 5.43
C TYR A 103 8.79 8.13 6.76
N LYS A 104 8.66 6.85 7.10
CA LYS A 104 9.23 6.34 8.35
C LYS A 104 10.72 6.04 8.20
N LYS A 105 11.47 6.96 7.59
CA LYS A 105 12.90 6.79 7.39
C LYS A 105 13.44 7.78 6.35
N ASN A 106 14.74 8.02 6.38
CA ASN A 106 15.39 8.94 5.44
C ASN A 106 14.85 10.35 5.60
N PRO A 107 15.74 11.32 5.91
CA PRO A 107 15.35 12.72 6.10
C PRO A 107 15.31 13.48 4.76
N LYS A 108 14.49 14.52 4.70
CA LYS A 108 14.36 15.33 3.49
C LYS A 108 13.85 14.49 2.33
N LEU A 109 12.71 14.88 1.76
CA LEU A 109 12.12 14.16 0.64
C LEU A 109 11.92 12.69 1.00
N LEU A 110 11.34 12.45 2.17
CA LEU A 110 11.09 11.09 2.64
C LEU A 110 10.03 10.41 1.77
N ASN A 111 8.80 10.86 1.89
CA ASN A 111 7.69 10.30 1.15
C ASN A 111 7.95 10.30 -0.36
N GLN A 112 8.31 11.46 -0.89
CA GLN A 112 8.56 11.60 -2.32
C GLN A 112 9.66 10.66 -2.81
N LEU A 113 10.85 10.79 -2.24
CA LEU A 113 11.99 9.97 -2.67
C LEU A 113 11.90 8.53 -2.16
N GLN A 114 11.79 8.35 -0.85
CA GLN A 114 11.74 7.02 -0.26
C GLN A 114 10.65 6.16 -0.91
N TYR A 115 9.47 6.74 -1.11
CA TYR A 115 8.35 6.01 -1.70
C TYR A 115 8.55 5.76 -3.19
N CYS A 116 8.92 6.81 -3.93
CA CYS A 116 9.12 6.68 -5.37
C CYS A 116 10.29 5.75 -5.70
N GLU A 117 11.32 5.79 -4.87
CA GLU A 117 12.50 4.95 -5.10
C GLU A 117 12.19 3.48 -4.84
N GLU A 118 11.75 3.16 -3.62
CA GLU A 118 11.42 1.78 -3.28
C GLU A 118 10.08 1.39 -3.89
N ALA A 119 9.06 2.19 -3.59
CA ALA A 119 7.72 1.95 -4.11
C ALA A 119 7.55 2.51 -5.52
N GLY A 120 8.63 2.49 -6.30
CA GLY A 120 8.56 3.03 -7.66
C GLY A 120 7.52 2.34 -8.52
N ILE A 121 6.43 3.05 -8.80
CA ILE A 121 5.35 2.50 -9.63
C ILE A 121 4.09 3.38 -9.63
N PRO A 122 3.68 3.96 -8.49
CA PRO A 122 2.49 4.81 -8.43
C PRO A 122 2.80 6.26 -8.77
N LEU A 123 1.94 6.88 -9.57
CA LEU A 123 2.13 8.27 -9.96
C LEU A 123 2.32 9.14 -8.71
N VAL A 124 3.49 9.75 -8.59
CA VAL A 124 3.78 10.60 -7.44
C VAL A 124 3.31 12.03 -7.69
N ALA A 125 3.00 12.74 -6.61
CA ALA A 125 2.54 14.11 -6.72
C ALA A 125 3.20 14.99 -5.67
N ILE A 126 3.95 16.00 -6.14
CA ILE A 126 4.62 16.91 -5.23
C ILE A 126 3.94 18.27 -5.23
N ILE A 127 3.97 18.95 -4.08
CA ILE A 127 3.33 20.25 -3.96
C ILE A 127 3.88 21.04 -2.78
N GLY A 128 4.60 22.12 -3.07
CA GLY A 128 5.14 22.97 -2.02
C GLY A 128 4.09 23.28 -0.97
N GLU A 129 3.31 24.34 -1.19
CA GLU A 129 2.24 24.65 -0.25
C GLU A 129 1.36 25.82 -0.70
N GLN A 130 1.90 27.03 -0.81
CA GLN A 130 1.07 28.15 -1.22
C GLN A 130 0.65 28.08 -2.69
N GLU A 131 1.64 27.95 -3.57
CA GLU A 131 1.38 27.87 -4.99
C GLU A 131 0.91 26.48 -5.38
N LEU A 132 1.73 25.50 -5.06
CA LEU A 132 1.45 24.12 -5.40
C LEU A 132 0.19 23.60 -4.72
N LYS A 133 -0.10 24.02 -3.49
CA LYS A 133 -1.31 23.55 -2.84
C LYS A 133 -2.54 24.31 -3.34
N ASP A 134 -2.52 25.64 -3.21
CA ASP A 134 -3.67 26.44 -3.62
C ASP A 134 -3.77 26.67 -5.13
N GLY A 135 -2.65 26.60 -5.84
CA GLY A 135 -2.69 26.85 -7.28
C GLY A 135 -2.21 25.72 -8.16
N VAL A 136 -0.89 25.61 -8.28
CA VAL A 136 -0.25 24.63 -9.14
C VAL A 136 -0.10 23.25 -8.49
N ILE A 137 0.30 22.26 -9.28
CA ILE A 137 0.48 20.89 -8.79
C ILE A 137 1.70 20.26 -9.46
N LYS A 138 2.28 19.23 -8.82
CA LYS A 138 3.44 18.56 -9.40
C LYS A 138 3.24 17.04 -9.38
N LEU A 139 3.59 16.40 -10.49
CA LEU A 139 3.46 14.95 -10.63
C LEU A 139 4.80 14.32 -11.00
N ARG A 140 4.95 13.03 -10.74
CA ARG A 140 6.18 12.32 -11.04
C ARG A 140 5.90 10.96 -11.68
N SER A 141 6.12 10.87 -12.99
CA SER A 141 5.91 9.61 -13.71
C SER A 141 7.15 8.73 -13.56
N VAL A 142 7.30 8.15 -12.37
CA VAL A 142 8.44 7.30 -12.05
C VAL A 142 8.80 6.33 -13.19
N THR A 143 7.80 5.61 -13.68
CA THR A 143 8.02 4.64 -14.74
C THR A 143 8.39 5.29 -16.07
N SER A 144 7.51 6.12 -16.60
CA SER A 144 7.75 6.76 -17.89
C SER A 144 8.68 7.96 -17.81
N ARG A 145 8.26 9.01 -17.08
CA ARG A 145 9.06 10.23 -16.97
C ARG A 145 9.54 10.47 -15.53
N GLU A 146 9.34 11.71 -15.04
CA GLU A 146 9.75 12.09 -13.70
C GLU A 146 8.93 13.31 -13.24
N GLU A 147 9.53 14.19 -12.45
CA GLU A 147 8.84 15.38 -11.96
C GLU A 147 8.22 16.16 -13.11
N VAL A 148 7.06 16.77 -12.85
CA VAL A 148 6.35 17.54 -13.87
C VAL A 148 5.41 18.56 -13.24
N ASP A 149 4.99 19.54 -14.03
CA ASP A 149 4.08 20.58 -13.55
C ASP A 149 2.67 20.33 -14.08
N VAL A 150 1.73 20.15 -13.15
CA VAL A 150 0.34 19.89 -13.52
C VAL A 150 -0.63 20.68 -12.64
N ARG A 151 -1.91 20.53 -12.91
CA ARG A 151 -2.95 21.22 -12.14
C ARG A 151 -3.83 20.22 -11.40
N ARG A 152 -4.21 20.56 -10.17
CA ARG A 152 -5.04 19.69 -9.34
C ARG A 152 -6.14 18.99 -10.14
N GLU A 153 -6.92 19.77 -10.88
CA GLU A 153 -8.01 19.22 -11.68
C GLU A 153 -7.49 18.19 -12.67
N ASP A 154 -6.49 18.57 -13.44
CA ASP A 154 -5.90 17.68 -14.44
C ASP A 154 -5.16 16.53 -13.77
N LEU A 155 -4.63 16.77 -12.57
CA LEU A 155 -3.90 15.75 -11.84
C LEU A 155 -4.77 14.53 -11.57
N VAL A 156 -5.96 14.77 -11.01
CA VAL A 156 -6.87 13.68 -10.71
C VAL A 156 -7.38 13.03 -12.00
N GLU A 157 -7.81 13.86 -12.94
CA GLU A 157 -8.31 13.36 -14.22
C GLU A 157 -7.21 12.64 -14.99
N GLU A 158 -5.97 13.06 -14.77
CA GLU A 158 -4.83 12.46 -15.45
C GLU A 158 -4.57 11.03 -14.97
N ILE A 159 -4.59 10.83 -13.65
CA ILE A 159 -4.34 9.50 -13.09
C ILE A 159 -5.53 8.57 -13.38
N LYS A 160 -6.72 9.04 -13.04
CA LYS A 160 -7.93 8.25 -13.25
C LYS A 160 -8.07 7.84 -14.70
N ARG A 161 -7.85 8.79 -15.61
CA ARG A 161 -7.94 8.52 -17.03
C ARG A 161 -6.80 7.62 -17.50
N ARG A 162 -5.67 7.71 -16.82
CA ARG A 162 -4.50 6.90 -17.17
C ARG A 162 -4.80 5.42 -17.01
N THR A 163 -4.97 4.98 -15.76
CA THR A 163 -5.25 3.58 -15.48
C THR A 163 -6.24 3.42 -14.33
N GLY A 164 -6.93 4.50 -13.98
CA GLY A 164 -7.88 4.45 -12.89
C GLY A 164 -9.18 3.79 -13.30
N GLN A 165 -10.30 4.45 -12.99
CA GLN A 165 -11.62 3.92 -13.33
C GLN A 165 -11.75 3.70 -14.84
N PRO A 166 -11.91 2.44 -15.28
CA PRO A 166 -12.05 2.12 -16.71
C PRO A 166 -13.13 2.94 -17.39
N LEU A 167 -13.01 3.10 -18.70
CA LEU A 167 -13.98 3.88 -19.47
C LEU A 167 -15.12 2.99 -19.96
N SER A 168 -16.33 3.55 -19.98
CA SER A 168 -17.51 2.81 -20.41
C SER A 168 -17.60 2.77 -21.93
N ILE A 169 -17.84 1.59 -22.49
CA ILE A 169 -17.95 1.42 -23.93
C ILE A 169 -19.32 1.85 -24.43
N SER A 170 -19.38 2.39 -25.64
CA SER A 170 -20.63 2.83 -26.24
C SER A 170 -20.58 2.71 -27.75
N ALA A 1 -19.31 -51.30 4.03
CA ALA A 1 -20.08 -52.28 4.84
C ALA A 1 -21.26 -51.61 5.54
N GLU A 2 -20.96 -50.60 6.35
CA GLU A 2 -21.99 -49.88 7.08
C GLU A 2 -22.30 -48.54 6.40
N ARG A 3 -21.27 -47.86 5.93
CA ARG A 3 -21.43 -46.58 5.27
C ARG A 3 -22.30 -46.72 4.02
N ALA A 4 -22.15 -47.84 3.32
CA ALA A 4 -22.92 -48.10 2.11
C ALA A 4 -24.42 -48.13 2.41
N ALA A 5 -24.78 -48.75 3.53
CA ALA A 5 -26.19 -48.85 3.93
C ALA A 5 -26.76 -47.47 4.26
N LEU A 6 -26.07 -46.74 5.13
CA LEU A 6 -26.51 -45.42 5.53
C LEU A 6 -26.45 -44.44 4.36
N GLU A 7 -25.44 -44.61 3.51
CA GLU A 7 -25.28 -43.74 2.35
C GLU A 7 -26.53 -43.80 1.48
N GLU A 8 -26.97 -45.02 1.18
CA GLU A 8 -28.16 -45.20 0.39
C GLU A 8 -29.38 -44.74 1.17
N LEU A 9 -29.28 -44.81 2.50
CA LEU A 9 -30.36 -44.39 3.37
C LEU A 9 -30.56 -42.87 3.28
N VAL A 10 -29.46 -42.15 3.07
CA VAL A 10 -29.51 -40.70 2.95
C VAL A 10 -30.12 -40.28 1.61
N LYS A 11 -29.54 -40.80 0.53
CA LYS A 11 -30.01 -40.48 -0.82
C LYS A 11 -31.52 -40.66 -0.91
N LEU A 12 -32.01 -41.82 -0.46
CA LEU A 12 -33.43 -42.11 -0.48
C LEU A 12 -34.17 -41.25 0.53
N GLN A 13 -33.49 -40.91 1.63
CA GLN A 13 -34.10 -40.09 2.66
C GLN A 13 -34.36 -38.68 2.15
N GLY A 14 -33.41 -38.13 1.40
CA GLY A 14 -33.57 -36.80 0.85
C GLY A 14 -34.63 -36.74 -0.23
N GLU A 15 -34.65 -37.75 -1.09
CA GLU A 15 -35.62 -37.81 -2.17
C GLU A 15 -37.05 -37.75 -1.64
N ARG A 16 -37.36 -38.63 -0.70
CA ARG A 16 -38.69 -38.68 -0.11
C ARG A 16 -39.04 -37.37 0.57
N VAL A 17 -38.18 -36.95 1.49
CA VAL A 17 -38.37 -35.71 2.23
C VAL A 17 -38.58 -34.51 1.30
N ARG A 18 -37.72 -34.37 0.30
CA ARG A 18 -37.85 -33.25 -0.64
C ARG A 18 -39.23 -33.27 -1.30
N GLY A 19 -39.55 -34.38 -1.94
CA GLY A 19 -40.85 -34.52 -2.58
C GLY A 19 -41.98 -34.57 -1.57
N LEU A 20 -41.63 -34.82 -0.31
CA LEU A 20 -42.61 -34.91 0.77
C LEU A 20 -43.02 -33.53 1.24
N LYS A 21 -42.03 -32.69 1.52
CA LYS A 21 -42.29 -31.34 1.98
C LYS A 21 -42.95 -30.52 0.91
N GLN A 22 -42.56 -30.73 -0.33
CA GLN A 22 -43.13 -29.98 -1.42
C GLN A 22 -44.48 -30.54 -1.87
N GLN A 23 -44.54 -31.83 -2.19
CA GLN A 23 -45.79 -32.41 -2.67
C GLN A 23 -46.74 -32.95 -1.59
N LYS A 24 -46.26 -33.33 -0.41
CA LYS A 24 -47.20 -33.84 0.60
C LYS A 24 -47.06 -33.21 1.97
N ALA A 25 -46.33 -32.10 2.08
CA ALA A 25 -46.16 -31.44 3.38
C ALA A 25 -45.88 -32.47 4.48
N SER A 26 -45.80 -32.00 5.72
CA SER A 26 -45.59 -32.91 6.86
C SER A 26 -45.20 -32.13 8.12
N ALA A 27 -44.00 -31.54 8.11
CA ALA A 27 -43.49 -30.79 9.25
C ALA A 27 -42.87 -31.74 10.25
N GLU A 28 -43.67 -32.71 10.69
CA GLU A 28 -43.19 -33.72 11.62
C GLU A 28 -42.23 -34.67 10.91
N LEU A 29 -42.64 -35.10 9.71
CA LEU A 29 -41.84 -35.99 8.89
C LEU A 29 -40.75 -35.22 8.17
N ILE A 30 -41.11 -34.03 7.69
CA ILE A 30 -40.18 -33.18 6.96
C ILE A 30 -39.07 -32.67 7.87
N GLU A 31 -39.43 -32.13 9.02
CA GLU A 31 -38.45 -31.61 9.97
C GLU A 31 -37.67 -32.74 10.62
N GLU A 32 -38.36 -33.81 10.99
CA GLU A 32 -37.72 -34.95 11.64
C GLU A 32 -36.78 -35.66 10.67
N GLU A 33 -37.30 -36.05 9.51
CA GLU A 33 -36.51 -36.74 8.51
C GLU A 33 -35.33 -35.89 8.05
N VAL A 34 -35.53 -34.57 8.04
CA VAL A 34 -34.49 -33.65 7.63
C VAL A 34 -33.30 -33.75 8.59
N ALA A 35 -33.57 -33.61 9.88
CA ALA A 35 -32.53 -33.71 10.89
C ALA A 35 -31.76 -35.02 10.77
N LYS A 36 -32.49 -36.11 10.56
CA LYS A 36 -31.87 -37.42 10.40
C LYS A 36 -30.95 -37.43 9.19
N LEU A 37 -31.35 -36.73 8.13
CA LEU A 37 -30.55 -36.65 6.93
C LEU A 37 -29.22 -35.96 7.21
N LEU A 38 -29.26 -34.95 8.07
CA LEU A 38 -28.06 -34.22 8.44
C LEU A 38 -27.08 -35.15 9.14
N LYS A 39 -27.59 -35.93 10.09
CA LYS A 39 -26.76 -36.88 10.82
C LYS A 39 -26.32 -38.01 9.90
N LEU A 40 -27.21 -38.41 9.00
CA LEU A 40 -26.91 -39.48 8.06
C LEU A 40 -25.69 -39.13 7.21
N LYS A 41 -25.73 -37.95 6.59
CA LYS A 41 -24.63 -37.50 5.75
C LYS A 41 -23.34 -37.41 6.56
N ALA A 42 -23.43 -36.85 7.76
CA ALA A 42 -22.27 -36.71 8.63
C ALA A 42 -21.73 -38.07 9.06
N GLN A 43 -22.61 -39.06 9.09
CA GLN A 43 -22.22 -40.42 9.49
C GLN A 43 -21.32 -41.06 8.44
N LEU A 44 -21.82 -41.14 7.20
CA LEU A 44 -21.08 -41.73 6.11
C LEU A 44 -19.85 -40.90 5.78
N GLY A 45 -19.92 -39.60 6.03
CA GLY A 45 -18.81 -38.72 5.77
C GLY A 45 -18.42 -37.88 6.97
N PRO A 46 -17.39 -38.31 7.74
CA PRO A 46 -16.95 -37.57 8.92
C PRO A 46 -16.33 -36.22 8.58
N ASP A 47 -15.41 -36.22 7.62
CA ASP A 47 -14.74 -34.99 7.20
C ASP A 47 -14.18 -35.13 5.79
N GLU A 48 -14.84 -34.51 4.82
CA GLU A 48 -14.40 -34.57 3.43
C GLU A 48 -14.61 -33.24 2.73
N SER A 49 -15.86 -32.79 2.67
CA SER A 49 -16.19 -31.52 2.03
C SER A 49 -15.60 -30.35 2.82
N LYS A 50 -16.15 -30.09 3.99
CA LYS A 50 -15.69 -29.00 4.84
C LYS A 50 -14.36 -29.36 5.51
N GLN A 51 -13.51 -28.36 5.70
CA GLN A 51 -12.22 -28.57 6.33
C GLN A 51 -12.18 -27.96 7.72
N LYS A 52 -12.89 -26.84 7.89
CA LYS A 52 -12.95 -26.15 9.17
C LYS A 52 -14.26 -26.43 9.89
N PHE A 53 -14.40 -25.89 11.09
CA PHE A 53 -15.62 -26.08 11.88
C PHE A 53 -16.49 -24.82 11.84
N VAL A 54 -17.18 -24.62 10.73
CA VAL A 54 -18.04 -23.45 10.57
C VAL A 54 -19.22 -23.77 9.66
N LEU A 55 -20.37 -23.18 9.97
CA LEU A 55 -21.58 -23.41 9.18
C LEU A 55 -21.56 -22.55 7.91
N LYS A 56 -21.58 -21.24 8.09
CA LYS A 56 -21.57 -20.32 6.96
C LYS A 56 -21.08 -18.94 7.38
N THR A 57 -19.85 -18.62 7.03
CA THR A 57 -19.25 -17.33 7.38
C THR A 57 -19.06 -16.47 6.13
N PRO A 58 -19.84 -15.40 5.97
CA PRO A 58 -19.74 -14.51 4.81
C PRO A 58 -18.44 -13.72 4.81
N LYS A 59 -17.89 -13.48 5.99
CA LYS A 59 -16.64 -12.73 6.13
C LYS A 59 -15.45 -13.60 5.75
N ALA A 60 -15.09 -13.57 4.47
CA ALA A 60 -13.96 -14.36 3.98
C ALA A 60 -12.80 -13.45 3.58
N LEU A 61 -13.12 -12.26 3.07
CA LEU A 61 -12.10 -11.31 2.65
C LEU A 61 -11.75 -10.35 3.78
N GLU A 62 -10.86 -9.40 3.50
CA GLU A 62 -10.44 -8.43 4.50
C GLU A 62 -10.52 -7.00 3.93
N GLU A 63 -11.31 -6.16 4.58
CA GLU A 63 -11.47 -4.78 4.15
C GLU A 63 -10.20 -3.98 4.40
N LYS A 64 -9.61 -3.45 3.34
CA LYS A 64 -8.38 -2.66 3.45
C LYS A 64 -8.53 -1.32 2.73
N ILE A 65 -8.55 -0.25 3.50
CA ILE A 65 -8.68 1.10 2.93
C ILE A 65 -7.38 1.89 3.07
N ARG A 66 -6.61 1.57 4.11
CA ARG A 66 -5.35 2.25 4.35
C ARG A 66 -4.37 2.00 3.21
N THR A 67 -4.05 0.74 2.98
CA THR A 67 -3.12 0.36 1.93
C THR A 67 -3.63 -0.86 1.16
N THR A 68 -3.44 -0.83 -0.16
CA THR A 68 -3.88 -1.93 -1.01
C THR A 68 -2.98 -2.06 -2.24
N GLU A 69 -2.66 -0.93 -2.85
CA GLU A 69 -1.80 -0.91 -4.03
C GLU A 69 -1.22 0.48 -4.25
N THR A 70 -2.07 1.49 -4.09
CA THR A 70 -1.65 2.88 -4.25
C THR A 70 -1.11 3.14 -5.64
N GLN A 71 -1.72 4.10 -6.34
CA GLN A 71 -1.29 4.47 -7.69
C GLN A 71 -0.31 5.63 -7.67
N VAL A 72 -0.56 6.61 -6.81
CA VAL A 72 0.31 7.78 -6.72
C VAL A 72 0.90 7.92 -5.32
N LEU A 73 1.81 8.87 -5.17
CA LEU A 73 2.46 9.12 -3.90
C LEU A 73 2.54 10.62 -3.62
N VAL A 74 1.89 11.07 -2.55
CA VAL A 74 1.89 12.48 -2.18
C VAL A 74 3.16 12.86 -1.46
N ALA A 75 3.83 13.92 -1.93
CA ALA A 75 5.06 14.39 -1.32
C ALA A 75 4.97 15.87 -0.97
N SER A 76 5.21 16.19 0.30
CA SER A 76 5.15 17.57 0.76
C SER A 76 6.54 18.07 1.17
N ALA A 77 6.91 19.24 0.66
CA ALA A 77 8.22 19.81 0.97
C ALA A 77 8.09 20.94 2.00
N GLN A 78 7.10 20.81 2.88
CA GLN A 78 6.87 21.81 3.92
C GLN A 78 7.14 21.25 5.30
N LYS A 79 6.45 20.15 5.63
CA LYS A 79 6.62 19.51 6.93
C LYS A 79 6.24 20.46 8.06
N LYS A 80 5.27 21.32 7.80
CA LYS A 80 4.82 22.29 8.80
C LYS A 80 3.50 21.83 9.44
N LEU A 81 2.50 21.60 8.61
CA LEU A 81 1.20 21.15 9.10
C LEU A 81 0.74 19.89 8.37
N LEU A 82 -0.37 19.33 8.82
CA LEU A 82 -0.92 18.11 8.21
C LEU A 82 -2.36 18.33 7.75
N GLU A 83 -2.82 19.57 7.78
CA GLU A 83 -4.18 19.89 7.36
C GLU A 83 -4.30 19.88 5.84
N GLU A 84 -3.55 20.77 5.18
CA GLU A 84 -3.58 20.85 3.73
C GLU A 84 -3.17 19.52 3.09
N ARG A 85 -2.33 18.76 3.80
CA ARG A 85 -1.88 17.47 3.31
C ARG A 85 -3.01 16.45 3.33
N LEU A 86 -3.66 16.30 4.48
CA LEU A 86 -4.76 15.36 4.64
C LEU A 86 -5.87 15.63 3.62
N LYS A 87 -6.12 16.90 3.35
CA LYS A 87 -7.17 17.28 2.39
C LYS A 87 -6.76 16.90 0.97
N LEU A 88 -5.55 17.28 0.59
CA LEU A 88 -5.04 16.97 -0.75
C LEU A 88 -5.05 15.47 -0.99
N VAL A 89 -4.49 14.72 -0.04
CA VAL A 89 -4.45 13.28 -0.16
C VAL A 89 -5.86 12.69 -0.16
N SER A 90 -6.73 13.27 0.66
CA SER A 90 -8.11 12.83 0.76
C SER A 90 -8.76 12.74 -0.62
N GLU A 91 -8.58 13.79 -1.43
CA GLU A 91 -9.15 13.81 -2.78
C GLU A 91 -8.43 12.83 -3.69
N LEU A 92 -7.10 12.94 -3.73
CA LEU A 92 -6.26 12.07 -4.55
C LEU A 92 -6.19 10.65 -4.00
N GLN A 93 -6.92 10.38 -2.92
CA GLN A 93 -6.92 9.06 -2.33
C GLN A 93 -8.32 8.45 -2.38
N ASP A 94 -9.30 9.24 -1.97
CA ASP A 94 -10.68 8.80 -1.94
C ASP A 94 -11.37 8.72 -3.30
N ALA A 95 -11.25 9.77 -4.13
CA ALA A 95 -11.96 9.77 -5.41
C ALA A 95 -11.23 9.04 -6.53
N GLY A 96 -9.92 9.12 -6.53
CA GLY A 96 -9.16 8.48 -7.57
C GLY A 96 -8.37 7.28 -7.12
N ILE A 97 -7.07 7.54 -7.05
CA ILE A 97 -6.05 6.59 -6.67
C ILE A 97 -5.90 6.49 -5.16
N LYS A 98 -5.39 5.36 -4.68
CA LYS A 98 -5.17 5.18 -3.26
C LYS A 98 -3.85 5.85 -2.85
N ALA A 99 -3.95 7.02 -2.22
CA ALA A 99 -2.78 7.76 -1.80
C ALA A 99 -2.07 7.06 -0.64
N GLU A 100 -0.75 7.02 -0.71
CA GLU A 100 0.06 6.39 0.33
C GLU A 100 1.29 7.25 0.64
N LEU A 101 1.42 7.65 1.89
CA LEU A 101 2.54 8.50 2.30
C LEU A 101 3.19 8.01 3.58
N LEU A 102 4.52 7.95 3.58
CA LEU A 102 5.28 7.51 4.75
C LEU A 102 6.50 8.40 4.94
N TYR A 103 7.34 8.48 3.90
CA TYR A 103 8.54 9.30 3.93
C TYR A 103 9.33 9.14 5.23
N LYS A 104 9.14 8.01 5.91
CA LYS A 104 9.84 7.76 7.17
C LYS A 104 11.29 7.35 6.91
N LYS A 105 12.21 8.29 7.06
CA LYS A 105 13.63 8.03 6.86
C LYS A 105 14.48 9.23 7.26
N ASN A 106 14.42 10.29 6.46
CA ASN A 106 15.19 11.50 6.74
C ASN A 106 14.57 12.71 6.05
N PRO A 107 14.59 13.89 6.70
CA PRO A 107 14.02 15.11 6.14
C PRO A 107 14.59 15.43 4.76
N LYS A 108 14.18 16.57 4.20
CA LYS A 108 14.65 16.99 2.89
C LYS A 108 14.07 16.10 1.78
N LEU A 109 14.65 16.19 0.59
CA LEU A 109 14.19 15.40 -0.55
C LEU A 109 14.50 13.92 -0.36
N LEU A 110 15.33 13.61 0.64
CA LEU A 110 15.70 12.21 0.91
C LEU A 110 14.47 11.34 1.13
N ASN A 111 13.65 11.71 2.09
CA ASN A 111 12.44 10.94 2.41
C ASN A 111 11.50 10.84 1.22
N GLN A 112 11.15 11.97 0.63
CA GLN A 112 10.24 11.99 -0.51
C GLN A 112 10.78 11.14 -1.66
N LEU A 113 12.04 11.36 -2.01
CA LEU A 113 12.66 10.61 -3.09
C LEU A 113 12.74 9.12 -2.74
N GLN A 114 13.00 8.83 -1.47
CA GLN A 114 13.11 7.46 -0.99
C GLN A 114 11.77 6.74 -1.09
N TYR A 115 10.74 7.35 -0.52
CA TYR A 115 9.41 6.76 -0.53
C TYR A 115 8.83 6.73 -1.95
N CYS A 116 9.23 7.69 -2.77
CA CYS A 116 8.73 7.75 -4.15
C CYS A 116 9.32 6.61 -4.97
N GLU A 117 10.55 6.23 -4.67
CA GLU A 117 11.20 5.16 -5.40
C GLU A 117 10.57 3.82 -5.05
N GLU A 118 10.60 3.48 -3.75
CA GLU A 118 10.03 2.21 -3.29
C GLU A 118 8.50 2.24 -3.20
N ALA A 119 7.96 3.22 -2.49
CA ALA A 119 6.51 3.32 -2.31
C ALA A 119 5.79 3.99 -3.48
N GLY A 120 6.40 5.02 -4.04
CA GLY A 120 5.76 5.72 -5.15
C GLY A 120 6.32 5.29 -6.49
N ILE A 121 6.44 3.99 -6.69
CA ILE A 121 6.98 3.45 -7.93
C ILE A 121 6.10 3.77 -9.15
N PRO A 122 4.78 3.95 -8.98
CA PRO A 122 3.89 4.26 -10.09
C PRO A 122 3.82 5.75 -10.38
N LEU A 123 3.20 6.51 -9.47
CA LEU A 123 3.09 7.94 -9.64
C LEU A 123 3.39 8.68 -8.33
N VAL A 124 3.78 9.94 -8.47
CA VAL A 124 4.09 10.77 -7.32
C VAL A 124 3.61 12.21 -7.56
N ALA A 125 3.43 12.97 -6.50
CA ALA A 125 2.97 14.35 -6.61
C ALA A 125 3.70 15.27 -5.64
N ILE A 126 4.02 16.47 -6.11
CA ILE A 126 4.72 17.45 -5.29
C ILE A 126 3.84 18.66 -4.99
N ILE A 127 3.28 18.70 -3.78
CA ILE A 127 2.40 19.79 -3.33
C ILE A 127 2.93 20.38 -2.02
N GLY A 128 2.02 20.94 -1.20
CA GLY A 128 2.40 21.53 0.07
C GLY A 128 1.73 22.87 0.28
N GLU A 129 2.49 23.89 0.63
CA GLU A 129 1.93 25.22 0.82
C GLU A 129 2.46 26.14 -0.27
N GLN A 130 3.78 26.33 -0.29
CA GLN A 130 4.42 27.13 -1.32
C GLN A 130 4.40 26.35 -2.64
N GLU A 131 4.51 25.03 -2.51
CA GLU A 131 4.50 24.11 -3.61
C GLU A 131 3.09 23.92 -4.14
N LEU A 132 2.09 24.16 -3.29
CA LEU A 132 0.72 24.02 -3.71
C LEU A 132 0.33 25.20 -4.59
N LYS A 133 0.47 26.40 -4.05
CA LYS A 133 0.14 27.61 -4.79
C LYS A 133 1.29 28.04 -5.72
N ASP A 134 2.45 28.31 -5.12
CA ASP A 134 3.63 28.77 -5.86
C ASP A 134 4.35 27.65 -6.62
N GLY A 135 4.19 26.41 -6.18
CA GLY A 135 4.88 25.30 -6.82
C GLY A 135 3.93 24.28 -7.41
N VAL A 136 2.65 24.40 -7.07
CA VAL A 136 1.63 23.48 -7.58
C VAL A 136 2.04 22.01 -7.47
N ILE A 137 1.15 21.14 -7.93
CA ILE A 137 1.38 19.71 -7.84
C ILE A 137 2.10 19.17 -9.07
N LYS A 138 3.29 18.63 -8.83
CA LYS A 138 4.09 18.05 -9.89
C LYS A 138 3.93 16.54 -9.89
N LEU A 139 3.25 16.01 -10.90
CA LEU A 139 3.02 14.57 -11.00
C LEU A 139 4.31 13.85 -11.39
N ARG A 140 5.12 13.52 -10.39
CA ARG A 140 6.37 12.82 -10.62
C ARG A 140 6.11 11.41 -11.16
N SER A 141 6.38 11.22 -12.45
CA SER A 141 6.17 9.93 -13.10
C SER A 141 7.44 9.08 -13.07
N VAL A 142 7.87 8.74 -11.85
CA VAL A 142 9.07 7.94 -11.64
C VAL A 142 9.18 6.76 -12.61
N THR A 143 8.07 6.05 -12.80
CA THR A 143 8.05 4.88 -13.66
C THR A 143 8.03 5.24 -15.15
N SER A 144 7.01 5.98 -15.57
CA SER A 144 6.87 6.33 -16.98
C SER A 144 7.82 7.44 -17.41
N ARG A 145 7.67 8.63 -16.82
CA ARG A 145 8.51 9.76 -17.17
C ARG A 145 9.39 10.21 -15.99
N GLU A 146 9.10 11.40 -15.46
CA GLU A 146 9.85 11.94 -14.34
C GLU A 146 8.97 12.85 -13.50
N GLU A 147 8.43 13.91 -14.12
CA GLU A 147 7.56 14.83 -13.41
C GLU A 147 6.88 15.82 -14.35
N VAL A 148 5.58 16.02 -14.10
CA VAL A 148 4.77 16.95 -14.89
C VAL A 148 4.21 18.04 -13.99
N ASP A 149 3.75 19.14 -14.58
CA ASP A 149 3.21 20.24 -13.79
C ASP A 149 1.68 20.26 -13.83
N VAL A 150 1.08 19.96 -12.69
CA VAL A 150 -0.38 19.94 -12.56
C VAL A 150 -0.85 20.73 -11.33
N ARG A 151 -2.14 21.02 -11.28
CA ARG A 151 -2.70 21.78 -10.17
C ARG A 151 -3.80 20.98 -9.45
N ARG A 152 -3.46 19.77 -9.02
CA ARG A 152 -4.41 18.91 -8.32
C ARG A 152 -5.52 18.40 -9.25
N GLU A 153 -6.19 19.32 -9.93
CA GLU A 153 -7.27 18.97 -10.84
C GLU A 153 -6.76 18.07 -11.96
N ASP A 154 -5.71 18.52 -12.64
CA ASP A 154 -5.12 17.77 -13.74
C ASP A 154 -4.57 16.43 -13.24
N LEU A 155 -4.23 16.37 -11.96
CA LEU A 155 -3.68 15.16 -11.37
C LEU A 155 -4.74 14.05 -11.32
N VAL A 156 -5.90 14.39 -10.77
CA VAL A 156 -6.99 13.42 -10.66
C VAL A 156 -7.49 13.02 -12.04
N GLU A 157 -7.47 13.96 -12.97
CA GLU A 157 -7.93 13.71 -14.33
C GLU A 157 -6.89 12.90 -15.11
N GLU A 158 -5.62 13.07 -14.75
CA GLU A 158 -4.54 12.35 -15.43
C GLU A 158 -4.56 10.87 -15.09
N ILE A 159 -4.75 10.54 -13.81
CA ILE A 159 -4.79 9.15 -13.39
C ILE A 159 -6.13 8.50 -13.72
N LYS A 160 -7.20 9.16 -13.30
CA LYS A 160 -8.56 8.66 -13.54
C LYS A 160 -8.80 8.42 -15.03
N ARG A 161 -8.42 9.39 -15.86
CA ARG A 161 -8.61 9.26 -17.30
C ARG A 161 -7.69 8.21 -17.90
N ARG A 162 -6.42 8.25 -17.52
CA ARG A 162 -5.44 7.29 -18.03
C ARG A 162 -5.84 5.86 -17.68
N THR A 163 -6.07 5.61 -16.40
CA THR A 163 -6.46 4.29 -15.93
C THR A 163 -7.94 4.00 -16.18
N GLY A 164 -8.73 5.07 -16.33
CA GLY A 164 -10.15 4.91 -16.55
C GLY A 164 -10.51 4.98 -18.03
N GLN A 165 -11.31 4.01 -18.48
CA GLN A 165 -11.74 3.97 -19.86
C GLN A 165 -13.23 3.68 -19.96
N PRO A 166 -14.07 4.71 -20.18
CA PRO A 166 -15.52 4.55 -20.29
C PRO A 166 -15.92 3.75 -21.52
N LEU A 167 -16.82 2.80 -21.33
CA LEU A 167 -17.30 1.96 -22.43
C LEU A 167 -16.15 1.19 -23.06
N SER A 168 -15.62 0.22 -22.33
CA SER A 168 -14.50 -0.59 -22.82
C SER A 168 -14.52 -1.97 -22.19
N ILE A 169 -15.38 -2.84 -22.70
CA ILE A 169 -15.51 -4.20 -22.19
C ILE A 169 -15.14 -5.22 -23.27
N SER A 170 -14.03 -5.93 -23.05
CA SER A 170 -13.58 -6.93 -24.00
C SER A 170 -14.30 -8.26 -23.77
N ALA A 1 2.70 -52.71 -17.46
CA ALA A 1 3.87 -52.65 -16.54
C ALA A 1 5.07 -53.34 -17.15
N GLU A 2 6.25 -52.81 -16.87
CA GLU A 2 7.49 -53.37 -17.39
C GLU A 2 8.59 -53.35 -16.34
N ARG A 3 8.81 -52.18 -15.74
CA ARG A 3 9.83 -52.01 -14.71
C ARG A 3 9.54 -52.91 -13.51
N ALA A 4 8.29 -52.91 -13.06
CA ALA A 4 7.89 -53.72 -11.92
C ALA A 4 8.17 -55.20 -12.18
N ALA A 5 7.97 -55.62 -13.42
CA ALA A 5 8.20 -57.01 -13.81
C ALA A 5 9.68 -57.38 -13.64
N LEU A 6 10.55 -56.55 -14.21
CA LEU A 6 11.98 -56.80 -14.12
C LEU A 6 12.47 -56.70 -12.68
N GLU A 7 11.85 -55.80 -11.91
CA GLU A 7 12.21 -55.61 -10.52
C GLU A 7 12.07 -56.93 -9.77
N GLU A 8 10.91 -57.55 -9.90
CA GLU A 8 10.67 -58.83 -9.26
C GLU A 8 11.58 -59.89 -9.88
N LEU A 9 11.95 -59.67 -11.14
CA LEU A 9 12.84 -60.58 -11.83
C LEU A 9 14.23 -60.56 -11.20
N VAL A 10 14.65 -59.38 -10.76
CA VAL A 10 15.95 -59.21 -10.13
C VAL A 10 15.99 -59.90 -8.78
N LYS A 11 15.02 -59.57 -7.93
CA LYS A 11 14.94 -60.15 -6.59
C LYS A 11 15.04 -61.67 -6.66
N LEU A 12 14.23 -62.27 -7.53
CA LEU A 12 14.25 -63.72 -7.70
C LEU A 12 15.56 -64.19 -8.32
N GLN A 13 16.19 -63.31 -9.10
CA GLN A 13 17.45 -63.65 -9.75
C GLN A 13 18.57 -63.81 -8.71
N GLY A 14 18.71 -62.81 -7.84
CA GLY A 14 19.72 -62.86 -6.81
C GLY A 14 19.54 -64.03 -5.86
N GLU A 15 18.31 -64.22 -5.40
CA GLU A 15 18.00 -65.30 -4.48
C GLU A 15 18.30 -66.66 -5.11
N ARG A 16 18.07 -66.75 -6.42
CA ARG A 16 18.32 -68.00 -7.14
C ARG A 16 19.81 -68.32 -7.18
N VAL A 17 20.60 -67.37 -7.66
CA VAL A 17 22.04 -67.54 -7.76
C VAL A 17 22.64 -67.98 -6.43
N ARG A 18 22.31 -67.27 -5.36
CA ARG A 18 22.81 -67.63 -4.05
C ARG A 18 22.33 -69.03 -3.67
N GLY A 19 21.12 -69.36 -4.14
CA GLY A 19 20.55 -70.66 -3.86
C GLY A 19 21.33 -71.81 -4.45
N LEU A 20 21.56 -71.77 -5.77
CA LEU A 20 22.30 -72.83 -6.44
C LEU A 20 23.81 -72.65 -6.26
N LYS A 21 24.24 -71.40 -6.16
CA LYS A 21 25.65 -71.10 -5.98
C LYS A 21 26.18 -71.82 -4.76
N GLN A 22 25.44 -71.74 -3.66
CA GLN A 22 25.85 -72.38 -2.43
C GLN A 22 25.52 -73.87 -2.41
N GLN A 23 24.27 -74.24 -2.69
CA GLN A 23 23.89 -75.65 -2.62
C GLN A 23 24.13 -76.43 -3.92
N LYS A 24 24.23 -75.75 -5.07
CA LYS A 24 24.49 -76.48 -6.31
C LYS A 24 25.66 -75.92 -7.10
N ALA A 25 26.49 -75.08 -6.47
CA ALA A 25 27.63 -74.50 -7.16
C ALA A 25 27.21 -74.00 -8.54
N SER A 26 27.56 -74.77 -9.57
CA SER A 26 27.20 -74.43 -10.94
C SER A 26 27.79 -73.08 -11.34
N ALA A 27 29.12 -73.01 -11.35
CA ALA A 27 29.80 -71.78 -11.73
C ALA A 27 29.24 -71.22 -13.04
N GLU A 28 28.75 -72.11 -13.88
CA GLU A 28 28.18 -71.73 -15.16
C GLU A 28 26.84 -71.03 -14.96
N LEU A 29 26.04 -71.53 -14.01
CA LEU A 29 24.74 -70.95 -13.73
C LEU A 29 24.92 -69.72 -12.85
N ILE A 30 25.78 -69.84 -11.85
CA ILE A 30 26.05 -68.75 -10.94
C ILE A 30 26.56 -67.54 -11.72
N GLU A 31 27.56 -67.79 -12.57
CA GLU A 31 28.16 -66.72 -13.38
C GLU A 31 27.15 -66.11 -14.36
N GLU A 32 26.47 -66.97 -15.11
CA GLU A 32 25.49 -66.48 -16.08
C GLU A 32 24.32 -65.80 -15.37
N GLU A 33 23.95 -66.33 -14.22
CA GLU A 33 22.85 -65.77 -13.44
C GLU A 33 23.24 -64.44 -12.81
N VAL A 34 24.44 -64.36 -12.25
CA VAL A 34 24.91 -63.13 -11.62
C VAL A 34 24.96 -61.99 -12.64
N ALA A 35 25.31 -62.34 -13.88
CA ALA A 35 25.39 -61.36 -14.94
C ALA A 35 24.01 -60.88 -15.37
N LYS A 36 23.07 -61.83 -15.44
CA LYS A 36 21.70 -61.51 -15.84
C LYS A 36 21.05 -60.57 -14.82
N LEU A 37 21.15 -60.92 -13.54
CA LEU A 37 20.57 -60.09 -12.49
C LEU A 37 21.28 -58.75 -12.42
N LEU A 38 22.58 -58.74 -12.72
CA LEU A 38 23.36 -57.51 -12.70
C LEU A 38 22.77 -56.49 -13.66
N LYS A 39 22.45 -56.94 -14.87
CA LYS A 39 21.87 -56.07 -15.88
C LYS A 39 20.45 -55.67 -15.47
N LEU A 40 19.74 -56.61 -14.85
CA LEU A 40 18.38 -56.36 -14.40
C LEU A 40 18.33 -55.20 -13.41
N LYS A 41 19.15 -55.28 -12.37
CA LYS A 41 19.21 -54.23 -11.36
C LYS A 41 19.61 -52.90 -12.00
N ALA A 42 20.57 -52.96 -12.91
CA ALA A 42 21.05 -51.77 -13.60
C ALA A 42 19.92 -51.12 -14.39
N GLN A 43 18.99 -51.96 -14.85
CA GLN A 43 17.84 -51.48 -15.63
C GLN A 43 16.89 -50.69 -14.73
N LEU A 44 16.58 -51.24 -13.56
CA LEU A 44 15.69 -50.58 -12.62
C LEU A 44 16.04 -49.11 -12.44
N GLY A 45 17.33 -48.84 -12.25
CA GLY A 45 17.78 -47.47 -12.07
C GLY A 45 18.56 -46.95 -13.25
N PRO A 46 17.87 -46.52 -14.33
CA PRO A 46 18.53 -46.00 -15.53
C PRO A 46 18.99 -44.56 -15.35
N ASP A 47 18.14 -43.74 -14.76
CA ASP A 47 18.46 -42.33 -14.53
C ASP A 47 17.79 -41.82 -13.26
N GLU A 48 18.56 -41.66 -12.20
CA GLU A 48 18.04 -41.18 -10.93
C GLU A 48 18.66 -39.84 -10.56
N SER A 49 19.98 -39.74 -10.73
CA SER A 49 20.70 -38.51 -10.42
C SER A 49 20.19 -37.34 -11.26
N LYS A 50 19.68 -37.65 -12.45
CA LYS A 50 19.17 -36.63 -13.36
C LYS A 50 17.94 -35.95 -12.77
N GLN A 51 16.98 -36.75 -12.30
CA GLN A 51 15.76 -36.23 -11.72
C GLN A 51 15.95 -35.95 -10.23
N LYS A 52 16.01 -34.66 -9.88
CA LYS A 52 16.18 -34.26 -8.49
C LYS A 52 16.23 -32.73 -8.37
N PHE A 53 16.86 -32.08 -9.34
CA PHE A 53 16.97 -30.62 -9.35
C PHE A 53 17.19 -30.10 -10.75
N VAL A 54 16.29 -29.24 -11.21
CA VAL A 54 16.40 -28.67 -12.55
C VAL A 54 17.56 -27.69 -12.63
N LEU A 55 18.05 -27.46 -13.85
CA LEU A 55 19.17 -26.53 -14.06
C LEU A 55 18.78 -25.11 -13.67
N LYS A 56 17.84 -24.53 -14.41
CA LYS A 56 17.39 -23.18 -14.14
C LYS A 56 15.87 -23.07 -14.30
N THR A 57 15.25 -22.23 -13.47
CA THR A 57 13.81 -22.04 -13.52
C THR A 57 13.42 -21.17 -14.72
N PRO A 58 12.61 -21.70 -15.65
CA PRO A 58 12.18 -20.96 -16.84
C PRO A 58 11.19 -19.84 -16.49
N LYS A 59 11.47 -18.64 -16.99
CA LYS A 59 10.62 -17.49 -16.74
C LYS A 59 10.43 -16.66 -18.00
N ALA A 60 9.68 -15.57 -17.88
CA ALA A 60 9.43 -14.69 -19.02
C ALA A 60 9.26 -13.25 -18.55
N LEU A 61 8.47 -13.05 -17.51
CA LEU A 61 8.22 -11.72 -16.97
C LEU A 61 9.33 -11.32 -16.00
N GLU A 62 9.20 -10.14 -15.41
CA GLU A 62 10.19 -9.63 -14.47
C GLU A 62 9.59 -8.53 -13.60
N GLU A 63 8.29 -8.61 -13.35
CA GLU A 63 7.60 -7.62 -12.54
C GLU A 63 8.04 -7.71 -11.08
N LYS A 64 8.05 -6.58 -10.39
CA LYS A 64 8.44 -6.54 -8.98
C LYS A 64 7.23 -6.38 -8.08
N ILE A 65 6.20 -5.70 -8.60
CA ILE A 65 4.97 -5.49 -7.84
C ILE A 65 3.96 -4.71 -8.66
N ARG A 66 4.42 -3.66 -9.34
CA ARG A 66 3.55 -2.83 -10.17
C ARG A 66 2.40 -2.26 -9.35
N THR A 67 1.58 -1.43 -9.99
CA THR A 67 0.43 -0.82 -9.33
C THR A 67 -0.56 -1.88 -8.88
N THR A 68 -1.57 -1.46 -8.12
CA THR A 68 -2.59 -2.37 -7.62
C THR A 68 -3.79 -1.59 -7.11
N GLU A 69 -3.67 -1.09 -5.88
CA GLU A 69 -4.74 -0.31 -5.27
C GLU A 69 -4.35 1.17 -5.24
N THR A 70 -3.07 1.41 -4.97
CA THR A 70 -2.54 2.77 -4.91
C THR A 70 -1.86 3.14 -6.22
N GLN A 71 -2.33 4.20 -6.85
CA GLN A 71 -1.78 4.67 -8.11
C GLN A 71 -0.72 5.75 -7.91
N VAL A 72 -1.02 6.72 -7.04
CA VAL A 72 -0.08 7.82 -6.78
C VAL A 72 0.12 8.06 -5.29
N LEU A 73 1.10 8.91 -4.97
CA LEU A 73 1.40 9.25 -3.59
C LEU A 73 1.78 10.72 -3.45
N VAL A 74 1.31 11.36 -2.39
CA VAL A 74 1.60 12.76 -2.14
C VAL A 74 2.97 12.96 -1.49
N ALA A 75 3.74 13.90 -2.03
CA ALA A 75 5.08 14.19 -1.52
C ALA A 75 5.24 15.69 -1.25
N SER A 76 6.08 16.01 -0.26
CA SER A 76 6.33 17.40 0.09
C SER A 76 7.80 17.62 0.45
N ALA A 77 8.36 18.72 -0.04
CA ALA A 77 9.76 19.05 0.23
C ALA A 77 9.89 19.98 1.41
N GLN A 78 8.85 20.78 1.66
CA GLN A 78 8.86 21.73 2.77
C GLN A 78 9.11 21.01 4.10
N LYS A 79 8.53 19.82 4.26
CA LYS A 79 8.68 19.03 5.47
C LYS A 79 8.55 19.89 6.72
N LYS A 80 7.44 20.61 6.82
CA LYS A 80 7.18 21.47 7.98
C LYS A 80 5.70 21.49 8.34
N LEU A 81 4.96 20.48 7.89
CA LEU A 81 3.54 20.39 8.17
C LEU A 81 2.94 19.13 7.55
N LEU A 82 1.89 18.61 8.18
CA LEU A 82 1.22 17.41 7.68
C LEU A 82 -0.18 17.74 7.16
N GLU A 83 -0.74 18.87 7.61
CA GLU A 83 -2.07 19.29 7.19
C GLU A 83 -2.16 19.37 5.67
N GLU A 84 -1.20 20.06 5.05
CA GLU A 84 -1.17 20.22 3.61
C GLU A 84 -1.17 18.86 2.91
N ARG A 85 -0.40 17.93 3.47
CA ARG A 85 -0.30 16.59 2.90
C ARG A 85 -1.62 15.84 3.05
N LEU A 86 -2.13 15.77 4.28
CA LEU A 86 -3.39 15.08 4.56
C LEU A 86 -4.51 15.57 3.65
N LYS A 87 -4.50 16.86 3.34
CA LYS A 87 -5.54 17.45 2.48
C LYS A 87 -5.39 16.93 1.05
N LEU A 88 -4.20 17.08 0.49
CA LEU A 88 -3.93 16.64 -0.88
C LEU A 88 -4.21 15.14 -1.02
N VAL A 89 -3.64 14.35 -0.12
CA VAL A 89 -3.82 12.90 -0.15
C VAL A 89 -5.31 12.56 -0.10
N SER A 90 -6.07 13.33 0.67
CA SER A 90 -7.51 13.09 0.81
C SER A 90 -8.22 13.22 -0.53
N GLU A 91 -7.92 14.28 -1.27
CA GLU A 91 -8.54 14.53 -2.57
C GLU A 91 -8.17 13.44 -3.59
N LEU A 92 -6.88 13.18 -3.74
CA LEU A 92 -6.40 12.18 -4.68
C LEU A 92 -6.78 10.77 -4.24
N GLN A 93 -6.51 10.46 -2.98
CA GLN A 93 -6.79 9.13 -2.44
C GLN A 93 -8.28 8.82 -2.45
N ASP A 94 -9.09 9.76 -1.97
CA ASP A 94 -10.53 9.53 -1.86
C ASP A 94 -11.30 9.59 -3.19
N ALA A 95 -11.11 10.63 -4.01
CA ALA A 95 -11.89 10.73 -5.24
C ALA A 95 -11.30 9.97 -6.42
N GLY A 96 -9.98 9.91 -6.50
CA GLY A 96 -9.34 9.23 -7.60
C GLY A 96 -8.63 7.95 -7.21
N ILE A 97 -7.32 8.08 -7.24
CA ILE A 97 -6.37 7.03 -6.94
C ILE A 97 -6.23 6.81 -5.45
N LYS A 98 -5.77 5.62 -5.06
CA LYS A 98 -5.57 5.32 -3.64
C LYS A 98 -4.16 5.73 -3.23
N ALA A 99 -4.06 6.85 -2.54
CA ALA A 99 -2.76 7.37 -2.10
C ALA A 99 -2.23 6.63 -0.88
N GLU A 100 -0.96 6.24 -0.94
CA GLU A 100 -0.31 5.54 0.15
C GLU A 100 0.88 6.35 0.68
N LEU A 101 1.32 6.04 1.90
CA LEU A 101 2.44 6.75 2.50
C LEU A 101 3.25 5.84 3.41
N LEU A 102 4.54 6.16 3.56
CA LEU A 102 5.43 5.38 4.41
C LEU A 102 6.33 6.30 5.24
N TYR A 103 7.47 5.79 5.71
CA TYR A 103 8.39 6.58 6.51
C TYR A 103 9.76 5.91 6.65
N LYS A 104 10.10 5.05 5.70
CA LYS A 104 11.38 4.35 5.74
C LYS A 104 12.54 5.31 5.47
N LYS A 105 13.71 4.77 5.14
CA LYS A 105 14.89 5.60 4.86
C LYS A 105 15.24 5.58 3.38
N ASN A 106 15.97 6.61 2.94
CA ASN A 106 16.39 6.71 1.55
C ASN A 106 17.25 7.96 1.33
N PRO A 107 18.34 7.84 0.54
CA PRO A 107 19.23 8.97 0.27
C PRO A 107 18.63 9.97 -0.70
N LYS A 108 18.76 11.26 -0.38
CA LYS A 108 18.21 12.32 -1.21
C LYS A 108 16.69 12.22 -1.29
N LEU A 109 16.00 13.31 -1.02
CA LEU A 109 14.56 13.33 -1.04
C LEU A 109 14.02 12.44 0.06
N LEU A 110 14.14 12.91 1.29
CA LEU A 110 13.69 12.14 2.46
C LEU A 110 12.25 11.69 2.28
N ASN A 111 11.35 12.66 2.17
CA ASN A 111 9.94 12.35 2.01
C ASN A 111 9.60 11.95 0.58
N GLN A 112 10.19 12.64 -0.38
CA GLN A 112 9.92 12.35 -1.80
C GLN A 112 10.37 10.95 -2.20
N LEU A 113 11.58 10.56 -1.80
CA LEU A 113 12.11 9.24 -2.15
C LEU A 113 11.57 8.13 -1.23
N GLN A 114 11.56 8.37 0.08
CA GLN A 114 11.06 7.36 1.01
C GLN A 114 9.64 6.95 0.66
N TYR A 115 8.80 7.93 0.37
CA TYR A 115 7.41 7.68 0.02
C TYR A 115 7.29 7.10 -1.39
N CYS A 116 7.83 7.81 -2.37
CA CYS A 116 7.76 7.38 -3.76
C CYS A 116 8.41 6.01 -3.95
N GLU A 117 9.64 5.87 -3.47
CA GLU A 117 10.38 4.61 -3.62
C GLU A 117 9.81 3.50 -2.75
N GLU A 118 9.76 3.73 -1.43
CA GLU A 118 9.29 2.73 -0.49
C GLU A 118 7.76 2.59 -0.48
N ALA A 119 7.06 3.69 -0.30
CA ALA A 119 5.60 3.67 -0.23
C ALA A 119 4.95 3.42 -1.58
N GLY A 120 5.50 4.02 -2.64
CA GLY A 120 4.92 3.85 -3.95
C GLY A 120 5.89 3.39 -5.01
N ILE A 121 5.68 3.86 -6.23
CA ILE A 121 6.52 3.52 -7.37
C ILE A 121 5.91 3.99 -8.70
N PRO A 122 4.56 3.92 -8.87
CA PRO A 122 3.91 4.35 -10.10
C PRO A 122 3.90 5.87 -10.26
N LEU A 123 3.08 6.55 -9.45
CA LEU A 123 2.98 8.00 -9.53
C LEU A 123 3.15 8.66 -8.15
N VAL A 124 3.66 9.88 -8.16
CA VAL A 124 3.85 10.64 -6.91
C VAL A 124 3.63 12.12 -7.15
N ALA A 125 2.62 12.68 -6.48
CA ALA A 125 2.31 14.09 -6.64
C ALA A 125 2.98 14.93 -5.56
N ILE A 126 3.85 15.84 -5.99
CA ILE A 126 4.55 16.71 -5.07
C ILE A 126 3.97 18.12 -5.10
N ILE A 127 4.04 18.81 -3.96
CA ILE A 127 3.52 20.16 -3.85
C ILE A 127 4.18 20.93 -2.72
N GLY A 128 4.37 22.23 -2.92
CA GLY A 128 4.99 23.06 -1.90
C GLY A 128 4.01 23.44 -0.81
N GLU A 129 3.26 24.51 -1.03
CA GLU A 129 2.26 24.96 -0.07
C GLU A 129 1.52 26.19 -0.58
N GLN A 130 2.26 27.28 -0.81
CA GLN A 130 1.66 28.51 -1.31
C GLN A 130 1.20 28.32 -2.75
N GLU A 131 2.10 27.82 -3.59
CA GLU A 131 1.77 27.55 -4.97
C GLU A 131 0.95 26.28 -5.07
N LEU A 132 1.17 25.37 -4.12
CA LEU A 132 0.45 24.12 -4.11
C LEU A 132 -1.06 24.38 -4.17
N LYS A 133 -1.56 25.13 -3.22
CA LYS A 133 -2.98 25.46 -3.17
C LYS A 133 -3.37 26.61 -4.10
N ASP A 134 -2.73 27.75 -3.90
CA ASP A 134 -3.04 28.98 -4.64
C ASP A 134 -2.47 29.06 -6.05
N GLY A 135 -1.42 28.31 -6.37
CA GLY A 135 -0.83 28.45 -7.69
C GLY A 135 -0.84 27.22 -8.56
N VAL A 136 -0.07 26.21 -8.18
CA VAL A 136 0.06 25.02 -9.00
C VAL A 136 0.37 23.75 -8.20
N ILE A 137 0.09 22.61 -8.83
CA ILE A 137 0.36 21.29 -8.27
C ILE A 137 1.51 20.64 -9.05
N LYS A 138 2.17 19.65 -8.46
CA LYS A 138 3.27 18.99 -9.15
C LYS A 138 3.16 17.47 -9.03
N LEU A 139 3.49 16.78 -10.11
CA LEU A 139 3.43 15.32 -10.14
C LEU A 139 4.76 14.71 -10.56
N ARG A 140 4.94 13.43 -10.23
CA ARG A 140 6.17 12.73 -10.56
C ARG A 140 5.85 11.42 -11.28
N SER A 141 6.16 11.37 -12.57
CA SER A 141 5.91 10.19 -13.38
C SER A 141 7.08 9.21 -13.31
N VAL A 142 7.43 8.80 -12.09
CA VAL A 142 8.53 7.86 -11.86
C VAL A 142 8.48 6.68 -12.82
N THR A 143 7.28 6.25 -13.17
CA THR A 143 7.10 5.12 -14.07
C THR A 143 7.34 5.50 -15.54
N SER A 144 6.54 6.43 -16.03
CA SER A 144 6.65 6.87 -17.42
C SER A 144 7.82 7.83 -17.66
N ARG A 145 7.77 8.99 -17.01
CA ARG A 145 8.82 9.99 -17.18
C ARG A 145 9.59 10.20 -15.87
N GLU A 146 9.18 11.20 -15.09
CA GLU A 146 9.84 11.50 -13.83
C GLU A 146 9.15 12.65 -13.11
N GLU A 147 9.27 13.86 -13.67
CA GLU A 147 8.66 15.04 -13.06
C GLU A 147 7.72 15.75 -14.03
N VAL A 148 6.71 16.41 -13.49
CA VAL A 148 5.73 17.13 -14.30
C VAL A 148 4.90 18.08 -13.44
N ASP A 149 4.28 19.07 -14.08
CA ASP A 149 3.45 20.04 -13.37
C ASP A 149 1.97 19.78 -13.62
N VAL A 150 1.16 19.91 -12.57
CA VAL A 150 -0.28 19.69 -12.68
C VAL A 150 -1.06 20.75 -11.91
N ARG A 151 -2.39 20.66 -11.97
CA ARG A 151 -3.26 21.62 -11.29
C ARG A 151 -4.29 20.92 -10.41
N ARG A 152 -3.92 19.77 -9.86
CA ARG A 152 -4.82 19.00 -9.00
C ARG A 152 -5.96 18.36 -9.79
N GLU A 153 -6.69 19.18 -10.54
CA GLU A 153 -7.81 18.68 -11.32
C GLU A 153 -7.31 18.02 -12.60
N ASP A 154 -6.25 18.60 -13.17
CA ASP A 154 -5.65 18.06 -14.39
C ASP A 154 -4.98 16.73 -14.13
N LEU A 155 -4.42 16.57 -12.93
CA LEU A 155 -3.73 15.32 -12.58
C LEU A 155 -4.73 14.22 -12.24
N VAL A 156 -5.75 14.54 -11.45
CA VAL A 156 -6.76 13.55 -11.09
C VAL A 156 -7.45 13.00 -12.32
N GLU A 157 -7.74 13.88 -13.28
CA GLU A 157 -8.40 13.49 -14.52
C GLU A 157 -7.47 12.66 -15.40
N GLU A 158 -6.21 13.08 -15.49
CA GLU A 158 -5.22 12.38 -16.31
C GLU A 158 -4.93 10.98 -15.76
N ILE A 159 -4.55 10.92 -14.48
CA ILE A 159 -4.24 9.65 -13.85
C ILE A 159 -5.42 8.69 -13.92
N LYS A 160 -6.63 9.22 -13.73
CA LYS A 160 -7.83 8.41 -13.77
C LYS A 160 -8.16 7.99 -15.20
N ARG A 161 -8.06 8.95 -16.13
CA ARG A 161 -8.35 8.69 -17.53
C ARG A 161 -7.29 7.79 -18.16
N ARG A 162 -6.07 7.85 -17.63
CA ARG A 162 -4.96 7.05 -18.14
C ARG A 162 -5.12 5.59 -17.73
N THR A 163 -5.12 5.35 -16.42
CA THR A 163 -5.26 3.99 -15.90
C THR A 163 -6.54 3.34 -16.39
N GLY A 164 -7.55 4.15 -16.66
CA GLY A 164 -8.82 3.64 -17.14
C GLY A 164 -9.01 3.85 -18.63
N GLN A 165 -10.26 4.05 -19.04
CA GLN A 165 -10.57 4.27 -20.45
C GLN A 165 -10.74 5.76 -20.75
N PRO A 166 -9.70 6.40 -21.31
CA PRO A 166 -9.74 7.82 -21.64
C PRO A 166 -10.70 8.13 -22.78
N LEU A 167 -10.61 7.35 -23.85
CA LEU A 167 -11.48 7.53 -25.01
C LEU A 167 -11.21 6.46 -26.05
N SER A 168 -12.12 6.34 -27.02
CA SER A 168 -11.99 5.35 -28.08
C SER A 168 -11.34 5.97 -29.31
N ILE A 169 -10.08 5.63 -29.54
CA ILE A 169 -9.35 6.14 -30.69
C ILE A 169 -9.78 5.45 -31.98
N SER A 170 -10.41 6.20 -32.86
CA SER A 170 -10.88 5.66 -34.14
C SER A 170 -9.88 5.94 -35.26
N ALA A 1 5.44 39.62 31.62
CA ALA A 1 5.23 39.15 33.01
C ALA A 1 4.25 37.98 33.06
N GLU A 2 4.78 36.77 33.23
CA GLU A 2 3.95 35.58 33.28
C GLU A 2 4.34 34.70 34.47
N ARG A 3 5.63 34.49 34.64
CA ARG A 3 6.14 33.67 35.74
C ARG A 3 5.71 34.24 37.09
N ALA A 4 5.81 35.55 37.24
CA ALA A 4 5.43 36.21 38.49
C ALA A 4 4.06 35.75 38.97
N ALA A 5 3.03 36.05 38.19
CA ALA A 5 1.67 35.65 38.54
C ALA A 5 1.53 34.14 38.57
N LEU A 6 2.29 33.47 37.70
CA LEU A 6 2.26 32.01 37.61
C LEU A 6 2.64 31.37 38.95
N GLU A 7 3.81 31.73 39.47
CA GLU A 7 4.27 31.18 40.75
C GLU A 7 3.27 31.51 41.84
N GLU A 8 2.85 32.78 41.89
CA GLU A 8 1.89 33.22 42.88
C GLU A 8 0.56 32.52 42.66
N LEU A 9 0.28 32.14 41.42
CA LEU A 9 -0.96 31.45 41.10
C LEU A 9 -0.98 30.05 41.73
N VAL A 10 0.17 29.39 41.73
CA VAL A 10 0.28 28.07 42.31
C VAL A 10 0.10 28.12 43.82
N LYS A 11 0.85 29.01 44.46
CA LYS A 11 0.76 29.18 45.91
C LYS A 11 -0.69 29.33 46.34
N LEU A 12 -1.41 30.23 45.68
CA LEU A 12 -2.81 30.47 45.99
C LEU A 12 -3.65 29.24 45.63
N GLN A 13 -3.19 28.50 44.63
CA GLN A 13 -3.90 27.30 44.19
C GLN A 13 -3.83 26.20 45.24
N GLY A 14 -2.60 25.89 45.68
CA GLY A 14 -2.41 24.85 46.68
C GLY A 14 -3.10 25.18 47.99
N GLU A 15 -3.12 26.46 48.35
CA GLU A 15 -3.76 26.89 49.58
C GLU A 15 -5.28 26.78 49.46
N ARG A 16 -5.78 27.00 48.25
CA ARG A 16 -7.21 26.92 48.00
C ARG A 16 -7.68 25.48 47.96
N VAL A 17 -6.98 24.66 47.19
CA VAL A 17 -7.31 23.23 47.06
C VAL A 17 -7.35 22.55 48.41
N ARG A 18 -6.28 22.66 49.18
CA ARG A 18 -6.20 22.02 50.49
C ARG A 18 -7.21 22.64 51.44
N GLY A 19 -7.32 23.96 51.41
CA GLY A 19 -8.25 24.65 52.28
C GLY A 19 -9.70 24.32 52.01
N LEU A 20 -10.07 24.23 50.74
CA LEU A 20 -11.43 23.92 50.37
C LEU A 20 -11.67 22.43 50.43
N LYS A 21 -10.66 21.66 50.02
CA LYS A 21 -10.76 20.22 50.02
C LYS A 21 -11.17 19.70 51.39
N GLN A 22 -10.53 20.24 52.40
CA GLN A 22 -10.82 19.83 53.77
C GLN A 22 -12.05 20.52 54.34
N GLN A 23 -12.11 21.85 54.28
CA GLN A 23 -13.24 22.55 54.90
C GLN A 23 -14.50 22.74 54.04
N LYS A 24 -14.43 22.71 52.70
CA LYS A 24 -15.67 22.86 51.93
C LYS A 24 -15.88 21.81 50.85
N ALA A 25 -15.11 20.72 50.85
CA ALA A 25 -15.29 19.67 49.86
C ALA A 25 -15.48 20.28 48.46
N SER A 26 -16.04 19.48 47.55
CA SER A 26 -16.34 19.91 46.17
C SER A 26 -16.22 18.74 45.21
N ALA A 27 -15.03 18.14 45.16
CA ALA A 27 -14.76 17.03 44.26
C ALA A 27 -14.50 17.54 42.85
N GLU A 28 -15.47 18.27 42.33
CA GLU A 28 -15.36 18.84 40.99
C GLU A 28 -14.37 19.99 41.00
N LEU A 29 -14.45 20.83 42.03
CA LEU A 29 -13.57 21.97 42.18
C LEU A 29 -12.22 21.53 42.73
N ILE A 30 -12.25 20.60 43.67
CA ILE A 30 -11.05 20.10 44.28
C ILE A 30 -10.24 19.27 43.29
N GLU A 31 -10.93 18.46 42.50
CA GLU A 31 -10.28 17.63 41.50
C GLU A 31 -9.70 18.50 40.39
N GLU A 32 -10.48 19.48 39.94
CA GLU A 32 -10.04 20.39 38.89
C GLU A 32 -8.95 21.31 39.42
N GLU A 33 -9.08 21.70 40.69
CA GLU A 33 -8.11 22.57 41.33
C GLU A 33 -6.77 21.87 41.51
N VAL A 34 -6.80 20.59 41.89
CA VAL A 34 -5.58 19.84 42.09
C VAL A 34 -4.85 19.62 40.76
N ALA A 35 -5.61 19.35 39.71
CA ALA A 35 -5.02 19.12 38.39
C ALA A 35 -4.34 20.37 37.85
N LYS A 36 -5.03 21.51 37.94
CA LYS A 36 -4.48 22.77 37.45
C LYS A 36 -3.29 23.21 38.32
N LEU A 37 -3.37 22.91 39.61
CA LEU A 37 -2.30 23.27 40.53
C LEU A 37 -1.02 22.51 40.16
N LEU A 38 -1.21 21.26 39.72
CA LEU A 38 -0.08 20.42 39.32
C LEU A 38 0.57 20.98 38.06
N LYS A 39 -0.26 21.39 37.10
CA LYS A 39 0.24 21.96 35.85
C LYS A 39 0.94 23.28 36.11
N LEU A 40 0.40 24.05 37.07
CA LEU A 40 0.99 25.34 37.43
C LEU A 40 2.41 25.16 37.95
N LYS A 41 2.56 24.29 38.94
CA LYS A 41 3.88 24.03 39.51
C LYS A 41 4.83 23.53 38.43
N ALA A 42 4.29 22.78 37.48
CA ALA A 42 5.07 22.25 36.38
C ALA A 42 5.46 23.37 35.41
N GLN A 43 4.60 24.38 35.31
CA GLN A 43 4.85 25.51 34.44
C GLN A 43 6.10 26.26 34.90
N LEU A 44 6.17 26.53 36.20
CA LEU A 44 7.31 27.24 36.78
C LEU A 44 8.64 26.71 36.24
N GLY A 45 8.94 25.46 36.56
CA GLY A 45 10.17 24.85 36.08
C GLY A 45 10.15 24.54 34.60
N PRO A 46 10.95 25.26 33.78
CA PRO A 46 10.99 25.05 32.33
C PRO A 46 11.65 23.72 31.97
N ASP A 47 12.48 23.20 32.88
CA ASP A 47 13.17 21.94 32.65
C ASP A 47 14.12 22.04 31.46
N GLU A 48 15.26 21.36 31.55
CA GLU A 48 16.25 21.38 30.49
C GLU A 48 16.69 19.96 30.14
N SER A 49 17.00 19.17 31.17
CA SER A 49 17.43 17.79 30.97
C SER A 49 16.25 16.88 30.69
N LYS A 50 15.38 16.73 31.69
CA LYS A 50 14.20 15.88 31.55
C LYS A 50 12.99 16.69 31.13
N GLN A 51 12.28 16.21 30.11
CA GLN A 51 11.09 16.89 29.60
C GLN A 51 9.97 15.90 29.32
N LYS A 52 10.30 14.83 28.61
CA LYS A 52 9.32 13.81 28.26
C LYS A 52 9.83 12.43 28.64
N PHE A 53 8.98 11.66 29.32
CA PHE A 53 9.33 10.32 29.75
C PHE A 53 8.72 9.27 28.83
N VAL A 54 8.55 9.62 27.56
CA VAL A 54 7.98 8.71 26.58
C VAL A 54 8.48 9.03 25.17
N LEU A 55 9.23 8.08 24.59
CA LEU A 55 9.77 8.26 23.25
C LEU A 55 10.45 6.98 22.77
N LYS A 56 9.77 5.86 22.95
CA LYS A 56 10.31 4.56 22.53
C LYS A 56 9.48 3.98 21.40
N THR A 57 10.16 3.48 20.36
CA THR A 57 9.48 2.89 19.22
C THR A 57 10.20 1.62 18.76
N PRO A 58 10.04 0.52 19.50
CA PRO A 58 10.68 -0.76 19.17
C PRO A 58 10.37 -1.21 17.76
N LYS A 59 9.08 -1.31 17.44
CA LYS A 59 8.65 -1.74 16.12
C LYS A 59 8.74 -0.58 15.12
N ALA A 60 9.37 -0.84 13.98
CA ALA A 60 9.52 0.17 12.94
C ALA A 60 8.79 -0.24 11.67
N LEU A 61 8.81 -1.53 11.36
CA LEU A 61 8.16 -2.05 10.17
C LEU A 61 6.65 -2.15 10.37
N GLU A 62 6.21 -2.11 11.63
CA GLU A 62 4.79 -2.20 11.94
C GLU A 62 4.22 -3.56 11.54
N GLU A 63 3.06 -3.90 12.07
CA GLU A 63 2.41 -5.16 11.77
C GLU A 63 1.38 -5.00 10.66
N LYS A 64 0.70 -3.86 10.65
CA LYS A 64 -0.31 -3.57 9.64
C LYS A 64 -0.07 -2.21 8.98
N ILE A 65 0.01 -2.22 7.66
CA ILE A 65 0.24 -0.98 6.91
C ILE A 65 -1.04 -0.48 6.26
N ARG A 66 -0.95 0.64 5.56
CA ARG A 66 -2.11 1.21 4.88
C ARG A 66 -1.90 1.26 3.38
N THR A 67 -2.32 0.21 2.69
CA THR A 67 -2.18 0.13 1.24
C THR A 67 -3.08 -0.95 0.66
N THR A 68 -4.09 -0.53 -0.10
CA THR A 68 -5.02 -1.48 -0.72
C THR A 68 -4.86 -1.49 -2.23
N GLU A 69 -4.45 -0.36 -2.79
CA GLU A 69 -4.26 -0.23 -4.24
C GLU A 69 -3.78 1.17 -4.58
N THR A 70 -2.91 1.71 -3.74
CA THR A 70 -2.38 3.05 -3.94
C THR A 70 -1.56 3.13 -5.22
N GLN A 71 -2.00 4.00 -6.14
CA GLN A 71 -1.32 4.20 -7.41
C GLN A 71 -0.33 5.35 -7.34
N VAL A 72 -0.78 6.47 -6.78
CA VAL A 72 0.05 7.65 -6.69
C VAL A 72 0.61 7.84 -5.28
N LEU A 73 1.49 8.83 -5.13
CA LEU A 73 2.11 9.13 -3.85
C LEU A 73 2.36 10.62 -3.70
N VAL A 74 2.00 11.17 -2.54
CA VAL A 74 2.18 12.58 -2.28
C VAL A 74 3.51 12.86 -1.59
N ALA A 75 4.19 13.93 -2.00
CA ALA A 75 5.47 14.30 -1.41
C ALA A 75 5.47 15.75 -0.97
N SER A 76 5.99 16.01 0.23
CA SER A 76 6.04 17.36 0.76
C SER A 76 7.49 17.87 0.81
N ALA A 77 7.64 19.17 1.01
CA ALA A 77 8.97 19.78 1.07
C ALA A 77 9.15 20.57 2.36
N GLN A 78 8.57 20.06 3.44
CA GLN A 78 8.66 20.72 4.73
C GLN A 78 8.03 19.87 5.83
N LYS A 79 8.58 19.96 7.04
CA LYS A 79 8.08 19.19 8.18
C LYS A 79 6.88 19.89 8.81
N LYS A 80 5.69 19.34 8.59
CA LYS A 80 4.47 19.91 9.14
C LYS A 80 3.61 18.82 9.79
N LEU A 81 2.38 19.18 10.16
CA LEU A 81 1.47 18.24 10.79
C LEU A 81 0.66 17.48 9.75
N LEU A 82 1.35 16.92 8.76
CA LEU A 82 0.71 16.16 7.69
C LEU A 82 -0.58 16.82 7.21
N GLU A 83 -0.62 18.15 7.26
CA GLU A 83 -1.79 18.91 6.84
C GLU A 83 -1.98 18.81 5.34
N GLU A 84 -0.98 19.25 4.59
CA GLU A 84 -1.03 19.23 3.13
C GLU A 84 -1.20 17.79 2.61
N ARG A 85 -0.56 16.85 3.31
CA ARG A 85 -0.64 15.44 2.91
C ARG A 85 -2.05 14.89 3.08
N LEU A 86 -2.67 15.17 4.21
CA LEU A 86 -4.02 14.70 4.49
C LEU A 86 -5.02 15.23 3.46
N LYS A 87 -5.02 16.55 3.26
CA LYS A 87 -5.93 17.17 2.31
C LYS A 87 -5.74 16.59 0.92
N LEU A 88 -4.48 16.31 0.56
CA LEU A 88 -4.16 15.74 -0.74
C LEU A 88 -4.66 14.31 -0.84
N VAL A 89 -4.30 13.50 0.15
CA VAL A 89 -4.70 12.11 0.19
C VAL A 89 -6.23 11.99 0.22
N SER A 90 -6.87 12.91 0.92
CA SER A 90 -8.33 12.90 1.04
C SER A 90 -8.97 13.07 -0.34
N GLU A 91 -8.60 14.14 -1.03
CA GLU A 91 -9.14 14.41 -2.35
C GLU A 91 -8.72 13.34 -3.35
N LEU A 92 -7.43 13.03 -3.38
CA LEU A 92 -6.91 12.02 -4.29
C LEU A 92 -7.54 10.66 -4.04
N GLN A 93 -7.46 10.19 -2.80
CA GLN A 93 -8.01 8.89 -2.45
C GLN A 93 -9.46 8.74 -2.90
N ASP A 94 -10.30 9.72 -2.57
CA ASP A 94 -11.71 9.65 -2.94
C ASP A 94 -11.99 9.96 -4.41
N ALA A 95 -11.47 11.08 -4.92
CA ALA A 95 -11.72 11.47 -6.31
C ALA A 95 -10.76 10.86 -7.30
N GLY A 96 -9.52 10.66 -6.88
CA GLY A 96 -8.52 10.14 -7.78
C GLY A 96 -8.09 8.72 -7.53
N ILE A 97 -7.12 8.60 -6.64
CA ILE A 97 -6.50 7.33 -6.33
C ILE A 97 -6.17 7.20 -4.85
N LYS A 98 -6.06 5.96 -4.39
CA LYS A 98 -5.72 5.71 -3.00
C LYS A 98 -4.32 6.23 -2.71
N ALA A 99 -4.24 7.38 -2.07
CA ALA A 99 -2.96 7.99 -1.73
C ALA A 99 -2.29 7.27 -0.57
N GLU A 100 -1.01 6.94 -0.75
CA GLU A 100 -0.25 6.24 0.28
C GLU A 100 0.80 7.16 0.90
N LEU A 101 1.22 6.82 2.13
CA LEU A 101 2.23 7.61 2.83
C LEU A 101 3.16 6.71 3.65
N LEU A 102 4.44 7.05 3.65
CA LEU A 102 5.44 6.27 4.39
C LEU A 102 6.42 7.19 5.12
N TYR A 103 7.54 6.63 5.56
CA TYR A 103 8.55 7.41 6.28
C TYR A 103 9.87 6.67 6.40
N LYS A 104 10.13 5.74 5.49
CA LYS A 104 11.36 4.96 5.52
C LYS A 104 12.56 5.83 5.14
N LYS A 105 13.75 5.24 5.20
CA LYS A 105 14.98 5.96 4.87
C LYS A 105 15.22 6.01 3.37
N ASN A 106 15.96 7.03 2.94
CA ASN A 106 16.28 7.22 1.52
C ASN A 106 17.15 8.46 1.33
N PRO A 107 18.32 8.31 0.67
CA PRO A 107 19.24 9.44 0.44
C PRO A 107 18.72 10.39 -0.63
N LYS A 108 19.10 11.66 -0.51
CA LYS A 108 18.68 12.69 -1.47
C LYS A 108 17.16 12.81 -1.49
N LEU A 109 16.65 13.94 -1.00
CA LEU A 109 15.21 14.19 -0.97
C LEU A 109 14.55 13.25 0.03
N LEU A 110 14.78 13.49 1.30
CA LEU A 110 14.21 12.66 2.36
C LEU A 110 12.71 12.47 2.17
N ASN A 111 11.99 13.58 2.05
CA ASN A 111 10.54 13.54 1.88
C ASN A 111 10.14 13.02 0.50
N GLN A 112 10.53 13.75 -0.54
CA GLN A 112 10.18 13.39 -1.91
C GLN A 112 10.66 12.00 -2.32
N LEU A 113 11.87 11.64 -1.91
CA LEU A 113 12.45 10.34 -2.28
C LEU A 113 11.93 9.20 -1.39
N GLN A 114 12.06 9.33 -0.08
CA GLN A 114 11.60 8.26 0.83
C GLN A 114 10.16 7.88 0.54
N TYR A 115 9.33 8.90 0.31
CA TYR A 115 7.92 8.68 0.02
C TYR A 115 7.72 8.12 -1.39
N CYS A 116 8.23 8.84 -2.39
CA CYS A 116 8.10 8.42 -3.78
C CYS A 116 8.61 6.99 -4.00
N GLU A 117 9.81 6.71 -3.54
CA GLU A 117 10.40 5.39 -3.72
C GLU A 117 9.74 4.33 -2.84
N GLU A 118 9.76 4.54 -1.53
CA GLU A 118 9.18 3.58 -0.59
C GLU A 118 7.65 3.62 -0.54
N ALA A 119 7.10 4.81 -0.32
CA ALA A 119 5.65 4.96 -0.22
C ALA A 119 4.96 4.75 -1.56
N GLY A 120 5.58 5.23 -2.63
CA GLY A 120 5.00 5.07 -3.94
C GLY A 120 5.92 4.43 -4.96
N ILE A 121 5.60 4.61 -6.23
CA ILE A 121 6.39 4.07 -7.33
C ILE A 121 5.60 4.11 -8.65
N PRO A 122 4.27 3.87 -8.64
CA PRO A 122 3.46 3.93 -9.86
C PRO A 122 3.20 5.37 -10.26
N LEU A 123 2.92 6.21 -9.27
CA LEU A 123 2.67 7.63 -9.51
C LEU A 123 3.03 8.43 -8.25
N VAL A 124 3.50 9.65 -8.46
CA VAL A 124 3.89 10.52 -7.36
C VAL A 124 3.49 11.97 -7.64
N ALA A 125 3.45 12.79 -6.59
CA ALA A 125 3.08 14.19 -6.74
C ALA A 125 3.73 15.06 -5.67
N ILE A 126 4.51 16.04 -6.12
CA ILE A 126 5.18 16.96 -5.20
C ILE A 126 4.39 18.25 -5.05
N ILE A 127 4.25 18.72 -3.81
CA ILE A 127 3.50 19.94 -3.56
C ILE A 127 4.10 20.74 -2.41
N GLY A 128 4.91 21.75 -2.75
CA GLY A 128 5.50 22.60 -1.74
C GLY A 128 4.49 23.04 -0.71
N GLU A 129 3.80 24.15 -0.95
CA GLU A 129 2.77 24.59 -0.04
C GLU A 129 1.98 25.82 -0.53
N GLN A 130 2.63 26.97 -0.68
CA GLN A 130 1.89 28.15 -1.12
C GLN A 130 1.47 28.08 -2.58
N GLU A 131 2.44 27.84 -3.46
CA GLU A 131 2.18 27.75 -4.88
C GLU A 131 1.58 26.41 -5.24
N LEU A 132 2.30 25.36 -4.89
CA LEU A 132 1.89 24.01 -5.20
C LEU A 132 0.56 23.63 -4.54
N LYS A 133 0.29 24.13 -3.34
CA LYS A 133 -0.98 23.79 -2.70
C LYS A 133 -2.12 24.65 -3.26
N ASP A 134 -1.98 25.97 -3.17
CA ASP A 134 -3.04 26.86 -3.64
C ASP A 134 -3.07 27.06 -5.16
N GLY A 135 -1.93 26.85 -5.83
CA GLY A 135 -1.90 27.07 -7.26
C GLY A 135 -1.52 25.88 -8.11
N VAL A 136 -0.22 25.62 -8.17
CA VAL A 136 0.33 24.54 -9.01
C VAL A 136 0.32 23.18 -8.33
N ILE A 137 0.55 22.14 -9.12
CA ILE A 137 0.56 20.75 -8.62
C ILE A 137 1.58 19.93 -9.40
N LYS A 138 2.57 19.36 -8.72
CA LYS A 138 3.57 18.55 -9.39
C LYS A 138 3.22 17.07 -9.33
N LEU A 139 3.39 16.38 -10.45
CA LEU A 139 3.10 14.95 -10.54
C LEU A 139 4.33 14.18 -10.98
N ARG A 140 5.03 13.58 -10.02
CA ARG A 140 6.23 12.80 -10.33
C ARG A 140 5.85 11.41 -10.82
N SER A 141 6.20 11.13 -12.08
CA SER A 141 5.89 9.84 -12.68
C SER A 141 7.15 8.98 -12.79
N VAL A 142 7.73 8.65 -11.64
CA VAL A 142 8.94 7.84 -11.59
C VAL A 142 8.85 6.62 -12.52
N THR A 143 7.65 6.06 -12.65
CA THR A 143 7.44 4.90 -13.49
C THR A 143 7.36 5.26 -14.98
N SER A 144 6.40 6.10 -15.33
CA SER A 144 6.22 6.49 -16.72
C SER A 144 7.22 7.55 -17.17
N ARG A 145 7.17 8.71 -16.55
CA ARG A 145 8.07 9.81 -16.92
C ARG A 145 9.04 10.14 -15.78
N GLU A 146 8.71 11.17 -14.99
CA GLU A 146 9.56 11.58 -13.88
C GLU A 146 8.90 12.71 -13.08
N GLU A 147 8.65 13.83 -13.74
CA GLU A 147 8.03 14.98 -13.09
C GLU A 147 7.29 15.87 -14.09
N VAL A 148 6.05 16.23 -13.76
CA VAL A 148 5.25 17.08 -14.62
C VAL A 148 4.46 18.11 -13.79
N ASP A 149 4.05 19.19 -14.45
CA ASP A 149 3.30 20.24 -13.77
C ASP A 149 1.82 20.21 -14.17
N VAL A 150 0.95 20.32 -13.16
CA VAL A 150 -0.49 20.30 -13.39
C VAL A 150 -1.19 21.36 -12.53
N ARG A 151 -2.50 21.46 -12.69
CA ARG A 151 -3.28 22.44 -11.92
C ARG A 151 -4.29 21.75 -11.00
N ARG A 152 -3.90 20.59 -10.48
CA ARG A 152 -4.75 19.82 -9.58
C ARG A 152 -5.91 19.16 -10.33
N GLU A 153 -6.67 19.97 -11.07
CA GLU A 153 -7.81 19.46 -11.83
C GLU A 153 -7.34 18.42 -12.84
N ASP A 154 -6.33 18.78 -13.62
CA ASP A 154 -5.78 17.87 -14.62
C ASP A 154 -4.99 16.74 -13.95
N LEU A 155 -4.54 16.99 -12.72
CA LEU A 155 -3.78 15.99 -11.98
C LEU A 155 -4.64 14.74 -11.75
N VAL A 156 -5.83 14.93 -11.20
CA VAL A 156 -6.72 13.81 -10.94
C VAL A 156 -7.28 13.26 -12.25
N GLU A 157 -7.66 14.16 -13.15
CA GLU A 157 -8.20 13.76 -14.44
C GLU A 157 -7.15 12.95 -15.21
N GLU A 158 -5.88 13.26 -14.95
CA GLU A 158 -4.79 12.56 -15.62
C GLU A 158 -4.64 11.14 -15.08
N ILE A 159 -4.69 11.00 -13.76
CA ILE A 159 -4.56 9.69 -13.13
C ILE A 159 -5.76 8.82 -13.47
N LYS A 160 -6.95 9.38 -13.33
CA LYS A 160 -8.19 8.66 -13.62
C LYS A 160 -8.23 8.22 -15.08
N ARG A 161 -7.77 9.09 -15.97
CA ARG A 161 -7.77 8.80 -17.40
C ARG A 161 -6.87 7.60 -17.70
N ARG A 162 -5.70 7.57 -17.09
CA ARG A 162 -4.75 6.48 -17.30
C ARG A 162 -5.34 5.16 -16.81
N THR A 163 -5.87 5.16 -15.60
CA THR A 163 -6.45 3.95 -15.02
C THR A 163 -7.97 3.89 -15.28
N GLY A 164 -8.44 4.71 -16.21
CA GLY A 164 -9.86 4.71 -16.51
C GLY A 164 -10.14 4.80 -18.00
N GLN A 165 -11.07 3.98 -18.48
CA GLN A 165 -11.43 3.97 -19.89
C GLN A 165 -12.94 4.15 -20.06
N PRO A 166 -13.40 5.40 -20.27
CA PRO A 166 -14.82 5.70 -20.44
C PRO A 166 -15.38 5.09 -21.72
N LEU A 167 -16.38 4.23 -21.58
CA LEU A 167 -17.02 3.58 -22.72
C LEU A 167 -18.48 3.26 -22.42
N SER A 168 -19.32 3.36 -23.44
CA SER A 168 -20.74 3.08 -23.30
C SER A 168 -21.31 2.46 -24.57
N ILE A 169 -20.49 1.67 -25.26
CA ILE A 169 -20.91 1.03 -26.49
C ILE A 169 -21.07 -0.48 -26.29
N SER A 170 -22.04 -1.06 -26.98
CA SER A 170 -22.30 -2.50 -26.88
C SER A 170 -22.84 -3.04 -28.19
N ALA A 1 7.17 -28.46 28.78
CA ALA A 1 6.41 -29.61 28.23
C ALA A 1 5.75 -29.24 26.91
N GLU A 2 5.23 -30.24 26.20
CA GLU A 2 4.56 -30.04 24.92
C GLU A 2 5.56 -29.65 23.82
N ARG A 3 6.35 -28.60 24.07
CA ARG A 3 7.34 -28.15 23.11
C ARG A 3 8.22 -29.31 22.63
N ALA A 4 8.63 -30.15 23.57
CA ALA A 4 9.47 -31.30 23.26
C ALA A 4 8.78 -32.23 22.27
N ALA A 5 7.49 -32.44 22.48
CA ALA A 5 6.70 -33.30 21.61
C ALA A 5 6.71 -32.79 20.17
N LEU A 6 6.37 -31.50 20.01
CA LEU A 6 6.34 -30.89 18.69
C LEU A 6 7.72 -30.90 18.05
N GLU A 7 8.75 -30.65 18.87
CA GLU A 7 10.13 -30.65 18.38
C GLU A 7 10.44 -31.99 17.75
N GLU A 8 9.90 -33.05 18.36
CA GLU A 8 10.09 -34.40 17.85
C GLU A 8 9.21 -34.61 16.61
N LEU A 9 8.09 -33.89 16.57
CA LEU A 9 7.17 -33.98 15.45
C LEU A 9 7.81 -33.45 14.18
N VAL A 10 8.64 -32.43 14.33
CA VAL A 10 9.33 -31.83 13.18
C VAL A 10 10.53 -32.67 12.79
N LYS A 11 11.26 -33.16 13.78
CA LYS A 11 12.42 -34.01 13.50
C LYS A 11 12.00 -35.12 12.54
N LEU A 12 10.89 -35.77 12.88
CA LEU A 12 10.34 -36.83 12.06
C LEU A 12 9.75 -36.25 10.78
N GLN A 13 9.24 -35.02 10.86
CA GLN A 13 8.65 -34.38 9.68
C GLN A 13 9.69 -34.16 8.60
N GLY A 14 10.80 -33.53 8.96
CA GLY A 14 11.87 -33.28 8.02
C GLY A 14 12.46 -34.55 7.44
N GLU A 15 12.77 -35.51 8.30
CA GLU A 15 13.34 -36.77 7.85
C GLU A 15 12.42 -37.45 6.83
N ARG A 16 11.12 -37.29 7.03
CA ARG A 16 10.15 -37.87 6.12
C ARG A 16 10.08 -37.08 4.81
N VAL A 17 9.92 -35.77 4.94
CA VAL A 17 9.85 -34.87 3.78
C VAL A 17 11.06 -35.05 2.87
N ARG A 18 12.25 -34.92 3.45
CA ARG A 18 13.48 -35.04 2.67
C ARG A 18 13.64 -36.44 2.11
N GLY A 19 13.41 -37.44 2.96
CA GLY A 19 13.55 -38.82 2.53
C GLY A 19 12.58 -39.20 1.43
N LEU A 20 11.33 -38.74 1.53
CA LEU A 20 10.33 -39.05 0.54
C LEU A 20 10.46 -38.13 -0.67
N LYS A 21 10.83 -36.88 -0.42
CA LYS A 21 10.98 -35.92 -1.50
C LYS A 21 11.92 -36.45 -2.55
N GLN A 22 13.06 -36.95 -2.11
CA GLN A 22 14.05 -37.49 -3.02
C GLN A 22 13.72 -38.92 -3.46
N GLN A 23 13.46 -39.80 -2.50
CA GLN A 23 13.20 -41.21 -2.84
C GLN A 23 11.75 -41.54 -3.18
N LYS A 24 10.77 -40.72 -2.78
CA LYS A 24 9.39 -41.04 -3.14
C LYS A 24 8.67 -39.88 -3.84
N ALA A 25 9.43 -38.87 -4.25
CA ALA A 25 8.85 -37.74 -4.99
C ALA A 25 7.53 -37.27 -4.37
N SER A 26 6.66 -36.71 -5.22
CA SER A 26 5.34 -36.23 -4.81
C SER A 26 5.37 -34.82 -4.26
N ALA A 27 5.61 -33.85 -5.14
CA ALA A 27 5.65 -32.45 -4.76
C ALA A 27 4.41 -32.06 -3.95
N GLU A 28 3.31 -32.77 -4.18
CA GLU A 28 2.07 -32.50 -3.47
C GLU A 28 2.21 -32.88 -2.00
N LEU A 29 2.75 -34.07 -1.75
CA LEU A 29 2.96 -34.55 -0.39
C LEU A 29 4.17 -33.85 0.20
N ILE A 30 5.18 -33.67 -0.65
CA ILE A 30 6.41 -33.00 -0.26
C ILE A 30 6.12 -31.58 0.21
N GLU A 31 5.42 -30.82 -0.64
CA GLU A 31 5.07 -29.45 -0.31
C GLU A 31 4.22 -29.40 0.96
N GLU A 32 3.24 -30.29 1.04
CA GLU A 32 2.36 -30.35 2.21
C GLU A 32 3.17 -30.60 3.47
N GLU A 33 3.98 -31.65 3.45
CA GLU A 33 4.81 -32.00 4.60
C GLU A 33 5.79 -30.87 4.90
N VAL A 34 6.26 -30.19 3.86
CA VAL A 34 7.20 -29.08 4.03
C VAL A 34 6.54 -27.96 4.84
N ALA A 35 5.37 -27.52 4.39
CA ALA A 35 4.65 -26.46 5.08
C ALA A 35 4.46 -26.77 6.56
N LYS A 36 4.03 -28.00 6.85
CA LYS A 36 3.82 -28.42 8.24
C LYS A 36 5.12 -28.31 9.03
N LEU A 37 6.23 -28.59 8.35
CA LEU A 37 7.54 -28.52 8.98
C LEU A 37 7.87 -27.09 9.39
N LEU A 38 7.45 -26.15 8.56
CA LEU A 38 7.70 -24.73 8.83
C LEU A 38 6.89 -24.26 10.03
N LYS A 39 5.66 -24.76 10.14
CA LYS A 39 4.79 -24.40 11.25
C LYS A 39 5.35 -24.91 12.58
N LEU A 40 5.78 -26.16 12.60
CA LEU A 40 6.34 -26.77 13.81
C LEU A 40 7.55 -25.97 14.30
N LYS A 41 8.51 -25.75 13.40
CA LYS A 41 9.70 -25.00 13.75
C LYS A 41 9.35 -23.61 14.27
N ALA A 42 8.35 -23.00 13.65
CA ALA A 42 7.90 -21.67 14.04
C ALA A 42 7.41 -21.68 15.49
N GLN A 43 6.79 -22.78 15.89
CA GLN A 43 6.29 -22.93 17.25
C GLN A 43 7.43 -23.00 18.25
N LEU A 44 8.44 -23.80 17.92
CA LEU A 44 9.60 -23.97 18.80
C LEU A 44 10.24 -22.62 19.10
N GLY A 45 10.25 -21.74 18.10
CA GLY A 45 10.85 -20.42 18.28
C GLY A 45 9.81 -19.34 18.47
N PRO A 46 10.24 -18.08 18.70
CA PRO A 46 9.32 -16.96 18.90
C PRO A 46 8.32 -16.81 17.75
N ASP A 47 7.58 -15.71 17.74
CA ASP A 47 6.60 -15.45 16.71
C ASP A 47 6.73 -14.03 16.16
N GLU A 48 6.90 -13.90 14.85
CA GLU A 48 7.03 -12.61 14.21
C GLU A 48 6.31 -12.57 12.87
N SER A 49 6.79 -13.39 11.93
CA SER A 49 6.19 -13.45 10.60
C SER A 49 4.72 -13.88 10.69
N LYS A 50 4.49 -15.12 11.09
CA LYS A 50 3.14 -15.65 11.22
C LYS A 50 2.55 -15.31 12.58
N GLN A 51 1.66 -14.32 12.61
CA GLN A 51 1.03 -13.90 13.85
C GLN A 51 0.01 -14.94 14.32
N LYS A 52 -0.58 -14.70 15.49
CA LYS A 52 -1.56 -15.62 16.05
C LYS A 52 -2.94 -15.35 15.47
N PHE A 53 -3.21 -14.09 15.15
CA PHE A 53 -4.50 -13.70 14.59
C PHE A 53 -4.32 -13.02 13.24
N VAL A 54 -3.54 -13.66 12.37
CA VAL A 54 -3.30 -13.11 11.03
C VAL A 54 -4.58 -13.03 10.22
N LEU A 55 -4.62 -12.08 9.29
CA LEU A 55 -5.80 -11.89 8.45
C LEU A 55 -5.52 -12.36 7.02
N LYS A 56 -6.33 -13.30 6.54
CA LYS A 56 -6.18 -13.83 5.19
C LYS A 56 -6.43 -12.75 4.15
N THR A 57 -5.50 -12.62 3.20
CA THR A 57 -5.62 -11.63 2.15
C THR A 57 -6.64 -12.07 1.10
N PRO A 58 -7.23 -11.11 0.37
CA PRO A 58 -8.22 -11.41 -0.67
C PRO A 58 -7.68 -12.35 -1.73
N LYS A 59 -6.36 -12.35 -1.90
CA LYS A 59 -5.72 -13.21 -2.89
C LYS A 59 -4.32 -13.57 -2.45
N ALA A 60 -3.83 -14.72 -2.91
CA ALA A 60 -2.48 -15.18 -2.56
C ALA A 60 -1.88 -16.03 -3.68
N LEU A 61 -2.69 -16.90 -4.25
CA LEU A 61 -2.24 -17.78 -5.34
C LEU A 61 -1.52 -16.98 -6.42
N GLU A 62 -1.89 -15.71 -6.57
CA GLU A 62 -1.28 -14.84 -7.57
C GLU A 62 -0.86 -13.52 -6.95
N GLU A 63 -1.84 -12.74 -6.50
CA GLU A 63 -1.57 -11.44 -5.90
C GLU A 63 -0.90 -10.51 -6.90
N LYS A 64 -0.91 -9.21 -6.58
CA LYS A 64 -0.29 -8.21 -7.45
C LYS A 64 1.09 -7.83 -6.95
N ILE A 65 1.82 -7.08 -7.77
CA ILE A 65 3.17 -6.64 -7.40
C ILE A 65 3.43 -5.22 -7.88
N ARG A 66 2.37 -4.42 -7.96
CA ARG A 66 2.49 -3.03 -8.39
C ARG A 66 1.70 -2.10 -7.46
N THR A 67 0.39 -2.02 -7.69
CA THR A 67 -0.47 -1.18 -6.87
C THR A 67 -1.18 -2.01 -5.80
N THR A 68 -1.84 -1.34 -4.86
CA THR A 68 -2.55 -2.02 -3.80
C THR A 68 -3.34 -1.02 -2.96
N GLU A 69 -2.66 -0.41 -1.99
CA GLU A 69 -3.30 0.58 -1.14
C GLU A 69 -2.88 1.99 -1.57
N THR A 70 -1.95 2.07 -2.51
CA THR A 70 -1.48 3.36 -2.99
C THR A 70 -1.06 3.30 -4.47
N GLN A 71 -1.72 4.11 -5.28
CA GLN A 71 -1.41 4.18 -6.70
C GLN A 71 -0.45 5.34 -6.97
N VAL A 72 -0.68 6.45 -6.28
CA VAL A 72 0.16 7.62 -6.43
C VAL A 72 0.89 7.94 -5.13
N LEU A 73 1.80 8.90 -5.19
CA LEU A 73 2.57 9.31 -4.03
C LEU A 73 2.56 10.83 -3.87
N VAL A 74 2.43 11.29 -2.63
CA VAL A 74 2.40 12.72 -2.34
C VAL A 74 3.74 13.21 -1.80
N ALA A 75 4.19 14.35 -2.29
CA ALA A 75 5.46 14.92 -1.85
C ALA A 75 5.30 16.38 -1.42
N SER A 76 5.58 16.64 -0.15
CA SER A 76 5.46 17.99 0.39
C SER A 76 6.74 18.40 1.12
N ALA A 77 7.40 19.44 0.61
CA ALA A 77 8.63 19.93 1.22
C ALA A 77 8.34 21.03 2.24
N GLN A 78 7.56 20.68 3.26
CA GLN A 78 7.21 21.64 4.31
C GLN A 78 7.27 20.98 5.69
N LYS A 79 8.20 21.44 6.51
CA LYS A 79 8.37 20.90 7.86
C LYS A 79 7.64 21.76 8.88
N LYS A 80 6.43 22.20 8.53
CA LYS A 80 5.63 23.03 9.42
C LYS A 80 4.17 22.59 9.41
N LEU A 81 3.56 22.60 8.23
CA LEU A 81 2.17 22.20 8.08
C LEU A 81 2.06 20.79 7.51
N LEU A 82 1.13 20.01 8.05
CA LEU A 82 0.92 18.64 7.61
C LEU A 82 -0.42 18.49 6.89
N GLU A 83 -1.36 19.39 7.20
CA GLU A 83 -2.68 19.35 6.59
C GLU A 83 -2.58 19.36 5.07
N GLU A 84 -1.54 20.00 4.54
CA GLU A 84 -1.33 20.06 3.10
C GLU A 84 -1.28 18.67 2.49
N ARG A 85 -0.51 17.80 3.12
CA ARG A 85 -0.36 16.42 2.63
C ARG A 85 -1.64 15.63 2.86
N LEU A 86 -2.24 15.81 4.03
CA LEU A 86 -3.48 15.11 4.37
C LEU A 86 -4.60 15.48 3.40
N LYS A 87 -4.67 16.76 3.03
CA LYS A 87 -5.69 17.24 2.12
C LYS A 87 -5.51 16.64 0.72
N LEU A 88 -4.29 16.71 0.21
CA LEU A 88 -3.98 16.17 -1.11
C LEU A 88 -4.33 14.69 -1.19
N VAL A 89 -3.89 13.93 -0.19
CA VAL A 89 -4.15 12.50 -0.15
C VAL A 89 -5.66 12.23 -0.13
N SER A 90 -6.40 13.07 0.57
CA SER A 90 -7.85 12.92 0.68
C SER A 90 -8.51 13.10 -0.69
N GLU A 91 -8.33 14.28 -1.29
CA GLU A 91 -8.91 14.57 -2.59
C GLU A 91 -8.55 13.51 -3.62
N LEU A 92 -7.25 13.23 -3.73
CA LEU A 92 -6.76 12.24 -4.67
C LEU A 92 -7.35 10.86 -4.37
N GLN A 93 -7.24 10.45 -3.11
CA GLN A 93 -7.74 9.15 -2.70
C GLN A 93 -9.22 8.98 -3.01
N ASP A 94 -10.04 9.96 -2.64
CA ASP A 94 -11.47 9.88 -2.86
C ASP A 94 -11.89 10.09 -4.32
N ALA A 95 -11.43 11.16 -4.96
CA ALA A 95 -11.82 11.42 -6.34
C ALA A 95 -10.95 10.71 -7.35
N GLY A 96 -9.68 10.55 -7.02
CA GLY A 96 -8.75 9.93 -7.93
C GLY A 96 -8.29 8.55 -7.54
N ILE A 97 -7.11 8.54 -6.95
CA ILE A 97 -6.42 7.32 -6.56
C ILE A 97 -5.94 7.38 -5.13
N LYS A 98 -5.76 6.21 -4.54
CA LYS A 98 -5.27 6.13 -3.18
C LYS A 98 -3.77 6.34 -3.15
N ALA A 99 -3.35 7.47 -2.59
CA ALA A 99 -1.92 7.80 -2.51
C ALA A 99 -1.38 7.47 -1.12
N GLU A 100 -0.13 7.01 -1.06
CA GLU A 100 0.48 6.66 0.21
C GLU A 100 1.24 7.85 0.79
N LEU A 101 1.80 7.67 1.99
CA LEU A 101 2.52 8.76 2.66
C LEU A 101 4.04 8.55 2.65
N LEU A 102 4.73 9.43 3.38
CA LEU A 102 6.20 9.39 3.48
C LEU A 102 6.73 8.00 3.80
N TYR A 103 8.06 7.90 3.95
CA TYR A 103 8.71 6.63 4.25
C TYR A 103 9.26 6.63 5.67
N LYS A 104 9.59 7.81 6.20
CA LYS A 104 10.12 7.92 7.55
C LYS A 104 9.35 8.96 8.36
N LYS A 105 9.57 10.23 8.05
CA LYS A 105 8.89 11.32 8.75
C LYS A 105 8.60 12.48 7.80
N ASN A 106 9.62 13.30 7.55
CA ASN A 106 9.47 14.45 6.65
C ASN A 106 10.79 15.21 6.51
N PRO A 107 11.88 14.50 6.18
CA PRO A 107 13.20 15.13 6.02
C PRO A 107 13.18 16.23 4.95
N LYS A 108 12.88 15.84 3.72
CA LYS A 108 12.82 16.80 2.61
C LYS A 108 12.42 16.12 1.31
N LEU A 109 12.94 14.92 1.09
CA LEU A 109 12.64 14.16 -0.13
C LEU A 109 12.74 12.66 0.11
N LEU A 110 13.77 12.24 0.82
CA LEU A 110 13.99 10.82 1.12
C LEU A 110 12.70 10.13 1.54
N ASN A 111 11.81 10.87 2.19
CA ASN A 111 10.54 10.31 2.64
C ASN A 111 9.63 9.96 1.46
N GLN A 112 9.23 10.97 0.71
CA GLN A 112 8.36 10.75 -0.44
C GLN A 112 9.04 9.89 -1.49
N LEU A 113 10.37 9.98 -1.56
CA LEU A 113 11.14 9.22 -2.53
C LEU A 113 11.27 7.75 -2.11
N GLN A 114 11.77 7.53 -0.89
CA GLN A 114 11.94 6.18 -0.37
C GLN A 114 10.64 5.38 -0.47
N TYR A 115 9.55 6.00 -0.03
CA TYR A 115 8.24 5.35 -0.07
C TYR A 115 7.74 5.26 -1.51
N CYS A 116 8.10 6.24 -2.32
CA CYS A 116 7.69 6.27 -3.72
C CYS A 116 8.23 5.04 -4.44
N GLU A 117 9.47 4.68 -4.14
CA GLU A 117 10.10 3.53 -4.77
C GLU A 117 9.50 2.22 -4.27
N GLU A 118 9.55 2.01 -2.96
CA GLU A 118 9.04 0.77 -2.36
C GLU A 118 7.52 0.73 -2.25
N ALA A 119 6.92 1.75 -1.64
CA ALA A 119 5.46 1.77 -1.45
C ALA A 119 4.71 2.25 -2.68
N GLY A 120 5.26 3.23 -3.39
CA GLY A 120 4.60 3.73 -4.57
C GLY A 120 5.29 3.29 -5.83
N ILE A 121 4.82 3.76 -6.99
CA ILE A 121 5.43 3.39 -8.25
C ILE A 121 4.66 3.95 -9.46
N PRO A 122 3.31 3.83 -9.51
CA PRO A 122 2.54 4.33 -10.64
C PRO A 122 2.77 5.82 -10.91
N LEU A 123 2.35 6.67 -9.97
CA LEU A 123 2.53 8.11 -10.14
C LEU A 123 2.87 8.81 -8.83
N VAL A 124 3.22 10.10 -8.94
CA VAL A 124 3.58 10.90 -7.78
C VAL A 124 3.19 12.37 -8.01
N ALA A 125 3.08 13.14 -6.94
CA ALA A 125 2.71 14.54 -7.06
C ALA A 125 3.28 15.37 -5.92
N ILE A 126 4.11 16.35 -6.27
CA ILE A 126 4.72 17.24 -5.30
C ILE A 126 3.91 18.53 -5.20
N ILE A 127 4.13 19.31 -4.15
CA ILE A 127 3.38 20.56 -3.98
C ILE A 127 3.93 21.44 -2.86
N GLY A 128 4.53 22.57 -3.23
CA GLY A 128 5.05 23.50 -2.23
C GLY A 128 4.04 23.77 -1.15
N GLU A 129 3.21 24.80 -1.33
CA GLU A 129 2.17 25.08 -0.34
C GLU A 129 1.19 26.18 -0.78
N GLN A 130 1.67 27.41 -0.97
CA GLN A 130 0.75 28.50 -1.35
C GLN A 130 0.23 28.37 -2.78
N GLU A 131 1.15 28.26 -3.73
CA GLU A 131 0.78 28.14 -5.13
C GLU A 131 0.32 26.74 -5.46
N LEU A 132 1.13 25.77 -5.06
CA LEU A 132 0.85 24.38 -5.31
C LEU A 132 -0.43 23.90 -4.63
N LYS A 133 -0.74 24.44 -3.46
CA LYS A 133 -1.96 24.02 -2.78
C LYS A 133 -3.20 24.71 -3.36
N ASP A 134 -3.21 26.04 -3.32
CA ASP A 134 -4.37 26.80 -3.80
C ASP A 134 -4.46 26.92 -5.32
N GLY A 135 -3.34 26.82 -6.03
CA GLY A 135 -3.39 26.98 -7.47
C GLY A 135 -2.90 25.79 -8.29
N VAL A 136 -1.58 25.67 -8.36
CA VAL A 136 -0.93 24.64 -9.16
C VAL A 136 -0.65 23.35 -8.37
N ILE A 137 -0.21 22.31 -9.08
CA ILE A 137 0.11 21.03 -8.44
C ILE A 137 1.18 20.31 -9.27
N LYS A 138 2.20 19.79 -8.60
CA LYS A 138 3.27 19.10 -9.31
C LYS A 138 3.00 17.60 -9.41
N LEU A 139 3.26 17.04 -10.58
CA LEU A 139 3.05 15.62 -10.82
C LEU A 139 4.34 14.96 -11.26
N ARG A 140 4.84 14.03 -10.46
CA ARG A 140 6.07 13.33 -10.78
C ARG A 140 5.78 12.01 -11.50
N SER A 141 6.40 11.82 -12.65
CA SER A 141 6.22 10.60 -13.44
C SER A 141 7.41 9.68 -13.23
N VAL A 142 7.50 9.13 -12.02
CA VAL A 142 8.59 8.23 -11.64
C VAL A 142 8.92 7.22 -12.73
N THR A 143 7.89 6.65 -13.34
CA THR A 143 8.08 5.64 -14.37
C THR A 143 8.51 6.25 -15.71
N SER A 144 7.70 7.15 -16.26
CA SER A 144 8.00 7.75 -17.55
C SER A 144 9.03 8.89 -17.45
N ARG A 145 8.68 9.95 -16.72
CA ARG A 145 9.56 11.10 -16.58
C ARG A 145 10.03 11.29 -15.14
N GLU A 146 9.96 12.53 -14.64
CA GLU A 146 10.39 12.84 -13.28
C GLU A 146 9.39 13.77 -12.60
N GLU A 147 9.40 15.04 -13.02
CA GLU A 147 8.49 16.03 -12.44
C GLU A 147 7.74 16.79 -13.52
N VAL A 148 6.53 17.25 -13.20
CA VAL A 148 5.71 18.00 -14.15
C VAL A 148 4.82 19.01 -13.43
N ASP A 149 4.41 20.05 -14.17
CA ASP A 149 3.55 21.09 -13.63
C ASP A 149 2.12 20.93 -14.12
N VAL A 150 1.23 20.56 -13.21
CA VAL A 150 -0.18 20.36 -13.55
C VAL A 150 -1.09 20.95 -12.49
N ARG A 151 -2.40 20.83 -12.69
CA ARG A 151 -3.37 21.35 -11.75
C ARG A 151 -4.04 20.23 -10.96
N ARG A 152 -4.27 20.49 -9.67
CA ARG A 152 -4.88 19.50 -8.77
C ARG A 152 -5.98 18.69 -9.45
N GLU A 153 -6.94 19.38 -10.05
CA GLU A 153 -8.03 18.71 -10.74
C GLU A 153 -7.53 17.85 -11.88
N ASP A 154 -6.65 18.42 -12.69
CA ASP A 154 -6.08 17.71 -13.84
C ASP A 154 -5.18 16.56 -13.39
N LEU A 155 -4.53 16.72 -12.24
CA LEU A 155 -3.64 15.68 -11.73
C LEU A 155 -4.42 14.45 -11.28
N VAL A 156 -5.43 14.65 -10.45
CA VAL A 156 -6.24 13.54 -9.95
C VAL A 156 -6.91 12.82 -11.12
N GLU A 157 -7.40 13.59 -12.08
CA GLU A 157 -8.04 13.03 -13.26
C GLU A 157 -6.99 12.44 -14.21
N GLU A 158 -5.80 13.02 -14.16
CA GLU A 158 -4.69 12.57 -15.01
C GLU A 158 -4.34 11.11 -14.74
N ILE A 159 -4.24 10.76 -13.46
CA ILE A 159 -3.91 9.38 -13.09
C ILE A 159 -5.13 8.48 -13.21
N LYS A 160 -6.29 9.02 -12.85
CA LYS A 160 -7.53 8.26 -12.91
C LYS A 160 -7.77 7.75 -14.34
N ARG A 161 -7.68 8.66 -15.31
CA ARG A 161 -7.88 8.30 -16.70
C ARG A 161 -6.72 7.45 -17.21
N ARG A 162 -5.51 7.80 -16.81
CA ARG A 162 -4.31 7.07 -17.22
C ARG A 162 -4.40 5.60 -16.82
N THR A 163 -4.74 5.36 -15.56
CA THR A 163 -4.86 4.00 -15.05
C THR A 163 -6.29 3.50 -15.14
N GLY A 164 -7.12 4.19 -15.92
CA GLY A 164 -8.50 3.80 -16.08
C GLY A 164 -8.93 3.74 -17.53
N GLN A 165 -9.41 2.57 -17.95
CA GLN A 165 -9.85 2.39 -19.33
C GLN A 165 -8.69 2.62 -20.30
N PRO A 166 -8.00 1.54 -20.71
CA PRO A 166 -6.86 1.65 -21.64
C PRO A 166 -7.30 2.09 -23.03
N LEU A 167 -6.96 3.32 -23.40
CA LEU A 167 -7.32 3.87 -24.69
C LEU A 167 -6.41 5.05 -25.06
N SER A 168 -6.46 6.10 -24.26
CA SER A 168 -5.65 7.28 -24.50
C SER A 168 -4.22 7.06 -24.02
N ILE A 169 -3.28 7.85 -24.56
CA ILE A 169 -1.88 7.74 -24.18
C ILE A 169 -1.34 9.08 -23.72
N SER A 170 -0.61 9.07 -22.61
CA SER A 170 -0.03 10.29 -22.06
C SER A 170 1.22 10.69 -22.83
N ALA A 1 23.06 -23.78 19.40
CA ALA A 1 22.84 -22.31 19.40
C ALA A 1 22.64 -21.80 17.98
N GLU A 2 21.44 -21.97 17.45
CA GLU A 2 21.12 -21.52 16.10
C GLU A 2 20.62 -20.08 16.11
N ARG A 3 19.81 -19.74 17.10
CA ARG A 3 19.26 -18.40 17.22
C ARG A 3 20.37 -17.39 17.47
N ALA A 4 21.23 -17.69 18.44
CA ALA A 4 22.34 -16.79 18.78
C ALA A 4 23.30 -16.67 17.60
N ALA A 5 23.48 -17.77 16.87
CA ALA A 5 24.38 -17.77 15.72
C ALA A 5 23.88 -16.82 14.63
N LEU A 6 22.58 -16.78 14.44
CA LEU A 6 21.99 -15.90 13.43
C LEU A 6 22.04 -14.45 13.88
N GLU A 7 21.84 -14.21 15.17
CA GLU A 7 21.89 -12.87 15.72
C GLU A 7 23.24 -12.23 15.41
N GLU A 8 24.29 -13.02 15.61
CA GLU A 8 25.64 -12.57 15.33
C GLU A 8 25.88 -12.53 13.83
N LEU A 9 25.15 -13.37 13.10
CA LEU A 9 25.26 -13.44 11.65
C LEU A 9 24.79 -12.12 11.02
N VAL A 10 23.75 -11.54 11.60
CA VAL A 10 23.22 -10.29 11.09
C VAL A 10 24.07 -9.11 11.55
N LYS A 11 24.52 -9.15 12.80
CA LYS A 11 25.36 -8.08 13.31
C LYS A 11 26.51 -7.84 12.35
N LEU A 12 27.17 -8.93 11.96
CA LEU A 12 28.26 -8.86 11.01
C LEU A 12 27.74 -8.51 9.61
N GLN A 13 26.51 -8.97 9.31
CA GLN A 13 25.92 -8.69 8.01
C GLN A 13 25.61 -7.20 7.89
N GLY A 14 25.30 -6.57 9.02
CA GLY A 14 24.99 -5.15 9.03
C GLY A 14 26.23 -4.30 8.82
N GLU A 15 27.29 -4.60 9.56
CA GLU A 15 28.54 -3.85 9.46
C GLU A 15 29.08 -3.88 8.04
N ARG A 16 29.08 -5.07 7.44
CA ARG A 16 29.58 -5.25 6.08
C ARG A 16 28.69 -4.51 5.08
N VAL A 17 27.41 -4.82 5.11
CA VAL A 17 26.46 -4.19 4.20
C VAL A 17 26.51 -2.67 4.32
N ARG A 18 26.61 -2.18 5.55
CA ARG A 18 26.68 -0.74 5.78
C ARG A 18 27.92 -0.15 5.14
N GLY A 19 29.02 -0.92 5.18
CA GLY A 19 30.26 -0.46 4.60
C GLY A 19 30.15 -0.19 3.11
N LEU A 20 29.72 -1.20 2.35
CA LEU A 20 29.58 -1.05 0.91
C LEU A 20 28.32 -0.25 0.56
N LYS A 21 27.26 -0.47 1.32
CA LYS A 21 26.00 0.24 1.09
C LYS A 21 26.25 1.71 0.92
N GLN A 22 26.93 2.28 1.90
CA GLN A 22 27.24 3.70 1.89
C GLN A 22 28.45 4.05 1.03
N GLN A 23 29.58 3.34 1.22
CA GLN A 23 30.80 3.71 0.51
C GLN A 23 31.01 3.12 -0.90
N LYS A 24 30.38 2.02 -1.32
CA LYS A 24 30.64 1.58 -2.71
C LYS A 24 29.40 1.32 -3.56
N ALA A 25 28.22 1.70 -3.08
CA ALA A 25 27.00 1.58 -3.89
C ALA A 25 26.92 0.28 -4.69
N SER A 26 27.60 -0.78 -4.25
CA SER A 26 27.61 -2.04 -4.99
C SER A 26 26.23 -2.41 -5.52
N ALA A 27 25.24 -2.35 -4.63
CA ALA A 27 23.86 -2.67 -4.97
C ALA A 27 23.63 -4.18 -4.90
N GLU A 28 24.48 -4.94 -5.60
CA GLU A 28 24.37 -6.39 -5.61
C GLU A 28 24.58 -6.94 -4.20
N LEU A 29 25.70 -6.58 -3.59
CA LEU A 29 26.01 -7.04 -2.24
C LEU A 29 25.25 -6.20 -1.22
N ILE A 30 24.97 -4.95 -1.57
CA ILE A 30 24.23 -4.06 -0.69
C ILE A 30 22.82 -4.60 -0.47
N GLU A 31 22.13 -4.87 -1.57
CA GLU A 31 20.77 -5.40 -1.50
C GLU A 31 20.77 -6.83 -0.97
N GLU A 32 21.79 -7.58 -1.35
CA GLU A 32 21.92 -8.97 -0.92
C GLU A 32 21.96 -9.08 0.60
N GLU A 33 22.83 -8.28 1.22
CA GLU A 33 22.96 -8.29 2.67
C GLU A 33 21.77 -7.60 3.32
N VAL A 34 21.21 -6.61 2.65
CA VAL A 34 20.05 -5.89 3.17
C VAL A 34 18.91 -6.86 3.44
N ALA A 35 18.65 -7.74 2.47
CA ALA A 35 17.59 -8.74 2.59
C ALA A 35 17.97 -9.79 3.63
N LYS A 36 19.22 -10.23 3.60
CA LYS A 36 19.70 -11.22 4.55
C LYS A 36 19.54 -10.73 5.98
N LEU A 37 19.74 -9.43 6.17
CA LEU A 37 19.60 -8.82 7.49
C LEU A 37 18.15 -8.82 7.93
N LEU A 38 17.26 -8.43 7.02
CA LEU A 38 15.83 -8.38 7.31
C LEU A 38 15.32 -9.77 7.69
N LYS A 39 15.85 -10.80 7.05
CA LYS A 39 15.45 -12.17 7.31
C LYS A 39 16.02 -12.65 8.65
N LEU A 40 17.28 -12.31 8.90
CA LEU A 40 17.95 -12.71 10.13
C LEU A 40 17.27 -12.08 11.35
N LYS A 41 17.13 -10.75 11.32
CA LYS A 41 16.51 -10.03 12.42
C LYS A 41 15.05 -10.44 12.57
N ALA A 42 14.40 -10.73 11.44
CA ALA A 42 13.01 -11.14 11.45
C ALA A 42 12.85 -12.49 12.12
N GLN A 43 13.88 -13.33 11.99
CA GLN A 43 13.87 -14.66 12.59
C GLN A 43 14.03 -14.58 14.11
N LEU A 44 14.92 -13.70 14.55
CA LEU A 44 15.17 -13.51 15.98
C LEU A 44 13.87 -13.32 16.75
N GLY A 45 12.89 -12.70 16.09
CA GLY A 45 11.61 -12.45 16.72
C GLY A 45 10.62 -13.60 16.52
N PRO A 46 9.50 -13.35 15.83
CA PRO A 46 8.49 -14.38 15.57
C PRO A 46 9.09 -15.64 14.94
N ASP A 47 8.26 -16.66 14.76
CA ASP A 47 8.71 -17.91 14.17
C ASP A 47 8.48 -17.92 12.67
N GLU A 48 9.54 -18.22 11.91
CA GLU A 48 9.45 -18.27 10.46
C GLU A 48 10.13 -19.52 9.91
N SER A 49 11.41 -19.68 10.27
CA SER A 49 12.19 -20.84 9.82
C SER A 49 11.60 -22.13 10.37
N LYS A 50 10.99 -22.05 11.55
CA LYS A 50 10.39 -23.22 12.18
C LYS A 50 9.35 -23.87 11.27
N GLN A 51 9.45 -25.18 11.11
CA GLN A 51 8.51 -25.92 10.27
C GLN A 51 8.09 -27.22 10.94
N LYS A 52 7.41 -27.10 12.07
CA LYS A 52 6.94 -28.26 12.82
C LYS A 52 5.59 -27.99 13.45
N PHE A 53 4.59 -28.82 13.11
CA PHE A 53 3.26 -28.66 13.65
C PHE A 53 2.66 -27.31 13.28
N VAL A 54 3.04 -26.81 12.10
CA VAL A 54 2.56 -25.53 11.62
C VAL A 54 1.68 -25.70 10.38
N LEU A 55 0.37 -25.58 10.57
CA LEU A 55 -0.57 -25.73 9.46
C LEU A 55 -1.67 -24.67 9.54
N LYS A 56 -2.24 -24.52 10.73
CA LYS A 56 -3.30 -23.54 10.95
C LYS A 56 -2.78 -22.35 11.75
N THR A 57 -3.46 -21.22 11.60
CA THR A 57 -3.07 -20.00 12.31
C THR A 57 -4.21 -19.50 13.21
N PRO A 58 -3.87 -18.99 14.41
CA PRO A 58 -4.88 -18.48 15.34
C PRO A 58 -5.44 -17.13 14.92
N LYS A 59 -6.74 -16.96 15.10
CA LYS A 59 -7.40 -15.70 14.74
C LYS A 59 -7.53 -14.79 15.94
N ALA A 60 -7.12 -13.53 15.77
CA ALA A 60 -7.20 -12.56 16.86
C ALA A 60 -7.15 -11.13 16.31
N LEU A 61 -6.24 -10.89 15.37
CA LEU A 61 -6.09 -9.57 14.76
C LEU A 61 -7.37 -9.16 14.05
N GLU A 62 -7.43 -7.89 13.63
CA GLU A 62 -8.60 -7.38 12.93
C GLU A 62 -8.24 -7.00 11.50
N GLU A 63 -8.90 -7.65 10.54
CA GLU A 63 -8.66 -7.39 9.13
C GLU A 63 -7.21 -7.66 8.77
N LYS A 64 -6.93 -7.74 7.47
CA LYS A 64 -5.58 -7.99 6.99
C LYS A 64 -4.94 -6.71 6.46
N ILE A 65 -5.52 -6.15 5.41
CA ILE A 65 -5.01 -4.92 4.80
C ILE A 65 -5.89 -4.48 3.64
N ARG A 66 -6.44 -3.28 3.75
CA ARG A 66 -7.30 -2.74 2.70
C ARG A 66 -6.47 -1.99 1.65
N THR A 67 -5.42 -1.31 2.11
CA THR A 67 -4.55 -0.57 1.21
C THR A 67 -3.47 -1.47 0.62
N THR A 68 -3.45 -1.58 -0.70
CA THR A 68 -2.46 -2.41 -1.38
C THR A 68 -2.57 -2.24 -2.89
N GLU A 69 -2.80 -1.00 -3.31
CA GLU A 69 -2.92 -0.66 -4.73
C GLU A 69 -2.65 0.82 -4.92
N THR A 70 -1.79 1.35 -4.07
CA THR A 70 -1.44 2.76 -4.12
C THR A 70 -0.80 3.13 -5.45
N GLN A 71 -1.40 4.11 -6.13
CA GLN A 71 -0.91 4.55 -7.43
C GLN A 71 0.02 5.76 -7.29
N VAL A 72 -0.41 6.75 -6.53
CA VAL A 72 0.39 7.96 -6.35
C VAL A 72 0.96 8.07 -4.94
N LEU A 73 2.00 8.91 -4.82
CA LEU A 73 2.66 9.14 -3.54
C LEU A 73 2.64 10.64 -3.21
N VAL A 74 2.00 11.00 -2.11
CA VAL A 74 1.91 12.40 -1.70
C VAL A 74 3.21 12.86 -1.05
N ALA A 75 3.86 13.84 -1.66
CA ALA A 75 5.12 14.38 -1.15
C ALA A 75 5.05 15.90 -1.03
N SER A 76 5.83 16.45 -0.10
CA SER A 76 5.87 17.89 0.12
C SER A 76 7.30 18.41 0.02
N ALA A 77 7.44 19.73 -0.09
CA ALA A 77 8.75 20.35 -0.19
C ALA A 77 8.78 21.70 0.51
N GLN A 78 9.71 21.87 1.44
CA GLN A 78 9.85 23.12 2.18
C GLN A 78 8.65 23.35 3.10
N LYS A 79 7.49 23.61 2.50
CA LYS A 79 6.27 23.86 3.26
C LYS A 79 5.51 22.56 3.48
N LYS A 80 4.75 22.50 4.58
CA LYS A 80 3.97 21.32 4.90
C LYS A 80 2.83 21.67 5.85
N LEU A 81 1.82 20.80 5.89
CA LEU A 81 0.67 21.01 6.75
C LEU A 81 -0.08 19.71 7.00
N LEU A 82 -1.03 19.73 7.93
CA LEU A 82 -1.82 18.56 8.26
C LEU A 82 -3.15 18.58 7.54
N GLU A 83 -3.78 19.75 7.49
CA GLU A 83 -5.08 19.91 6.84
C GLU A 83 -4.93 19.78 5.32
N GLU A 84 -3.98 20.52 4.76
CA GLU A 84 -3.73 20.49 3.32
C GLU A 84 -3.39 19.08 2.85
N ARG A 85 -2.55 18.40 3.62
CA ARG A 85 -2.14 17.03 3.29
C ARG A 85 -3.33 16.09 3.33
N LEU A 86 -4.05 16.08 4.44
CA LEU A 86 -5.22 15.22 4.60
C LEU A 86 -6.28 15.54 3.55
N LYS A 87 -6.31 16.79 3.09
CA LYS A 87 -7.27 17.21 2.08
C LYS A 87 -6.89 16.68 0.70
N LEU A 88 -5.66 16.96 0.30
CA LEU A 88 -5.16 16.52 -1.01
C LEU A 88 -5.24 14.99 -1.11
N VAL A 89 -4.76 14.31 -0.08
CA VAL A 89 -4.79 12.85 -0.05
C VAL A 89 -6.22 12.34 -0.04
N SER A 90 -7.09 13.06 0.65
CA SER A 90 -8.50 12.68 0.76
C SER A 90 -9.13 12.51 -0.63
N GLU A 91 -9.04 13.56 -1.44
CA GLU A 91 -9.63 13.53 -2.78
C GLU A 91 -8.97 12.48 -3.68
N LEU A 92 -7.64 12.51 -3.75
CA LEU A 92 -6.90 11.56 -4.57
C LEU A 92 -7.06 10.13 -4.07
N GLN A 93 -6.76 9.93 -2.80
CA GLN A 93 -6.85 8.61 -2.20
C GLN A 93 -8.27 8.06 -2.22
N ASP A 94 -9.23 8.88 -1.80
CA ASP A 94 -10.62 8.43 -1.73
C ASP A 94 -11.34 8.35 -3.07
N ALA A 95 -11.26 9.40 -3.91
CA ALA A 95 -11.99 9.38 -5.18
C ALA A 95 -11.26 8.68 -6.32
N GLY A 96 -9.95 8.82 -6.34
CA GLY A 96 -9.17 8.23 -7.39
C GLY A 96 -8.31 7.05 -6.98
N ILE A 97 -7.04 7.37 -6.96
CA ILE A 97 -5.95 6.46 -6.63
C ILE A 97 -5.77 6.31 -5.13
N LYS A 98 -5.18 5.19 -4.71
CA LYS A 98 -4.91 4.96 -3.31
C LYS A 98 -3.62 5.68 -2.92
N ALA A 99 -3.76 6.81 -2.24
CA ALA A 99 -2.61 7.61 -1.83
C ALA A 99 -1.70 6.87 -0.84
N GLU A 100 -0.44 7.26 -0.83
CA GLU A 100 0.56 6.67 0.07
C GLU A 100 1.67 7.68 0.32
N LEU A 101 1.86 8.07 1.58
CA LEU A 101 2.89 9.05 1.92
C LEU A 101 3.60 8.71 3.23
N LEU A 102 4.93 8.77 3.18
CA LEU A 102 5.76 8.51 4.35
C LEU A 102 6.90 9.52 4.40
N TYR A 103 7.81 9.41 3.43
CA TYR A 103 8.95 10.32 3.32
C TYR A 103 9.62 10.56 4.68
N LYS A 104 9.47 9.62 5.61
CA LYS A 104 10.06 9.75 6.93
C LYS A 104 11.57 9.49 6.88
N LYS A 105 12.30 10.40 6.22
CA LYS A 105 13.75 10.26 6.11
C LYS A 105 14.37 11.45 5.37
N ASN A 106 15.00 12.34 6.13
CA ASN A 106 15.64 13.52 5.55
C ASN A 106 14.63 14.40 4.81
N PRO A 107 13.99 15.35 5.53
CA PRO A 107 13.00 16.25 4.93
C PRO A 107 13.65 17.32 4.05
N LYS A 108 13.62 17.10 2.74
CA LYS A 108 14.20 18.04 1.79
C LYS A 108 13.99 17.54 0.36
N LEU A 109 14.31 16.28 0.13
CA LEU A 109 14.17 15.68 -1.19
C LEU A 109 14.36 14.15 -1.10
N LEU A 110 15.42 13.74 -0.43
CA LEU A 110 15.71 12.31 -0.28
C LEU A 110 14.53 11.60 0.42
N ASN A 111 13.74 12.37 1.16
CA ASN A 111 12.59 11.81 1.86
C ASN A 111 11.52 11.31 0.89
N GLN A 112 11.08 12.19 -0.01
CA GLN A 112 10.07 11.83 -0.99
C GLN A 112 10.69 10.96 -2.09
N LEU A 113 11.98 11.15 -2.33
CA LEU A 113 12.68 10.40 -3.34
C LEU A 113 12.94 8.96 -2.87
N GLN A 114 13.34 8.82 -1.61
CA GLN A 114 13.60 7.50 -1.05
C GLN A 114 12.31 6.72 -0.87
N TYR A 115 11.24 7.43 -0.53
CA TYR A 115 9.94 6.81 -0.34
C TYR A 115 9.35 6.38 -1.68
N CYS A 116 9.64 7.16 -2.72
CA CYS A 116 9.16 6.87 -4.06
C CYS A 116 9.90 5.67 -4.66
N GLU A 117 11.16 5.52 -4.30
CA GLU A 117 11.96 4.41 -4.82
C GLU A 117 11.50 3.09 -4.22
N GLU A 118 11.56 2.99 -2.89
CA GLU A 118 11.15 1.75 -2.21
C GLU A 118 9.63 1.61 -2.13
N ALA A 119 8.96 2.62 -1.57
CA ALA A 119 7.50 2.59 -1.42
C ALA A 119 6.78 3.02 -2.69
N GLY A 120 7.31 4.01 -3.38
CA GLY A 120 6.67 4.50 -4.59
C GLY A 120 7.02 3.67 -5.79
N ILE A 121 6.32 3.90 -6.89
CA ILE A 121 6.57 3.14 -8.11
C ILE A 121 5.88 3.78 -9.33
N PRO A 122 4.55 3.98 -9.27
CA PRO A 122 3.80 4.56 -10.38
C PRO A 122 4.04 6.07 -10.54
N LEU A 123 3.50 6.87 -9.64
CA LEU A 123 3.66 8.32 -9.72
C LEU A 123 3.71 8.97 -8.34
N VAL A 124 4.22 10.20 -8.30
CA VAL A 124 4.32 10.96 -7.06
C VAL A 124 3.73 12.36 -7.25
N ALA A 125 3.40 13.02 -6.14
CA ALA A 125 2.82 14.36 -6.20
C ALA A 125 3.53 15.32 -5.25
N ILE A 126 4.12 16.37 -5.80
CA ILE A 126 4.83 17.36 -5.01
C ILE A 126 4.00 18.65 -4.88
N ILE A 127 3.64 19.00 -3.64
CA ILE A 127 2.85 20.20 -3.37
C ILE A 127 3.23 20.82 -2.01
N GLY A 128 2.25 21.34 -1.26
CA GLY A 128 2.54 21.95 0.03
C GLY A 128 1.88 23.31 0.21
N GLU A 129 0.82 23.57 -0.56
CA GLU A 129 0.10 24.85 -0.50
C GLU A 129 0.99 25.99 -0.99
N GLN A 130 2.08 26.23 -0.26
CA GLN A 130 3.03 27.26 -0.67
C GLN A 130 3.73 26.79 -1.93
N GLU A 131 3.92 25.47 -2.00
CA GLU A 131 4.50 24.84 -3.16
C GLU A 131 3.45 24.76 -4.22
N LEU A 132 2.19 24.61 -3.79
CA LEU A 132 1.07 24.54 -4.73
C LEU A 132 1.10 25.76 -5.65
N LYS A 133 1.38 26.92 -5.09
CA LYS A 133 1.42 28.14 -5.88
C LYS A 133 2.73 28.27 -6.66
N ASP A 134 3.86 28.30 -5.95
CA ASP A 134 5.17 28.44 -6.59
C ASP A 134 5.67 27.14 -7.22
N GLY A 135 5.19 26.01 -6.73
CA GLY A 135 5.61 24.72 -7.24
C GLY A 135 4.47 23.89 -7.81
N VAL A 136 3.26 24.10 -7.28
CA VAL A 136 2.08 23.37 -7.73
C VAL A 136 2.27 21.87 -7.60
N ILE A 137 1.26 21.11 -8.02
CA ILE A 137 1.32 19.67 -7.89
C ILE A 137 1.95 19.02 -9.10
N LYS A 138 3.13 18.45 -8.89
CA LYS A 138 3.87 17.80 -9.95
C LYS A 138 3.68 16.29 -9.88
N LEU A 139 3.12 15.72 -10.95
CA LEU A 139 2.89 14.29 -11.00
C LEU A 139 4.14 13.55 -11.46
N ARG A 140 4.99 13.19 -10.51
CA ARG A 140 6.23 12.48 -10.81
C ARG A 140 5.95 11.19 -11.57
N SER A 141 6.08 11.24 -12.88
CA SER A 141 5.85 10.06 -13.72
C SER A 141 7.03 9.10 -13.64
N VAL A 142 7.31 8.65 -12.41
CA VAL A 142 8.41 7.73 -12.12
C VAL A 142 8.51 6.59 -13.15
N THR A 143 7.41 5.91 -13.38
CA THR A 143 7.38 4.77 -14.30
C THR A 143 7.43 5.18 -15.77
N SER A 144 6.50 6.04 -16.18
CA SER A 144 6.43 6.45 -17.59
C SER A 144 7.48 7.51 -17.96
N ARG A 145 7.39 8.68 -17.36
CA ARG A 145 8.33 9.76 -17.66
C ARG A 145 9.20 10.13 -16.46
N GLU A 146 8.81 11.20 -15.76
CA GLU A 146 9.56 11.66 -14.59
C GLU A 146 8.68 12.57 -13.74
N GLU A 147 8.18 13.66 -14.33
CA GLU A 147 7.33 14.59 -13.61
C GLU A 147 6.47 15.43 -14.54
N VAL A 148 5.24 15.69 -14.11
CA VAL A 148 4.29 16.48 -14.87
C VAL A 148 3.85 17.71 -14.07
N ASP A 149 3.29 18.71 -14.73
CA ASP A 149 2.84 19.92 -14.05
C ASP A 149 1.31 19.95 -13.95
N VAL A 150 0.80 19.80 -12.73
CA VAL A 150 -0.65 19.83 -12.52
C VAL A 150 -0.99 20.63 -11.26
N ARG A 151 -2.29 20.94 -11.10
CA ARG A 151 -2.74 21.72 -9.95
C ARG A 151 -3.96 21.07 -9.29
N ARG A 152 -3.75 19.92 -8.67
CA ARG A 152 -4.83 19.18 -7.99
C ARG A 152 -5.90 18.67 -8.95
N GLU A 153 -6.46 19.56 -9.76
CA GLU A 153 -7.50 19.19 -10.72
C GLU A 153 -6.93 18.29 -11.81
N ASP A 154 -5.77 18.68 -12.33
CA ASP A 154 -5.12 17.92 -13.39
C ASP A 154 -4.53 16.63 -12.85
N LEU A 155 -4.19 16.61 -11.56
CA LEU A 155 -3.62 15.42 -10.94
C LEU A 155 -4.66 14.29 -10.88
N VAL A 156 -5.82 14.60 -10.32
CA VAL A 156 -6.90 13.61 -10.21
C VAL A 156 -7.43 13.27 -11.59
N GLU A 157 -7.41 14.24 -12.48
CA GLU A 157 -7.87 14.04 -13.85
C GLU A 157 -6.82 13.28 -14.67
N GLU A 158 -5.56 13.47 -14.31
CA GLU A 158 -4.46 12.81 -15.01
C GLU A 158 -4.51 11.30 -14.79
N ILE A 159 -4.75 10.89 -13.54
CA ILE A 159 -4.81 9.46 -13.22
C ILE A 159 -6.14 8.86 -13.64
N LYS A 160 -7.23 9.48 -13.20
CA LYS A 160 -8.57 9.01 -13.51
C LYS A 160 -8.78 8.91 -15.02
N ARG A 161 -8.38 9.95 -15.75
CA ARG A 161 -8.54 9.97 -17.20
C ARG A 161 -7.61 8.97 -17.86
N ARG A 162 -6.33 9.04 -17.52
CA ARG A 162 -5.33 8.14 -18.09
C ARG A 162 -5.69 6.68 -17.82
N THR A 163 -6.29 6.44 -16.66
CA THR A 163 -6.69 5.09 -16.27
C THR A 163 -8.09 4.76 -16.78
N GLY A 164 -8.92 5.79 -16.92
CA GLY A 164 -10.28 5.59 -17.39
C GLY A 164 -10.34 5.35 -18.89
N GLN A 165 -9.75 4.25 -19.34
CA GLN A 165 -9.74 3.90 -20.75
C GLN A 165 -9.08 4.99 -21.58
N PRO A 166 -7.73 5.03 -21.58
CA PRO A 166 -6.97 6.03 -22.33
C PRO A 166 -6.96 5.75 -23.83
N LEU A 167 -8.14 5.73 -24.43
CA LEU A 167 -8.27 5.46 -25.86
C LEU A 167 -8.44 6.76 -26.64
N SER A 168 -9.29 7.64 -26.15
CA SER A 168 -9.55 8.92 -26.80
C SER A 168 -10.18 9.91 -25.82
N ILE A 169 -9.73 11.15 -25.87
CA ILE A 169 -10.25 12.19 -24.99
C ILE A 169 -11.17 13.15 -25.76
N SER A 170 -12.39 13.30 -25.28
CA SER A 170 -13.37 14.18 -25.91
C SER A 170 -13.09 15.63 -25.56
N ALA A 1 -3.22 -34.60 22.26
CA ALA A 1 -3.00 -33.72 23.44
C ALA A 1 -2.23 -34.46 24.53
N GLU A 2 -1.25 -33.78 25.13
CA GLU A 2 -0.45 -34.36 26.19
C GLU A 2 -0.56 -33.54 27.47
N ARG A 3 -0.34 -32.24 27.35
CA ARG A 3 -0.41 -31.35 28.50
C ARG A 3 -1.81 -31.36 29.11
N ALA A 4 -2.83 -31.39 28.25
CA ALA A 4 -4.21 -31.41 28.70
C ALA A 4 -4.52 -32.71 29.43
N ALA A 5 -4.20 -33.83 28.80
CA ALA A 5 -4.44 -35.14 29.38
C ALA A 5 -3.74 -35.28 30.73
N LEU A 6 -2.47 -34.89 30.77
CA LEU A 6 -1.68 -34.96 32.00
C LEU A 6 -2.34 -34.13 33.10
N GLU A 7 -2.81 -32.94 32.74
CA GLU A 7 -3.47 -32.06 33.70
C GLU A 7 -4.64 -32.78 34.34
N GLU A 8 -5.46 -33.41 33.49
CA GLU A 8 -6.61 -34.16 33.97
C GLU A 8 -6.15 -35.36 34.79
N LEU A 9 -4.96 -35.87 34.46
CA LEU A 9 -4.40 -37.00 35.18
C LEU A 9 -4.03 -36.60 36.60
N VAL A 10 -3.62 -35.35 36.75
CA VAL A 10 -3.25 -34.82 38.06
C VAL A 10 -4.48 -34.69 38.95
N LYS A 11 -5.49 -34.00 38.44
CA LYS A 11 -6.73 -33.79 39.19
C LYS A 11 -7.27 -35.13 39.69
N LEU A 12 -7.28 -36.13 38.82
CA LEU A 12 -7.76 -37.45 39.18
C LEU A 12 -6.79 -38.13 40.14
N GLN A 13 -5.52 -37.76 40.05
CA GLN A 13 -4.50 -38.34 40.92
C GLN A 13 -4.69 -37.90 42.37
N GLY A 14 -4.87 -36.60 42.57
CA GLY A 14 -5.06 -36.09 43.91
C GLY A 14 -6.38 -36.53 44.53
N GLU A 15 -7.45 -36.47 43.76
CA GLU A 15 -8.77 -36.87 44.23
C GLU A 15 -8.76 -38.31 44.72
N ARG A 16 -8.19 -39.20 43.91
CA ARG A 16 -8.13 -40.61 44.24
C ARG A 16 -7.18 -40.87 45.41
N VAL A 17 -5.94 -40.43 45.26
CA VAL A 17 -4.92 -40.61 46.28
C VAL A 17 -5.36 -40.01 47.61
N ARG A 18 -5.94 -38.81 47.57
CA ARG A 18 -6.40 -38.16 48.80
C ARG A 18 -7.43 -39.04 49.50
N GLY A 19 -8.48 -39.39 48.76
CA GLY A 19 -9.51 -40.25 49.30
C GLY A 19 -8.98 -41.65 49.55
N LEU A 20 -7.83 -41.95 48.93
CA LEU A 20 -7.19 -43.24 49.08
C LEU A 20 -6.41 -43.27 50.37
N LYS A 21 -5.81 -42.13 50.69
CA LYS A 21 -5.02 -41.99 51.88
C LYS A 21 -5.88 -42.15 53.12
N GLN A 22 -7.01 -41.46 53.12
CA GLN A 22 -7.90 -41.51 54.27
C GLN A 22 -8.83 -42.73 54.30
N GLN A 23 -9.57 -42.99 53.22
CA GLN A 23 -10.53 -44.11 53.26
C GLN A 23 -10.02 -45.50 52.87
N LYS A 24 -8.93 -45.62 52.10
CA LYS A 24 -8.45 -46.96 51.76
C LYS A 24 -6.97 -47.17 52.05
N ALA A 25 -6.34 -46.29 52.81
CA ALA A 25 -4.92 -46.44 53.10
C ALA A 25 -4.15 -46.81 51.83
N SER A 26 -3.28 -47.82 51.93
CA SER A 26 -2.50 -48.30 50.80
C SER A 26 -1.25 -47.47 50.58
N ALA A 27 -0.51 -47.22 51.67
CA ALA A 27 0.71 -46.43 51.61
C ALA A 27 1.46 -46.61 50.28
N GLU A 28 1.44 -47.83 49.76
CA GLU A 28 2.11 -48.13 48.49
C GLU A 28 1.38 -47.43 47.35
N LEU A 29 0.05 -47.51 47.37
CA LEU A 29 -0.78 -46.88 46.35
C LEU A 29 -0.85 -45.38 46.64
N ILE A 30 -0.99 -45.05 47.91
CA ILE A 30 -1.07 -43.65 48.32
C ILE A 30 0.20 -42.92 47.92
N GLU A 31 1.34 -43.54 48.21
CA GLU A 31 2.63 -42.94 47.88
C GLU A 31 2.84 -42.93 46.36
N GLU A 32 2.30 -43.94 45.68
CA GLU A 32 2.42 -44.03 44.24
C GLU A 32 1.62 -42.92 43.56
N GLU A 33 0.36 -42.79 43.96
CA GLU A 33 -0.50 -41.77 43.38
C GLU A 33 -0.08 -40.38 43.84
N VAL A 34 0.48 -40.31 45.05
CA VAL A 34 0.93 -39.03 45.59
C VAL A 34 2.22 -38.59 44.89
N ALA A 35 3.21 -39.47 44.87
CA ALA A 35 4.49 -39.15 44.22
C ALA A 35 4.30 -38.75 42.76
N LYS A 36 3.52 -39.54 42.03
CA LYS A 36 3.26 -39.24 40.62
C LYS A 36 2.43 -37.98 40.50
N LEU A 37 1.57 -37.74 41.49
CA LEU A 37 0.73 -36.55 41.50
C LEU A 37 1.59 -35.29 41.55
N LEU A 38 2.67 -35.36 42.31
CA LEU A 38 3.60 -34.24 42.43
C LEU A 38 4.31 -34.00 41.11
N LYS A 39 4.87 -35.06 40.54
CA LYS A 39 5.57 -34.97 39.27
C LYS A 39 4.63 -34.47 38.18
N LEU A 40 3.37 -34.92 38.24
CA LEU A 40 2.36 -34.51 37.27
C LEU A 40 2.16 -33.01 37.29
N LYS A 41 1.92 -32.46 38.49
CA LYS A 41 1.71 -31.03 38.67
C LYS A 41 2.89 -30.25 38.10
N ALA A 42 4.08 -30.54 38.59
CA ALA A 42 5.28 -29.86 38.13
C ALA A 42 5.51 -30.10 36.64
N GLN A 43 4.89 -31.15 36.11
CA GLN A 43 5.03 -31.47 34.69
C GLN A 43 4.27 -30.48 33.83
N LEU A 44 3.06 -30.12 34.27
CA LEU A 44 2.22 -29.17 33.54
C LEU A 44 3.01 -27.94 33.11
N GLY A 45 3.26 -27.03 34.06
CA GLY A 45 4.00 -25.83 33.77
C GLY A 45 3.09 -24.66 33.41
N PRO A 46 3.40 -23.92 32.34
CA PRO A 46 2.58 -22.77 31.92
C PRO A 46 1.11 -23.12 31.78
N ASP A 47 0.32 -22.15 31.35
CA ASP A 47 -1.12 -22.36 31.17
C ASP A 47 -1.45 -22.66 29.71
N GLU A 48 -2.59 -23.30 29.48
CA GLU A 48 -3.02 -23.65 28.13
C GLU A 48 -3.31 -22.39 27.32
N SER A 49 -3.80 -21.36 28.00
CA SER A 49 -4.14 -20.10 27.34
C SER A 49 -2.89 -19.48 26.70
N LYS A 50 -1.83 -19.35 27.49
CA LYS A 50 -0.59 -18.78 26.99
C LYS A 50 0.32 -19.86 26.43
N GLN A 51 0.85 -20.71 27.30
CA GLN A 51 1.73 -21.80 26.89
C GLN A 51 3.04 -21.25 26.33
N LYS A 52 2.99 -20.75 25.10
CA LYS A 52 4.18 -20.20 24.45
C LYS A 52 4.16 -18.68 24.50
N PHE A 53 5.01 -18.04 23.69
CA PHE A 53 5.09 -16.59 23.64
C PHE A 53 4.53 -16.06 22.33
N VAL A 54 3.22 -16.20 22.16
CA VAL A 54 2.53 -15.75 20.94
C VAL A 54 3.34 -16.07 19.68
N LEU A 55 3.27 -17.32 19.25
CA LEU A 55 3.99 -17.75 18.05
C LEU A 55 3.56 -16.95 16.83
N LYS A 56 4.13 -17.27 15.69
CA LYS A 56 3.80 -16.57 14.44
C LYS A 56 3.98 -17.49 13.24
N THR A 57 3.49 -17.05 12.08
CA THR A 57 3.59 -17.83 10.86
C THR A 57 3.62 -16.93 9.63
N PRO A 58 3.97 -17.49 8.46
CA PRO A 58 4.03 -16.72 7.20
C PRO A 58 2.74 -15.95 6.94
N LYS A 59 2.86 -14.80 6.28
CA LYS A 59 1.71 -13.97 5.97
C LYS A 59 1.18 -14.29 4.56
N ALA A 60 -0.10 -14.01 4.34
CA ALA A 60 -0.72 -14.26 3.04
C ALA A 60 -0.69 -13.01 2.17
N LEU A 61 -0.76 -11.85 2.82
CA LEU A 61 -0.75 -10.57 2.10
C LEU A 61 0.65 -9.98 2.07
N GLU A 62 1.38 -10.26 0.99
CA GLU A 62 2.74 -9.75 0.84
C GLU A 62 2.73 -8.26 0.50
N GLU A 63 3.82 -7.58 0.81
CA GLU A 63 3.93 -6.16 0.54
C GLU A 63 4.83 -5.91 -0.67
N LYS A 64 4.32 -6.22 -1.86
CA LYS A 64 5.07 -6.03 -3.09
C LYS A 64 4.16 -6.07 -4.30
N ILE A 65 3.31 -5.06 -4.43
CA ILE A 65 2.38 -4.97 -5.55
C ILE A 65 2.40 -3.58 -6.17
N ARG A 66 2.16 -3.52 -7.47
CA ARG A 66 2.16 -2.25 -8.20
C ARG A 66 0.91 -1.43 -7.85
N THR A 67 -0.22 -1.82 -8.43
CA THR A 67 -1.49 -1.12 -8.18
C THR A 67 -2.47 -2.04 -7.46
N THR A 68 -2.98 -1.57 -6.33
CA THR A 68 -3.94 -2.35 -5.55
C THR A 68 -4.62 -1.48 -4.51
N GLU A 69 -3.87 -1.08 -3.49
CA GLU A 69 -4.39 -0.24 -2.42
C GLU A 69 -3.85 1.19 -2.55
N THR A 70 -3.13 1.45 -3.64
CA THR A 70 -2.56 2.77 -3.85
C THR A 70 -2.10 2.95 -5.30
N GLN A 71 -2.68 3.94 -5.97
CA GLN A 71 -2.32 4.25 -7.35
C GLN A 71 -1.28 5.36 -7.40
N VAL A 72 -1.50 6.39 -6.59
CA VAL A 72 -0.58 7.52 -6.53
C VAL A 72 0.06 7.67 -5.15
N LEU A 73 1.02 8.59 -5.04
CA LEU A 73 1.71 8.84 -3.79
C LEU A 73 1.93 10.34 -3.58
N VAL A 74 1.34 10.88 -2.52
CA VAL A 74 1.46 12.30 -2.22
C VAL A 74 2.76 12.60 -1.45
N ALA A 75 3.51 13.58 -1.94
CA ALA A 75 4.76 13.97 -1.29
C ALA A 75 4.79 15.48 -1.04
N SER A 76 5.25 15.86 0.15
CA SER A 76 5.33 17.27 0.51
C SER A 76 6.78 17.67 0.82
N ALA A 77 7.25 18.71 0.14
CA ALA A 77 8.61 19.20 0.34
C ALA A 77 8.69 20.14 1.53
N GLN A 78 7.85 21.19 1.51
CA GLN A 78 7.82 22.17 2.58
C GLN A 78 6.93 21.69 3.72
N LYS A 79 7.43 21.79 4.95
CA LYS A 79 6.67 21.38 6.12
C LYS A 79 6.33 22.57 7.01
N LYS A 80 5.12 22.57 7.55
CA LYS A 80 4.67 23.66 8.42
C LYS A 80 3.55 23.18 9.34
N LEU A 81 2.37 22.96 8.75
CA LEU A 81 1.22 22.50 9.52
C LEU A 81 0.78 21.10 9.07
N LEU A 82 1.02 20.79 7.80
CA LEU A 82 0.66 19.49 7.24
C LEU A 82 -0.86 19.39 7.00
N GLU A 83 -1.58 20.48 7.24
CA GLU A 83 -3.02 20.49 7.04
C GLU A 83 -3.35 20.32 5.56
N GLU A 84 -2.73 21.14 4.72
CA GLU A 84 -2.95 21.08 3.28
C GLU A 84 -2.54 19.72 2.73
N ARG A 85 -1.39 19.23 3.19
CA ARG A 85 -0.88 17.94 2.74
C ARG A 85 -1.94 16.85 2.87
N LEU A 86 -2.45 16.69 4.09
CA LEU A 86 -3.48 15.69 4.35
C LEU A 86 -4.74 15.97 3.53
N LYS A 87 -4.99 17.26 3.27
CA LYS A 87 -6.16 17.67 2.50
C LYS A 87 -6.04 17.19 1.04
N LEU A 88 -4.90 17.52 0.42
CA LEU A 88 -4.66 17.13 -0.97
C LEU A 88 -4.75 15.61 -1.11
N VAL A 89 -4.27 14.91 -0.09
CA VAL A 89 -4.30 13.45 -0.11
C VAL A 89 -5.73 12.94 0.03
N SER A 90 -6.52 13.63 0.85
CA SER A 90 -7.91 13.25 1.05
C SER A 90 -8.68 13.27 -0.26
N GLU A 91 -8.45 14.29 -1.06
CA GLU A 91 -9.13 14.42 -2.35
C GLU A 91 -8.50 13.48 -3.39
N LEU A 92 -7.17 13.56 -3.50
CA LEU A 92 -6.44 12.72 -4.45
C LEU A 92 -6.61 11.25 -4.12
N GLN A 93 -7.03 10.95 -2.90
CA GLN A 93 -7.23 9.57 -2.48
C GLN A 93 -8.70 9.19 -2.47
N ASP A 94 -9.51 10.02 -1.83
CA ASP A 94 -10.94 9.76 -1.74
C ASP A 94 -11.68 10.05 -3.04
N ALA A 95 -11.42 11.21 -3.63
CA ALA A 95 -12.09 11.61 -4.87
C ALA A 95 -11.43 11.04 -6.10
N GLY A 96 -10.12 10.84 -6.03
CA GLY A 96 -9.40 10.36 -7.18
C GLY A 96 -8.96 8.91 -7.12
N ILE A 97 -7.77 8.72 -6.61
CA ILE A 97 -7.16 7.40 -6.56
C ILE A 97 -6.51 7.12 -5.21
N LYS A 98 -6.35 5.84 -4.90
CA LYS A 98 -5.74 5.44 -3.65
C LYS A 98 -4.33 5.99 -3.55
N ALA A 99 -4.18 7.04 -2.74
CA ALA A 99 -2.89 7.68 -2.54
C ALA A 99 -2.18 7.15 -1.30
N GLU A 100 -0.92 6.78 -1.46
CA GLU A 100 -0.12 6.26 -0.34
C GLU A 100 1.15 7.07 -0.18
N LEU A 101 1.36 7.62 1.01
CA LEU A 101 2.55 8.42 1.28
C LEU A 101 3.13 8.11 2.66
N LEU A 102 4.44 7.92 2.71
CA LEU A 102 5.13 7.63 3.96
C LEU A 102 6.43 8.41 4.07
N TYR A 103 7.47 7.95 3.36
CA TYR A 103 8.77 8.61 3.38
C TYR A 103 9.20 9.01 4.80
N LYS A 104 8.67 8.31 5.79
CA LYS A 104 9.00 8.60 7.19
C LYS A 104 10.43 8.17 7.51
N LYS A 105 11.30 9.16 7.69
CA LYS A 105 12.69 8.89 8.01
C LYS A 105 13.31 10.05 8.79
N ASN A 106 13.52 11.16 8.10
CA ASN A 106 14.10 12.36 8.71
C ASN A 106 14.26 13.48 7.69
N PRO A 107 15.05 13.25 6.61
CA PRO A 107 15.27 14.26 5.57
C PRO A 107 13.96 14.73 4.94
N LYS A 108 14.08 15.41 3.80
CA LYS A 108 12.91 15.92 3.09
C LYS A 108 12.82 15.34 1.68
N LEU A 109 13.84 15.60 0.87
CA LEU A 109 13.87 15.10 -0.49
C LEU A 109 14.40 13.67 -0.54
N LEU A 110 15.34 13.36 0.34
CA LEU A 110 15.94 12.04 0.40
C LEU A 110 14.87 10.99 0.71
N ASN A 111 14.28 11.11 1.89
CA ASN A 111 13.24 10.17 2.32
C ASN A 111 12.10 10.11 1.31
N GLN A 112 11.65 11.27 0.86
CA GLN A 112 10.55 11.35 -0.11
C GLN A 112 10.89 10.54 -1.36
N LEU A 113 12.09 10.77 -1.89
CA LEU A 113 12.54 10.06 -3.09
C LEU A 113 12.94 8.63 -2.75
N GLN A 114 13.30 8.39 -1.50
CA GLN A 114 13.70 7.06 -1.05
C GLN A 114 12.50 6.12 -1.02
N TYR A 115 11.43 6.58 -0.38
CA TYR A 115 10.21 5.78 -0.28
C TYR A 115 9.48 5.74 -1.62
N CYS A 116 9.64 6.80 -2.41
CA CYS A 116 9.00 6.87 -3.72
C CYS A 116 9.59 5.83 -4.66
N GLU A 117 10.90 5.67 -4.63
CA GLU A 117 11.58 4.71 -5.49
C GLU A 117 11.29 3.27 -5.05
N GLU A 118 11.57 2.97 -3.79
CA GLU A 118 11.37 1.63 -3.26
C GLU A 118 9.89 1.34 -2.99
N ALA A 119 9.23 2.21 -2.25
CA ALA A 119 7.81 2.00 -1.93
C ALA A 119 6.91 2.42 -3.08
N GLY A 120 7.26 3.50 -3.77
CA GLY A 120 6.46 3.96 -4.89
C GLY A 120 6.67 3.11 -6.12
N ILE A 121 5.95 3.42 -7.20
CA ILE A 121 6.09 2.66 -8.43
C ILE A 121 5.08 3.11 -9.51
N PRO A 122 3.82 3.45 -9.15
CA PRO A 122 2.84 3.87 -10.13
C PRO A 122 2.88 5.39 -10.37
N LEU A 123 2.28 6.15 -9.47
CA LEU A 123 2.27 7.60 -9.60
C LEU A 123 2.63 8.27 -8.27
N VAL A 124 3.31 9.41 -8.36
CA VAL A 124 3.72 10.15 -7.18
C VAL A 124 3.59 11.65 -7.42
N ALA A 125 2.76 12.31 -6.61
CA ALA A 125 2.55 13.74 -6.76
C ALA A 125 3.21 14.54 -5.64
N ILE A 126 4.15 15.40 -6.00
CA ILE A 126 4.85 16.24 -5.03
C ILE A 126 4.23 17.63 -4.99
N ILE A 127 4.13 18.22 -3.80
CA ILE A 127 3.53 19.53 -3.65
C ILE A 127 3.85 20.15 -2.29
N GLY A 128 4.50 21.32 -2.30
CA GLY A 128 4.84 22.02 -1.06
C GLY A 128 3.68 21.95 -0.09
N GLU A 129 2.70 22.84 -0.23
CA GLU A 129 1.52 22.80 0.63
C GLU A 129 0.53 23.94 0.38
N GLN A 130 0.92 25.18 0.63
CA GLN A 130 -0.03 26.29 0.44
C GLN A 130 -0.31 26.61 -1.03
N GLU A 131 0.76 26.87 -1.79
CA GLU A 131 0.63 27.21 -3.20
C GLU A 131 0.35 26.00 -4.04
N LEU A 132 0.98 24.89 -3.69
CA LEU A 132 0.81 23.67 -4.44
C LEU A 132 -0.54 23.02 -4.13
N LYS A 133 -0.83 22.79 -2.86
CA LYS A 133 -2.11 22.18 -2.51
C LYS A 133 -3.26 22.98 -3.12
N ASP A 134 -3.33 24.28 -2.82
CA ASP A 134 -4.39 25.10 -3.36
C ASP A 134 -4.15 25.45 -4.83
N GLY A 135 -2.89 25.42 -5.25
CA GLY A 135 -2.57 25.78 -6.62
C GLY A 135 -1.85 24.70 -7.43
N VAL A 136 -0.54 24.61 -7.22
CA VAL A 136 0.33 23.70 -7.98
C VAL A 136 0.26 22.23 -7.56
N ILE A 137 0.18 21.37 -8.57
CA ILE A 137 0.18 19.92 -8.35
C ILE A 137 1.29 19.29 -9.20
N LYS A 138 2.33 18.78 -8.55
CA LYS A 138 3.45 18.18 -9.27
C LYS A 138 3.27 16.67 -9.40
N LEU A 139 2.74 16.23 -10.55
CA LEU A 139 2.53 14.81 -10.80
C LEU A 139 3.79 14.18 -11.39
N ARG A 140 4.12 12.98 -10.93
CA ARG A 140 5.31 12.29 -11.42
C ARG A 140 5.03 10.80 -11.65
N SER A 141 5.39 10.32 -12.83
CA SER A 141 5.20 8.92 -13.19
C SER A 141 6.54 8.19 -13.12
N VAL A 142 6.98 7.91 -11.90
CA VAL A 142 8.26 7.25 -11.63
C VAL A 142 8.50 6.08 -12.59
N THR A 143 7.46 5.32 -12.87
CA THR A 143 7.59 4.15 -13.75
C THR A 143 7.64 4.54 -15.22
N SER A 144 6.61 5.23 -15.71
CA SER A 144 6.54 5.62 -17.12
C SER A 144 7.39 6.85 -17.43
N ARG A 145 7.05 7.98 -16.83
CA ARG A 145 7.76 9.24 -17.08
C ARG A 145 8.50 9.74 -15.84
N GLU A 146 8.55 11.06 -15.68
CA GLU A 146 9.23 11.68 -14.53
C GLU A 146 8.33 12.76 -13.91
N GLU A 147 8.94 13.78 -13.32
CA GLU A 147 8.19 14.87 -12.69
C GLU A 147 7.35 15.62 -13.72
N VAL A 148 6.26 16.24 -13.26
CA VAL A 148 5.39 17.01 -14.14
C VAL A 148 4.61 18.06 -13.36
N ASP A 149 4.36 19.20 -14.00
CA ASP A 149 3.63 20.29 -13.36
C ASP A 149 2.19 20.36 -13.88
N VAL A 150 1.25 20.05 -12.99
CA VAL A 150 -0.17 20.08 -13.34
C VAL A 150 -1.00 20.72 -12.23
N ARG A 151 -2.31 20.82 -12.45
CA ARG A 151 -3.20 21.41 -11.46
C ARG A 151 -4.18 20.37 -10.91
N ARG A 152 -4.52 20.51 -9.63
CA ARG A 152 -5.44 19.60 -8.94
C ARG A 152 -6.50 19.02 -9.88
N GLU A 153 -7.21 19.88 -10.61
CA GLU A 153 -8.23 19.43 -11.53
C GLU A 153 -7.65 18.40 -12.50
N ASP A 154 -6.54 18.76 -13.13
CA ASP A 154 -5.87 17.87 -14.06
C ASP A 154 -5.16 16.75 -13.32
N LEU A 155 -4.89 16.96 -12.03
CA LEU A 155 -4.20 15.96 -11.21
C LEU A 155 -5.02 14.67 -11.15
N VAL A 156 -6.30 14.80 -10.81
CA VAL A 156 -7.18 13.64 -10.72
C VAL A 156 -7.56 13.17 -12.13
N GLU A 157 -7.83 14.12 -13.01
CA GLU A 157 -8.20 13.80 -14.39
C GLU A 157 -7.03 13.14 -15.11
N GLU A 158 -5.81 13.49 -14.71
CA GLU A 158 -4.61 12.93 -15.31
C GLU A 158 -4.42 11.47 -14.90
N ILE A 159 -4.49 11.22 -13.60
CA ILE A 159 -4.32 9.86 -13.09
C ILE A 159 -5.28 8.90 -13.78
N LYS A 160 -6.57 9.25 -13.77
CA LYS A 160 -7.59 8.42 -14.40
C LYS A 160 -7.28 8.18 -15.87
N ARG A 161 -6.96 9.26 -16.59
CA ARG A 161 -6.63 9.16 -18.01
C ARG A 161 -5.43 8.25 -18.22
N ARG A 162 -4.55 8.18 -17.22
CA ARG A 162 -3.37 7.34 -17.30
C ARG A 162 -3.71 5.87 -17.15
N THR A 163 -4.64 5.59 -16.23
CA THR A 163 -5.07 4.22 -15.97
C THR A 163 -5.63 3.57 -17.24
N GLY A 164 -6.27 4.39 -18.08
CA GLY A 164 -6.84 3.89 -19.31
C GLY A 164 -5.79 3.71 -20.39
N GLN A 165 -6.19 3.97 -21.64
CA GLN A 165 -5.27 3.83 -22.77
C GLN A 165 -5.52 4.93 -23.81
N PRO A 166 -5.00 6.14 -23.56
CA PRO A 166 -5.16 7.27 -24.48
C PRO A 166 -4.39 7.09 -25.77
N LEU A 167 -5.06 7.30 -26.90
CA LEU A 167 -4.43 7.15 -28.21
C LEU A 167 -3.52 8.34 -28.51
N SER A 168 -2.66 8.18 -29.50
CA SER A 168 -1.73 9.24 -29.89
C SER A 168 -2.33 10.09 -31.01
N ILE A 169 -1.71 11.24 -31.26
CA ILE A 169 -2.17 12.15 -32.31
C ILE A 169 -1.00 12.71 -33.11
N SER A 170 -1.18 12.79 -34.43
CA SER A 170 -0.14 13.31 -35.30
C SER A 170 -0.75 13.97 -36.53
N ALA A 1 -13.18 7.47 46.30
CA ALA A 1 -13.77 8.11 45.10
C ALA A 1 -15.28 7.91 45.06
N GLU A 2 -15.97 8.72 44.27
CA GLU A 2 -17.42 8.62 44.13
C GLU A 2 -17.81 7.30 43.47
N ARG A 3 -17.23 7.03 42.30
CA ARG A 3 -17.53 5.80 41.57
C ARG A 3 -17.00 4.59 42.33
N ALA A 4 -15.87 4.76 43.01
CA ALA A 4 -15.28 3.67 43.78
C ALA A 4 -16.24 3.16 44.84
N ALA A 5 -16.61 4.03 45.77
CA ALA A 5 -17.55 3.69 46.82
C ALA A 5 -18.85 3.16 46.23
N LEU A 6 -19.23 3.75 45.09
CA LEU A 6 -20.44 3.36 44.38
C LEU A 6 -20.31 1.92 43.87
N GLU A 7 -19.15 1.60 43.32
CA GLU A 7 -18.88 0.27 42.80
C GLU A 7 -19.04 -0.77 43.90
N GLU A 8 -18.34 -0.56 45.01
CA GLU A 8 -18.42 -1.47 46.14
C GLU A 8 -19.83 -1.50 46.70
N LEU A 9 -20.55 -0.40 46.53
CA LEU A 9 -21.92 -0.29 47.00
C LEU A 9 -22.80 -1.35 46.35
N VAL A 10 -22.73 -1.46 45.03
CA VAL A 10 -23.53 -2.44 44.31
C VAL A 10 -23.06 -3.85 44.64
N LYS A 11 -21.75 -4.04 44.72
CA LYS A 11 -21.20 -5.36 45.06
C LYS A 11 -21.88 -5.87 46.31
N LEU A 12 -22.03 -4.97 47.28
CA LEU A 12 -22.69 -5.30 48.54
C LEU A 12 -24.18 -5.52 48.32
N GLN A 13 -24.74 -4.81 47.34
CA GLN A 13 -26.16 -4.94 47.04
C GLN A 13 -26.47 -6.29 46.43
N GLY A 14 -25.66 -6.69 45.45
CA GLY A 14 -25.86 -7.97 44.79
C GLY A 14 -25.75 -9.15 45.74
N GLU A 15 -24.66 -9.18 46.52
CA GLU A 15 -24.45 -10.27 47.47
C GLU A 15 -25.60 -10.37 48.48
N ARG A 16 -25.93 -9.23 49.08
CA ARG A 16 -27.01 -9.18 50.07
C ARG A 16 -28.36 -9.48 49.42
N VAL A 17 -28.68 -8.71 48.39
CA VAL A 17 -29.95 -8.87 47.67
C VAL A 17 -30.13 -10.31 47.19
N ARG A 18 -29.08 -10.91 46.63
CA ARG A 18 -29.17 -12.27 46.15
C ARG A 18 -29.58 -13.20 47.30
N GLY A 19 -28.81 -13.16 48.38
CA GLY A 19 -29.12 -13.95 49.55
C GLY A 19 -30.39 -13.48 50.23
N LEU A 20 -30.82 -12.26 49.90
CA LEU A 20 -32.02 -11.67 50.49
C LEU A 20 -33.27 -12.36 49.99
N LYS A 21 -33.37 -12.46 48.66
CA LYS A 21 -34.52 -13.09 48.04
C LYS A 21 -34.46 -14.59 48.18
N GLN A 22 -33.24 -15.13 48.17
CA GLN A 22 -33.07 -16.56 48.28
C GLN A 22 -33.16 -17.05 49.73
N GLN A 23 -32.36 -16.48 50.63
CA GLN A 23 -32.41 -16.95 52.02
C GLN A 23 -33.45 -16.23 52.89
N LYS A 24 -33.86 -15.02 52.53
CA LYS A 24 -34.88 -14.34 53.34
C LYS A 24 -36.03 -13.80 52.51
N ALA A 25 -36.13 -14.21 51.25
CA ALA A 25 -37.22 -13.73 50.39
C ALA A 25 -37.45 -12.24 50.60
N SER A 26 -38.64 -11.89 51.10
CA SER A 26 -39.00 -10.51 51.39
C SER A 26 -39.13 -9.70 50.11
N ALA A 27 -40.19 -9.97 49.35
CA ALA A 27 -40.44 -9.26 48.11
C ALA A 27 -40.26 -7.76 48.31
N GLU A 28 -40.54 -7.30 49.54
CA GLU A 28 -40.40 -5.89 49.88
C GLU A 28 -38.93 -5.48 49.94
N LEU A 29 -38.11 -6.33 50.55
CA LEU A 29 -36.68 -6.06 50.65
C LEU A 29 -36.02 -6.30 49.31
N ILE A 30 -36.43 -7.38 48.66
CA ILE A 30 -35.89 -7.72 47.36
C ILE A 30 -36.27 -6.67 46.33
N GLU A 31 -37.55 -6.32 46.27
CA GLU A 31 -38.02 -5.30 45.32
C GLU A 31 -37.26 -3.99 45.50
N GLU A 32 -37.19 -3.51 46.74
CA GLU A 32 -36.50 -2.25 47.03
C GLU A 32 -34.99 -2.38 46.86
N GLU A 33 -34.39 -3.34 47.56
CA GLU A 33 -32.95 -3.57 47.48
C GLU A 33 -32.50 -3.81 46.05
N VAL A 34 -33.24 -4.66 45.33
CA VAL A 34 -32.92 -4.97 43.94
C VAL A 34 -32.88 -3.68 43.10
N ALA A 35 -33.95 -2.89 43.20
CA ALA A 35 -34.03 -1.64 42.46
C ALA A 35 -32.79 -0.78 42.68
N LYS A 36 -32.38 -0.65 43.94
CA LYS A 36 -31.20 0.13 44.29
C LYS A 36 -29.97 -0.40 43.55
N LEU A 37 -29.85 -1.72 43.50
CA LEU A 37 -28.73 -2.36 42.81
C LEU A 37 -28.69 -1.93 41.35
N LEU A 38 -29.87 -1.78 40.76
CA LEU A 38 -29.97 -1.36 39.36
C LEU A 38 -29.49 0.07 39.19
N LYS A 39 -29.78 0.90 40.19
CA LYS A 39 -29.38 2.30 40.16
C LYS A 39 -27.86 2.43 40.26
N LEU A 40 -27.27 1.74 41.22
CA LEU A 40 -25.83 1.78 41.41
C LEU A 40 -25.10 1.32 40.15
N LYS A 41 -25.57 0.21 39.58
CA LYS A 41 -24.98 -0.34 38.36
C LYS A 41 -24.96 0.71 37.25
N ALA A 42 -26.10 1.37 37.07
CA ALA A 42 -26.22 2.41 36.05
C ALA A 42 -25.25 3.55 36.34
N GLN A 43 -24.96 3.76 37.62
CA GLN A 43 -24.04 4.81 38.05
C GLN A 43 -22.65 4.56 37.46
N LEU A 44 -22.13 3.35 37.68
CA LEU A 44 -20.80 2.99 37.17
C LEU A 44 -20.64 3.40 35.70
N GLY A 45 -21.57 2.95 34.87
CA GLY A 45 -21.52 3.28 33.45
C GLY A 45 -20.31 2.67 32.75
N PRO A 46 -19.41 3.49 32.21
CA PRO A 46 -18.22 3.00 31.50
C PRO A 46 -17.13 2.55 32.47
N ASP A 47 -16.18 1.77 31.97
CA ASP A 47 -15.08 1.27 32.78
C ASP A 47 -13.95 2.29 32.86
N GLU A 48 -13.37 2.43 34.05
CA GLU A 48 -12.29 3.38 34.26
C GLU A 48 -10.93 2.69 34.18
N SER A 49 -10.91 1.41 34.54
CA SER A 49 -9.67 0.62 34.51
C SER A 49 -9.08 0.59 33.10
N LYS A 50 -9.80 -0.04 32.17
CA LYS A 50 -9.35 -0.14 30.79
C LYS A 50 -9.30 1.25 30.14
N GLN A 51 -8.20 1.53 29.45
CA GLN A 51 -8.02 2.82 28.78
C GLN A 51 -6.78 2.81 27.91
N LYS A 52 -6.49 1.66 27.30
CA LYS A 52 -5.33 1.52 26.43
C LYS A 52 -5.59 0.50 25.33
N PHE A 53 -5.02 0.73 24.16
CA PHE A 53 -5.18 -0.16 23.02
C PHE A 53 -6.65 -0.21 22.57
N VAL A 54 -7.45 -1.01 23.27
CA VAL A 54 -8.86 -1.14 22.94
C VAL A 54 -9.04 -1.74 21.55
N LEU A 55 -9.81 -2.83 21.47
CA LEU A 55 -10.07 -3.50 20.20
C LEU A 55 -11.33 -4.34 20.27
N LYS A 56 -12.18 -4.23 19.26
CA LYS A 56 -13.41 -4.99 19.20
C LYS A 56 -13.86 -5.22 17.76
N THR A 57 -14.33 -6.42 17.46
CA THR A 57 -14.79 -6.76 16.13
C THR A 57 -16.23 -7.26 16.15
N PRO A 58 -17.20 -6.34 16.28
CA PRO A 58 -18.63 -6.70 16.31
C PRO A 58 -19.07 -7.43 15.04
N LYS A 59 -18.40 -7.13 13.94
CA LYS A 59 -18.73 -7.75 12.66
C LYS A 59 -17.71 -8.82 12.27
N ALA A 60 -16.64 -8.93 13.06
CA ALA A 60 -15.59 -9.92 12.81
C ALA A 60 -14.80 -9.56 11.56
N LEU A 61 -15.46 -9.66 10.40
CA LEU A 61 -14.82 -9.35 9.13
C LEU A 61 -14.37 -7.89 9.09
N GLU A 62 -13.81 -7.48 7.95
CA GLU A 62 -13.33 -6.11 7.80
C GLU A 62 -13.23 -5.74 6.32
N GLU A 63 -14.27 -6.08 5.56
CA GLU A 63 -14.30 -5.79 4.13
C GLU A 63 -14.20 -4.28 3.89
N LYS A 64 -12.96 -3.79 3.81
CA LYS A 64 -12.73 -2.36 3.57
C LYS A 64 -11.39 -2.14 2.87
N ILE A 65 -11.29 -1.06 2.11
CA ILE A 65 -10.07 -0.74 1.39
C ILE A 65 -9.87 0.77 1.30
N ARG A 66 -8.64 1.21 1.53
CA ARG A 66 -8.31 2.64 1.47
C ARG A 66 -6.90 2.86 0.96
N THR A 67 -5.94 2.10 1.50
CA THR A 67 -4.55 2.21 1.08
C THR A 67 -3.86 0.86 1.12
N THR A 68 -3.43 0.38 -0.05
CA THR A 68 -2.75 -0.90 -0.16
C THR A 68 -2.24 -1.12 -1.56
N GLU A 69 -3.14 -1.03 -2.53
CA GLU A 69 -2.77 -1.20 -3.94
C GLU A 69 -2.52 0.16 -4.57
N THR A 70 -2.12 1.11 -3.73
CA THR A 70 -1.85 2.48 -4.17
C THR A 70 -0.97 2.52 -5.42
N GLN A 71 -1.51 3.08 -6.49
CA GLN A 71 -0.79 3.22 -7.75
C GLN A 71 -0.16 4.59 -7.86
N VAL A 72 -0.51 5.48 -6.92
CA VAL A 72 -0.01 6.84 -6.94
C VAL A 72 0.41 7.30 -5.53
N LEU A 73 1.20 8.36 -5.47
CA LEU A 73 1.67 8.89 -4.18
C LEU A 73 1.73 10.41 -4.18
N VAL A 74 1.31 11.02 -3.08
CA VAL A 74 1.34 12.48 -2.94
C VAL A 74 2.10 12.88 -1.68
N ALA A 75 3.20 13.60 -1.87
CA ALA A 75 4.02 14.05 -0.74
C ALA A 75 4.27 15.55 -0.81
N SER A 76 4.79 16.11 0.28
CA SER A 76 5.08 17.53 0.34
C SER A 76 6.57 17.80 0.17
N ALA A 77 6.92 19.06 -0.07
CA ALA A 77 8.31 19.46 -0.26
C ALA A 77 8.78 20.38 0.85
N GLN A 78 8.04 21.46 1.07
CA GLN A 78 8.39 22.43 2.10
C GLN A 78 7.17 22.75 2.97
N LYS A 79 7.36 23.67 3.92
CA LYS A 79 6.29 24.07 4.81
C LYS A 79 5.85 22.91 5.69
N LYS A 80 4.85 23.16 6.53
CA LYS A 80 4.34 22.12 7.43
C LYS A 80 3.86 20.91 6.65
N LEU A 81 3.98 19.73 7.26
CA LEU A 81 3.56 18.49 6.62
C LEU A 81 2.67 17.66 7.55
N LEU A 82 1.51 18.22 7.89
CA LEU A 82 0.57 17.54 8.77
C LEU A 82 -0.85 17.64 8.24
N GLU A 83 -1.49 18.79 8.48
CA GLU A 83 -2.85 19.01 8.03
C GLU A 83 -2.88 19.33 6.53
N GLU A 84 -1.83 19.99 6.06
CA GLU A 84 -1.73 20.34 4.65
C GLU A 84 -1.62 19.10 3.77
N ARG A 85 -0.82 18.14 4.21
CA ARG A 85 -0.63 16.89 3.47
C ARG A 85 -1.87 16.00 3.58
N LEU A 86 -2.42 15.91 4.79
CA LEU A 86 -3.60 15.08 5.01
C LEU A 86 -4.76 15.54 4.13
N LYS A 87 -4.85 16.84 3.90
CA LYS A 87 -5.91 17.41 3.06
C LYS A 87 -5.67 17.08 1.60
N LEU A 88 -4.49 17.43 1.10
CA LEU A 88 -4.13 17.18 -0.29
C LEU A 88 -4.18 15.69 -0.60
N VAL A 89 -3.51 14.88 0.22
CA VAL A 89 -3.49 13.44 0.03
C VAL A 89 -4.90 12.87 0.08
N SER A 90 -5.73 13.40 0.97
CA SER A 90 -7.11 12.95 1.11
C SER A 90 -7.85 13.06 -0.21
N GLU A 91 -7.75 14.22 -0.86
CA GLU A 91 -8.42 14.45 -2.13
C GLU A 91 -7.84 13.56 -3.22
N LEU A 92 -6.52 13.58 -3.35
CA LEU A 92 -5.83 12.78 -4.36
C LEU A 92 -5.92 11.30 -4.04
N GLN A 93 -6.23 10.96 -2.80
CA GLN A 93 -6.33 9.57 -2.42
C GLN A 93 -7.73 9.01 -2.65
N ASP A 94 -8.74 9.71 -2.15
CA ASP A 94 -10.12 9.27 -2.29
C ASP A 94 -10.73 9.51 -3.68
N ALA A 95 -10.60 10.73 -4.20
CA ALA A 95 -11.22 11.08 -5.48
C ALA A 95 -10.40 10.73 -6.71
N GLY A 96 -9.09 10.74 -6.59
CA GLY A 96 -8.25 10.49 -7.75
C GLY A 96 -7.56 9.14 -7.77
N ILE A 97 -6.65 8.96 -6.83
CA ILE A 97 -5.84 7.75 -6.78
C ILE A 97 -5.58 7.29 -5.37
N LYS A 98 -5.30 6.01 -5.21
CA LYS A 98 -4.99 5.47 -3.88
C LYS A 98 -3.57 5.87 -3.51
N ALA A 99 -3.46 6.86 -2.64
CA ALA A 99 -2.15 7.37 -2.23
C ALA A 99 -1.77 6.88 -0.83
N GLU A 100 -0.52 6.43 -0.71
CA GLU A 100 0.00 5.94 0.57
C GLU A 100 1.11 6.86 1.08
N LEU A 101 1.59 6.60 2.29
CA LEU A 101 2.66 7.40 2.87
C LEU A 101 3.57 6.56 3.76
N LEU A 102 4.87 6.84 3.71
CA LEU A 102 5.84 6.11 4.52
C LEU A 102 6.58 7.03 5.48
N TYR A 103 7.48 7.85 4.95
CA TYR A 103 8.27 8.80 5.75
C TYR A 103 9.47 8.12 6.42
N LYS A 104 9.92 7.02 5.83
CA LYS A 104 11.08 6.30 6.37
C LYS A 104 12.38 6.92 5.87
N LYS A 105 13.49 6.20 6.03
CA LYS A 105 14.79 6.68 5.58
C LYS A 105 15.34 7.76 6.52
N ASN A 106 16.37 8.47 6.06
CA ASN A 106 17.00 9.52 6.85
C ASN A 106 16.56 10.91 6.38
N PRO A 107 16.72 11.93 7.23
CA PRO A 107 16.33 13.31 6.90
C PRO A 107 17.09 13.86 5.69
N LYS A 108 16.34 14.26 4.67
CA LYS A 108 16.93 14.80 3.45
C LYS A 108 15.88 14.86 2.33
N LEU A 109 15.63 13.70 1.72
CA LEU A 109 14.64 13.60 0.66
C LEU A 109 13.63 12.48 0.96
N LEU A 110 13.56 12.10 2.24
CA LEU A 110 12.66 11.04 2.68
C LEU A 110 11.22 11.34 2.31
N ASN A 111 10.85 12.61 2.32
CA ASN A 111 9.49 12.99 1.99
C ASN A 111 9.12 12.56 0.59
N GLN A 112 9.73 13.20 -0.39
CA GLN A 112 9.47 12.91 -1.79
C GLN A 112 10.06 11.57 -2.22
N LEU A 113 11.29 11.30 -1.82
CA LEU A 113 11.96 10.06 -2.19
C LEU A 113 11.32 8.84 -1.55
N GLN A 114 11.22 8.83 -0.22
CA GLN A 114 10.63 7.70 0.48
C GLN A 114 9.18 7.48 0.06
N TYR A 115 8.40 8.55 -0.03
CA TYR A 115 7.00 8.45 -0.42
C TYR A 115 6.90 7.89 -1.84
N CYS A 116 7.56 8.56 -2.78
CA CYS A 116 7.54 8.15 -4.18
C CYS A 116 8.09 6.74 -4.37
N GLU A 117 9.17 6.42 -3.67
CA GLU A 117 9.79 5.12 -3.80
C GLU A 117 8.94 4.01 -3.18
N GLU A 118 8.63 4.14 -1.89
CA GLU A 118 7.87 3.14 -1.17
C GLU A 118 6.36 3.16 -1.49
N ALA A 119 5.72 4.31 -1.34
CA ALA A 119 4.28 4.41 -1.56
C ALA A 119 3.86 4.54 -3.03
N GLY A 120 4.59 5.30 -3.82
CA GLY A 120 4.20 5.47 -5.22
C GLY A 120 5.30 5.18 -6.22
N ILE A 121 5.65 3.91 -6.39
CA ILE A 121 6.68 3.55 -7.35
C ILE A 121 6.28 3.92 -8.78
N PRO A 122 4.97 3.87 -9.13
CA PRO A 122 4.51 4.21 -10.47
C PRO A 122 4.22 5.70 -10.62
N LEU A 123 3.14 6.16 -9.99
CA LEU A 123 2.75 7.57 -10.06
C LEU A 123 3.11 8.31 -8.77
N VAL A 124 3.69 9.49 -8.91
CA VAL A 124 4.09 10.30 -7.76
C VAL A 124 3.71 11.76 -7.96
N ALA A 125 3.59 12.50 -6.86
CA ALA A 125 3.23 13.91 -6.92
C ALA A 125 3.70 14.66 -5.67
N ILE A 126 4.35 15.80 -5.88
CA ILE A 126 4.85 16.62 -4.78
C ILE A 126 4.22 18.01 -4.83
N ILE A 127 4.02 18.61 -3.66
CA ILE A 127 3.41 19.94 -3.59
C ILE A 127 3.85 20.69 -2.33
N GLY A 128 4.48 21.86 -2.53
CA GLY A 128 4.91 22.67 -1.40
C GLY A 128 3.76 22.91 -0.43
N GLU A 129 3.04 24.01 -0.62
CA GLU A 129 1.89 24.27 0.23
C GLU A 129 1.05 25.45 -0.24
N GLN A 130 1.59 26.66 -0.25
CA GLN A 130 0.79 27.81 -0.66
C GLN A 130 0.53 27.82 -2.17
N GLU A 131 1.60 27.75 -2.95
CA GLU A 131 1.50 27.74 -4.40
C GLU A 131 1.07 26.40 -4.93
N LEU A 132 1.79 25.37 -4.51
CA LEU A 132 1.52 24.02 -4.96
C LEU A 132 0.15 23.52 -4.49
N LYS A 133 -0.32 23.94 -3.33
CA LYS A 133 -1.63 23.47 -2.87
C LYS A 133 -2.75 24.25 -3.57
N ASP A 134 -2.75 25.57 -3.43
CA ASP A 134 -3.79 26.39 -4.04
C ASP A 134 -3.61 26.59 -5.54
N GLY A 135 -2.38 26.47 -6.03
CA GLY A 135 -2.13 26.69 -7.44
C GLY A 135 -1.53 25.51 -8.20
N VAL A 136 -0.22 25.34 -8.03
CA VAL A 136 0.53 24.30 -8.74
C VAL A 136 0.29 22.89 -8.19
N ILE A 137 0.79 21.91 -8.92
CA ILE A 137 0.68 20.50 -8.54
C ILE A 137 1.72 19.68 -9.30
N LYS A 138 2.71 19.15 -8.59
CA LYS A 138 3.76 18.36 -9.23
C LYS A 138 3.41 16.89 -9.27
N LEU A 139 3.69 16.25 -10.41
CA LEU A 139 3.41 14.84 -10.59
C LEU A 139 4.67 14.10 -11.02
N ARG A 140 5.41 13.58 -10.05
CA ARG A 140 6.64 12.85 -10.35
C ARG A 140 6.32 11.56 -11.10
N SER A 141 6.61 11.55 -12.40
CA SER A 141 6.34 10.38 -13.23
C SER A 141 7.54 9.43 -13.24
N VAL A 142 7.93 8.97 -12.06
CA VAL A 142 9.06 8.06 -11.90
C VAL A 142 9.01 6.93 -12.92
N THR A 143 7.83 6.41 -13.19
CA THR A 143 7.66 5.30 -14.13
C THR A 143 7.74 5.75 -15.59
N SER A 144 6.88 6.68 -15.99
CA SER A 144 6.85 7.15 -17.37
C SER A 144 7.98 8.16 -17.66
N ARG A 145 7.93 9.31 -16.99
CA ARG A 145 8.93 10.35 -17.20
C ARG A 145 9.78 10.58 -15.94
N GLU A 146 9.40 11.58 -15.16
CA GLU A 146 10.13 11.91 -13.93
C GLU A 146 9.34 12.91 -13.09
N GLU A 147 9.00 14.05 -13.67
CA GLU A 147 8.25 15.07 -12.96
C GLU A 147 7.59 16.06 -13.91
N VAL A 148 6.30 16.33 -13.68
CA VAL A 148 5.56 17.27 -14.51
C VAL A 148 4.74 18.23 -13.65
N ASP A 149 4.39 19.37 -14.23
CA ASP A 149 3.62 20.38 -13.52
C ASP A 149 2.16 20.40 -13.96
N VAL A 150 1.26 20.36 -12.98
CA VAL A 150 -0.18 20.37 -13.25
C VAL A 150 -0.89 21.28 -12.26
N ARG A 151 -2.21 21.42 -12.43
CA ARG A 151 -3.00 22.27 -11.54
C ARG A 151 -4.03 21.45 -10.75
N ARG A 152 -3.68 20.21 -10.43
CA ARG A 152 -4.56 19.33 -9.65
C ARG A 152 -5.69 18.78 -10.51
N GLU A 153 -6.44 19.67 -11.16
CA GLU A 153 -7.55 19.26 -12.01
C GLU A 153 -7.11 18.26 -13.07
N ASP A 154 -6.02 18.57 -13.75
CA ASP A 154 -5.50 17.70 -14.79
C ASP A 154 -4.85 16.45 -14.19
N LEU A 155 -4.36 16.56 -12.96
CA LEU A 155 -3.71 15.44 -12.30
C LEU A 155 -4.70 14.29 -12.09
N VAL A 156 -5.85 14.59 -11.52
CA VAL A 156 -6.87 13.57 -11.27
C VAL A 156 -7.57 13.15 -12.57
N GLU A 157 -7.76 14.11 -13.46
CA GLU A 157 -8.42 13.84 -14.74
C GLU A 157 -7.56 12.95 -15.63
N GLU A 158 -6.26 13.20 -15.65
CA GLU A 158 -5.34 12.43 -16.48
C GLU A 158 -5.13 11.01 -15.94
N ILE A 159 -4.69 10.91 -14.69
CA ILE A 159 -4.44 9.61 -14.07
C ILE A 159 -5.67 8.71 -14.12
N LYS A 160 -6.83 9.25 -13.75
CA LYS A 160 -8.06 8.48 -13.73
C LYS A 160 -8.45 8.05 -15.15
N ARG A 161 -8.47 9.00 -16.08
CA ARG A 161 -8.83 8.70 -17.46
C ARG A 161 -7.90 7.64 -18.05
N ARG A 162 -6.65 7.65 -17.61
CA ARG A 162 -5.67 6.69 -18.11
C ARG A 162 -5.91 5.31 -17.50
N THR A 163 -5.96 5.25 -16.17
CA THR A 163 -6.20 3.99 -15.47
C THR A 163 -5.04 3.02 -15.69
N GLY A 164 -3.91 3.53 -16.17
CA GLY A 164 -2.75 2.68 -16.40
C GLY A 164 -1.48 3.27 -15.84
N GLN A 165 -0.65 2.43 -15.23
CA GLN A 165 0.61 2.87 -14.65
C GLN A 165 1.43 1.69 -14.15
N PRO A 166 0.90 0.94 -13.16
CA PRO A 166 1.60 -0.22 -12.61
C PRO A 166 1.71 -1.38 -13.60
N LEU A 167 0.75 -1.45 -14.52
CA LEU A 167 0.74 -2.50 -15.52
C LEU A 167 0.58 -1.91 -16.92
N SER A 168 1.56 -2.16 -17.79
CA SER A 168 1.52 -1.66 -19.15
C SER A 168 1.36 -2.80 -20.15
N ILE A 169 1.33 -2.46 -21.43
CA ILE A 169 1.17 -3.45 -22.49
C ILE A 169 -0.18 -4.15 -22.39
N SER A 170 -0.88 -4.21 -23.52
CA SER A 170 -2.19 -4.85 -23.57
C SER A 170 -2.08 -6.32 -23.94
N ALA A 1 4.30 -61.16 -29.30
CA ALA A 1 4.12 -59.71 -29.04
C ALA A 1 5.46 -59.03 -28.77
N GLU A 2 5.42 -57.72 -28.59
CA GLU A 2 6.64 -56.96 -28.31
C GLU A 2 6.50 -56.17 -27.01
N ARG A 3 5.43 -55.39 -26.90
CA ARG A 3 5.19 -54.58 -25.71
C ARG A 3 5.10 -55.47 -24.47
N ALA A 4 4.55 -56.68 -24.64
CA ALA A 4 4.41 -57.61 -23.53
C ALA A 4 5.72 -57.75 -22.76
N ALA A 5 6.74 -58.26 -23.43
CA ALA A 5 8.05 -58.42 -22.82
C ALA A 5 8.58 -57.05 -22.40
N LEU A 6 8.21 -56.04 -23.16
CA LEU A 6 8.62 -54.66 -22.90
C LEU A 6 8.28 -54.25 -21.46
N GLU A 7 7.01 -54.38 -21.11
CA GLU A 7 6.55 -54.03 -19.78
C GLU A 7 7.19 -54.91 -18.72
N GLU A 8 7.14 -56.23 -18.93
CA GLU A 8 7.73 -57.17 -17.99
C GLU A 8 9.22 -56.88 -17.79
N LEU A 9 9.88 -56.46 -18.87
CA LEU A 9 11.30 -56.15 -18.81
C LEU A 9 11.54 -54.96 -17.89
N VAL A 10 10.67 -53.95 -18.00
CA VAL A 10 10.79 -52.76 -17.16
C VAL A 10 10.67 -53.11 -15.69
N LYS A 11 9.64 -53.87 -15.35
CA LYS A 11 9.41 -54.28 -13.97
C LYS A 11 10.67 -54.91 -13.39
N LEU A 12 11.20 -55.90 -14.08
CA LEU A 12 12.41 -56.58 -13.65
C LEU A 12 13.60 -55.63 -13.69
N GLN A 13 13.50 -54.58 -14.50
CA GLN A 13 14.57 -53.59 -14.61
C GLN A 13 14.60 -52.69 -13.40
N GLY A 14 13.45 -52.14 -13.04
CA GLY A 14 13.37 -51.26 -11.88
C GLY A 14 13.77 -51.95 -10.61
N GLU A 15 13.38 -53.22 -10.47
CA GLU A 15 13.71 -53.99 -9.29
C GLU A 15 15.20 -54.34 -9.26
N ARG A 16 15.74 -54.65 -10.43
CA ARG A 16 17.16 -55.01 -10.55
C ARG A 16 18.03 -53.78 -10.29
N VAL A 17 17.79 -52.73 -11.06
CA VAL A 17 18.55 -51.49 -10.94
C VAL A 17 18.56 -50.98 -9.50
N ARG A 18 17.39 -50.96 -8.85
CA ARG A 18 17.31 -50.50 -7.48
C ARG A 18 18.23 -51.34 -6.60
N GLY A 19 18.04 -52.65 -6.65
CA GLY A 19 18.88 -53.56 -5.88
C GLY A 19 20.31 -53.58 -6.41
N LEU A 20 20.48 -53.08 -7.64
CA LEU A 20 21.79 -53.04 -8.28
C LEU A 20 22.64 -51.92 -7.73
N LYS A 21 22.08 -50.72 -7.71
CA LYS A 21 22.78 -49.54 -7.23
C LYS A 21 23.02 -49.60 -5.74
N GLN A 22 22.05 -50.14 -5.01
CA GLN A 22 22.17 -50.21 -3.56
C GLN A 22 23.00 -51.39 -3.09
N GLN A 23 22.67 -52.62 -3.52
CA GLN A 23 23.44 -53.77 -3.04
C GLN A 23 24.67 -54.11 -3.89
N LYS A 24 24.71 -53.69 -5.16
CA LYS A 24 25.90 -53.98 -5.98
C LYS A 24 26.45 -52.75 -6.68
N ALA A 25 26.00 -51.56 -6.30
CA ALA A 25 26.49 -50.34 -6.95
C ALA A 25 26.52 -50.54 -8.47
N SER A 26 27.73 -50.80 -8.99
CA SER A 26 27.92 -51.05 -10.41
C SER A 26 27.49 -49.85 -11.25
N ALA A 27 28.11 -48.70 -11.00
CA ALA A 27 27.81 -47.48 -11.75
C ALA A 27 27.69 -47.77 -13.24
N GLU A 28 28.45 -48.75 -13.70
CA GLU A 28 28.43 -49.14 -15.11
C GLU A 28 27.12 -49.86 -15.46
N LEU A 29 26.68 -50.73 -14.56
CA LEU A 29 25.44 -51.48 -14.75
C LEU A 29 24.25 -50.59 -14.45
N ILE A 30 24.41 -49.75 -13.44
CA ILE A 30 23.34 -48.84 -13.04
C ILE A 30 23.06 -47.83 -14.15
N GLU A 31 24.12 -47.33 -14.77
CA GLU A 31 23.99 -46.36 -15.85
C GLU A 31 23.43 -47.02 -17.11
N GLU A 32 23.90 -48.23 -17.41
CA GLU A 32 23.43 -48.97 -18.57
C GLU A 32 22.01 -49.47 -18.35
N GLU A 33 21.71 -49.88 -17.13
CA GLU A 33 20.39 -50.39 -16.78
C GLU A 33 19.38 -49.25 -16.71
N VAL A 34 19.75 -48.13 -16.10
CA VAL A 34 18.86 -46.99 -15.99
C VAL A 34 18.53 -46.42 -17.36
N ALA A 35 19.51 -46.42 -18.25
CA ALA A 35 19.33 -45.89 -19.60
C ALA A 35 18.41 -46.79 -20.41
N LYS A 36 18.66 -48.10 -20.38
CA LYS A 36 17.84 -49.05 -21.11
C LYS A 36 16.46 -49.15 -20.47
N LEU A 37 16.40 -48.94 -19.16
CA LEU A 37 15.14 -48.99 -18.44
C LEU A 37 14.29 -47.78 -18.82
N LEU A 38 14.95 -46.65 -19.03
CA LEU A 38 14.26 -45.43 -19.41
C LEU A 38 13.59 -45.60 -20.77
N LYS A 39 14.36 -46.09 -21.75
CA LYS A 39 13.84 -46.32 -23.09
C LYS A 39 12.67 -47.30 -23.04
N LEU A 40 12.78 -48.28 -22.14
CA LEU A 40 11.74 -49.29 -21.97
C LEU A 40 10.41 -48.63 -21.63
N LYS A 41 10.43 -47.76 -20.62
CA LYS A 41 9.22 -47.06 -20.19
C LYS A 41 8.63 -46.26 -21.35
N ALA A 42 9.51 -45.62 -22.12
CA ALA A 42 9.07 -44.82 -23.26
C ALA A 42 8.34 -45.70 -24.28
N GLN A 43 8.76 -46.96 -24.38
CA GLN A 43 8.16 -47.90 -25.31
C GLN A 43 6.73 -48.22 -24.90
N LEU A 44 6.55 -48.54 -23.62
CA LEU A 44 5.23 -48.87 -23.08
C LEU A 44 4.23 -47.75 -23.37
N GLY A 45 4.46 -46.59 -22.76
CA GLY A 45 3.58 -45.46 -22.96
C GLY A 45 3.90 -44.29 -22.04
N PRO A 46 4.47 -43.20 -22.56
CA PRO A 46 4.83 -42.04 -21.76
C PRO A 46 3.67 -41.56 -20.87
N ASP A 47 3.93 -41.45 -19.57
CA ASP A 47 2.92 -41.01 -18.62
C ASP A 47 1.78 -42.01 -18.55
N GLU A 48 1.38 -42.37 -17.32
CA GLU A 48 0.29 -43.32 -17.13
C GLU A 48 -1.03 -42.60 -16.92
N SER A 49 -1.01 -41.58 -16.07
CA SER A 49 -2.22 -40.79 -15.78
C SER A 49 -2.63 -39.97 -16.98
N LYS A 50 -1.88 -38.91 -17.26
CA LYS A 50 -2.17 -38.03 -18.39
C LYS A 50 -1.70 -38.67 -19.71
N GLN A 51 -2.64 -39.23 -20.45
CA GLN A 51 -2.33 -39.87 -21.72
C GLN A 51 -2.88 -39.06 -22.89
N LYS A 52 -3.95 -38.31 -22.63
CA LYS A 52 -4.57 -37.50 -23.68
C LYS A 52 -4.02 -36.07 -23.64
N PHE A 53 -3.79 -35.56 -22.44
CA PHE A 53 -3.27 -34.21 -22.27
C PHE A 53 -1.78 -34.23 -21.95
N VAL A 54 -1.03 -35.07 -22.67
CA VAL A 54 0.41 -35.18 -22.46
C VAL A 54 1.13 -33.92 -22.91
N LEU A 55 0.58 -33.25 -23.92
CA LEU A 55 1.17 -32.02 -24.44
C LEU A 55 0.13 -30.92 -24.55
N LYS A 56 0.55 -29.77 -25.07
CA LYS A 56 -0.34 -28.63 -25.23
C LYS A 56 -0.76 -28.07 -23.87
N THR A 57 -0.29 -26.87 -23.56
CA THR A 57 -0.62 -26.22 -22.30
C THR A 57 -0.59 -24.70 -22.44
N PRO A 58 -1.77 -24.08 -22.65
CA PRO A 58 -1.88 -22.63 -22.80
C PRO A 58 -1.52 -21.88 -21.51
N LYS A 59 -0.45 -21.09 -21.57
CA LYS A 59 -0.01 -20.31 -20.41
C LYS A 59 -0.15 -18.82 -20.68
N ALA A 60 -0.87 -18.13 -19.80
CA ALA A 60 -1.07 -16.69 -19.95
C ALA A 60 -0.27 -15.92 -18.90
N LEU A 61 -0.09 -16.53 -17.73
CA LEU A 61 0.65 -15.91 -16.64
C LEU A 61 2.12 -15.78 -16.99
N GLU A 62 2.64 -14.55 -16.92
CA GLU A 62 4.03 -14.30 -17.23
C GLU A 62 4.38 -12.83 -17.00
N GLU A 63 3.46 -11.94 -17.38
CA GLU A 63 3.67 -10.51 -17.23
C GLU A 63 3.90 -10.15 -15.75
N LYS A 64 4.28 -8.89 -15.51
CA LYS A 64 4.54 -8.43 -14.16
C LYS A 64 3.32 -7.71 -13.59
N ILE A 65 3.25 -7.62 -12.27
CA ILE A 65 2.13 -6.94 -11.60
C ILE A 65 2.63 -5.82 -10.71
N ARG A 66 1.81 -4.77 -10.59
CA ARG A 66 2.17 -3.62 -9.76
C ARG A 66 0.94 -3.03 -9.09
N THR A 67 1.13 -1.99 -8.30
CA THR A 67 0.02 -1.34 -7.60
C THR A 67 -0.70 -2.33 -6.70
N THR A 68 -1.60 -1.81 -5.87
CA THR A 68 -2.37 -2.66 -4.95
C THR A 68 -3.24 -1.81 -4.04
N GLU A 69 -2.65 -1.32 -2.95
CA GLU A 69 -3.37 -0.48 -2.01
C GLU A 69 -3.01 0.99 -2.23
N THR A 70 -2.23 1.25 -3.27
CA THR A 70 -1.81 2.61 -3.58
C THR A 70 -1.21 2.70 -4.99
N GLN A 71 -1.83 3.51 -5.83
CA GLN A 71 -1.35 3.69 -7.20
C GLN A 71 -0.45 4.92 -7.29
N VAL A 72 -0.83 5.97 -6.55
CA VAL A 72 -0.06 7.21 -6.55
C VAL A 72 0.44 7.53 -5.15
N LEU A 73 1.26 8.57 -5.05
CA LEU A 73 1.81 8.99 -3.76
C LEU A 73 1.63 10.49 -3.55
N VAL A 74 1.29 10.86 -2.32
CA VAL A 74 1.09 12.27 -1.98
C VAL A 74 2.36 12.86 -1.34
N ALA A 75 3.04 13.70 -2.10
CA ALA A 75 4.27 14.33 -1.62
C ALA A 75 4.20 15.86 -1.77
N SER A 76 4.93 16.56 -0.92
CA SER A 76 4.96 18.02 -0.95
C SER A 76 6.37 18.54 -0.78
N ALA A 77 6.71 19.61 -1.50
CA ALA A 77 8.03 20.21 -1.42
C ALA A 77 8.07 21.33 -0.37
N GLN A 78 7.54 21.05 0.80
CA GLN A 78 7.50 22.02 1.89
C GLN A 78 7.86 21.38 3.22
N LYS A 79 8.42 22.17 4.12
CA LYS A 79 8.81 21.67 5.44
C LYS A 79 7.58 21.32 6.27
N LYS A 80 6.72 22.31 6.50
CA LYS A 80 5.51 22.10 7.29
C LYS A 80 4.45 21.37 6.47
N LEU A 81 3.58 20.63 7.15
CA LEU A 81 2.52 19.89 6.49
C LEU A 81 1.63 19.19 7.51
N LEU A 82 0.31 19.31 7.32
CA LEU A 82 -0.65 18.69 8.23
C LEU A 82 -2.05 18.68 7.61
N GLU A 83 -2.70 19.84 7.62
CA GLU A 83 -4.05 19.95 7.07
C GLU A 83 -4.04 19.76 5.55
N GLU A 84 -3.02 20.32 4.90
CA GLU A 84 -2.89 20.21 3.46
C GLU A 84 -2.59 18.77 3.05
N ARG A 85 -1.65 18.14 3.74
CA ARG A 85 -1.28 16.76 3.45
C ARG A 85 -2.48 15.83 3.50
N LEU A 86 -3.16 15.80 4.64
CA LEU A 86 -4.33 14.96 4.82
C LEU A 86 -5.39 15.25 3.77
N LYS A 87 -5.68 16.53 3.58
CA LYS A 87 -6.69 16.95 2.60
C LYS A 87 -6.32 16.46 1.20
N LEU A 88 -5.05 16.63 0.84
CA LEU A 88 -4.56 16.21 -0.48
C LEU A 88 -4.77 14.72 -0.69
N VAL A 89 -4.37 13.92 0.30
CA VAL A 89 -4.51 12.48 0.22
C VAL A 89 -5.98 12.07 0.13
N SER A 90 -6.82 12.76 0.90
CA SER A 90 -8.25 12.47 0.92
C SER A 90 -8.84 12.53 -0.49
N GLU A 91 -8.64 13.66 -1.16
CA GLU A 91 -9.18 13.84 -2.51
C GLU A 91 -8.45 12.94 -3.51
N LEU A 92 -7.13 13.00 -3.51
CA LEU A 92 -6.32 12.20 -4.41
C LEU A 92 -6.54 10.70 -4.19
N GLN A 93 -7.08 10.34 -3.03
CA GLN A 93 -7.32 8.94 -2.74
C GLN A 93 -8.73 8.53 -3.13
N ASP A 94 -9.72 9.30 -2.68
CA ASP A 94 -11.12 9.00 -2.99
C ASP A 94 -11.51 9.36 -4.42
N ALA A 95 -11.16 10.57 -4.86
CA ALA A 95 -11.54 11.02 -6.20
C ALA A 95 -10.57 10.58 -7.28
N GLY A 96 -9.31 10.40 -6.91
CA GLY A 96 -8.32 10.05 -7.90
C GLY A 96 -7.85 8.61 -7.85
N ILE A 97 -7.06 8.29 -6.85
CA ILE A 97 -6.48 6.97 -6.74
C ILE A 97 -5.97 6.66 -5.34
N LYS A 98 -5.86 5.37 -5.04
CA LYS A 98 -5.37 4.94 -3.74
C LYS A 98 -3.96 5.47 -3.52
N ALA A 99 -3.79 6.30 -2.51
CA ALA A 99 -2.49 6.89 -2.20
C ALA A 99 -2.01 6.50 -0.81
N GLU A 100 -0.77 6.04 -0.73
CA GLU A 100 -0.17 5.65 0.53
C GLU A 100 0.79 6.74 1.03
N LEU A 101 1.11 6.72 2.31
CA LEU A 101 2.00 7.73 2.88
C LEU A 101 3.03 7.10 3.82
N LEU A 102 4.28 7.50 3.65
CA LEU A 102 5.37 6.99 4.48
C LEU A 102 6.32 8.13 4.87
N TYR A 103 7.37 8.34 4.06
CA TYR A 103 8.34 9.40 4.31
C TYR A 103 8.73 9.49 5.79
N LYS A 104 8.58 8.39 6.51
CA LYS A 104 8.91 8.36 7.94
C LYS A 104 10.42 8.44 8.16
N LYS A 105 10.86 9.54 8.75
CA LYS A 105 12.28 9.74 9.03
C LYS A 105 13.10 9.68 7.75
N ASN A 106 13.12 10.77 6.99
CA ASN A 106 13.88 10.82 5.75
C ASN A 106 13.97 12.26 5.24
N PRO A 107 14.95 13.03 5.72
CA PRO A 107 15.15 14.43 5.31
C PRO A 107 15.72 14.52 3.90
N LYS A 108 15.81 15.75 3.38
CA LYS A 108 16.35 15.98 2.05
C LYS A 108 15.51 15.26 0.99
N LEU A 109 15.99 15.28 -0.26
CA LEU A 109 15.28 14.62 -1.35
C LEU A 109 14.89 13.19 -0.98
N LEU A 110 15.67 12.57 -0.10
CA LEU A 110 15.40 11.21 0.33
C LEU A 110 13.95 11.04 0.78
N ASN A 111 13.35 12.15 1.21
CA ASN A 111 11.96 12.12 1.66
C ASN A 111 11.03 11.70 0.53
N GLN A 112 10.98 12.51 -0.52
CA GLN A 112 10.13 12.21 -1.68
C GLN A 112 10.70 11.06 -2.49
N LEU A 113 12.01 11.02 -2.62
CA LEU A 113 12.69 9.96 -3.36
C LEU A 113 12.41 8.60 -2.74
N GLN A 114 12.79 8.44 -1.48
CA GLN A 114 12.57 7.18 -0.77
C GLN A 114 11.08 6.90 -0.65
N TYR A 115 10.29 7.96 -0.59
CA TYR A 115 8.84 7.84 -0.48
C TYR A 115 8.25 7.27 -1.77
N CYS A 116 8.76 7.75 -2.90
CA CYS A 116 8.29 7.30 -4.20
C CYS A 116 8.68 5.85 -4.46
N GLU A 117 9.96 5.54 -4.25
CA GLU A 117 10.46 4.19 -4.48
C GLU A 117 9.99 3.21 -3.41
N GLU A 118 10.15 3.57 -2.14
CA GLU A 118 9.78 2.70 -1.03
C GLU A 118 8.26 2.63 -0.79
N ALA A 119 7.62 3.77 -0.64
CA ALA A 119 6.18 3.79 -0.35
C ALA A 119 5.33 3.52 -1.60
N GLY A 120 5.75 4.05 -2.74
CA GLY A 120 5.02 3.84 -3.97
C GLY A 120 5.87 3.31 -5.09
N ILE A 121 5.53 3.68 -6.33
CA ILE A 121 6.29 3.25 -7.50
C ILE A 121 5.65 3.71 -8.81
N PRO A 122 4.30 3.67 -8.94
CA PRO A 122 3.63 4.10 -10.17
C PRO A 122 3.68 5.61 -10.37
N LEU A 123 2.94 6.34 -9.55
CA LEU A 123 2.90 7.80 -9.66
C LEU A 123 3.09 8.48 -8.30
N VAL A 124 3.60 9.70 -8.35
CA VAL A 124 3.83 10.49 -7.13
C VAL A 124 3.38 11.93 -7.35
N ALA A 125 3.03 12.63 -6.28
CA ALA A 125 2.57 14.00 -6.38
C ALA A 125 3.41 14.95 -5.55
N ILE A 126 3.72 16.12 -6.12
CA ILE A 126 4.50 17.14 -5.43
C ILE A 126 3.69 18.41 -5.28
N ILE A 127 2.77 18.40 -4.32
CA ILE A 127 1.90 19.55 -4.07
C ILE A 127 2.66 20.70 -3.42
N GLY A 128 2.93 20.56 -2.12
CA GLY A 128 3.63 21.60 -1.40
C GLY A 128 2.87 22.91 -1.42
N GLU A 129 2.20 23.21 -0.31
CA GLU A 129 1.41 24.44 -0.20
C GLU A 129 2.15 25.64 -0.81
N GLN A 130 3.47 25.61 -0.73
CA GLN A 130 4.30 26.67 -1.27
C GLN A 130 4.21 26.72 -2.80
N GLU A 131 4.23 25.56 -3.43
CA GLU A 131 4.15 25.48 -4.88
C GLU A 131 2.73 25.70 -5.33
N LEU A 132 1.79 25.00 -4.70
CA LEU A 132 0.40 25.13 -5.07
C LEU A 132 -0.04 26.59 -5.10
N LYS A 133 0.40 27.36 -4.12
CA LYS A 133 0.02 28.78 -4.06
C LYS A 133 0.83 29.66 -5.00
N ASP A 134 2.16 29.70 -4.83
CA ASP A 134 3.00 30.55 -5.67
C ASP A 134 3.31 29.92 -7.03
N GLY A 135 3.30 28.60 -7.08
CA GLY A 135 3.60 27.89 -8.31
C GLY A 135 2.47 26.97 -8.74
N VAL A 136 2.55 25.75 -8.25
CA VAL A 136 1.57 24.71 -8.53
C VAL A 136 2.08 23.31 -8.14
N ILE A 137 1.25 22.30 -8.36
CA ILE A 137 1.61 20.93 -8.03
C ILE A 137 2.27 20.24 -9.21
N LYS A 138 2.98 19.14 -8.93
CA LYS A 138 3.67 18.40 -9.98
C LYS A 138 3.49 16.89 -9.81
N LEU A 139 2.96 16.24 -10.84
CA LEU A 139 2.74 14.81 -10.81
C LEU A 139 3.93 14.07 -11.41
N ARG A 140 4.65 13.34 -10.56
CA ARG A 140 5.81 12.58 -11.00
C ARG A 140 5.40 11.31 -11.74
N SER A 141 5.64 11.28 -13.04
CA SER A 141 5.30 10.11 -13.85
C SER A 141 6.45 9.11 -13.86
N VAL A 142 6.87 8.72 -12.65
CA VAL A 142 7.97 7.78 -12.47
C VAL A 142 7.87 6.59 -13.43
N THR A 143 6.65 6.10 -13.63
CA THR A 143 6.43 4.94 -14.49
C THR A 143 6.44 5.32 -15.98
N SER A 144 5.55 6.21 -16.37
CA SER A 144 5.45 6.62 -17.77
C SER A 144 6.54 7.61 -18.19
N ARG A 145 6.56 8.78 -17.57
CA ARG A 145 7.54 9.79 -17.90
C ARG A 145 8.50 10.06 -16.74
N GLU A 146 8.26 11.16 -16.00
CA GLU A 146 9.12 11.50 -14.87
C GLU A 146 8.45 12.57 -14.00
N GLU A 147 8.23 13.76 -14.58
CA GLU A 147 7.62 14.85 -13.85
C GLU A 147 6.73 15.71 -14.75
N VAL A 148 5.60 16.13 -14.21
CA VAL A 148 4.65 16.97 -14.93
C VAL A 148 4.08 18.05 -14.02
N ASP A 149 3.49 19.09 -14.61
CA ASP A 149 2.91 20.17 -13.83
C ASP A 149 1.39 20.08 -13.77
N VAL A 150 0.88 19.96 -12.55
CA VAL A 150 -0.55 19.85 -12.32
C VAL A 150 -1.01 20.79 -11.21
N ARG A 151 -2.32 21.00 -11.10
CA ARG A 151 -2.87 21.88 -10.07
C ARG A 151 -3.85 21.12 -9.17
N ARG A 152 -3.36 20.05 -8.57
CA ARG A 152 -4.17 19.21 -7.67
C ARG A 152 -5.31 18.50 -8.41
N GLU A 153 -6.14 19.26 -9.13
CA GLU A 153 -7.24 18.69 -9.88
C GLU A 153 -6.73 17.96 -11.10
N ASP A 154 -5.89 18.63 -11.88
CA ASP A 154 -5.32 18.04 -13.07
C ASP A 154 -4.46 16.83 -12.71
N LEU A 155 -4.03 16.76 -11.44
CA LEU A 155 -3.21 15.65 -10.99
C LEU A 155 -4.05 14.39 -10.80
N VAL A 156 -5.14 14.51 -10.03
CA VAL A 156 -6.01 13.37 -9.79
C VAL A 156 -6.77 13.00 -11.06
N GLU A 157 -7.14 14.01 -11.83
CA GLU A 157 -7.87 13.80 -13.08
C GLU A 157 -6.96 13.17 -14.12
N GLU A 158 -5.67 13.51 -14.05
CA GLU A 158 -4.69 12.96 -14.99
C GLU A 158 -4.48 11.47 -14.75
N ILE A 159 -4.38 11.08 -13.49
CA ILE A 159 -4.19 9.67 -13.15
C ILE A 159 -5.38 8.84 -13.62
N LYS A 160 -6.57 9.27 -13.21
CA LYS A 160 -7.80 8.57 -13.58
C LYS A 160 -7.94 8.49 -15.09
N ARG A 161 -7.43 9.51 -15.79
CA ARG A 161 -7.50 9.55 -17.24
C ARG A 161 -6.62 8.46 -17.85
N ARG A 162 -5.46 8.24 -17.24
CA ARG A 162 -4.53 7.24 -17.72
C ARG A 162 -5.02 5.83 -17.38
N THR A 163 -4.90 5.46 -16.11
CA THR A 163 -5.34 4.15 -15.66
C THR A 163 -4.53 3.03 -16.31
N GLY A 164 -3.39 3.40 -16.90
CA GLY A 164 -2.55 2.40 -17.55
C GLY A 164 -1.07 2.67 -17.34
N GLN A 165 -0.27 1.62 -17.38
CA GLN A 165 1.17 1.75 -17.19
C GLN A 165 1.92 0.87 -18.19
N PRO A 166 1.79 1.16 -19.49
CA PRO A 166 2.47 0.40 -20.55
C PRO A 166 3.97 0.26 -20.31
N LEU A 167 4.56 -0.81 -20.83
CA LEU A 167 5.99 -1.05 -20.66
C LEU A 167 6.81 -0.03 -21.46
N SER A 168 8.11 0.02 -21.18
CA SER A 168 9.00 0.94 -21.88
C SER A 168 10.26 0.23 -22.34
N ILE A 169 10.85 -0.56 -21.45
CA ILE A 169 12.08 -1.29 -21.77
C ILE A 169 11.86 -2.79 -21.63
N SER A 170 12.38 -3.55 -22.59
CA SER A 170 12.25 -5.01 -22.58
C SER A 170 13.54 -5.66 -22.09
N ALA A 1 -23.28 -42.51 -25.79
CA ALA A 1 -21.83 -42.76 -25.78
C ALA A 1 -21.15 -42.06 -26.96
N GLU A 2 -20.54 -40.91 -26.68
CA GLU A 2 -19.85 -40.14 -27.71
C GLU A 2 -18.35 -40.40 -27.68
N ARG A 3 -17.78 -40.35 -26.49
CA ARG A 3 -16.34 -40.58 -26.32
C ARG A 3 -15.96 -41.98 -26.80
N ALA A 4 -16.69 -42.98 -26.33
CA ALA A 4 -16.43 -44.36 -26.71
C ALA A 4 -16.49 -44.54 -28.22
N ALA A 5 -17.35 -43.75 -28.86
CA ALA A 5 -17.50 -43.81 -30.31
C ALA A 5 -16.25 -43.31 -31.02
N LEU A 6 -15.73 -42.17 -30.55
CA LEU A 6 -14.52 -41.59 -31.14
C LEU A 6 -13.30 -42.47 -30.83
N GLU A 7 -13.28 -43.05 -29.64
CA GLU A 7 -12.17 -43.91 -29.24
C GLU A 7 -12.02 -45.04 -30.23
N GLU A 8 -13.13 -45.73 -30.49
CA GLU A 8 -13.14 -46.81 -31.46
C GLU A 8 -12.86 -46.26 -32.85
N LEU A 9 -13.22 -45.00 -33.07
CA LEU A 9 -12.99 -44.35 -34.34
C LEU A 9 -11.49 -44.14 -34.56
N VAL A 10 -10.79 -43.81 -33.48
CA VAL A 10 -9.35 -43.60 -33.55
C VAL A 10 -8.64 -44.90 -33.92
N LYS A 11 -8.92 -45.96 -33.17
CA LYS A 11 -8.31 -47.26 -33.43
C LYS A 11 -8.51 -47.65 -34.89
N LEU A 12 -9.75 -47.58 -35.35
CA LEU A 12 -10.07 -47.91 -36.74
C LEU A 12 -9.38 -46.95 -37.68
N GLN A 13 -9.14 -45.72 -37.21
CA GLN A 13 -8.47 -44.71 -38.01
C GLN A 13 -7.00 -45.07 -38.22
N GLY A 14 -6.34 -45.50 -37.14
CA GLY A 14 -4.95 -45.87 -37.22
C GLY A 14 -4.73 -47.05 -38.17
N GLU A 15 -5.61 -48.03 -38.10
CA GLU A 15 -5.51 -49.20 -38.96
C GLU A 15 -5.68 -48.82 -40.42
N ARG A 16 -6.65 -47.95 -40.69
CA ARG A 16 -6.92 -47.50 -42.04
C ARG A 16 -5.74 -46.70 -42.59
N VAL A 17 -5.35 -45.67 -41.85
CA VAL A 17 -4.24 -44.81 -42.24
C VAL A 17 -2.99 -45.64 -42.50
N ARG A 18 -2.63 -46.50 -41.56
CA ARG A 18 -1.44 -47.33 -41.70
C ARG A 18 -1.57 -48.18 -42.98
N GLY A 19 -2.79 -48.58 -43.28
CA GLY A 19 -3.05 -49.40 -44.46
C GLY A 19 -2.66 -48.70 -45.76
N LEU A 20 -3.26 -47.53 -46.01
CA LEU A 20 -2.96 -46.79 -47.23
C LEU A 20 -1.63 -46.05 -47.11
N LYS A 21 -1.39 -45.47 -45.95
CA LYS A 21 -0.16 -44.73 -45.69
C LYS A 21 1.03 -45.52 -46.18
N GLN A 22 1.12 -46.75 -45.71
CA GLN A 22 2.22 -47.62 -46.07
C GLN A 22 2.03 -48.30 -47.43
N GLN A 23 0.86 -48.93 -47.64
CA GLN A 23 0.67 -49.70 -48.88
C GLN A 23 0.16 -48.94 -50.12
N LYS A 24 -0.48 -47.76 -50.03
CA LYS A 24 -0.89 -47.12 -51.29
C LYS A 24 -0.47 -45.66 -51.45
N ALA A 25 0.39 -45.14 -50.59
CA ALA A 25 0.90 -43.78 -50.74
C ALA A 25 -0.17 -42.78 -51.20
N SER A 26 -1.44 -43.03 -50.90
CA SER A 26 -2.52 -42.15 -51.36
C SER A 26 -2.16 -40.67 -51.20
N ALA A 27 -1.69 -40.33 -50.01
CA ALA A 27 -1.31 -38.96 -49.69
C ALA A 27 -2.54 -38.14 -49.30
N GLU A 28 -3.55 -38.18 -50.16
CA GLU A 28 -4.78 -37.44 -49.90
C GLU A 28 -5.46 -37.96 -48.64
N LEU A 29 -5.69 -39.28 -48.60
CA LEU A 29 -6.32 -39.90 -47.44
C LEU A 29 -5.29 -40.13 -46.34
N ILE A 30 -4.04 -40.35 -46.75
CA ILE A 30 -2.95 -40.56 -45.79
C ILE A 30 -2.79 -39.32 -44.91
N GLU A 31 -2.67 -38.16 -45.53
CA GLU A 31 -2.51 -36.90 -44.79
C GLU A 31 -3.80 -36.53 -44.08
N GLU A 32 -4.92 -36.61 -44.80
CA GLU A 32 -6.22 -36.27 -44.22
C GLU A 32 -6.54 -37.15 -43.02
N GLU A 33 -6.49 -38.46 -43.22
CA GLU A 33 -6.76 -39.41 -42.15
C GLU A 33 -5.77 -39.24 -41.00
N VAL A 34 -4.53 -38.88 -41.34
CA VAL A 34 -3.51 -38.68 -40.33
C VAL A 34 -3.90 -37.53 -39.40
N ALA A 35 -4.38 -36.44 -40.00
CA ALA A 35 -4.80 -35.28 -39.24
C ALA A 35 -6.04 -35.59 -38.40
N LYS A 36 -6.99 -36.28 -39.02
CA LYS A 36 -8.23 -36.66 -38.33
C LYS A 36 -7.92 -37.50 -37.10
N LEU A 37 -7.01 -38.47 -37.26
CA LEU A 37 -6.60 -39.33 -36.18
C LEU A 37 -5.96 -38.52 -35.06
N LEU A 38 -5.18 -37.52 -35.45
CA LEU A 38 -4.50 -36.65 -34.50
C LEU A 38 -5.52 -35.95 -33.59
N LYS A 39 -6.58 -35.44 -34.20
CA LYS A 39 -7.63 -34.76 -33.45
C LYS A 39 -8.42 -35.75 -32.60
N LEU A 40 -8.64 -36.95 -33.16
CA LEU A 40 -9.37 -37.98 -32.45
C LEU A 40 -8.67 -38.34 -31.14
N LYS A 41 -7.39 -38.67 -31.25
CA LYS A 41 -6.59 -39.02 -30.07
C LYS A 41 -6.58 -37.88 -29.07
N ALA A 42 -6.47 -36.65 -29.59
CA ALA A 42 -6.45 -35.47 -28.74
C ALA A 42 -7.80 -35.28 -28.05
N GLN A 43 -8.87 -35.71 -28.72
CA GLN A 43 -10.22 -35.59 -28.17
C GLN A 43 -10.36 -36.47 -26.93
N LEU A 44 -9.95 -37.72 -27.04
CA LEU A 44 -10.03 -38.65 -25.92
C LEU A 44 -9.36 -38.08 -24.68
N GLY A 45 -8.27 -37.35 -24.89
CA GLY A 45 -7.55 -36.76 -23.78
C GLY A 45 -6.91 -37.79 -22.87
N PRO A 46 -5.91 -38.53 -23.36
CA PRO A 46 -5.22 -39.56 -22.58
C PRO A 46 -4.31 -38.97 -21.51
N ASP A 47 -4.91 -38.23 -20.59
CA ASP A 47 -4.15 -37.60 -19.51
C ASP A 47 -5.08 -36.84 -18.56
N GLU A 48 -4.72 -36.83 -17.28
CA GLU A 48 -5.52 -36.15 -16.27
C GLU A 48 -5.20 -34.66 -16.24
N SER A 49 -3.96 -34.31 -16.55
CA SER A 49 -3.53 -32.91 -16.57
C SER A 49 -4.33 -32.10 -17.58
N LYS A 50 -4.50 -32.65 -18.77
CA LYS A 50 -5.25 -31.98 -19.83
C LYS A 50 -6.69 -31.72 -19.39
N GLN A 51 -7.24 -30.60 -19.83
CA GLN A 51 -8.61 -30.23 -19.48
C GLN A 51 -9.33 -29.62 -20.69
N LYS A 52 -10.65 -29.75 -20.70
CA LYS A 52 -11.46 -29.21 -21.79
C LYS A 52 -12.94 -29.25 -21.44
N PHE A 53 -13.25 -28.97 -20.18
CA PHE A 53 -14.64 -28.97 -19.72
C PHE A 53 -14.84 -27.98 -18.59
N VAL A 54 -13.95 -28.04 -17.60
CA VAL A 54 -14.02 -27.14 -16.45
C VAL A 54 -12.68 -26.48 -16.18
N LEU A 55 -12.70 -25.19 -15.86
CA LEU A 55 -11.48 -24.45 -15.58
C LEU A 55 -11.61 -23.67 -14.27
N LYS A 56 -10.48 -23.17 -13.78
CA LYS A 56 -10.47 -22.42 -12.53
C LYS A 56 -9.23 -21.54 -12.43
N THR A 57 -9.43 -20.22 -12.39
CA THR A 57 -8.32 -19.28 -12.30
C THR A 57 -7.75 -19.24 -10.88
N PRO A 58 -6.48 -19.65 -10.70
CA PRO A 58 -5.84 -19.66 -9.39
C PRO A 58 -5.88 -18.29 -8.71
N LYS A 59 -5.14 -18.15 -7.62
CA LYS A 59 -5.10 -16.89 -6.88
C LYS A 59 -3.67 -16.35 -6.80
N ALA A 60 -2.71 -17.25 -6.63
CA ALA A 60 -1.31 -16.86 -6.53
C ALA A 60 -0.60 -16.94 -7.88
N LEU A 61 -1.38 -16.87 -8.96
CA LEU A 61 -0.82 -16.93 -10.30
C LEU A 61 -0.35 -15.55 -10.76
N GLU A 62 -1.15 -14.53 -10.49
CA GLU A 62 -0.82 -13.16 -10.88
C GLU A 62 -0.32 -12.37 -9.67
N GLU A 63 0.98 -12.18 -9.59
CA GLU A 63 1.59 -11.44 -8.48
C GLU A 63 1.19 -9.96 -8.54
N LYS A 64 0.15 -9.60 -7.81
CA LYS A 64 -0.32 -8.22 -7.78
C LYS A 64 0.74 -7.29 -7.21
N ILE A 65 1.67 -6.87 -8.06
CA ILE A 65 2.74 -5.98 -7.64
C ILE A 65 2.50 -4.55 -8.15
N ARG A 66 3.44 -3.66 -7.86
CA ARG A 66 3.34 -2.27 -8.29
C ARG A 66 2.17 -1.58 -7.59
N THR A 67 0.96 -1.85 -8.06
CA THR A 67 -0.25 -1.26 -7.48
C THR A 67 -0.93 -2.24 -6.54
N THR A 68 -1.71 -1.73 -5.60
CA THR A 68 -2.41 -2.57 -4.64
C THR A 68 -3.27 -1.73 -3.71
N GLU A 69 -2.65 -1.17 -2.67
CA GLU A 69 -3.36 -0.34 -1.73
C GLU A 69 -3.11 1.14 -2.00
N THR A 70 -2.37 1.41 -3.07
CA THR A 70 -2.04 2.78 -3.42
C THR A 70 -1.51 2.87 -4.86
N GLN A 71 -2.15 3.71 -5.66
CA GLN A 71 -1.74 3.90 -7.06
C GLN A 71 -0.79 5.09 -7.19
N VAL A 72 -0.76 5.96 -6.18
CA VAL A 72 0.10 7.13 -6.21
C VAL A 72 0.53 7.55 -4.79
N LEU A 73 1.43 8.53 -4.73
CA LEU A 73 1.93 9.02 -3.44
C LEU A 73 1.85 10.54 -3.37
N VAL A 74 1.47 11.05 -2.20
CA VAL A 74 1.36 12.49 -1.98
C VAL A 74 2.54 13.00 -1.16
N ALA A 75 3.32 13.90 -1.76
CA ALA A 75 4.48 14.47 -1.07
C ALA A 75 4.46 16.00 -1.11
N SER A 76 5.32 16.61 -0.32
CA SER A 76 5.41 18.07 -0.27
C SER A 76 6.85 18.53 -0.40
N ALA A 77 7.05 19.82 -0.65
CA ALA A 77 8.39 20.38 -0.80
C ALA A 77 8.50 21.74 -0.14
N GLN A 78 7.68 21.97 0.89
CA GLN A 78 7.69 23.24 1.61
C GLN A 78 6.63 23.25 2.70
N LYS A 79 7.03 23.66 3.91
CA LYS A 79 6.12 23.72 5.04
C LYS A 79 5.58 22.33 5.39
N LYS A 80 5.77 21.94 6.65
CA LYS A 80 5.30 20.63 7.12
C LYS A 80 3.86 20.72 7.59
N LEU A 81 2.93 20.73 6.65
CA LEU A 81 1.51 20.81 6.97
C LEU A 81 0.93 19.42 7.22
N LEU A 82 -0.08 19.35 8.08
CA LEU A 82 -0.72 18.08 8.41
C LEU A 82 -2.11 18.00 7.79
N GLU A 83 -2.92 19.01 8.04
CA GLU A 83 -4.29 19.06 7.51
C GLU A 83 -4.26 19.26 6.00
N GLU A 84 -3.42 20.18 5.54
CA GLU A 84 -3.29 20.46 4.12
C GLU A 84 -2.89 19.22 3.34
N ARG A 85 -1.85 18.54 3.84
CA ARG A 85 -1.36 17.32 3.19
C ARG A 85 -2.40 16.22 3.25
N LEU A 86 -3.12 16.14 4.38
CA LEU A 86 -4.14 15.13 4.55
C LEU A 86 -5.36 15.41 3.66
N LYS A 87 -5.61 16.69 3.41
CA LYS A 87 -6.73 17.09 2.57
C LYS A 87 -6.51 16.68 1.13
N LEU A 88 -5.32 16.97 0.61
CA LEU A 88 -4.98 16.62 -0.76
C LEU A 88 -5.01 15.11 -0.97
N VAL A 89 -4.32 14.38 -0.10
CA VAL A 89 -4.28 12.92 -0.19
C VAL A 89 -5.69 12.34 -0.16
N SER A 90 -6.56 12.96 0.62
CA SER A 90 -7.95 12.51 0.74
C SER A 90 -8.66 12.64 -0.61
N GLU A 91 -8.44 13.78 -1.28
CA GLU A 91 -9.05 14.02 -2.58
C GLU A 91 -8.60 12.96 -3.59
N LEU A 92 -7.30 12.70 -3.60
CA LEU A 92 -6.73 11.70 -4.50
C LEU A 92 -7.25 10.31 -4.16
N GLN A 93 -7.01 9.89 -2.93
CA GLN A 93 -7.45 8.56 -2.49
C GLN A 93 -8.91 8.31 -2.81
N ASP A 94 -9.78 9.25 -2.43
CA ASP A 94 -11.20 9.09 -2.68
C ASP A 94 -11.63 9.38 -4.12
N ALA A 95 -11.22 10.53 -4.67
CA ALA A 95 -11.65 10.91 -6.01
C ALA A 95 -10.77 10.37 -7.13
N GLY A 96 -9.48 10.24 -6.87
CA GLY A 96 -8.58 9.80 -7.90
C GLY A 96 -8.04 8.39 -7.76
N ILE A 97 -7.15 8.24 -6.80
CA ILE A 97 -6.48 6.98 -6.57
C ILE A 97 -6.03 6.83 -5.14
N LYS A 98 -5.88 5.60 -4.68
CA LYS A 98 -5.42 5.36 -3.33
C LYS A 98 -4.03 5.97 -3.14
N ALA A 99 -3.99 7.12 -2.50
CA ALA A 99 -2.74 7.81 -2.25
C ALA A 99 -2.10 7.36 -0.94
N GLU A 100 -0.82 7.01 -1.00
CA GLU A 100 -0.09 6.57 0.19
C GLU A 100 0.96 7.61 0.58
N LEU A 101 1.40 7.57 1.83
CA LEU A 101 2.41 8.51 2.30
C LEU A 101 3.57 7.77 2.96
N LEU A 102 4.79 8.15 2.58
CA LEU A 102 5.99 7.54 3.12
C LEU A 102 7.07 8.60 3.39
N TYR A 103 8.33 8.25 3.15
CA TYR A 103 9.46 9.16 3.34
C TYR A 103 9.40 9.84 4.72
N LYS A 104 8.72 9.21 5.66
CA LYS A 104 8.60 9.75 7.01
C LYS A 104 9.92 9.63 7.77
N LYS A 105 10.65 10.74 7.84
CA LYS A 105 11.94 10.76 8.54
C LYS A 105 12.49 12.19 8.64
N ASN A 106 12.89 12.74 7.50
CA ASN A 106 13.44 14.09 7.46
C ASN A 106 12.80 14.91 6.35
N PRO A 107 12.35 16.15 6.67
CA PRO A 107 11.72 17.03 5.67
C PRO A 107 12.70 17.51 4.60
N LYS A 108 13.21 16.56 3.81
CA LYS A 108 14.16 16.89 2.76
C LYS A 108 13.88 16.07 1.50
N LEU A 109 14.72 16.24 0.49
CA LEU A 109 14.57 15.52 -0.77
C LEU A 109 15.21 14.12 -0.70
N LEU A 110 15.94 13.85 0.38
CA LEU A 110 16.59 12.56 0.55
C LEU A 110 15.55 11.49 0.84
N ASN A 111 15.02 11.49 2.06
CA ASN A 111 14.01 10.52 2.45
C ASN A 111 12.82 10.57 1.51
N GLN A 112 12.54 11.76 1.00
CA GLN A 112 11.43 11.94 0.07
C GLN A 112 11.60 11.04 -1.15
N LEU A 113 12.74 11.19 -1.81
CA LEU A 113 13.04 10.39 -2.99
C LEU A 113 13.51 8.98 -2.63
N GLN A 114 13.99 8.81 -1.40
CA GLN A 114 14.45 7.52 -0.94
C GLN A 114 13.30 6.56 -0.75
N TYR A 115 12.31 6.99 0.03
CA TYR A 115 11.14 6.18 0.29
C TYR A 115 10.24 6.12 -0.93
N CYS A 116 10.16 7.23 -1.66
CA CYS A 116 9.33 7.28 -2.86
C CYS A 116 9.90 6.37 -3.93
N GLU A 117 11.21 6.19 -3.93
CA GLU A 117 11.84 5.32 -4.90
C GLU A 117 11.51 3.87 -4.60
N GLU A 118 11.88 3.42 -3.40
CA GLU A 118 11.62 2.04 -2.99
C GLU A 118 10.17 1.81 -2.55
N ALA A 119 9.71 2.60 -1.58
CA ALA A 119 8.35 2.45 -1.05
C ALA A 119 7.26 3.13 -1.89
N GLY A 120 7.56 4.31 -2.42
CA GLY A 120 6.57 5.02 -3.21
C GLY A 120 6.78 4.85 -4.70
N ILE A 121 6.86 3.61 -5.13
CA ILE A 121 7.07 3.31 -6.53
C ILE A 121 5.96 3.85 -7.44
N PRO A 122 4.68 3.84 -7.01
CA PRO A 122 3.59 4.36 -7.86
C PRO A 122 3.81 5.82 -8.24
N LEU A 123 2.76 6.47 -8.74
CA LEU A 123 2.83 7.87 -9.14
C LEU A 123 3.06 8.75 -7.91
N VAL A 124 3.38 10.02 -8.15
CA VAL A 124 3.63 10.96 -7.06
C VAL A 124 3.10 12.35 -7.37
N ALA A 125 2.96 13.17 -6.33
CA ALA A 125 2.46 14.54 -6.50
C ALA A 125 3.03 15.46 -5.44
N ILE A 126 3.58 16.59 -5.88
CA ILE A 126 4.17 17.57 -4.96
C ILE A 126 3.29 18.81 -4.83
N ILE A 127 2.75 19.04 -3.62
CA ILE A 127 1.89 20.18 -3.35
C ILE A 127 2.19 20.76 -1.96
N GLY A 128 1.19 21.42 -1.35
CA GLY A 128 1.38 22.01 -0.03
C GLY A 128 0.73 23.38 0.05
N GLU A 129 1.52 24.40 0.37
CA GLU A 129 1.02 25.76 0.43
C GLU A 129 1.75 26.60 -0.61
N GLN A 130 3.06 26.72 -0.44
CA GLN A 130 3.90 27.42 -1.41
C GLN A 130 4.00 26.58 -2.67
N GLU A 131 3.98 25.26 -2.46
CA GLU A 131 4.06 24.29 -3.51
C GLU A 131 2.72 24.18 -4.22
N LEU A 132 1.65 24.58 -3.54
CA LEU A 132 0.34 24.53 -4.17
C LEU A 132 0.21 25.69 -5.16
N LYS A 133 0.38 26.90 -4.67
CA LYS A 133 0.31 28.08 -5.52
C LYS A 133 1.62 28.32 -6.29
N ASP A 134 2.70 28.50 -5.54
CA ASP A 134 4.02 28.77 -6.12
C ASP A 134 4.70 27.53 -6.70
N GLY A 135 4.30 26.35 -6.23
CA GLY A 135 4.92 25.13 -6.72
C GLY A 135 3.95 24.20 -7.40
N VAL A 136 2.65 24.43 -7.19
CA VAL A 136 1.61 23.62 -7.81
C VAL A 136 1.87 22.12 -7.66
N ILE A 137 0.96 21.32 -8.22
CA ILE A 137 1.06 19.87 -8.10
C ILE A 137 1.89 19.28 -9.22
N LYS A 138 3.05 18.76 -8.85
CA LYS A 138 3.95 18.15 -9.81
C LYS A 138 3.78 16.63 -9.78
N LEU A 139 3.18 16.10 -10.84
CA LEU A 139 2.94 14.66 -10.94
C LEU A 139 4.23 13.93 -11.29
N ARG A 140 4.81 13.24 -10.32
CA ARG A 140 6.05 12.50 -10.53
C ARG A 140 5.76 11.03 -10.85
N SER A 141 5.90 10.68 -12.12
CA SER A 141 5.66 9.31 -12.56
C SER A 141 6.94 8.49 -12.43
N VAL A 142 7.43 8.38 -11.20
CA VAL A 142 8.66 7.65 -10.89
C VAL A 142 8.73 6.32 -11.64
N THR A 143 7.61 5.62 -11.74
CA THR A 143 7.57 4.33 -12.41
C THR A 143 7.58 4.45 -13.94
N SER A 144 6.58 5.13 -14.48
CA SER A 144 6.47 5.29 -15.94
C SER A 144 7.40 6.37 -16.48
N ARG A 145 7.19 7.61 -16.05
CA ARG A 145 8.00 8.73 -16.53
C ARG A 145 8.84 9.35 -15.40
N GLU A 146 8.89 10.68 -15.34
CA GLU A 146 9.66 11.37 -14.31
C GLU A 146 8.77 12.34 -13.54
N GLU A 147 8.59 13.55 -14.08
CA GLU A 147 7.77 14.56 -13.42
C GLU A 147 6.99 15.40 -14.42
N VAL A 148 5.91 16.02 -13.95
CA VAL A 148 5.06 16.86 -14.77
C VAL A 148 4.41 17.95 -13.93
N ASP A 149 3.89 18.99 -14.58
CA ASP A 149 3.26 20.10 -13.87
C ASP A 149 1.74 20.00 -13.94
N VAL A 150 1.10 20.01 -12.78
CA VAL A 150 -0.35 19.90 -12.69
C VAL A 150 -0.92 20.89 -11.67
N ARG A 151 -2.24 21.07 -11.70
CA ARG A 151 -2.91 21.98 -10.78
C ARG A 151 -3.86 21.21 -9.85
N ARG A 152 -3.50 19.97 -9.52
CA ARG A 152 -4.31 19.13 -8.64
C ARG A 152 -5.55 18.59 -9.35
N GLU A 153 -6.34 19.47 -9.94
CA GLU A 153 -7.55 19.06 -10.65
C GLU A 153 -7.18 18.29 -11.91
N ASP A 154 -6.28 18.85 -12.71
CA ASP A 154 -5.85 18.22 -13.94
C ASP A 154 -5.17 16.88 -13.67
N LEU A 155 -4.60 16.74 -12.47
CA LEU A 155 -3.92 15.51 -12.10
C LEU A 155 -4.91 14.39 -11.85
N VAL A 156 -5.92 14.65 -11.02
CA VAL A 156 -6.93 13.65 -10.72
C VAL A 156 -7.62 13.16 -11.99
N GLU A 157 -7.99 14.10 -12.85
CA GLU A 157 -8.65 13.76 -14.11
C GLU A 157 -7.69 13.05 -15.06
N GLU A 158 -6.40 13.37 -14.93
CA GLU A 158 -5.37 12.76 -15.77
C GLU A 158 -5.19 11.28 -15.44
N ILE A 159 -5.22 10.94 -14.16
CA ILE A 159 -5.05 9.56 -13.74
C ILE A 159 -6.27 8.72 -14.11
N LYS A 160 -7.45 9.19 -13.70
CA LYS A 160 -8.69 8.49 -13.98
C LYS A 160 -8.88 8.28 -15.48
N ARG A 161 -8.62 9.34 -16.25
CA ARG A 161 -8.75 9.28 -17.70
C ARG A 161 -7.67 8.40 -18.31
N ARG A 162 -6.47 8.48 -17.77
CA ARG A 162 -5.34 7.69 -18.26
C ARG A 162 -5.52 6.22 -17.92
N THR A 163 -5.43 5.90 -16.65
CA THR A 163 -5.59 4.52 -16.19
C THR A 163 -6.93 3.94 -16.62
N GLY A 164 -7.89 4.82 -16.89
CA GLY A 164 -9.21 4.37 -17.31
C GLY A 164 -9.22 3.86 -18.74
N GLN A 165 -8.89 2.58 -18.91
CA GLN A 165 -8.87 1.97 -20.23
C GLN A 165 -7.87 2.68 -21.14
N PRO A 166 -6.60 2.23 -21.14
CA PRO A 166 -5.56 2.83 -21.97
C PRO A 166 -5.76 2.54 -23.46
N LEU A 167 -5.29 3.45 -24.30
CA LEU A 167 -5.41 3.29 -25.75
C LEU A 167 -6.89 3.29 -26.16
N SER A 168 -7.26 4.23 -27.02
CA SER A 168 -8.63 4.32 -27.49
C SER A 168 -9.59 4.58 -26.33
N ILE A 169 -9.68 5.84 -25.91
CA ILE A 169 -10.56 6.22 -24.81
C ILE A 169 -12.02 5.93 -25.15
N SER A 170 -12.79 5.55 -24.14
CA SER A 170 -14.21 5.24 -24.33
C SER A 170 -15.07 6.01 -23.34
N ALA A 1 51.06 -16.26 14.28
CA ALA A 1 49.99 -15.81 13.36
C ALA A 1 50.49 -15.73 11.92
N GLU A 2 51.75 -15.32 11.76
CA GLU A 2 52.37 -15.20 10.44
C GLU A 2 51.90 -13.94 9.72
N ARG A 3 50.58 -13.79 9.60
CA ARG A 3 50.02 -12.62 8.93
C ARG A 3 50.38 -11.34 9.68
N ALA A 4 50.16 -11.34 10.98
CA ALA A 4 50.47 -10.17 11.80
C ALA A 4 51.97 -9.87 11.78
N ALA A 5 52.77 -10.92 11.70
CA ALA A 5 54.23 -10.78 11.65
C ALA A 5 54.67 -10.11 10.37
N LEU A 6 54.05 -10.49 9.26
CA LEU A 6 54.39 -9.91 7.96
C LEU A 6 53.86 -8.49 7.84
N GLU A 7 52.66 -8.25 8.37
CA GLU A 7 52.07 -6.93 8.34
C GLU A 7 53.00 -5.93 9.02
N GLU A 8 53.55 -6.36 10.16
CA GLU A 8 54.48 -5.53 10.90
C GLU A 8 55.81 -5.49 10.17
N LEU A 9 56.10 -6.56 9.42
CA LEU A 9 57.34 -6.64 8.66
C LEU A 9 57.39 -5.55 7.59
N VAL A 10 56.24 -5.28 6.98
CA VAL A 10 56.17 -4.26 5.94
C VAL A 10 56.15 -2.88 6.56
N LYS A 11 55.45 -2.72 7.69
CA LYS A 11 55.41 -1.44 8.37
C LYS A 11 56.83 -0.93 8.57
N LEU A 12 57.68 -1.84 9.04
CA LEU A 12 59.09 -1.52 9.25
C LEU A 12 59.79 -1.36 7.90
N GLN A 13 59.34 -2.13 6.91
CA GLN A 13 59.91 -2.05 5.58
C GLN A 13 59.65 -0.69 4.95
N GLY A 14 58.49 -0.12 5.28
CA GLY A 14 58.13 1.18 4.75
C GLY A 14 58.95 2.29 5.37
N GLU A 15 59.04 2.28 6.70
CA GLU A 15 59.80 3.30 7.42
C GLU A 15 61.24 3.33 6.93
N ARG A 16 61.81 2.15 6.70
CA ARG A 16 63.17 2.03 6.22
C ARG A 16 63.31 2.67 4.85
N VAL A 17 62.43 2.28 3.93
CA VAL A 17 62.44 2.82 2.58
C VAL A 17 62.38 4.34 2.59
N ARG A 18 61.40 4.88 3.30
CA ARG A 18 61.24 6.32 3.39
C ARG A 18 62.52 6.96 3.94
N GLY A 19 63.21 6.21 4.80
CA GLY A 19 64.44 6.71 5.39
C GLY A 19 65.54 6.95 4.37
N LEU A 20 65.89 5.92 3.60
CA LEU A 20 66.94 6.05 2.59
C LEU A 20 66.38 6.68 1.33
N LYS A 21 65.20 6.23 0.92
CA LYS A 21 64.56 6.75 -0.28
C LYS A 21 64.55 8.26 -0.25
N GLN A 22 64.15 8.81 0.88
CA GLN A 22 64.08 10.25 1.03
C GLN A 22 65.44 10.86 1.36
N GLN A 23 66.13 10.35 2.39
CA GLN A 23 67.39 10.97 2.79
C GLN A 23 68.68 10.52 2.08
N LYS A 24 68.76 9.32 1.47
CA LYS A 24 70.02 9.00 0.78
C LYS A 24 69.90 8.52 -0.66
N ALA A 25 68.73 8.61 -1.27
CA ALA A 25 68.58 8.23 -2.68
C ALA A 25 69.37 6.96 -3.04
N SER A 26 69.63 6.09 -2.07
CA SER A 26 70.44 4.90 -2.32
C SER A 26 70.09 4.24 -3.65
N ALA A 27 68.80 4.04 -3.86
CA ALA A 27 68.30 3.42 -5.09
C ALA A 27 68.41 1.90 -5.02
N GLU A 28 69.60 1.41 -4.68
CA GLU A 28 69.83 -0.02 -4.56
C GLU A 28 68.92 -0.61 -3.48
N LEU A 29 68.98 -0.02 -2.29
CA LEU A 29 68.15 -0.46 -1.19
C LEU A 29 66.74 0.10 -1.32
N ILE A 30 66.62 1.28 -1.96
CA ILE A 30 65.33 1.90 -2.18
C ILE A 30 64.45 1.00 -3.04
N GLU A 31 65.02 0.49 -4.13
CA GLU A 31 64.31 -0.38 -5.05
C GLU A 31 64.09 -1.77 -4.45
N GLU A 32 65.13 -2.30 -3.82
CA GLU A 32 65.04 -3.63 -3.21
C GLU A 32 64.07 -3.62 -2.03
N GLU A 33 64.06 -2.51 -1.28
CA GLU A 33 63.20 -2.37 -0.13
C GLU A 33 61.74 -2.15 -0.55
N VAL A 34 61.53 -1.23 -1.48
CA VAL A 34 60.18 -0.95 -1.96
C VAL A 34 59.51 -2.21 -2.50
N ALA A 35 60.30 -3.04 -3.18
CA ALA A 35 59.80 -4.29 -3.74
C ALA A 35 59.50 -5.30 -2.64
N LYS A 36 60.37 -5.35 -1.64
CA LYS A 36 60.19 -6.28 -0.53
C LYS A 36 58.91 -5.99 0.23
N LEU A 37 58.72 -4.74 0.62
CA LEU A 37 57.54 -4.33 1.35
C LEU A 37 56.28 -4.55 0.51
N LEU A 38 56.40 -4.32 -0.79
CA LEU A 38 55.28 -4.51 -1.71
C LEU A 38 54.77 -5.93 -1.65
N LYS A 39 55.69 -6.89 -1.70
CA LYS A 39 55.34 -8.30 -1.65
C LYS A 39 54.68 -8.64 -0.32
N LEU A 40 55.19 -8.05 0.76
CA LEU A 40 54.64 -8.29 2.09
C LEU A 40 53.17 -7.89 2.15
N LYS A 41 52.87 -6.65 1.76
CA LYS A 41 51.51 -6.16 1.77
C LYS A 41 50.61 -7.03 0.89
N ALA A 42 51.19 -7.56 -0.19
CA ALA A 42 50.45 -8.42 -1.09
C ALA A 42 50.24 -9.80 -0.47
N GLN A 43 51.15 -10.20 0.40
CA GLN A 43 51.06 -11.49 1.07
C GLN A 43 49.96 -11.49 2.13
N LEU A 44 49.74 -10.32 2.73
CA LEU A 44 48.71 -10.17 3.76
C LEU A 44 47.41 -10.87 3.38
N GLY A 45 47.08 -10.81 2.09
CA GLY A 45 45.86 -11.45 1.62
C GLY A 45 45.07 -10.57 0.67
N PRO A 46 45.27 -10.71 -0.64
CA PRO A 46 44.57 -9.91 -1.64
C PRO A 46 43.15 -10.40 -1.87
N ASP A 47 42.18 -9.51 -1.71
CA ASP A 47 40.77 -9.85 -1.90
C ASP A 47 40.12 -8.91 -2.91
N GLU A 48 39.91 -9.41 -4.13
CA GLU A 48 39.29 -8.61 -5.18
C GLU A 48 38.00 -9.26 -5.69
N SER A 49 37.95 -10.59 -5.64
CA SER A 49 36.78 -11.33 -6.09
C SER A 49 35.53 -10.87 -5.35
N LYS A 50 35.60 -10.85 -4.03
CA LYS A 50 34.46 -10.43 -3.21
C LYS A 50 34.05 -9.00 -3.54
N GLN A 51 34.97 -8.07 -3.38
CA GLN A 51 34.70 -6.67 -3.67
C GLN A 51 35.76 -6.08 -4.60
N LYS A 52 35.37 -5.07 -5.37
CA LYS A 52 36.29 -4.43 -6.31
C LYS A 52 36.89 -3.17 -5.70
N PHE A 53 37.92 -2.63 -6.36
CA PHE A 53 38.58 -1.42 -5.88
C PHE A 53 37.65 -0.21 -5.97
N VAL A 54 36.68 -0.27 -6.87
CA VAL A 54 35.73 0.82 -7.04
C VAL A 54 35.04 1.16 -5.72
N LEU A 55 34.69 2.43 -5.56
CA LEU A 55 34.02 2.89 -4.35
C LEU A 55 32.51 2.66 -4.43
N LYS A 56 31.89 2.45 -3.28
CA LYS A 56 30.45 2.22 -3.22
C LYS A 56 30.07 0.97 -4.01
N THR A 57 28.90 0.42 -3.71
CA THR A 57 28.42 -0.77 -4.40
C THR A 57 27.20 -0.44 -5.26
N PRO A 58 27.05 -1.12 -6.42
CA PRO A 58 25.93 -0.90 -7.33
C PRO A 58 24.60 -1.32 -6.72
N LYS A 59 23.52 -1.13 -7.48
CA LYS A 59 22.19 -1.49 -7.01
C LYS A 59 21.27 -1.80 -8.18
N ALA A 60 20.77 -3.03 -8.24
CA ALA A 60 19.89 -3.46 -9.31
C ALA A 60 18.64 -4.12 -8.75
N LEU A 61 18.83 -5.00 -7.77
CA LEU A 61 17.72 -5.70 -7.15
C LEU A 61 16.78 -4.73 -6.43
N GLU A 62 15.51 -5.10 -6.33
CA GLU A 62 14.52 -4.25 -5.67
C GLU A 62 13.25 -5.05 -5.36
N GLU A 63 12.53 -4.61 -4.34
CA GLU A 63 11.29 -5.28 -3.94
C GLU A 63 10.07 -4.58 -4.53
N LYS A 64 9.01 -5.34 -4.76
CA LYS A 64 7.78 -4.80 -5.33
C LYS A 64 6.80 -4.41 -4.23
N ILE A 65 5.93 -3.45 -4.55
CA ILE A 65 4.94 -2.99 -3.58
C ILE A 65 3.60 -3.70 -3.78
N ARG A 66 2.79 -3.71 -2.74
CA ARG A 66 1.48 -4.36 -2.79
C ARG A 66 0.38 -3.34 -3.10
N THR A 67 0.36 -2.86 -4.35
CA THR A 67 -0.64 -1.89 -4.77
C THR A 67 -1.98 -2.56 -5.04
N THR A 68 -3.05 -1.78 -5.04
CA THR A 68 -4.38 -2.31 -5.28
C THR A 68 -5.40 -1.19 -5.27
N GLU A 69 -5.31 -0.34 -4.25
CA GLU A 69 -6.21 0.80 -4.12
C GLU A 69 -5.45 2.10 -4.31
N THR A 70 -4.16 2.08 -3.97
CA THR A 70 -3.33 3.26 -4.10
C THR A 70 -2.58 3.27 -5.43
N GLN A 71 -2.86 4.29 -6.24
CA GLN A 71 -2.22 4.44 -7.54
C GLN A 71 -1.03 5.40 -7.46
N VAL A 72 -1.22 6.49 -6.71
CA VAL A 72 -0.18 7.50 -6.59
C VAL A 72 0.15 7.80 -5.13
N LEU A 73 1.17 8.63 -4.92
CA LEU A 73 1.60 9.01 -3.58
C LEU A 73 1.97 10.49 -3.53
N VAL A 74 1.56 11.16 -2.46
CA VAL A 74 1.84 12.58 -2.30
C VAL A 74 3.12 12.80 -1.49
N ALA A 75 3.96 13.72 -1.97
CA ALA A 75 5.21 14.03 -1.30
C ALA A 75 5.36 15.53 -1.08
N SER A 76 6.38 15.92 -0.32
CA SER A 76 6.63 17.33 -0.02
C SER A 76 8.00 17.76 -0.55
N ALA A 77 8.06 18.99 -1.05
CA ALA A 77 9.30 19.53 -1.59
C ALA A 77 9.78 20.74 -0.78
N GLN A 78 8.83 21.61 -0.43
CA GLN A 78 9.15 22.81 0.33
C GLN A 78 9.19 22.50 1.82
N LYS A 79 8.08 22.03 2.36
CA LYS A 79 7.99 21.70 3.78
C LYS A 79 6.76 20.83 4.06
N LYS A 80 6.95 19.78 4.84
CA LYS A 80 5.86 18.87 5.19
C LYS A 80 5.44 19.06 6.64
N LEU A 81 4.16 19.33 6.85
CA LEU A 81 3.62 19.53 8.19
C LEU A 81 2.72 18.37 8.60
N LEU A 82 1.46 18.41 8.16
CA LEU A 82 0.51 17.35 8.49
C LEU A 82 -0.84 17.62 7.82
N GLU A 83 -1.48 18.71 8.23
CA GLU A 83 -2.79 19.07 7.68
C GLU A 83 -2.74 19.17 6.16
N GLU A 84 -1.65 19.72 5.64
CA GLU A 84 -1.48 19.89 4.20
C GLU A 84 -1.41 18.53 3.50
N ARG A 85 -0.44 17.71 3.91
CA ARG A 85 -0.27 16.39 3.32
C ARG A 85 -1.53 15.54 3.48
N LEU A 86 -2.15 15.62 4.66
CA LEU A 86 -3.36 14.86 4.93
C LEU A 86 -4.50 15.31 4.04
N LYS A 87 -4.63 16.62 3.85
CA LYS A 87 -5.68 17.19 3.01
C LYS A 87 -5.57 16.65 1.58
N LEU A 88 -4.36 16.67 1.03
CA LEU A 88 -4.13 16.18 -0.32
C LEU A 88 -4.51 14.71 -0.44
N VAL A 89 -4.08 13.91 0.52
CA VAL A 89 -4.38 12.48 0.52
C VAL A 89 -5.89 12.23 0.47
N SER A 90 -6.64 13.06 1.19
CA SER A 90 -8.09 12.92 1.23
C SER A 90 -8.71 13.16 -0.15
N GLU A 91 -8.49 14.35 -0.71
CA GLU A 91 -9.02 14.70 -2.02
C GLU A 91 -8.66 13.65 -3.06
N LEU A 92 -7.38 13.32 -3.14
CA LEU A 92 -6.89 12.33 -4.09
C LEU A 92 -7.46 10.96 -3.81
N GLN A 93 -7.45 10.55 -2.54
CA GLN A 93 -7.94 9.24 -2.16
C GLN A 93 -9.39 9.01 -2.61
N ASP A 94 -10.26 9.95 -2.31
CA ASP A 94 -11.67 9.80 -2.66
C ASP A 94 -11.99 10.06 -4.14
N ALA A 95 -11.53 11.18 -4.68
CA ALA A 95 -11.85 11.52 -6.08
C ALA A 95 -10.91 10.95 -7.12
N GLY A 96 -9.64 10.80 -6.78
CA GLY A 96 -8.69 10.31 -7.75
C GLY A 96 -8.17 8.92 -7.50
N ILE A 97 -7.19 8.86 -6.62
CA ILE A 97 -6.48 7.64 -6.30
C ILE A 97 -6.29 7.51 -4.80
N LYS A 98 -6.11 6.28 -4.32
CA LYS A 98 -5.89 6.08 -2.90
C LYS A 98 -4.47 6.47 -2.54
N ALA A 99 -4.30 7.64 -1.95
CA ALA A 99 -2.98 8.11 -1.57
C ALA A 99 -2.41 7.29 -0.42
N GLU A 100 -1.18 6.82 -0.59
CA GLU A 100 -0.52 6.03 0.44
C GLU A 100 0.67 6.79 1.04
N LEU A 101 1.28 6.22 2.07
CA LEU A 101 2.42 6.85 2.71
C LEU A 101 3.28 5.81 3.45
N LEU A 102 4.58 5.89 3.26
CA LEU A 102 5.51 4.97 3.89
C LEU A 102 6.66 5.72 4.56
N TYR A 103 7.74 5.02 4.89
CA TYR A 103 8.88 5.65 5.54
C TYR A 103 10.18 4.85 5.31
N LYS A 104 10.21 4.08 4.23
CA LYS A 104 11.40 3.28 3.92
C LYS A 104 12.49 4.16 3.30
N LYS A 105 13.74 3.88 3.64
CA LYS A 105 14.86 4.65 3.11
C LYS A 105 14.76 6.12 3.52
N ASN A 106 15.90 6.81 3.56
CA ASN A 106 15.93 8.22 3.95
C ASN A 106 17.13 8.95 3.33
N PRO A 107 17.37 8.78 2.02
CA PRO A 107 18.49 9.44 1.33
C PRO A 107 18.13 10.88 0.95
N LYS A 108 18.93 11.46 0.05
CA LYS A 108 18.68 12.83 -0.41
C LYS A 108 17.23 12.99 -0.82
N LEU A 109 16.61 14.10 -0.41
CA LEU A 109 15.21 14.34 -0.71
C LEU A 109 14.36 13.24 -0.10
N LEU A 110 14.69 12.87 1.13
CA LEU A 110 13.99 11.81 1.84
C LEU A 110 12.48 11.93 1.71
N ASN A 111 11.97 13.15 1.82
CA ASN A 111 10.53 13.36 1.71
C ASN A 111 10.01 12.86 0.38
N GLN A 112 10.41 13.55 -0.68
CA GLN A 112 9.97 13.19 -2.04
C GLN A 112 10.50 11.83 -2.46
N LEU A 113 11.81 11.67 -2.41
CA LEU A 113 12.46 10.42 -2.82
C LEU A 113 11.96 9.21 -2.03
N GLN A 114 12.16 9.20 -0.72
CA GLN A 114 11.76 8.06 0.10
C GLN A 114 10.27 7.73 -0.09
N TYR A 115 9.43 8.76 -0.18
CA TYR A 115 7.99 8.53 -0.35
C TYR A 115 7.67 7.99 -1.74
N CYS A 116 8.13 8.69 -2.78
CA CYS A 116 7.87 8.30 -4.16
C CYS A 116 8.50 6.95 -4.52
N GLU A 117 9.75 6.74 -4.12
CA GLU A 117 10.45 5.51 -4.44
C GLU A 117 9.88 4.31 -3.67
N GLU A 118 9.90 4.40 -2.35
CA GLU A 118 9.42 3.29 -1.51
C GLU A 118 7.90 3.17 -1.45
N ALA A 119 7.22 4.27 -1.11
CA ALA A 119 5.77 4.24 -0.96
C ALA A 119 4.99 4.34 -2.27
N GLY A 120 5.45 5.15 -3.22
CA GLY A 120 4.71 5.29 -4.47
C GLY A 120 5.53 5.04 -5.71
N ILE A 121 5.86 3.78 -5.98
CA ILE A 121 6.63 3.45 -7.17
C ILE A 121 5.85 3.68 -8.46
N PRO A 122 4.50 3.57 -8.44
CA PRO A 122 3.68 3.79 -9.64
C PRO A 122 3.54 5.27 -9.97
N LEU A 123 2.70 5.97 -9.21
CA LEU A 123 2.48 7.40 -9.44
C LEU A 123 2.91 8.20 -8.21
N VAL A 124 3.39 9.42 -8.46
CA VAL A 124 3.84 10.29 -7.38
C VAL A 124 3.44 11.74 -7.66
N ALA A 125 3.40 12.56 -6.63
CA ALA A 125 3.03 13.96 -6.78
C ALA A 125 3.71 14.84 -5.74
N ILE A 126 4.37 15.89 -6.20
CA ILE A 126 5.07 16.81 -5.31
C ILE A 126 4.21 18.04 -5.02
N ILE A 127 4.16 18.43 -3.75
CA ILE A 127 3.34 19.58 -3.36
C ILE A 127 3.94 20.32 -2.15
N GLY A 128 4.54 21.48 -2.39
CA GLY A 128 5.09 22.24 -1.28
C GLY A 128 4.03 22.46 -0.22
N GLU A 129 3.21 23.49 -0.42
CA GLU A 129 2.11 23.74 0.50
C GLU A 129 1.28 24.95 0.09
N GLN A 130 1.87 26.14 0.10
CA GLN A 130 1.12 27.33 -0.28
C GLN A 130 0.82 27.38 -1.77
N GLU A 131 1.87 27.22 -2.57
CA GLU A 131 1.74 27.26 -4.02
C GLU A 131 1.16 25.97 -4.56
N LEU A 132 1.81 24.86 -4.28
CA LEU A 132 1.36 23.57 -4.78
C LEU A 132 -0.01 23.18 -4.25
N LYS A 133 -0.38 23.60 -3.04
CA LYS A 133 -1.70 23.24 -2.53
C LYS A 133 -2.78 24.14 -3.13
N ASP A 134 -2.64 25.45 -2.93
CA ASP A 134 -3.64 26.39 -3.46
C ASP A 134 -3.49 26.65 -4.95
N GLY A 135 -2.28 26.46 -5.49
CA GLY A 135 -2.06 26.75 -6.90
C GLY A 135 -1.57 25.59 -7.74
N VAL A 136 -0.27 25.32 -7.64
CA VAL A 136 0.40 24.28 -8.43
C VAL A 136 0.10 22.87 -7.97
N ILE A 137 0.51 21.90 -8.78
CA ILE A 137 0.34 20.48 -8.50
C ILE A 137 1.33 19.67 -9.33
N LYS A 138 2.31 19.06 -8.68
CA LYS A 138 3.32 18.29 -9.39
C LYS A 138 2.99 16.79 -9.38
N LEU A 139 3.24 16.13 -10.50
CA LEU A 139 2.98 14.71 -10.62
C LEU A 139 4.24 13.96 -11.09
N ARG A 140 4.91 13.31 -10.14
CA ARG A 140 6.12 12.56 -10.45
C ARG A 140 5.77 11.12 -10.83
N SER A 141 5.93 10.80 -12.10
CA SER A 141 5.63 9.45 -12.60
C SER A 141 6.92 8.66 -12.84
N VAL A 142 7.59 8.30 -11.75
CA VAL A 142 8.85 7.55 -11.81
C VAL A 142 8.78 6.37 -12.79
N THR A 143 7.68 5.63 -12.75
CA THR A 143 7.52 4.46 -13.61
C THR A 143 7.15 4.83 -15.05
N SER A 144 6.02 5.53 -15.21
CA SER A 144 5.55 5.89 -16.54
C SER A 144 6.40 7.00 -17.17
N ARG A 145 6.42 8.17 -16.54
CA ARG A 145 7.19 9.30 -17.07
C ARG A 145 8.33 9.69 -16.14
N GLU A 146 8.08 10.63 -15.23
CA GLU A 146 9.09 11.09 -14.28
C GLU A 146 8.53 12.23 -13.43
N GLU A 147 8.28 13.38 -14.05
CA GLU A 147 7.76 14.54 -13.34
C GLU A 147 7.07 15.51 -14.30
N VAL A 148 5.93 16.05 -13.85
CA VAL A 148 5.17 16.99 -14.66
C VAL A 148 4.47 18.02 -13.78
N ASP A 149 4.12 19.16 -14.37
CA ASP A 149 3.44 20.22 -13.64
C ASP A 149 1.98 20.35 -14.06
N VAL A 150 1.09 20.34 -13.09
CA VAL A 150 -0.34 20.45 -13.34
C VAL A 150 -1.01 21.39 -12.33
N ARG A 151 -2.31 21.59 -12.50
CA ARG A 151 -3.07 22.47 -11.60
C ARG A 151 -4.16 21.70 -10.87
N ARG A 152 -3.88 20.45 -10.52
CA ARG A 152 -4.83 19.60 -9.80
C ARG A 152 -5.88 19.00 -10.75
N GLU A 153 -6.53 19.86 -11.53
CA GLU A 153 -7.55 19.40 -12.47
C GLU A 153 -7.00 18.32 -13.38
N ASP A 154 -5.86 18.61 -14.01
CA ASP A 154 -5.23 17.67 -14.92
C ASP A 154 -4.61 16.50 -14.14
N LEU A 155 -4.34 16.73 -12.85
CA LEU A 155 -3.74 15.70 -12.01
C LEU A 155 -4.67 14.49 -11.89
N VAL A 156 -5.93 14.74 -11.54
CA VAL A 156 -6.91 13.67 -11.38
C VAL A 156 -7.40 13.17 -12.74
N GLU A 157 -7.56 14.11 -13.68
CA GLU A 157 -8.02 13.75 -15.02
C GLU A 157 -6.98 12.92 -15.77
N GLU A 158 -5.72 13.31 -15.62
CA GLU A 158 -4.63 12.60 -16.29
C GLU A 158 -4.43 11.20 -15.71
N ILE A 159 -4.19 11.13 -14.40
CA ILE A 159 -3.98 9.85 -13.74
C ILE A 159 -5.15 8.90 -13.93
N LYS A 160 -6.37 9.42 -13.76
CA LYS A 160 -7.57 8.62 -13.90
C LYS A 160 -7.73 8.12 -15.34
N ARG A 161 -7.33 8.96 -16.30
CA ARG A 161 -7.43 8.59 -17.70
C ARG A 161 -6.44 7.49 -18.05
N ARG A 162 -5.21 7.62 -17.54
CA ARG A 162 -4.17 6.65 -17.81
C ARG A 162 -4.45 5.34 -17.06
N THR A 163 -4.83 5.46 -15.80
CA THR A 163 -5.12 4.29 -14.97
C THR A 163 -6.62 3.98 -14.97
N GLY A 164 -7.35 4.57 -15.90
CA GLY A 164 -8.78 4.34 -15.98
C GLY A 164 -9.13 3.05 -16.70
N GLN A 165 -9.77 2.14 -16.00
CA GLN A 165 -10.16 0.85 -16.58
C GLN A 165 -11.68 0.69 -16.57
N PRO A 166 -12.23 0.02 -17.59
CA PRO A 166 -13.68 -0.20 -17.70
C PRO A 166 -14.18 -1.23 -16.69
N LEU A 167 -13.31 -2.18 -16.35
CA LEU A 167 -13.68 -3.23 -15.40
C LEU A 167 -13.24 -2.84 -13.99
N SER A 168 -13.91 -3.42 -13.00
CA SER A 168 -13.59 -3.14 -11.59
C SER A 168 -14.40 -4.04 -10.67
N ILE A 169 -13.80 -5.15 -10.25
CA ILE A 169 -14.47 -6.09 -9.35
C ILE A 169 -14.00 -5.91 -7.91
N SER A 170 -14.95 -5.76 -7.00
CA SER A 170 -14.63 -5.59 -5.58
C SER A 170 -15.62 -6.34 -4.71
N ALA A 1 7.82 -33.19 -50.64
CA ALA A 1 6.61 -33.93 -51.09
C ALA A 1 6.13 -34.91 -50.03
N GLU A 2 5.02 -34.58 -49.37
CA GLU A 2 4.47 -35.44 -48.33
C GLU A 2 2.97 -35.66 -48.54
N ARG A 3 2.25 -34.57 -48.76
CA ARG A 3 0.80 -34.65 -48.98
C ARG A 3 0.48 -35.56 -50.15
N ALA A 4 1.36 -35.57 -51.17
CA ALA A 4 1.15 -36.41 -52.34
C ALA A 4 0.81 -37.83 -51.92
N ALA A 5 1.76 -38.50 -51.28
CA ALA A 5 1.54 -39.85 -50.80
C ALA A 5 0.35 -39.88 -49.84
N LEU A 6 0.18 -38.78 -49.12
CA LEU A 6 -0.92 -38.62 -48.17
C LEU A 6 -2.26 -38.89 -48.84
N GLU A 7 -2.52 -38.14 -49.92
CA GLU A 7 -3.77 -38.28 -50.67
C GLU A 7 -3.92 -39.70 -51.20
N GLU A 8 -2.87 -40.19 -51.86
CA GLU A 8 -2.89 -41.53 -52.43
C GLU A 8 -3.14 -42.58 -51.34
N LEU A 9 -2.57 -42.34 -50.16
CA LEU A 9 -2.74 -43.25 -49.05
C LEU A 9 -4.20 -43.32 -48.63
N VAL A 10 -4.89 -42.18 -48.68
CA VAL A 10 -6.29 -42.11 -48.31
C VAL A 10 -7.14 -42.90 -49.29
N LYS A 11 -6.98 -42.62 -50.58
CA LYS A 11 -7.74 -43.30 -51.63
C LYS A 11 -7.67 -44.81 -51.45
N LEU A 12 -6.46 -45.31 -51.22
CA LEU A 12 -6.25 -46.74 -51.01
C LEU A 12 -6.85 -47.19 -49.69
N GLN A 13 -6.90 -46.27 -48.72
CA GLN A 13 -7.44 -46.58 -47.41
C GLN A 13 -8.96 -46.73 -47.47
N GLY A 14 -9.62 -45.84 -48.21
CA GLY A 14 -11.05 -45.90 -48.34
C GLY A 14 -11.53 -47.06 -49.19
N GLU A 15 -10.73 -47.41 -50.20
CA GLU A 15 -11.09 -48.51 -51.09
C GLU A 15 -10.98 -49.85 -50.38
N ARG A 16 -9.91 -50.02 -49.61
CA ARG A 16 -9.68 -51.26 -48.87
C ARG A 16 -10.71 -51.43 -47.76
N VAL A 17 -10.79 -50.43 -46.90
CA VAL A 17 -11.74 -50.45 -45.78
C VAL A 17 -13.16 -50.70 -46.24
N ARG A 18 -13.60 -49.97 -47.26
CA ARG A 18 -14.95 -50.11 -47.79
C ARG A 18 -15.14 -51.47 -48.46
N GLY A 19 -14.18 -51.86 -49.29
CA GLY A 19 -14.27 -53.12 -49.99
C GLY A 19 -14.30 -54.32 -49.06
N LEU A 20 -13.49 -54.27 -48.00
CA LEU A 20 -13.44 -55.36 -47.04
C LEU A 20 -14.59 -55.23 -46.04
N LYS A 21 -14.97 -53.99 -45.76
CA LYS A 21 -16.05 -53.72 -44.84
C LYS A 21 -17.30 -54.48 -45.26
N GLN A 22 -17.61 -54.37 -46.53
CA GLN A 22 -18.79 -55.02 -47.07
C GLN A 22 -18.59 -56.50 -47.37
N GLN A 23 -17.53 -56.85 -48.13
CA GLN A 23 -17.36 -58.24 -48.52
C GLN A 23 -16.59 -59.15 -47.55
N LYS A 24 -15.74 -58.63 -46.65
CA LYS A 24 -15.06 -59.54 -45.72
C LYS A 24 -15.15 -59.12 -44.26
N ALA A 25 -16.02 -58.17 -43.94
CA ALA A 25 -16.18 -57.72 -42.55
C ALA A 25 -14.83 -57.51 -41.87
N SER A 26 -14.87 -57.06 -40.61
CA SER A 26 -13.64 -56.85 -39.85
C SER A 26 -13.93 -56.17 -38.50
N ALA A 27 -14.41 -54.94 -38.56
CA ALA A 27 -14.71 -54.15 -37.36
C ALA A 27 -13.43 -53.54 -36.82
N GLU A 28 -12.45 -54.39 -36.54
CA GLU A 28 -11.16 -53.94 -36.05
C GLU A 28 -10.39 -53.28 -37.18
N LEU A 29 -10.39 -53.93 -38.34
CA LEU A 29 -9.71 -53.42 -39.51
C LEU A 29 -10.54 -52.35 -40.19
N ILE A 30 -11.85 -52.59 -40.27
CA ILE A 30 -12.76 -51.66 -40.89
C ILE A 30 -12.76 -50.33 -40.13
N GLU A 31 -12.98 -50.40 -38.82
CA GLU A 31 -12.98 -49.21 -37.99
C GLU A 31 -11.61 -48.55 -37.97
N GLU A 32 -10.56 -49.38 -37.92
CA GLU A 32 -9.19 -48.87 -37.90
C GLU A 32 -8.93 -47.97 -39.11
N GLU A 33 -9.17 -48.51 -40.30
CA GLU A 33 -8.97 -47.76 -41.54
C GLU A 33 -9.90 -46.54 -41.59
N VAL A 34 -11.08 -46.68 -40.99
CA VAL A 34 -12.05 -45.60 -40.97
C VAL A 34 -11.47 -44.39 -40.24
N ALA A 35 -10.98 -44.61 -39.03
CA ALA A 35 -10.38 -43.55 -38.23
C ALA A 35 -9.17 -42.98 -38.94
N LYS A 36 -8.36 -43.86 -39.52
CA LYS A 36 -7.17 -43.45 -40.23
C LYS A 36 -7.53 -42.57 -41.42
N LEU A 37 -8.63 -42.93 -42.10
CA LEU A 37 -9.09 -42.17 -43.25
C LEU A 37 -9.44 -40.74 -42.83
N LEU A 38 -10.10 -40.61 -41.68
CA LEU A 38 -10.49 -39.31 -41.17
C LEU A 38 -9.25 -38.43 -40.95
N LYS A 39 -8.22 -39.02 -40.34
CA LYS A 39 -6.98 -38.31 -40.07
C LYS A 39 -6.22 -38.04 -41.37
N LEU A 40 -6.27 -39.00 -42.28
CA LEU A 40 -5.59 -38.88 -43.56
C LEU A 40 -6.20 -37.74 -44.37
N LYS A 41 -7.51 -37.76 -44.55
CA LYS A 41 -8.21 -36.72 -45.29
C LYS A 41 -7.97 -35.35 -44.66
N ALA A 42 -7.93 -35.33 -43.33
CA ALA A 42 -7.71 -34.09 -42.59
C ALA A 42 -6.28 -33.58 -42.82
N GLN A 43 -5.37 -34.50 -43.08
CA GLN A 43 -3.98 -34.15 -43.33
C GLN A 43 -3.82 -33.47 -44.68
N LEU A 44 -4.54 -33.99 -45.68
CA LEU A 44 -4.48 -33.42 -47.03
C LEU A 44 -4.80 -31.93 -47.02
N GLY A 45 -5.85 -31.56 -46.30
CA GLY A 45 -6.25 -30.17 -46.21
C GLY A 45 -5.82 -29.52 -44.92
N PRO A 46 -5.51 -28.21 -44.93
CA PRO A 46 -5.09 -27.48 -43.73
C PRO A 46 -6.25 -27.20 -42.78
N ASP A 47 -7.41 -26.91 -43.34
CA ASP A 47 -8.61 -26.63 -42.55
C ASP A 47 -8.43 -25.34 -41.75
N GLU A 48 -9.53 -24.87 -41.16
CA GLU A 48 -9.49 -23.64 -40.37
C GLU A 48 -8.83 -23.88 -39.02
N SER A 49 -8.94 -25.10 -38.51
CA SER A 49 -8.35 -25.46 -37.23
C SER A 49 -6.85 -25.20 -37.22
N LYS A 50 -6.25 -25.18 -38.40
CA LYS A 50 -4.81 -24.95 -38.54
C LYS A 50 -4.41 -23.63 -37.87
N GLN A 51 -5.00 -22.53 -38.34
CA GLN A 51 -4.71 -21.22 -37.79
C GLN A 51 -5.01 -21.16 -36.30
N LYS A 52 -4.27 -20.34 -35.57
CA LYS A 52 -4.46 -20.19 -34.13
C LYS A 52 -4.24 -18.75 -33.70
N PHE A 53 -4.96 -18.33 -32.66
CA PHE A 53 -4.84 -16.97 -32.14
C PHE A 53 -3.86 -16.91 -30.98
N VAL A 54 -2.57 -16.82 -31.31
CA VAL A 54 -1.52 -16.76 -30.29
C VAL A 54 -0.74 -15.45 -30.38
N LEU A 55 -0.63 -14.76 -29.26
CA LEU A 55 0.10 -13.49 -29.22
C LEU A 55 1.19 -13.53 -28.14
N LYS A 56 2.25 -12.75 -28.37
CA LYS A 56 3.36 -12.69 -27.42
C LYS A 56 2.89 -12.22 -26.05
N THR A 57 3.79 -12.27 -25.07
CA THR A 57 3.47 -11.85 -23.72
C THR A 57 3.46 -10.32 -23.61
N PRO A 58 2.34 -9.73 -23.13
CA PRO A 58 2.22 -8.28 -22.99
C PRO A 58 3.05 -7.74 -21.83
N LYS A 59 3.97 -6.84 -22.14
CA LYS A 59 4.84 -6.24 -21.12
C LYS A 59 4.14 -5.07 -20.44
N ALA A 60 3.41 -5.36 -19.37
CA ALA A 60 2.69 -4.33 -18.64
C ALA A 60 2.75 -4.58 -17.13
N LEU A 61 2.54 -5.83 -16.74
CA LEU A 61 2.56 -6.22 -15.34
C LEU A 61 3.90 -5.86 -14.69
N GLU A 62 4.96 -5.85 -15.50
CA GLU A 62 6.29 -5.52 -15.00
C GLU A 62 6.74 -6.54 -13.96
N GLU A 63 6.17 -7.75 -14.03
CA GLU A 63 6.53 -8.81 -13.09
C GLU A 63 6.08 -8.47 -11.67
N LYS A 64 5.18 -9.28 -11.12
CA LYS A 64 4.68 -9.07 -9.76
C LYS A 64 3.89 -7.78 -9.65
N ILE A 65 3.52 -7.19 -10.79
CA ILE A 65 2.76 -5.95 -10.79
C ILE A 65 3.50 -4.83 -10.05
N ARG A 66 3.12 -3.59 -10.33
CA ARG A 66 3.75 -2.44 -9.69
C ARG A 66 2.71 -1.60 -8.96
N THR A 67 1.75 -2.26 -8.32
CA THR A 67 0.70 -1.58 -7.59
C THR A 67 -0.15 -2.58 -6.80
N THR A 68 -0.96 -2.07 -5.89
CA THR A 68 -1.83 -2.92 -5.08
C THR A 68 -2.91 -2.10 -4.39
N GLU A 69 -2.50 -1.23 -3.47
CA GLU A 69 -3.42 -0.38 -2.74
C GLU A 69 -3.02 1.09 -2.87
N THR A 70 -2.41 1.43 -4.01
CA THR A 70 -1.98 2.80 -4.25
C THR A 70 -1.30 2.93 -5.61
N GLN A 71 -1.85 3.79 -6.46
CA GLN A 71 -1.30 4.02 -7.79
C GLN A 71 -0.34 5.20 -7.80
N VAL A 72 -0.57 6.17 -6.92
CA VAL A 72 0.27 7.36 -6.86
C VAL A 72 0.70 7.69 -5.43
N LEU A 73 1.58 8.68 -5.31
CA LEU A 73 2.08 9.12 -4.01
C LEU A 73 2.13 10.65 -3.95
N VAL A 74 1.72 11.21 -2.81
CA VAL A 74 1.72 12.65 -2.63
C VAL A 74 2.94 13.10 -1.82
N ALA A 75 3.59 14.17 -2.28
CA ALA A 75 4.76 14.71 -1.60
C ALA A 75 4.60 16.18 -1.29
N SER A 76 5.42 16.69 -0.38
CA SER A 76 5.37 18.10 0.01
C SER A 76 6.77 18.66 0.19
N ALA A 77 7.06 19.76 -0.52
CA ALA A 77 8.37 20.40 -0.43
C ALA A 77 8.45 21.31 0.79
N GLN A 78 7.32 21.91 1.16
CA GLN A 78 7.27 22.80 2.31
C GLN A 78 6.44 22.20 3.44
N LYS A 79 7.10 21.42 4.29
CA LYS A 79 6.41 20.78 5.41
C LYS A 79 6.07 21.79 6.49
N LYS A 80 4.81 22.22 6.53
CA LYS A 80 4.36 23.19 7.51
C LYS A 80 3.17 22.65 8.29
N LEU A 81 2.10 22.31 7.59
CA LEU A 81 0.90 21.78 8.21
C LEU A 81 0.71 20.30 7.88
N LEU A 82 -0.17 19.64 8.62
CA LEU A 82 -0.44 18.23 8.41
C LEU A 82 -1.80 18.03 7.75
N GLU A 83 -2.73 18.94 8.03
CA GLU A 83 -4.07 18.86 7.46
C GLU A 83 -4.02 18.87 5.94
N GLU A 84 -3.09 19.65 5.38
CA GLU A 84 -2.94 19.74 3.94
C GLU A 84 -2.61 18.38 3.34
N ARG A 85 -1.68 17.66 3.95
CA ARG A 85 -1.29 16.34 3.48
C ARG A 85 -2.46 15.37 3.56
N LEU A 86 -3.01 15.21 4.76
CA LEU A 86 -4.13 14.30 4.97
C LEU A 86 -5.30 14.67 4.06
N LYS A 87 -5.52 15.96 3.85
CA LYS A 87 -6.60 16.43 3.00
C LYS A 87 -6.33 16.06 1.54
N LEU A 88 -5.11 16.33 1.09
CA LEU A 88 -4.72 16.04 -0.28
C LEU A 88 -4.87 14.55 -0.57
N VAL A 89 -4.31 13.71 0.30
CA VAL A 89 -4.40 12.27 0.13
C VAL A 89 -5.86 11.83 0.11
N SER A 90 -6.69 12.48 0.89
CA SER A 90 -8.11 12.16 0.95
C SER A 90 -8.78 12.32 -0.42
N GLU A 91 -8.47 13.42 -1.10
CA GLU A 91 -9.06 13.70 -2.41
C GLU A 91 -8.61 12.67 -3.45
N LEU A 92 -7.31 12.46 -3.55
CA LEU A 92 -6.75 11.50 -4.51
C LEU A 92 -7.12 10.08 -4.13
N GLN A 93 -6.87 9.74 -2.87
CA GLN A 93 -7.16 8.41 -2.35
C GLN A 93 -8.62 8.02 -2.49
N ASP A 94 -9.51 8.91 -2.10
CA ASP A 94 -10.93 8.61 -2.14
C ASP A 94 -11.57 8.64 -3.53
N ALA A 95 -11.34 9.69 -4.32
CA ALA A 95 -11.99 9.76 -5.64
C ALA A 95 -11.21 9.07 -6.74
N GLY A 96 -9.90 9.13 -6.67
CA GLY A 96 -9.09 8.52 -7.69
C GLY A 96 -8.31 7.31 -7.24
N ILE A 97 -7.00 7.55 -7.18
CA ILE A 97 -5.99 6.59 -6.80
C ILE A 97 -5.91 6.42 -5.29
N LYS A 98 -5.41 5.27 -4.85
CA LYS A 98 -5.26 5.03 -3.41
C LYS A 98 -3.97 5.67 -2.93
N ALA A 99 -4.09 6.80 -2.27
CA ALA A 99 -2.93 7.52 -1.75
C ALA A 99 -2.29 6.77 -0.59
N GLU A 100 -0.98 6.58 -0.66
CA GLU A 100 -0.24 5.88 0.39
C GLU A 100 1.05 6.63 0.74
N LEU A 101 1.54 6.41 1.95
CA LEU A 101 2.76 7.07 2.40
C LEU A 101 3.65 6.11 3.18
N LEU A 102 4.94 6.11 2.86
CA LEU A 102 5.90 5.22 3.52
C LEU A 102 6.92 6.04 4.34
N TYR A 103 8.09 5.45 4.58
CA TYR A 103 9.13 6.13 5.36
C TYR A 103 10.46 5.39 5.28
N LYS A 104 10.67 4.62 4.22
CA LYS A 104 11.91 3.87 4.06
C LYS A 104 13.08 4.80 3.76
N LYS A 105 14.28 4.22 3.67
CA LYS A 105 15.49 5.00 3.39
C LYS A 105 15.68 5.21 1.90
N ASN A 106 16.28 6.36 1.54
CA ASN A 106 16.53 6.68 0.14
C ASN A 106 17.47 7.88 0.03
N PRO A 107 18.01 8.14 -1.19
CA PRO A 107 18.93 9.25 -1.43
C PRO A 107 18.33 10.60 -1.06
N LYS A 108 18.82 11.66 -1.69
CA LYS A 108 18.33 13.02 -1.42
C LYS A 108 16.80 13.06 -1.38
N LEU A 109 16.26 14.08 -0.74
CA LEU A 109 14.82 14.22 -0.62
C LEU A 109 14.23 13.04 0.14
N LEU A 110 14.63 12.88 1.39
CA LEU A 110 14.16 11.78 2.22
C LEU A 110 12.66 11.59 2.08
N ASN A 111 11.92 12.68 2.20
CA ASN A 111 10.47 12.63 2.10
C ASN A 111 10.00 12.28 0.69
N GLN A 112 10.23 13.19 -0.24
CA GLN A 112 9.82 12.99 -1.63
C GLN A 112 10.37 11.69 -2.21
N LEU A 113 11.68 11.50 -2.11
CA LEU A 113 12.33 10.31 -2.65
C LEU A 113 11.80 9.02 -2.02
N GLN A 114 11.91 8.89 -0.70
CA GLN A 114 11.44 7.69 -0.01
C GLN A 114 9.97 7.42 -0.30
N TYR A 115 9.17 8.48 -0.32
CA TYR A 115 7.74 8.36 -0.59
C TYR A 115 7.49 7.93 -2.03
N CYS A 116 8.15 8.59 -2.96
CA CYS A 116 7.97 8.28 -4.38
C CYS A 116 8.51 6.91 -4.75
N GLU A 117 9.58 6.47 -4.09
CA GLU A 117 10.16 5.18 -4.40
C GLU A 117 9.25 4.03 -3.94
N GLU A 118 8.96 3.98 -2.65
CA GLU A 118 8.11 2.94 -2.09
C GLU A 118 6.62 3.17 -2.36
N ALA A 119 6.13 4.33 -1.98
CA ALA A 119 4.71 4.67 -2.13
C ALA A 119 4.36 5.16 -3.54
N GLY A 120 5.24 5.94 -4.14
CA GLY A 120 4.96 6.49 -5.46
C GLY A 120 5.65 5.74 -6.59
N ILE A 121 5.97 4.48 -6.35
CA ILE A 121 6.65 3.65 -7.37
C ILE A 121 6.12 3.96 -8.77
N PRO A 122 4.78 3.92 -8.95
CA PRO A 122 4.15 4.19 -10.24
C PRO A 122 4.05 5.68 -10.54
N LEU A 123 3.17 6.37 -9.84
CA LEU A 123 2.98 7.81 -10.05
C LEU A 123 3.24 8.59 -8.77
N VAL A 124 3.67 9.84 -8.92
CA VAL A 124 3.95 10.70 -7.79
C VAL A 124 3.49 12.13 -8.06
N ALA A 125 3.29 12.90 -7.00
CA ALA A 125 2.84 14.29 -7.15
C ALA A 125 3.29 15.14 -5.98
N ILE A 126 4.10 16.16 -6.28
CA ILE A 126 4.60 17.08 -5.27
C ILE A 126 3.76 18.35 -5.25
N ILE A 127 2.85 18.44 -4.28
CA ILE A 127 1.96 19.59 -4.16
C ILE A 127 2.63 20.72 -3.38
N GLY A 128 2.66 20.59 -2.06
CA GLY A 128 3.27 21.62 -1.24
C GLY A 128 2.60 22.96 -1.42
N GLU A 129 1.93 23.44 -0.38
CA GLU A 129 1.24 24.73 -0.44
C GLU A 129 2.13 25.80 -1.06
N GLN A 130 3.44 25.65 -0.87
CA GLN A 130 4.40 26.60 -1.42
C GLN A 130 4.46 26.50 -2.94
N GLU A 131 4.35 25.28 -3.46
CA GLU A 131 4.38 25.06 -4.89
C GLU A 131 3.05 25.45 -5.51
N LEU A 132 1.97 24.94 -4.93
CA LEU A 132 0.64 25.24 -5.46
C LEU A 132 0.45 26.74 -5.64
N LYS A 133 0.89 27.53 -4.65
CA LYS A 133 0.73 28.97 -4.74
C LYS A 133 1.80 29.65 -5.61
N ASP A 134 3.08 29.50 -5.24
CA ASP A 134 4.16 30.14 -6.00
C ASP A 134 4.55 29.37 -7.25
N GLY A 135 4.33 28.06 -7.22
CA GLY A 135 4.68 27.23 -8.36
C GLY A 135 3.50 26.47 -8.91
N VAL A 136 3.30 25.27 -8.35
CA VAL A 136 2.21 24.37 -8.74
C VAL A 136 2.51 22.93 -8.33
N ILE A 137 1.57 22.03 -8.62
CA ILE A 137 1.72 20.62 -8.28
C ILE A 137 2.37 19.85 -9.44
N LYS A 138 3.54 19.29 -9.19
CA LYS A 138 4.25 18.54 -10.21
C LYS A 138 4.08 17.03 -10.04
N LEU A 139 3.64 16.36 -11.10
CA LEU A 139 3.44 14.92 -11.05
C LEU A 139 4.71 14.19 -11.44
N ARG A 140 5.32 13.52 -10.46
CA ARG A 140 6.56 12.78 -10.71
C ARG A 140 6.24 11.40 -11.28
N SER A 141 6.40 11.25 -12.59
CA SER A 141 6.15 9.98 -13.25
C SER A 141 7.38 9.08 -13.16
N VAL A 142 7.68 8.66 -11.93
CA VAL A 142 8.83 7.81 -11.65
C VAL A 142 9.00 6.67 -12.65
N THR A 143 7.93 5.91 -12.86
CA THR A 143 7.96 4.77 -13.77
C THR A 143 7.90 5.15 -15.25
N SER A 144 6.90 5.95 -15.62
CA SER A 144 6.74 6.33 -17.02
C SER A 144 7.76 7.37 -17.48
N ARG A 145 7.72 8.57 -16.89
CA ARG A 145 8.64 9.63 -17.28
C ARG A 145 9.58 10.01 -16.13
N GLU A 146 9.14 10.94 -15.30
CA GLU A 146 9.92 11.41 -14.16
C GLU A 146 9.20 12.55 -13.46
N GLU A 147 9.10 13.70 -14.14
CA GLU A 147 8.43 14.87 -13.59
C GLU A 147 7.40 15.43 -14.56
N VAL A 148 6.34 16.01 -14.01
CA VAL A 148 5.27 16.60 -14.82
C VAL A 148 4.68 17.83 -14.15
N ASP A 149 3.96 18.65 -14.92
CA ASP A 149 3.36 19.87 -14.40
C ASP A 149 1.85 19.68 -14.20
N VAL A 150 1.39 19.89 -12.97
CA VAL A 150 -0.03 19.74 -12.65
C VAL A 150 -0.54 20.85 -11.73
N ARG A 151 -1.85 21.03 -11.72
CA ARG A 151 -2.49 22.05 -10.90
C ARG A 151 -3.60 21.44 -10.05
N ARG A 152 -3.26 20.36 -9.33
CA ARG A 152 -4.21 19.66 -8.47
C ARG A 152 -5.35 19.00 -9.26
N GLU A 153 -6.05 19.80 -10.06
CA GLU A 153 -7.16 19.29 -10.85
C GLU A 153 -6.65 18.31 -11.92
N ASP A 154 -5.63 18.74 -12.65
CA ASP A 154 -5.05 17.90 -13.68
C ASP A 154 -4.47 16.62 -13.09
N LEU A 155 -4.18 16.64 -11.79
CA LEU A 155 -3.62 15.47 -11.12
C LEU A 155 -4.68 14.40 -10.93
N VAL A 156 -5.82 14.78 -10.36
CA VAL A 156 -6.90 13.82 -10.14
C VAL A 156 -7.46 13.34 -11.48
N GLU A 157 -7.48 14.24 -12.46
CA GLU A 157 -7.98 13.90 -13.79
C GLU A 157 -6.96 13.08 -14.58
N GLU A 158 -5.68 13.42 -14.42
CA GLU A 158 -4.62 12.72 -15.13
C GLU A 158 -4.61 11.23 -14.79
N ILE A 159 -4.70 10.91 -13.51
CA ILE A 159 -4.68 9.51 -13.08
C ILE A 159 -6.04 8.86 -13.34
N LYS A 160 -7.11 9.57 -12.99
CA LYS A 160 -8.46 9.05 -13.20
C LYS A 160 -8.71 8.74 -14.66
N ARG A 161 -8.31 9.65 -15.54
CA ARG A 161 -8.49 9.46 -16.97
C ARG A 161 -7.65 8.30 -17.47
N ARG A 162 -6.37 8.30 -17.11
CA ARG A 162 -5.45 7.25 -17.53
C ARG A 162 -5.76 5.94 -16.80
N THR A 163 -5.30 5.85 -15.55
CA THR A 163 -5.51 4.66 -14.72
C THR A 163 -4.50 3.56 -15.03
N GLY A 164 -4.10 3.45 -16.29
CA GLY A 164 -3.13 2.43 -16.67
C GLY A 164 -2.17 2.91 -17.74
N GLN A 165 -1.97 2.10 -18.76
CA GLN A 165 -1.06 2.46 -19.85
C GLN A 165 0.35 2.69 -19.33
N PRO A 166 0.99 1.64 -18.78
CA PRO A 166 2.36 1.74 -18.24
C PRO A 166 3.33 2.32 -19.25
N LEU A 167 3.33 1.76 -20.45
CA LEU A 167 4.23 2.21 -21.51
C LEU A 167 3.43 2.74 -22.71
N SER A 168 2.51 3.67 -22.44
CA SER A 168 1.68 4.25 -23.48
C SER A 168 1.58 5.76 -23.31
N ILE A 169 1.31 6.46 -24.41
CA ILE A 169 1.19 7.91 -24.39
C ILE A 169 -0.09 8.36 -25.11
N SER A 170 -0.63 9.49 -24.66
CA SER A 170 -1.84 10.04 -25.25
C SER A 170 -1.66 11.51 -25.62
#